data_9PN0
#
_entry.id   9PN0
#
loop_
_entity.id
_entity.type
_entity.pdbx_description
1 polymer HD4
2 polymer HHD3
3 polymer HL2
4 polymer Huntingtin
5 polymer '40-kDa huntingtin-associated protein'
#
loop_
_entity_poly.entity_id
_entity_poly.type
_entity_poly.pdbx_seq_one_letter_code
_entity_poly.pdbx_strand_id
1 'polypeptide(L)' (ACE)(DTY)DIWCETNKQTGILVLC(NH2) D
2 'polypeptide(L)' (ACE)(DTY)TRHWQNNWWILYHEFC(NH2) C
3 'polypeptide(L)' (ACE)YTARYLTLGTLHYKC(NH2) E
4 'polypeptide(L)'
;MATLEKLMKAFESLKSFQQQQQQQQQQQQQQQQQQQQQQQPPPPPPPPPPPQLPQPPPQAQPLLPQPQPPPPPPPPPPGP
AVAEEPLHRPKKELSATKKDRVNHCLTICENIVAQSVRNSPEFQKLLGIAMELFLLCSDDAESDVRMVADECLNKVIKAL
MDSNLPRLQLELYKEIKKNGAPRSLRAALWRFAELAHLVRPQKCRPYLVNLLPCLTRTSKRPEESVQETLAAAVPKIMAS
FGNFANDNEIKVLLKAFIANLKSSSPTIRRTAAGSAVSICQHSRRTQYFYSWLLNVLLGLLVPVEDEHSTLLILGVLLTL
RYLVPLLQQQVKDTSLKGSFGVTRKEMEVSPSAEQLVQVYELTLHHTQHQDHNVVTGALELLQQLFRTPPPELLQTLTAV
GGIGQLTAAKEESGGRSRSGSIVELIAGGGSSCSPVLSRKQKGKVLLGEEEALEDDSESRSDVSSSALTASVKDEISGEL
AASSGVSTPGSAGHDIITEQPRSQHTLQADSVDLASCDLTSSATDGDEEDILSHSSSQVSAVPSDPAMDLNDGTQASSPI
SDSSQTTTEGPDSAVTPSDSSEIVLDGTDNQYLGLQIGQPQDEDEEATGILPDEASEAFRNSSMALQQAHLLKNMSHCRQ
PSDSSVDKFVLRDEATEPGDQENKPCRIKGDIGQSTDDDSAPLVHCVRLLSASFLLTGGKNVLVPDRDVRVSVKALALSC
VGAAVALHPESFFSKLYKVPLDTTEYPEEQYVSDILNYIDHGDPQVRGATAILCGTLICSILSRSRFHVGDWMGTIRTLT
GNTFSLADCIPLLRKTLKDESSVTCKLACTAVRNCVMSLCSSSYSELGLQLIIDVLTLRNSSYWLVRTELLETLAEIDFR
LVSFLEAKAENLHRGAHHYTGLLKLQERVLNNVVIHLLGDEDPRVRHVAAASLIRLVPKLFYKCDQGQADPVVAVARDQS
SVYLKLLMHETQPPSHFSVSTITRIYRGYNLLPSITDVTMENNLSRVIAAVSHELITSTTRALTFGCCEALCLLSTAFPV
CIWSLGWHCGVPPLSASDESRKSCTVGMATMILTLLSSAWFPLDLSAHQDALILAGNLLAASAPKSLRSSWASEEEANPA
ATKQEEVWPALGDRALVPMVEQLFSHLLKVINICAHVLDDVAPGPAIKAALPSLTNPPSLSPIRRKGKEKEPGEQASVPL
SPKKGSEASAASRQSDTSGPVTTSKSSSLGSFYHLPSYLKLHDVLKATHANYKVTLDLQNSTEKFGGFLRSALDVLSQIL
ELATLQDIGKCVEEILGYLKSCFSREPMMATVCVQQLLKTLFGTNLASQFDGLSSNPSKSQGRAQRLGSSSVRPGLYHYC
FMAPYTHFTQALADASLRNMVQAEQENDTSGWFDVLQKVSTQLKTNLTSVTKNRADKNAIHNHIRLFEPLVIKALKQYTT
TTCVQLQKQVLDLLAQLVQLRVNYCLLDSDQVFIGFVLKQFEYIEVGQFRESEAIIPNIFFFLVLLSYERYHSKQIIGIP
KIIQLCDGIMASGRKAVTHAIPALQPIVHDLFVLRGTNKADAGKELETQKEVVVSMLLRLIQYHQVLEMFILVLQQCHKE
NEDKWKRLSRQIADIILPMLAKQQMHIDSHEALGVLNTLFEILAPSSLRPVDMLLRSMFVTPNTMASVSTVQLWISGILA
ILRVLISQSTEDIVLSRIQELSFSPYLISCTVINRLRDGDSTSTLEEHSEGKQIKNLPEETFSRFLLQLVGILLEDIVTK
QLKVEMSEQQHTFYCQELGTLLMCLIHIFKSGMFRRITAAATRLFRSDGCGGSFYTLDSLNLRARSMITTHPALVLLWCQ
ILLLVNHTDYRWWAEVQQTPKRHSLSSTKLLSPQMSGEEEDSDLAAKLGMCNREIVRRGALILFCDYVCQNLHDSEHLTW
LIVNHIQDLISLSHEPPVQDFISAVHRNSAASGLFIQAIQSRCENLSTPTMLKKTLQCLEGIHLSQSGAVLTLYVDRLLC
TPFRVLARMVDILACRRVEMLLAANLQSSMAQLPMEELNRIQEYLQSSGLAQRHQRLYSLLDRFRLSTMQDSLSPSPPVS
SHPLDGDGHVSLETVSPDKDWYVHLVKSQCWTRSDSALLEGAELVNRIPAEDMNAFMMNSEFNLSLLAPCLSLGMSEISG
GQKSALFEAAREVTLARVSGTVQQLPAVHHVFQPELPAEPAAYWSKLNDLFGDAALYQSLPTLARALAQYLVVVSKLPSH
LHLPPEKEKDIVKFVVATLEALSWHLIHEQIPLSLDLQAGLDCCCLALQLPGLWSVVSSTEFVTHACSLIHCVHFILEAV
AVQPGEQLLSPERRTNTPKAISEEEEEVDPNTQNPKYITAACEMVAEMVESLQSVLALGHKRNSGVPAFLTPLLRNIIIS
LARLPLVNSYTRVPPLVWKLGWSPKPGGDFGTAFPEIPVEFLQEKEVFKEFIYRINTLGWTSRTQFEETWATLLGVLVTQ
PLVMEQEESPPEEDTERTQINVLAVQAITSLVLSAMTVPVAGNPAVSCLEQQPRNKPLKALDTRFGRKLSIIRGIVEQEI
QAMVSKRENIATHHLYQAWDPVPSLSPATTGALISHEKLLLQINPERELGSMSYKLGQVSIHSVWLGNSITPLREEEWDE
EEEEEADAPAPSSPPTSPVNSRKHRAGVDIHSCSQFLLELYSRWILPSSSARRTPAILISEVVRSLLVVSDLFTERNQFE
LMYVTLTELRRVHPSEDEILAQYLVPATCKAAAVLGMDKAVAEPVSRLLESTLRSSHLPSRVGALHGILYVLECDLLDDT
AKQLIPVISDYLLSNLKGIAHCVNIHSQQHVLVMCATAFYLIENYPLDVGPEFSASIIQMCGVMLSGSEESTPSIIYHCA
LRGLERLLLSEQLSRLDAESLVKLSVDRVNVHSPHRAMAALGLMLTCMYTGKEKVSPGRTSDPNPAAPDSESVIVAMERV
SVLFDRIRKGFPCEARVVARILPQFLDDFFPPQDIMNKVIGEFLSNQQPYPQFMATVVYKVFQTLHSTGQSSMVRDWVML
SLSNFTQRAPVAMATWSLSCFFVSASTSPWVAAILPHVISRMGKLEQVDVNLFCLVATDFYRHQIEEELDRRAFQSVLEV
VAAPGSPYHRLLTCLRNVHKVTTCGGSGDYKDDDDK
;
A
5 'polypeptide(L)'
;MHHHHHHSSGRENLYFQGMAAAAAGLGGGGAGPGPEAGDFLARYRLVSNKLKKRFLRKPNVAEAGEQFGQLGRELRAQEC
LPYAAWCQLAVARCQQALFHGPGEALALTEAARLFLRQERDARQRLVCPAAYGEPLQAAASALGAAVRLHLELGQPAAAA
ALCLELAAALRDLGQPAAAAGHFQRAAQLQLPQLPLAALQALGEAASCQLLARDYTGALAVFTRMQRLAREHGSHPVQSL
PPPPPPAPQPGPGATPALPAALLPPNSGSAAPSPAALGAFSDVLVRCEVSRVLLLLLLQPPPAKLLPEHAQTLEKYSWEA
FDSHGQESSGQLPEELFLLLQSLVMATHEKDTEAIKSLQVEMWPLLTAEQNHLLHLVLQETISPSGQGV
;
B
#
loop_
_chem_comp.id
_chem_comp.type
_chem_comp.name
_chem_comp.formula
ACE non-polymer 'ACETYL GROUP' 'C2 H4 O'
NH2 non-polymer 'AMINO GROUP' 'H2 N'
#
# COMPACT_ATOMS: atom_id res chain seq x y z
C ACE A 1 -8.22 -19.73 56.42
O ACE A 1 -9.33 -19.24 56.42
CH3 ACE A 1 -7.60 -20.30 57.70
H1 ACE A 1 -8.26 -21.09 58.06
H2 ACE A 1 -7.59 -19.49 58.45
N DTY A 2 -7.21 -19.11 55.44
CA DTY A 2 -7.81 -18.79 54.03
C DTY A 2 -8.71 -19.94 53.46
O DTY A 2 -9.90 -20.01 53.58
CB DTY A 2 -8.60 -17.45 53.91
CG DTY A 2 -9.29 -17.17 52.57
CD1 DTY A 2 -10.67 -17.42 52.46
CD2 DTY A 2 -8.63 -16.57 51.47
CE1 DTY A 2 -11.40 -17.06 51.33
CE2 DTY A 2 -9.35 -16.20 50.31
CZ DTY A 2 -10.74 -16.44 50.25
OH DTY A 2 -11.49 -16.05 49.16
H DTY A 2 -6.86 -18.24 55.88
HA DTY A 2 -6.95 -18.74 53.33
HB2 DTY A 2 -9.39 -17.49 54.68
HB3 DTY A 2 -7.94 -16.60 54.17
HD1 DTY A 2 -11.20 -17.90 53.28
HD2 DTY A 2 -7.57 -16.36 51.51
HE1 DTY A 2 -12.46 -17.27 51.26
HE2 DTY A 2 -8.85 -15.72 49.49
HH DTY A 2 -10.89 -15.69 48.49
N ASP A 3 -7.98 -20.92 52.85
CA ASP A 3 -8.18 -22.18 52.13
C ASP A 3 -8.79 -23.27 53.02
N ILE A 4 -9.29 -24.33 52.41
CA ILE A 4 -10.00 -25.41 53.11
C ILE A 4 -9.11 -26.30 54.00
N TRP A 5 -7.79 -26.32 53.81
CA TRP A 5 -6.86 -26.97 54.74
C TRP A 5 -6.62 -26.13 55.99
N CYS A 6 -6.47 -24.76 55.84
CA CYS A 6 -6.50 -23.77 56.93
C CYS A 6 -7.79 -23.81 57.76
N GLU A 7 -8.98 -23.81 57.07
CA GLU A 7 -10.33 -23.85 57.68
C GLU A 7 -10.60 -25.19 58.40
N THR A 8 -10.23 -26.32 57.78
CA THR A 8 -10.35 -27.66 58.41
C THR A 8 -9.19 -27.98 59.38
N ASN A 9 -8.24 -27.06 59.56
CA ASN A 9 -7.03 -27.18 60.39
C ASN A 9 -6.26 -28.51 60.25
N LYS A 10 -6.15 -29.06 59.03
CA LYS A 10 -5.39 -30.30 58.77
C LYS A 10 -4.60 -30.25 57.45
N GLN A 11 -3.48 -30.98 57.44
CA GLN A 11 -2.38 -30.76 56.49
C GLN A 11 -2.72 -31.13 55.04
N THR A 12 -2.02 -30.46 54.11
CA THR A 12 -1.84 -30.88 52.71
C THR A 12 -0.95 -32.12 52.60
N GLY A 13 -1.06 -32.86 51.50
CA GLY A 13 -0.27 -34.07 51.22
C GLY A 13 1.13 -33.80 50.62
N ILE A 14 1.64 -34.78 49.88
CA ILE A 14 2.98 -34.81 49.27
C ILE A 14 2.92 -35.25 47.80
N LEU A 15 3.84 -34.74 46.97
CA LEU A 15 3.96 -35.10 45.56
C LEU A 15 4.98 -36.24 45.40
N VAL A 16 4.57 -37.36 44.78
CA VAL A 16 5.39 -38.57 44.60
C VAL A 16 4.89 -39.37 43.39
N LEU A 17 5.80 -40.07 42.69
CA LEU A 17 5.46 -40.99 41.60
C LEU A 17 5.14 -42.39 42.16
N CYS A 18 4.35 -43.17 41.42
CA CYS A 18 4.01 -44.57 41.70
C CYS A 18 3.73 -45.28 40.36
N NH2 A 19 4.67 -45.14 39.43
HN1 NH2 A 19 5.56 -44.72 39.67
HN2 NH2 A 19 4.50 -45.45 38.49
C ACE B 1 13.27 -7.45 -45.26
O ACE B 1 12.81 -7.86 -46.28
CH3 ACE B 1 14.21 -6.25 -45.13
H1 ACE B 1 13.81 -5.57 -44.38
H2 ACE B 1 15.21 -6.56 -44.80
N DTY B 2 12.88 -8.26 -44.03
CA DTY B 2 13.89 -9.42 -44.01
C DTY B 2 15.12 -9.14 -43.17
O DTY B 2 16.18 -8.95 -43.73
CB DTY B 2 13.45 -10.91 -43.88
CG DTY B 2 12.78 -11.33 -42.58
CD1 DTY B 2 13.56 -11.74 -41.49
CD2 DTY B 2 11.37 -11.37 -42.48
CE1 DTY B 2 12.94 -12.13 -40.28
CE2 DTY B 2 10.76 -11.76 -41.28
CZ DTY B 2 11.54 -12.15 -40.18
OH DTY B 2 10.97 -12.55 -39.01
H DTY B 2 12.95 -7.70 -43.16
HA DTY B 2 14.31 -9.42 -45.01
HB2 DTY B 2 12.76 -11.16 -44.72
HB3 DTY B 2 14.34 -11.53 -44.01
HD1 DTY B 2 14.65 -11.75 -41.54
HD2 DTY B 2 10.76 -11.11 -43.34
HE1 DTY B 2 13.55 -12.39 -39.42
HE2 DTY B 2 9.67 -11.77 -41.21
HH DTY B 2 10.02 -12.62 -39.15
N THR B 3 14.90 -8.76 -41.87
CA THR B 3 15.90 -8.36 -40.86
C THR B 3 16.33 -9.55 -40.00
N ARG B 4 17.61 -9.61 -39.62
CA ARG B 4 18.17 -10.56 -38.65
C ARG B 4 19.17 -9.85 -37.73
N HIS B 5 19.54 -10.48 -36.62
CA HIS B 5 20.67 -10.06 -35.78
C HIS B 5 22.01 -10.41 -36.44
N TRP B 6 22.99 -9.51 -36.41
CA TRP B 6 24.32 -9.75 -36.95
C TRP B 6 25.21 -10.56 -35.99
N GLN B 7 26.00 -11.50 -36.56
CA GLN B 7 26.76 -12.49 -35.79
C GLN B 7 27.83 -11.87 -34.86
N ASN B 8 28.47 -10.78 -35.27
CA ASN B 8 29.54 -10.13 -34.50
C ASN B 8 29.04 -9.08 -33.49
N ASN B 9 27.77 -8.66 -33.56
CA ASN B 9 27.14 -7.79 -32.57
C ASN B 9 25.62 -7.95 -32.63
N TRP B 10 25.04 -8.48 -31.56
CA TRP B 10 23.60 -8.76 -31.45
C TRP B 10 22.70 -7.51 -31.57
N TRP B 11 23.20 -6.32 -31.21
CA TRP B 11 22.44 -5.08 -31.37
C TRP B 11 22.45 -4.50 -32.80
N ILE B 12 23.29 -5.01 -33.70
CA ILE B 12 23.27 -4.64 -35.12
C ILE B 12 22.29 -5.54 -35.87
N LEU B 13 21.37 -4.94 -36.63
CA LEU B 13 20.54 -5.66 -37.60
C LEU B 13 21.26 -5.79 -38.96
N TYR B 14 20.95 -6.89 -39.64
CA TYR B 14 21.44 -7.30 -40.95
C TYR B 14 20.26 -7.86 -41.80
N HIS B 15 20.41 -7.86 -43.12
CA HIS B 15 19.30 -7.89 -44.09
C HIS B 15 19.48 -9.03 -45.12
N GLU B 16 18.43 -9.83 -45.34
CA GLU B 16 18.45 -11.00 -46.24
C GLU B 16 17.50 -10.87 -47.44
N PHE B 17 16.26 -10.46 -47.18
CA PHE B 17 15.22 -10.29 -48.21
C PHE B 17 15.22 -8.85 -48.77
N CYS B 18 16.02 -7.92 -48.13
CA CYS B 18 16.17 -6.50 -48.53
C CYS B 18 17.56 -6.23 -49.15
N NH2 B 19 18.59 -6.75 -48.47
HN1 NH2 B 19 18.42 -7.44 -47.75
HN2 NH2 B 19 19.52 -6.45 -48.67
C ACE C 1 -51.71 23.73 17.88
O ACE C 1 -52.47 24.37 17.20
CH3 ACE C 1 -50.27 24.02 18.08
H1 ACE C 1 -49.88 23.63 19.03
H2 ACE C 1 -49.72 23.56 17.25
N TYR C 2 -52.27 22.68 18.79
CA TYR C 2 -52.28 21.31 18.06
C TYR C 2 -53.01 20.24 18.90
N THR C 3 -53.61 19.19 18.23
CA THR C 3 -54.25 17.99 18.82
C THR C 3 -53.46 16.74 18.42
N ALA C 4 -53.34 15.75 19.30
CA ALA C 4 -52.81 14.42 19.00
C ALA C 4 -53.72 13.31 19.57
N ARG C 5 -53.98 12.27 18.76
CA ARG C 5 -54.51 10.98 19.25
C ARG C 5 -53.41 9.93 19.20
N TYR C 6 -53.26 9.18 20.28
CA TYR C 6 -52.37 8.02 20.41
C TYR C 6 -53.21 6.75 20.57
N LEU C 7 -52.66 5.57 20.31
CA LEU C 7 -53.36 4.29 20.55
C LEU C 7 -53.53 4.00 22.06
N THR C 8 -52.54 4.39 22.87
CA THR C 8 -52.38 4.00 24.29
C THR C 8 -52.72 5.13 25.27
N LEU C 9 -52.75 6.38 24.80
CA LEU C 9 -53.41 7.52 25.46
C LEU C 9 -54.65 7.87 24.62
N GLY C 10 -55.07 9.14 24.57
CA GLY C 10 -56.16 9.57 23.69
C GLY C 10 -56.31 11.09 23.64
N THR C 11 -56.59 11.62 22.44
CA THR C 11 -57.04 13.02 22.16
C THR C 11 -56.45 14.13 23.05
N LEU C 12 -55.13 14.14 23.22
CA LEU C 12 -54.40 15.17 23.97
C LEU C 12 -54.24 16.46 23.14
N HIS C 13 -54.09 17.60 23.83
CA HIS C 13 -54.02 18.92 23.22
C HIS C 13 -52.78 19.69 23.68
N TYR C 14 -52.15 20.42 22.76
CA TYR C 14 -50.97 21.24 23.04
C TYR C 14 -51.16 22.70 22.61
N LYS C 15 -50.86 23.62 23.55
CA LYS C 15 -50.88 25.07 23.33
C LYS C 15 -49.80 25.50 22.34
N CYS C 16 -50.31 26.64 21.76
CA CYS C 16 -49.93 26.98 20.38
C CYS C 16 -49.72 28.47 20.16
N NH2 C 17 -50.77 29.28 20.31
HN1 NH2 C 17 -51.67 28.88 20.52
HN2 NH2 C 17 -50.68 30.27 20.19
N LYS D 98 -0.55 18.12 62.81
CA LYS D 98 -0.92 17.60 61.50
C LYS D 98 -0.35 16.20 61.28
N LYS D 99 0.94 16.04 60.97
CA LYS D 99 1.55 14.80 60.43
C LYS D 99 1.57 13.59 61.37
N ASP D 100 1.36 13.75 62.68
CA ASP D 100 1.45 12.64 63.65
C ASP D 100 0.57 11.45 63.29
N ARG D 101 -0.69 11.69 62.91
CA ARG D 101 -1.64 10.65 62.48
C ARG D 101 -1.33 10.03 61.12
N VAL D 102 -0.63 10.74 60.24
CA VAL D 102 -0.07 10.19 59.00
C VAL D 102 1.01 9.17 59.37
N ASN D 103 1.97 9.53 60.22
CA ASN D 103 3.00 8.62 60.70
C ASN D 103 2.38 7.40 61.39
N HIS D 104 1.34 7.58 62.22
CA HIS D 104 0.63 6.46 62.84
C HIS D 104 0.00 5.52 61.81
N CYS D 105 -0.89 5.98 60.92
CA CYS D 105 -1.55 5.08 59.99
C CYS D 105 -0.58 4.48 58.95
N LEU D 106 0.39 5.25 58.46
CA LEU D 106 1.39 4.77 57.51
C LEU D 106 2.32 3.72 58.13
N THR D 107 2.71 3.85 59.40
CA THR D 107 3.44 2.78 60.10
C THR D 107 2.56 1.59 60.49
N ILE D 108 1.28 1.77 60.79
CA ILE D 108 0.35 0.65 60.95
C ILE D 108 0.21 -0.14 59.64
N CYS D 109 0.08 0.54 58.50
CA CYS D 109 0.08 -0.05 57.17
C CYS D 109 1.40 -0.79 56.86
N GLU D 110 2.55 -0.17 57.14
CA GLU D 110 3.85 -0.81 56.97
C GLU D 110 4.02 -2.07 57.83
N ASN D 111 3.44 -2.09 59.04
CA ASN D 111 3.54 -3.23 59.94
C ASN D 111 2.64 -4.41 59.53
N ILE D 112 1.32 -4.22 59.45
CA ILE D 112 0.36 -5.34 59.40
C ILE D 112 0.43 -6.18 58.13
N VAL D 113 1.05 -5.69 57.05
CA VAL D 113 1.31 -6.50 55.85
C VAL D 113 2.31 -7.64 56.10
N ALA D 114 3.11 -7.57 57.18
CA ALA D 114 4.16 -8.54 57.48
C ALA D 114 4.20 -9.04 58.95
N GLN D 115 3.32 -8.56 59.86
CA GLN D 115 3.34 -9.02 61.26
C GLN D 115 2.97 -10.49 61.41
N SER D 116 3.69 -11.17 62.32
CA SER D 116 3.38 -12.51 62.84
C SER D 116 3.11 -13.57 61.76
N VAL D 117 2.27 -14.56 62.05
CA VAL D 117 1.67 -15.49 61.07
C VAL D 117 0.17 -15.21 60.97
N ARG D 118 -0.34 -15.17 59.75
CA ARG D 118 -1.76 -14.89 59.45
C ARG D 118 -2.65 -16.07 59.86
N ASN D 119 -3.96 -15.83 59.97
CA ASN D 119 -4.97 -16.75 60.55
C ASN D 119 -4.83 -17.01 62.08
N SER D 120 -3.88 -16.37 62.77
CA SER D 120 -3.71 -16.44 64.23
C SER D 120 -4.76 -15.62 64.98
N PRO D 121 -5.05 -15.95 66.26
CA PRO D 121 -6.08 -15.26 67.04
C PRO D 121 -5.72 -13.81 67.42
N GLU D 122 -4.45 -13.43 67.36
CA GLU D 122 -4.00 -12.04 67.51
C GLU D 122 -4.17 -11.23 66.22
N PHE D 123 -3.95 -11.82 65.04
CA PHE D 123 -3.92 -11.08 63.79
C PHE D 123 -5.31 -10.63 63.34
N GLN D 124 -6.34 -11.46 63.58
CA GLN D 124 -7.74 -11.10 63.35
C GLN D 124 -8.14 -9.81 64.08
N LYS D 125 -7.70 -9.66 65.35
CA LYS D 125 -7.97 -8.46 66.17
C LYS D 125 -7.20 -7.24 65.66
N LEU D 126 -5.91 -7.40 65.41
CA LEU D 126 -5.05 -6.35 64.87
C LEU D 126 -5.56 -5.82 63.51
N LEU D 127 -6.02 -6.71 62.63
CA LEU D 127 -6.59 -6.35 61.33
C LEU D 127 -7.93 -5.62 61.47
N GLY D 128 -8.79 -6.04 62.40
CA GLY D 128 -10.03 -5.31 62.71
C GLY D 128 -9.75 -3.87 63.15
N ILE D 129 -8.87 -3.68 64.15
CA ILE D 129 -8.46 -2.35 64.61
C ILE D 129 -7.82 -1.52 63.48
N ALA D 130 -7.02 -2.12 62.61
CA ALA D 130 -6.41 -1.40 61.48
C ALA D 130 -7.47 -0.87 60.50
N MET D 131 -8.46 -1.68 60.12
CA MET D 131 -9.54 -1.25 59.22
C MET D 131 -10.42 -0.18 59.90
N GLU D 132 -10.78 -0.36 61.17
CA GLU D 132 -11.49 0.65 61.97
C GLU D 132 -10.74 1.99 62.00
N LEU D 133 -9.43 1.96 62.19
CA LEU D 133 -8.59 3.16 62.18
C LEU D 133 -8.56 3.82 60.79
N PHE D 134 -8.31 3.09 59.71
CA PHE D 134 -8.17 3.70 58.38
C PHE D 134 -9.50 4.26 57.86
N LEU D 135 -10.61 3.55 58.07
CA LEU D 135 -11.92 4.01 57.62
C LEU D 135 -12.32 5.29 58.35
N LEU D 136 -11.99 5.42 59.64
CA LEU D 136 -12.12 6.67 60.39
C LEU D 136 -11.22 7.77 59.78
N CYS D 137 -9.93 7.50 59.57
CA CYS D 137 -9.01 8.47 58.97
C CYS D 137 -9.41 8.87 57.53
N SER D 138 -10.25 8.10 56.85
CA SER D 138 -10.82 8.43 55.54
C SER D 138 -11.79 9.62 55.58
N ASP D 139 -12.21 10.06 56.77
CA ASP D 139 -13.10 11.21 56.98
C ASP D 139 -12.49 12.28 57.92
N ASP D 140 -11.17 12.25 58.18
CA ASP D 140 -10.51 13.29 58.98
C ASP D 140 -10.37 14.63 58.22
N ALA D 141 -10.25 15.72 58.98
CA ALA D 141 -10.38 17.09 58.53
C ALA D 141 -9.17 17.69 57.78
N GLU D 142 -8.22 16.87 57.30
CA GLU D 142 -7.05 17.33 56.53
C GLU D 142 -6.79 16.48 55.26
N SER D 143 -6.36 17.12 54.18
CA SER D 143 -6.31 16.51 52.84
C SER D 143 -5.31 15.36 52.71
N ASP D 144 -4.02 15.60 52.98
CA ASP D 144 -3.00 14.55 52.85
C ASP D 144 -3.23 13.37 53.82
N VAL D 145 -3.85 13.60 54.98
CA VAL D 145 -4.28 12.52 55.89
C VAL D 145 -5.26 11.57 55.20
N ARG D 146 -6.27 12.11 54.50
CA ARG D 146 -7.24 11.28 53.77
C ARG D 146 -6.59 10.54 52.62
N MET D 147 -5.72 11.19 51.84
CA MET D 147 -5.01 10.54 50.75
C MET D 147 -4.12 9.39 51.24
N VAL D 148 -3.46 9.54 52.38
CA VAL D 148 -2.68 8.46 52.99
C VAL D 148 -3.56 7.35 53.56
N ALA D 149 -4.70 7.63 54.20
CA ALA D 149 -5.65 6.60 54.60
C ALA D 149 -6.18 5.80 53.39
N ASP D 150 -6.46 6.45 52.27
CA ASP D 150 -6.89 5.81 51.03
C ASP D 150 -5.84 4.86 50.46
N GLU D 151 -4.56 5.25 50.42
CA GLU D 151 -3.50 4.32 49.99
C GLU D 151 -3.11 3.29 51.07
N CYS D 152 -3.42 3.50 52.33
CA CYS D 152 -3.23 2.48 53.38
C CYS D 152 -4.26 1.35 53.27
N LEU D 153 -5.54 1.66 53.13
CA LEU D 153 -6.57 0.64 52.88
C LEU D 153 -6.26 -0.16 51.62
N ASN D 154 -5.93 0.51 50.52
CA ASN D 154 -5.63 -0.15 49.26
C ASN D 154 -4.43 -1.10 49.38
N LYS D 155 -3.28 -0.66 49.92
CA LYS D 155 -2.10 -1.54 50.09
C LYS D 155 -2.39 -2.73 50.97
N VAL D 156 -3.11 -2.55 52.08
CA VAL D 156 -3.46 -3.63 52.99
C VAL D 156 -4.41 -4.65 52.36
N ILE D 157 -5.42 -4.21 51.61
CA ILE D 157 -6.30 -5.13 50.88
C ILE D 157 -5.50 -5.93 49.84
N LYS D 158 -4.67 -5.27 49.03
CA LYS D 158 -3.76 -5.92 48.08
C LYS D 158 -2.84 -6.96 48.76
N ALA D 159 -2.28 -6.65 49.94
CA ALA D 159 -1.39 -7.54 50.66
C ALA D 159 -2.09 -8.75 51.31
N LEU D 160 -3.34 -8.59 51.75
CA LEU D 160 -4.06 -9.61 52.53
C LEU D 160 -5.15 -10.37 51.77
N MET D 161 -5.43 -10.06 50.50
CA MET D 161 -6.41 -10.78 49.66
C MET D 161 -6.20 -12.30 49.58
N ASP D 162 -4.97 -12.79 49.60
CA ASP D 162 -4.68 -14.23 49.51
C ASP D 162 -5.08 -15.02 50.79
N SER D 163 -5.46 -14.32 51.86
CA SER D 163 -5.41 -14.87 53.22
C SER D 163 -6.48 -14.36 54.20
N ASN D 164 -7.03 -13.17 53.99
CA ASN D 164 -8.00 -12.54 54.91
C ASN D 164 -9.14 -11.79 54.19
N LEU D 165 -9.36 -12.06 52.90
CA LEU D 165 -10.45 -11.50 52.10
C LEU D 165 -11.82 -11.52 52.81
N PRO D 166 -12.29 -12.61 53.44
CA PRO D 166 -13.58 -12.58 54.15
C PRO D 166 -13.60 -11.66 55.37
N ARG D 167 -12.48 -11.47 56.09
CA ARG D 167 -12.41 -10.52 57.19
C ARG D 167 -12.39 -9.07 56.73
N LEU D 168 -11.63 -8.73 55.69
CA LEU D 168 -11.64 -7.41 55.06
C LEU D 168 -13.07 -7.01 54.64
N GLN D 169 -13.80 -7.90 53.98
CA GLN D 169 -15.18 -7.64 53.58
C GLN D 169 -16.17 -7.53 54.76
N LEU D 170 -15.99 -8.30 55.84
CA LEU D 170 -16.76 -8.10 57.07
C LEU D 170 -16.49 -6.73 57.73
N GLU D 171 -15.24 -6.26 57.77
CA GLU D 171 -14.93 -4.92 58.28
C GLU D 171 -15.54 -3.80 57.41
N LEU D 172 -15.41 -3.88 56.09
CA LEU D 172 -16.00 -2.90 55.18
C LEU D 172 -17.53 -2.91 55.29
N TYR D 173 -18.16 -4.09 55.33
CA TYR D 173 -19.60 -4.21 55.54
C TYR D 173 -20.06 -3.56 56.86
N LYS D 174 -19.37 -3.77 57.97
CA LYS D 174 -19.71 -3.12 59.24
C LYS D 174 -19.66 -1.59 59.17
N GLU D 175 -18.72 -1.00 58.43
CA GLU D 175 -18.68 0.45 58.23
C GLU D 175 -19.83 0.94 57.33
N ILE D 176 -20.27 0.17 56.35
CA ILE D 176 -21.50 0.45 55.59
C ILE D 176 -22.72 0.33 56.52
N LYS D 177 -22.79 -0.69 57.36
CA LYS D 177 -23.92 -1.00 58.25
C LYS D 177 -24.25 0.13 59.23
N LYS D 178 -23.24 0.82 59.76
CA LYS D 178 -23.41 1.92 60.72
C LYS D 178 -23.79 3.29 60.11
N ASN D 179 -23.82 3.43 58.79
CA ASN D 179 -24.38 4.57 58.04
C ASN D 179 -23.92 5.96 58.58
N GLY D 180 -22.62 6.14 58.77
CA GLY D 180 -22.01 7.32 59.40
C GLY D 180 -21.73 8.48 58.44
N ALA D 181 -20.64 9.20 58.71
CA ALA D 181 -20.22 10.34 57.91
C ALA D 181 -19.94 9.94 56.44
N PRO D 182 -20.21 10.82 55.46
CA PRO D 182 -20.30 10.42 54.06
C PRO D 182 -18.99 9.92 53.45
N ARG D 183 -17.83 10.50 53.75
CA ARG D 183 -16.56 10.00 53.19
C ARG D 183 -16.20 8.64 53.82
N SER D 184 -16.45 8.46 55.11
CA SER D 184 -16.31 7.18 55.82
C SER D 184 -17.17 6.07 55.19
N LEU D 185 -18.44 6.36 54.89
CA LEU D 185 -19.35 5.44 54.19
C LEU D 185 -18.88 5.12 52.76
N ARG D 186 -18.55 6.15 51.96
CA ARG D 186 -18.05 5.97 50.58
C ARG D 186 -16.78 5.13 50.52
N ALA D 187 -15.81 5.41 51.39
CA ALA D 187 -14.56 4.69 51.49
C ALA D 187 -14.72 3.18 51.77
N ALA D 188 -15.77 2.77 52.46
CA ALA D 188 -16.12 1.37 52.61
C ALA D 188 -16.94 0.84 51.42
N LEU D 189 -17.93 1.60 50.92
CA LEU D 189 -18.90 1.14 49.94
C LEU D 189 -18.27 0.77 48.60
N TRP D 190 -17.43 1.63 48.02
CA TRP D 190 -16.83 1.27 46.73
C TRP D 190 -15.79 0.16 46.87
N ARG D 191 -15.06 0.09 47.99
CA ARG D 191 -14.13 -1.02 48.26
C ARG D 191 -14.86 -2.36 48.43
N PHE D 192 -15.97 -2.41 49.15
CA PHE D 192 -16.77 -3.63 49.25
C PHE D 192 -17.29 -4.05 47.86
N ALA D 193 -17.75 -3.11 47.04
CA ALA D 193 -18.17 -3.40 45.67
C ALA D 193 -17.02 -3.90 44.77
N GLU D 194 -15.80 -3.37 44.91
CA GLU D 194 -14.63 -3.85 44.16
C GLU D 194 -14.22 -5.27 44.55
N LEU D 195 -14.47 -5.69 45.79
CA LEU D 195 -14.18 -7.04 46.27
C LEU D 195 -15.33 -8.05 46.07
N ALA D 196 -16.53 -7.63 45.69
CA ALA D 196 -17.72 -8.46 45.79
C ALA D 196 -17.64 -9.78 44.97
N HIS D 197 -16.94 -9.80 43.84
CA HIS D 197 -16.74 -11.03 43.04
C HIS D 197 -15.89 -12.11 43.73
N LEU D 198 -15.11 -11.76 44.75
CA LEU D 198 -14.21 -12.67 45.45
C LEU D 198 -14.90 -13.53 46.52
N VAL D 199 -16.16 -13.27 46.89
CA VAL D 199 -16.89 -14.14 47.83
C VAL D 199 -17.22 -15.50 47.20
N ARG D 200 -16.93 -16.58 47.92
CA ARG D 200 -17.24 -17.96 47.51
C ARG D 200 -18.77 -18.19 47.47
N PRO D 201 -19.35 -19.01 46.55
CA PRO D 201 -20.80 -19.17 46.44
C PRO D 201 -21.55 -19.50 47.74
N GLN D 202 -20.93 -20.22 48.67
CA GLN D 202 -21.47 -20.53 50.00
C GLN D 202 -21.66 -19.29 50.91
N LYS D 203 -21.22 -18.11 50.49
CA LYS D 203 -21.23 -16.85 51.27
C LYS D 203 -22.02 -15.71 50.60
N CYS D 204 -22.51 -15.87 49.37
CA CYS D 204 -23.31 -14.86 48.67
C CYS D 204 -24.70 -14.62 49.29
N ARG D 205 -25.46 -15.66 49.65
CA ARG D 205 -26.81 -15.54 50.21
C ARG D 205 -26.88 -14.69 51.49
N PRO D 206 -26.03 -14.91 52.52
CA PRO D 206 -26.10 -14.10 53.72
C PRO D 206 -25.65 -12.65 53.50
N TYR D 207 -24.75 -12.38 52.56
CA TYR D 207 -24.42 -11.01 52.17
C TYR D 207 -25.54 -10.32 51.39
N LEU D 208 -26.29 -11.03 50.54
CA LEU D 208 -27.50 -10.48 49.92
C LEU D 208 -28.49 -10.03 51.00
N VAL D 209 -28.84 -10.90 51.96
CA VAL D 209 -29.75 -10.58 53.06
C VAL D 209 -29.26 -9.40 53.92
N ASN D 210 -27.97 -9.34 54.22
CA ASN D 210 -27.37 -8.24 54.97
C ASN D 210 -27.29 -6.92 54.19
N LEU D 211 -27.07 -6.92 52.88
CA LEU D 211 -26.87 -5.69 52.12
C LEU D 211 -28.17 -4.97 51.75
N LEU D 212 -29.32 -5.65 51.64
CA LEU D 212 -30.54 -4.93 51.24
C LEU D 212 -30.99 -3.87 52.28
N PRO D 213 -30.98 -4.13 53.58
CA PRO D 213 -31.10 -3.09 54.60
C PRO D 213 -30.05 -1.96 54.50
N CYS D 214 -28.89 -2.15 53.88
CA CYS D 214 -27.88 -1.11 53.68
C CYS D 214 -28.09 -0.30 52.40
N LEU D 215 -28.36 -0.95 51.27
CA LEU D 215 -28.64 -0.29 50.00
C LEU D 215 -29.91 0.57 50.12
N THR D 216 -30.96 0.03 50.74
CA THR D 216 -32.21 0.78 50.98
C THR D 216 -32.14 1.86 52.06
N ARG D 217 -31.07 1.93 52.87
CA ARG D 217 -30.73 3.10 53.69
C ARG D 217 -29.83 4.09 52.96
N THR D 218 -28.95 3.62 52.09
CA THR D 218 -28.00 4.49 51.38
C THR D 218 -28.69 5.24 50.24
N SER D 219 -29.74 4.69 49.63
CA SER D 219 -30.56 5.44 48.67
C SER D 219 -31.35 6.60 49.30
N LYS D 220 -31.57 6.59 50.63
CA LYS D 220 -32.23 7.66 51.40
C LYS D 220 -31.29 8.77 51.89
N ARG D 221 -30.00 8.69 51.58
CA ARG D 221 -29.00 9.75 51.86
C ARG D 221 -29.10 10.91 50.86
N PRO D 222 -29.22 12.19 51.26
CA PRO D 222 -29.37 13.30 50.33
C PRO D 222 -28.09 13.75 49.61
N GLU D 223 -26.90 13.47 50.13
CA GLU D 223 -25.64 13.97 49.55
C GLU D 223 -25.20 13.25 48.26
N GLU D 224 -24.91 14.04 47.23
CA GLU D 224 -24.73 13.57 45.85
C GLU D 224 -23.47 12.70 45.66
N SER D 225 -22.44 12.87 46.48
CA SER D 225 -21.22 12.05 46.40
C SER D 225 -21.42 10.62 46.92
N VAL D 226 -22.25 10.43 47.96
CA VAL D 226 -22.70 9.11 48.41
C VAL D 226 -23.51 8.43 47.33
N GLN D 227 -24.35 9.18 46.62
CA GLN D 227 -25.18 8.65 45.53
C GLN D 227 -24.35 8.25 44.31
N GLU D 228 -23.41 9.08 43.85
CA GLU D 228 -22.46 8.72 42.79
C GLU D 228 -21.64 7.45 43.12
N THR D 229 -21.38 7.21 44.40
CA THR D 229 -20.69 6.00 44.86
C THR D 229 -21.62 4.79 44.83
N LEU D 230 -22.86 4.93 45.32
CA LEU D 230 -23.87 3.88 45.24
C LEU D 230 -24.22 3.51 43.79
N ALA D 231 -24.24 4.48 42.86
CA ALA D 231 -24.44 4.24 41.44
C ALA D 231 -23.35 3.37 40.81
N ALA D 232 -22.12 3.44 41.30
CA ALA D 232 -21.05 2.54 40.91
C ALA D 232 -21.14 1.19 41.64
N ALA D 233 -21.53 1.18 42.91
CA ALA D 233 -21.55 -0.02 43.72
C ALA D 233 -22.66 -1.00 43.33
N VAL D 234 -23.89 -0.54 43.09
CA VAL D 234 -25.04 -1.41 42.76
C VAL D 234 -24.80 -2.35 41.57
N PRO D 235 -24.34 -1.91 40.38
CA PRO D 235 -24.08 -2.81 39.25
C PRO D 235 -22.96 -3.82 39.48
N LYS D 236 -22.09 -3.60 40.48
CA LYS D 236 -21.04 -4.56 40.88
C LYS D 236 -21.51 -5.51 41.98
N ILE D 237 -22.26 -5.01 42.95
CA ILE D 237 -22.87 -5.81 44.03
C ILE D 237 -23.89 -6.79 43.43
N MET D 238 -24.83 -6.31 42.61
CA MET D 238 -25.87 -7.16 42.06
C MET D 238 -25.34 -8.23 41.11
N ALA D 239 -24.32 -7.94 40.30
CA ALA D 239 -23.64 -8.95 39.49
C ALA D 239 -22.91 -10.05 40.30
N SER D 240 -22.78 -9.89 41.61
CA SER D 240 -22.11 -10.82 42.53
C SER D 240 -23.06 -11.49 43.54
N PHE D 241 -24.30 -11.02 43.68
CA PHE D 241 -25.26 -11.53 44.66
C PHE D 241 -26.71 -11.66 44.13
N GLY D 242 -27.05 -11.10 42.97
CA GLY D 242 -28.44 -10.92 42.55
C GLY D 242 -29.21 -12.18 42.14
N ASN D 243 -28.51 -13.22 41.64
CA ASN D 243 -29.09 -14.55 41.44
C ASN D 243 -29.42 -15.27 42.77
N PHE D 244 -28.82 -14.84 43.89
CA PHE D 244 -29.11 -15.36 45.22
C PHE D 244 -30.31 -14.67 45.90
N ALA D 245 -30.88 -13.62 45.31
CA ALA D 245 -32.06 -12.94 45.83
C ALA D 245 -33.38 -13.67 45.47
N ASN D 246 -34.44 -13.48 46.26
CA ASN D 246 -35.80 -13.84 45.87
C ASN D 246 -36.59 -12.63 45.33
N ASP D 247 -37.78 -12.89 44.77
CA ASP D 247 -38.56 -11.86 44.09
C ASP D 247 -38.99 -10.71 45.01
N ASN D 248 -39.36 -11.01 46.27
CA ASN D 248 -39.75 -9.98 47.22
C ASN D 248 -38.56 -9.13 47.68
N GLU D 249 -37.37 -9.71 47.86
CA GLU D 249 -36.13 -8.97 48.10
C GLU D 249 -35.79 -8.01 46.94
N ILE D 250 -35.90 -8.47 45.70
CA ILE D 250 -35.68 -7.63 44.52
C ILE D 250 -36.71 -6.50 44.46
N LYS D 251 -38.00 -6.79 44.67
CA LYS D 251 -39.06 -5.78 44.65
C LYS D 251 -38.89 -4.71 45.73
N VAL D 252 -38.39 -5.07 46.91
CA VAL D 252 -37.96 -4.12 47.95
C VAL D 252 -36.83 -3.20 47.46
N LEU D 253 -35.80 -3.71 46.77
CA LEU D 253 -34.77 -2.85 46.18
C LEU D 253 -35.34 -1.92 45.10
N LEU D 254 -36.11 -2.46 44.17
CA LEU D 254 -36.66 -1.65 43.09
C LEU D 254 -37.58 -0.54 43.63
N LYS D 255 -38.43 -0.82 44.63
CA LYS D 255 -39.24 0.21 45.30
C LYS D 255 -38.38 1.31 45.93
N ALA D 256 -37.29 0.94 46.60
CA ALA D 256 -36.38 1.90 47.24
C ALA D 256 -35.69 2.86 46.26
N PHE D 257 -35.46 2.45 45.01
CA PHE D 257 -34.90 3.30 43.96
C PHE D 257 -35.96 4.02 43.13
N ILE D 258 -37.11 3.42 42.84
CA ILE D 258 -38.22 4.11 42.15
C ILE D 258 -38.71 5.33 42.96
N ALA D 259 -38.71 5.25 44.29
CA ALA D 259 -39.03 6.36 45.18
C ALA D 259 -38.17 7.62 44.96
N ASN D 260 -36.99 7.49 44.36
CA ASN D 260 -36.06 8.58 44.09
C ASN D 260 -36.22 9.23 42.71
N LEU D 261 -37.03 8.68 41.79
CA LEU D 261 -37.20 9.27 40.45
C LEU D 261 -37.86 10.67 40.47
N LYS D 262 -38.54 11.06 41.54
CA LYS D 262 -39.11 12.41 41.78
C LYS D 262 -38.14 13.46 42.33
N SER D 263 -36.88 13.09 42.60
CA SER D 263 -35.91 13.97 43.26
C SER D 263 -35.47 15.18 42.43
N SER D 264 -35.21 16.30 43.08
CA SER D 264 -34.70 17.54 42.45
C SER D 264 -33.25 17.45 41.98
N SER D 265 -32.42 16.60 42.60
CA SER D 265 -31.04 16.37 42.17
C SER D 265 -30.97 15.50 40.91
N PRO D 266 -30.32 15.95 39.82
CA PRO D 266 -30.10 15.12 38.63
C PRO D 266 -29.32 13.84 38.95
N THR D 267 -28.33 13.93 39.84
CA THR D 267 -27.51 12.81 40.33
C THR D 267 -28.32 11.75 41.03
N ILE D 268 -29.28 12.12 41.87
CA ILE D 268 -30.13 11.16 42.57
C ILE D 268 -31.03 10.43 41.56
N ARG D 269 -31.60 11.13 40.58
CA ARG D 269 -32.37 10.50 39.51
C ARG D 269 -31.52 9.58 38.65
N ARG D 270 -30.28 9.96 38.32
CA ARG D 270 -29.31 9.11 37.61
C ARG D 270 -28.96 7.85 38.39
N THR D 271 -28.74 7.96 39.69
CA THR D 271 -28.43 6.83 40.55
C THR D 271 -29.59 5.85 40.62
N ALA D 272 -30.82 6.35 40.77
CA ALA D 272 -32.04 5.54 40.74
C ALA D 272 -32.32 4.88 39.38
N ALA D 273 -32.25 5.63 38.30
CA ALA D 273 -32.50 5.14 36.95
C ALA D 273 -31.53 4.02 36.58
N GLY D 274 -30.24 4.17 36.92
CA GLY D 274 -29.22 3.16 36.67
C GLY D 274 -29.36 1.94 37.57
N SER D 275 -29.62 2.16 38.86
CA SER D 275 -29.74 1.08 39.85
C SER D 275 -30.92 0.18 39.54
N ALA D 276 -32.09 0.72 39.26
CA ALA D 276 -33.29 -0.06 39.01
C ALA D 276 -33.13 -1.03 37.81
N VAL D 277 -32.60 -0.54 36.69
CA VAL D 277 -32.34 -1.38 35.52
C VAL D 277 -31.30 -2.46 35.81
N SER D 278 -30.22 -2.13 36.50
CA SER D 278 -29.18 -3.08 36.87
C SER D 278 -29.65 -4.17 37.84
N ILE D 279 -30.46 -3.83 38.83
CA ILE D 279 -31.05 -4.80 39.77
C ILE D 279 -31.89 -5.83 39.01
N CYS D 280 -32.64 -5.40 38.00
CA CYS D 280 -33.35 -6.32 37.13
C CYS D 280 -32.37 -7.19 36.34
N GLN D 281 -31.35 -6.57 35.73
CA GLN D 281 -30.40 -7.23 34.82
C GLN D 281 -29.61 -8.37 35.48
N HIS D 282 -29.33 -8.27 36.77
CA HIS D 282 -28.59 -9.28 37.53
C HIS D 282 -29.48 -10.10 38.46
N SER D 283 -30.79 -10.10 38.23
CA SER D 283 -31.74 -11.03 38.85
C SER D 283 -31.73 -12.41 38.16
N ARG D 284 -32.30 -13.42 38.81
CA ARG D 284 -32.56 -14.75 38.23
C ARG D 284 -33.71 -14.80 37.22
N ARG D 285 -34.45 -13.69 37.04
CA ARG D 285 -35.78 -13.59 36.43
C ARG D 285 -35.86 -12.36 35.53
N THR D 286 -34.82 -12.10 34.75
CA THR D 286 -34.58 -10.82 34.08
C THR D 286 -35.76 -10.37 33.22
N GLN D 287 -36.34 -11.23 32.39
CA GLN D 287 -37.43 -10.85 31.49
C GLN D 287 -38.72 -10.49 32.24
N TYR D 288 -39.06 -11.22 33.30
CA TYR D 288 -40.12 -10.88 34.23
C TYR D 288 -39.87 -9.55 34.93
N PHE D 289 -38.68 -9.31 35.44
CA PHE D 289 -38.36 -8.05 36.12
C PHE D 289 -38.30 -6.85 35.19
N TYR D 290 -37.87 -6.99 33.95
CA TYR D 290 -38.02 -5.93 32.96
C TYR D 290 -39.49 -5.62 32.69
N SER D 291 -40.35 -6.64 32.66
CA SER D 291 -41.80 -6.46 32.49
C SER D 291 -42.42 -5.75 33.69
N TRP D 292 -42.04 -6.12 34.91
CA TRP D 292 -42.53 -5.48 36.13
C TRP D 292 -42.08 -4.03 36.23
N LEU D 293 -40.80 -3.74 35.95
CA LEU D 293 -40.26 -2.39 35.91
C LEU D 293 -40.93 -1.53 34.82
N LEU D 294 -41.23 -2.05 33.62
CA LEU D 294 -42.06 -1.33 32.63
C LEU D 294 -43.47 -1.05 33.14
N ASN D 295 -44.13 -1.99 33.82
CA ASN D 295 -45.44 -1.71 34.40
C ASN D 295 -45.40 -0.59 35.46
N VAL D 296 -44.36 -0.54 36.29
CA VAL D 296 -44.18 0.57 37.23
C VAL D 296 -43.91 1.88 36.49
N LEU D 297 -43.02 1.90 35.51
CA LEU D 297 -42.59 3.12 34.83
C LEU D 297 -43.68 3.71 33.96
N LEU D 298 -44.45 2.89 33.24
CA LEU D 298 -45.64 3.34 32.53
C LEU D 298 -46.68 3.78 33.56
N GLY D 299 -46.95 2.99 34.60
CA GLY D 299 -47.90 3.33 35.66
C GLY D 299 -47.68 4.70 36.30
N LEU D 300 -46.43 5.13 36.47
CA LEU D 300 -46.09 6.46 36.99
C LEU D 300 -46.47 7.63 36.07
N LEU D 301 -46.68 7.42 34.76
CA LEU D 301 -47.11 8.46 33.81
C LEU D 301 -48.44 8.14 33.07
N VAL D 302 -48.97 6.93 33.18
CA VAL D 302 -50.18 6.42 32.50
C VAL D 302 -51.44 7.28 32.67
N PRO D 303 -51.79 7.81 33.87
CA PRO D 303 -52.84 8.82 33.99
C PRO D 303 -52.31 10.17 33.47
N VAL D 304 -52.23 10.30 32.15
CA VAL D 304 -51.49 11.35 31.44
C VAL D 304 -52.07 12.76 31.65
N GLU D 305 -53.32 12.87 32.09
CA GLU D 305 -53.97 14.14 32.39
C GLU D 305 -53.54 14.79 33.72
N ASP D 306 -52.92 14.02 34.62
CA ASP D 306 -52.49 14.53 35.93
C ASP D 306 -51.32 15.52 35.86
N GLU D 307 -51.18 16.34 36.91
CA GLU D 307 -50.06 17.27 37.11
C GLU D 307 -48.76 16.54 37.53
N HIS D 308 -48.22 15.69 36.65
CA HIS D 308 -46.89 15.09 36.82
C HIS D 308 -45.80 16.17 36.84
N SER D 309 -44.83 16.01 37.73
CA SER D 309 -43.71 16.95 37.86
C SER D 309 -42.65 16.71 36.79
N THR D 310 -41.95 17.77 36.37
CA THR D 310 -40.82 17.66 35.45
C THR D 310 -39.74 16.74 36.00
N LEU D 311 -39.54 16.74 37.32
CA LEU D 311 -38.56 15.89 37.99
C LEU D 311 -38.89 14.40 37.81
N LEU D 312 -40.13 13.98 38.06
CA LEU D 312 -40.56 12.61 37.87
C LEU D 312 -40.51 12.18 36.39
N ILE D 313 -40.88 13.06 35.46
CA ILE D 313 -40.77 12.79 34.04
C ILE D 313 -39.30 12.55 33.65
N LEU D 314 -38.38 13.41 34.11
CA LEU D 314 -36.95 13.24 33.84
C LEU D 314 -36.38 11.94 34.40
N GLY D 315 -36.75 11.54 35.62
CA GLY D 315 -36.34 10.25 36.17
C GLY D 315 -36.90 9.06 35.40
N VAL D 316 -38.19 9.08 35.05
CA VAL D 316 -38.84 7.98 34.32
C VAL D 316 -38.31 7.86 32.89
N LEU D 317 -38.20 8.94 32.12
CA LEU D 317 -37.65 8.92 30.75
C LEU D 317 -36.19 8.44 30.72
N LEU D 318 -35.37 8.83 31.71
CA LEU D 318 -34.01 8.29 31.83
C LEU D 318 -34.00 6.80 32.14
N THR D 319 -34.85 6.33 33.06
CA THR D 319 -34.91 4.91 33.42
C THR D 319 -35.30 4.05 32.24
N LEU D 320 -36.29 4.49 31.44
CA LEU D 320 -36.68 3.84 30.19
C LEU D 320 -35.50 3.84 29.20
N ARG D 321 -34.74 4.93 29.10
CA ARG D 321 -33.60 5.04 28.19
C ARG D 321 -32.45 4.10 28.57
N TYR D 322 -32.26 3.78 29.84
CA TYR D 322 -31.38 2.70 30.27
C TYR D 322 -31.98 1.30 30.08
N LEU D 323 -33.29 1.13 30.19
CA LEU D 323 -33.95 -0.17 30.09
C LEU D 323 -34.06 -0.70 28.64
N VAL D 324 -34.27 0.17 27.65
CA VAL D 324 -34.48 -0.19 26.25
C VAL D 324 -33.42 -1.16 25.69
N PRO D 325 -32.11 -0.94 25.84
CA PRO D 325 -31.08 -1.87 25.35
C PRO D 325 -31.18 -3.32 25.87
N LEU D 326 -31.63 -3.53 27.11
CA LEU D 326 -31.68 -4.85 27.73
C LEU D 326 -32.84 -5.72 27.21
N LEU D 327 -33.87 -5.12 26.63
CA LEU D 327 -35.02 -5.83 26.05
C LEU D 327 -34.98 -5.93 24.51
N GLN D 328 -33.81 -5.73 23.93
CA GLN D 328 -33.40 -6.28 22.63
C GLN D 328 -32.38 -7.42 22.87
N GLN D 329 -32.63 -8.60 22.31
CA GLN D 329 -31.89 -9.85 22.64
C GLN D 329 -31.84 -10.83 21.46
N VAL D 349 -43.38 -14.57 31.01
CA VAL D 349 -43.66 -13.13 31.01
C VAL D 349 -42.57 -12.37 30.23
N SER D 350 -42.97 -11.49 29.31
CA SER D 350 -42.08 -10.67 28.48
C SER D 350 -42.77 -9.36 28.05
N PRO D 351 -42.05 -8.24 27.86
CA PRO D 351 -42.62 -6.97 27.44
C PRO D 351 -43.48 -7.09 26.17
N SER D 352 -44.73 -6.63 26.23
CA SER D 352 -45.69 -6.76 25.13
C SER D 352 -45.55 -5.64 24.08
N ALA D 353 -46.13 -5.85 22.90
CA ALA D 353 -46.18 -4.84 21.85
C ALA D 353 -46.87 -3.56 22.33
N GLU D 354 -48.01 -3.69 23.02
CA GLU D 354 -48.78 -2.55 23.55
C GLU D 354 -47.99 -1.76 24.62
N GLN D 355 -47.23 -2.42 25.50
CA GLN D 355 -46.33 -1.71 26.44
C GLN D 355 -45.29 -0.88 25.68
N LEU D 356 -44.62 -1.48 24.71
CA LEU D 356 -43.53 -0.82 23.99
C LEU D 356 -44.05 0.31 23.08
N VAL D 357 -45.25 0.17 22.54
CA VAL D 357 -45.95 1.24 21.84
C VAL D 357 -46.30 2.37 22.81
N GLN D 358 -46.68 2.07 24.05
CA GLN D 358 -46.90 3.10 25.06
C GLN D 358 -45.61 3.84 25.49
N VAL D 359 -44.46 3.16 25.59
CA VAL D 359 -43.14 3.82 25.74
C VAL D 359 -42.88 4.79 24.58
N TYR D 360 -43.11 4.35 23.35
CA TYR D 360 -42.91 5.15 22.16
C TYR D 360 -43.89 6.36 22.10
N GLU D 361 -45.17 6.15 22.38
CA GLU D 361 -46.17 7.22 22.41
C GLU D 361 -45.97 8.20 23.58
N LEU D 362 -45.53 7.76 24.76
CA LEU D 362 -45.08 8.65 25.84
C LEU D 362 -43.93 9.52 25.36
N THR D 363 -42.98 8.92 24.64
CA THR D 363 -41.85 9.66 24.10
C THR D 363 -42.31 10.72 23.10
N LEU D 364 -43.22 10.40 22.18
CA LEU D 364 -43.77 11.38 21.24
C LEU D 364 -44.49 12.53 21.96
N HIS D 365 -45.32 12.21 22.94
CA HIS D 365 -46.01 13.18 23.80
C HIS D 365 -45.04 14.14 24.49
N HIS D 366 -44.05 13.63 25.20
CA HIS D 366 -43.13 14.46 25.97
C HIS D 366 -42.14 15.30 25.15
N THR D 367 -41.91 15.04 23.87
CA THR D 367 -41.20 16.00 22.99
C THR D 367 -41.95 17.33 22.85
N GLN D 368 -43.26 17.35 23.08
CA GLN D 368 -44.09 18.54 23.02
C GLN D 368 -44.18 19.29 24.36
N HIS D 369 -43.40 18.91 25.36
CA HIS D 369 -43.46 19.53 26.69
C HIS D 369 -42.97 20.98 26.68
N GLN D 370 -43.40 21.76 27.68
CA GLN D 370 -43.01 23.16 27.86
C GLN D 370 -41.56 23.33 28.30
N ASP D 371 -40.96 22.32 28.94
CA ASP D 371 -39.59 22.36 29.45
C ASP D 371 -38.63 21.62 28.51
N HIS D 372 -37.63 22.32 27.96
CA HIS D 372 -36.63 21.71 27.08
C HIS D 372 -35.72 20.71 27.78
N ASN D 373 -35.66 20.65 29.11
CA ASN D 373 -35.06 19.51 29.80
C ASN D 373 -35.86 18.22 29.53
N VAL D 374 -37.19 18.29 29.60
CA VAL D 374 -38.09 17.15 29.32
C VAL D 374 -38.05 16.79 27.84
N VAL D 375 -38.05 17.76 26.94
CA VAL D 375 -37.86 17.51 25.51
C VAL D 375 -36.52 16.83 25.23
N THR D 376 -35.44 17.25 25.90
CA THR D 376 -34.12 16.61 25.79
C THR D 376 -34.16 15.15 26.23
N GLY D 377 -34.71 14.84 27.41
CA GLY D 377 -34.85 13.47 27.86
C GLY D 377 -35.73 12.60 26.94
N ALA D 378 -36.77 13.18 26.35
CA ALA D 378 -37.61 12.49 25.38
C ALA D 378 -36.88 12.22 24.06
N LEU D 379 -36.11 13.16 23.51
CA LEU D 379 -35.35 12.91 22.29
C LEU D 379 -34.19 11.93 22.51
N GLU D 380 -33.50 11.97 23.65
CA GLU D 380 -32.52 10.94 24.00
C GLU D 380 -33.15 9.54 24.12
N LEU D 381 -34.34 9.42 24.69
CA LEU D 381 -35.09 8.15 24.70
C LEU D 381 -35.46 7.72 23.27
N LEU D 382 -35.92 8.62 22.42
CA LEU D 382 -36.26 8.31 21.03
C LEU D 382 -35.05 7.88 20.20
N GLN D 383 -33.91 8.54 20.40
CA GLN D 383 -32.62 8.15 19.85
C GLN D 383 -32.23 6.73 20.27
N GLN D 384 -32.33 6.39 21.56
CA GLN D 384 -32.07 5.03 22.04
C GLN D 384 -33.03 4.00 21.44
N LEU D 385 -34.32 4.31 21.43
CA LEU D 385 -35.38 3.46 20.92
C LEU D 385 -35.20 3.16 19.42
N PHE D 386 -34.55 4.03 18.66
CA PHE D 386 -34.18 3.76 17.27
C PHE D 386 -32.79 3.13 17.10
N ARG D 387 -31.80 3.39 17.95
CA ARG D 387 -30.46 2.77 17.82
C ARG D 387 -30.46 1.30 18.22
N THR D 388 -31.27 0.91 19.19
CA THR D 388 -31.43 -0.46 19.68
C THR D 388 -32.91 -0.81 19.82
N PRO D 389 -33.67 -0.97 18.72
CA PRO D 389 -35.10 -1.21 18.77
C PRO D 389 -35.45 -2.54 19.47
N PRO D 390 -36.42 -2.56 20.39
CA PRO D 390 -37.04 -3.79 20.84
C PRO D 390 -37.60 -4.59 19.64
N PRO D 391 -37.41 -5.92 19.55
CA PRO D 391 -37.87 -6.73 18.42
C PRO D 391 -39.36 -6.54 18.09
N GLU D 392 -40.23 -6.53 19.11
CA GLU D 392 -41.68 -6.36 18.94
C GLU D 392 -42.05 -4.98 18.36
N LEU D 393 -41.48 -3.92 18.91
CA LEU D 393 -41.75 -2.53 18.54
C LEU D 393 -41.30 -2.24 17.10
N LEU D 394 -40.14 -2.78 16.71
CA LEU D 394 -39.57 -2.57 15.37
C LEU D 394 -40.50 -3.01 14.25
N GLN D 395 -41.20 -4.13 14.43
CA GLN D 395 -42.22 -4.59 13.49
C GLN D 395 -43.39 -3.61 13.39
N THR D 396 -43.90 -3.10 14.52
CA THR D 396 -45.03 -2.16 14.53
C THR D 396 -44.70 -0.80 13.96
N LEU D 397 -43.46 -0.31 14.06
CA LEU D 397 -43.06 1.00 13.57
C LEU D 397 -42.78 1.01 12.07
N THR D 398 -42.45 -0.14 11.49
CA THR D 398 -42.14 -0.32 10.07
C THR D 398 -43.34 -0.81 9.25
N ALA D 399 -44.32 -1.47 9.86
CA ALA D 399 -45.53 -1.95 9.18
C ALA D 399 -46.46 -0.81 8.75
N VAL D 400 -47.12 -0.96 7.60
CA VAL D 400 -47.89 0.06 6.87
C VAL D 400 -49.08 0.65 7.65
N GLY D 401 -49.54 0.00 8.72
CA GLY D 401 -50.44 0.59 9.71
C GLY D 401 -50.19 0.10 11.14
N GLY D 402 -48.96 -0.25 11.49
CA GLY D 402 -48.65 -1.21 12.57
C GLY D 402 -49.11 -0.85 14.00
N ILE D 403 -49.31 0.44 14.30
CA ILE D 403 -49.91 0.89 15.57
C ILE D 403 -51.44 0.97 15.47
N GLY D 404 -52.01 1.50 14.39
CA GLY D 404 -53.47 1.55 14.19
C GLY D 404 -54.12 0.18 13.96
N GLN D 405 -53.35 -0.79 13.48
CA GLN D 405 -53.74 -2.18 13.25
C GLN D 405 -53.78 -3.03 14.55
N LEU D 406 -53.20 -2.55 15.66
CA LEU D 406 -52.99 -3.32 16.90
C LEU D 406 -54.29 -3.60 17.68
N LYS D 664 -41.49 27.20 24.20
CA LYS D 664 -42.79 26.98 24.82
C LYS D 664 -43.90 26.54 23.84
N PRO D 665 -44.14 27.23 22.71
CA PRO D 665 -45.23 26.87 21.83
C PRO D 665 -44.97 25.55 21.11
N CYS D 666 -46.00 24.69 21.05
CA CYS D 666 -46.04 23.59 20.08
C CYS D 666 -46.09 24.17 18.67
N ARG D 667 -45.06 23.92 17.86
CA ARG D 667 -44.83 24.59 16.57
C ARG D 667 -45.43 23.89 15.35
N ILE D 668 -46.17 22.80 15.55
CA ILE D 668 -46.81 22.03 14.49
C ILE D 668 -48.03 22.80 13.96
N LYS D 669 -47.94 23.34 12.74
CA LYS D 669 -48.97 24.23 12.16
C LYS D 669 -50.16 23.51 11.54
N GLY D 670 -49.92 22.40 10.85
CA GLY D 670 -50.92 21.66 10.07
C GLY D 670 -51.02 20.17 10.42
N ASP D 671 -51.71 19.40 9.58
CA ASP D 671 -51.88 17.95 9.79
C ASP D 671 -50.63 17.16 9.38
N ILE D 672 -49.85 16.68 10.35
CA ILE D 672 -48.71 15.80 10.12
C ILE D 672 -49.09 14.31 10.08
N GLY D 673 -50.37 13.98 10.19
CA GLY D 673 -50.83 12.63 10.49
C GLY D 673 -50.77 12.32 11.97
N GLN D 674 -50.92 11.04 12.31
CA GLN D 674 -50.93 10.55 13.69
C GLN D 674 -50.18 9.22 13.83
N SER D 675 -49.75 8.91 15.04
CA SER D 675 -49.18 7.59 15.39
C SER D 675 -50.12 6.43 15.01
N THR D 676 -51.43 6.67 15.06
CA THR D 676 -52.50 5.69 14.79
C THR D 676 -52.99 5.64 13.34
N ASP D 677 -52.35 6.32 12.38
CA ASP D 677 -52.80 6.29 11.00
C ASP D 677 -52.74 4.88 10.39
N ASP D 678 -53.72 4.54 9.54
CA ASP D 678 -53.80 3.27 8.79
C ASP D 678 -53.13 3.31 7.41
N ASP D 679 -52.79 4.50 6.89
CA ASP D 679 -52.35 4.66 5.49
C ASP D 679 -50.82 4.58 5.29
N SER D 680 -50.03 4.67 6.36
CA SER D 680 -48.56 4.65 6.31
C SER D 680 -47.93 4.22 7.64
N ALA D 681 -46.68 3.77 7.61
CA ALA D 681 -45.95 3.30 8.77
C ALA D 681 -45.62 4.42 9.80
N PRO D 682 -45.72 4.17 11.12
CA PRO D 682 -45.50 5.19 12.16
C PRO D 682 -44.22 6.05 12.06
N LEU D 683 -43.12 5.52 11.53
CA LEU D 683 -41.89 6.31 11.34
C LEU D 683 -42.06 7.48 10.37
N VAL D 684 -43.00 7.44 9.44
CA VAL D 684 -43.35 8.58 8.60
C VAL D 684 -43.92 9.73 9.43
N HIS D 685 -44.82 9.44 10.37
CA HIS D 685 -45.36 10.44 11.31
C HIS D 685 -44.29 10.98 12.25
N CYS D 686 -43.44 10.09 12.77
CA CYS D 686 -42.39 10.43 13.71
C CYS D 686 -41.38 11.43 13.13
N VAL D 687 -40.91 11.18 11.90
CA VAL D 687 -40.00 12.08 11.19
C VAL D 687 -40.64 13.44 10.90
N ARG D 688 -41.94 13.50 10.57
CA ARG D 688 -42.68 14.77 10.42
C ARG D 688 -42.79 15.52 11.74
N LEU D 689 -43.10 14.84 12.84
CA LEU D 689 -43.20 15.43 14.17
C LEU D 689 -41.87 16.10 14.56
N LEU D 690 -40.75 15.38 14.47
CA LEU D 690 -39.42 15.90 14.78
C LEU D 690 -39.07 17.11 13.90
N SER D 691 -39.34 17.01 12.60
CA SER D 691 -39.08 18.09 11.65
C SER D 691 -39.88 19.34 11.97
N ALA D 692 -41.19 19.23 12.14
CA ALA D 692 -42.06 20.37 12.42
C ALA D 692 -41.83 20.96 13.82
N SER D 693 -41.54 20.12 14.81
CA SER D 693 -41.27 20.59 16.17
C SER D 693 -39.96 21.38 16.28
N PHE D 694 -38.89 20.90 15.64
CA PHE D 694 -37.53 21.33 15.99
C PHE D 694 -36.71 21.91 14.84
N LEU D 695 -37.03 21.62 13.59
CA LEU D 695 -36.11 21.86 12.47
C LEU D 695 -36.69 22.74 11.38
N LEU D 696 -37.97 22.64 11.04
CA LEU D 696 -38.57 23.25 9.85
C LEU D 696 -39.75 24.17 10.20
N THR D 697 -39.92 25.28 9.50
CA THR D 697 -41.00 26.27 9.73
C THR D 697 -42.26 26.01 8.91
N GLY D 698 -42.18 25.19 7.86
CA GLY D 698 -43.19 25.09 6.81
C GLY D 698 -42.85 25.91 5.57
N GLY D 699 -41.94 26.88 5.68
CA GLY D 699 -41.45 27.68 4.56
C GLY D 699 -40.11 27.16 4.04
N LYS D 700 -39.97 27.05 2.72
CA LYS D 700 -38.73 26.58 2.06
C LYS D 700 -37.52 27.42 2.47
N ASN D 701 -36.40 26.75 2.69
CA ASN D 701 -35.07 27.34 2.94
C ASN D 701 -34.97 28.28 4.15
N VAL D 702 -35.90 28.18 5.10
CA VAL D 702 -35.84 28.87 6.39
C VAL D 702 -35.46 27.86 7.48
N LEU D 703 -34.36 28.10 8.16
CA LEU D 703 -33.97 27.40 9.37
C LEU D 703 -34.77 27.96 10.56
N VAL D 704 -35.17 27.11 11.50
CA VAL D 704 -35.81 27.53 12.75
C VAL D 704 -34.80 28.31 13.61
N PRO D 705 -35.07 29.55 14.04
CA PRO D 705 -34.15 30.34 14.85
C PRO D 705 -33.64 29.60 16.09
N ASP D 706 -32.37 29.78 16.47
CA ASP D 706 -31.82 29.24 17.72
C ASP D 706 -32.41 29.92 18.99
N ARG D 707 -33.08 31.07 18.81
CA ARG D 707 -33.97 31.69 19.80
C ARG D 707 -35.16 30.78 20.15
N ASP D 708 -35.72 30.08 19.17
CA ASP D 708 -36.90 29.22 19.33
C ASP D 708 -36.56 27.80 19.80
N VAL D 709 -35.50 27.19 19.25
CA VAL D 709 -35.07 25.82 19.58
C VAL D 709 -33.55 25.77 19.74
N ARG D 710 -33.06 25.39 20.93
CA ARG D 710 -31.62 25.36 21.23
C ARG D 710 -30.85 24.33 20.40
N VAL D 711 -29.58 24.58 20.14
CA VAL D 711 -28.76 23.75 19.24
C VAL D 711 -28.62 22.30 19.71
N SER D 712 -28.64 22.02 21.01
CA SER D 712 -28.60 20.65 21.54
C SER D 712 -29.86 19.86 21.17
N VAL D 713 -31.01 20.52 21.15
CA VAL D 713 -32.30 19.93 20.71
C VAL D 713 -32.33 19.74 19.20
N LYS D 714 -31.80 20.69 18.42
CA LYS D 714 -31.61 20.49 16.97
C LYS D 714 -30.71 19.29 16.65
N ALA D 715 -29.60 19.15 17.35
CA ALA D 715 -28.68 18.02 17.17
C ALA D 715 -29.33 16.67 17.52
N LEU D 716 -30.06 16.59 18.62
CA LEU D 716 -30.82 15.39 18.98
C LEU D 716 -31.93 15.06 17.96
N ALA D 717 -32.66 16.05 17.45
CA ALA D 717 -33.70 15.84 16.46
C ALA D 717 -33.11 15.33 15.13
N LEU D 718 -32.02 15.92 14.63
CA LEU D 718 -31.32 15.45 13.43
C LEU D 718 -30.80 14.02 13.59
N SER D 719 -30.29 13.68 14.76
CA SER D 719 -29.88 12.32 15.11
C SER D 719 -31.07 11.34 15.08
N CYS D 720 -32.22 11.69 15.66
CA CYS D 720 -33.41 10.84 15.64
C CYS D 720 -33.97 10.61 14.24
N VAL D 721 -33.98 11.63 13.38
CA VAL D 721 -34.43 11.44 11.99
C VAL D 721 -33.52 10.48 11.25
N GLY D 722 -32.19 10.56 11.44
CA GLY D 722 -31.27 9.59 10.87
C GLY D 722 -31.53 8.17 11.39
N ALA D 723 -31.74 8.00 12.69
CA ALA D 723 -32.01 6.69 13.26
C ALA D 723 -33.35 6.11 12.78
N ALA D 724 -34.38 6.92 12.52
CA ALA D 724 -35.61 6.48 11.89
C ALA D 724 -35.42 6.14 10.39
N VAL D 725 -34.73 6.99 9.65
CA VAL D 725 -34.43 6.78 8.22
C VAL D 725 -33.63 5.50 8.00
N ALA D 726 -32.77 5.12 8.93
CA ALA D 726 -32.03 3.87 8.91
C ALA D 726 -32.93 2.63 8.89
N LEU D 727 -34.04 2.67 9.60
CA LEU D 727 -35.02 1.60 9.67
C LEU D 727 -36.01 1.67 8.49
N HIS D 728 -36.39 2.88 8.07
CA HIS D 728 -37.44 3.11 7.06
C HIS D 728 -37.15 4.35 6.20
N PRO D 729 -36.36 4.24 5.12
CA PRO D 729 -35.89 5.40 4.38
C PRO D 729 -36.98 6.18 3.66
N GLU D 730 -38.13 5.61 3.33
CA GLU D 730 -39.25 6.33 2.71
C GLU D 730 -39.68 7.56 3.52
N SER D 731 -39.45 7.54 4.83
CA SER D 731 -39.75 8.63 5.78
C SER D 731 -39.14 9.97 5.35
N PHE D 732 -37.94 9.95 4.77
CA PHE D 732 -37.20 11.15 4.39
C PHE D 732 -37.84 11.91 3.22
N PHE D 733 -38.55 11.22 2.32
CA PHE D 733 -39.09 11.80 1.08
C PHE D 733 -40.47 12.44 1.24
N SER D 734 -41.01 12.49 2.46
CA SER D 734 -42.33 13.02 2.79
C SER D 734 -42.45 14.53 2.57
N LYS D 735 -43.61 15.00 2.09
CA LYS D 735 -44.11 16.36 2.36
C LYS D 735 -44.26 16.57 3.87
N LEU D 736 -43.92 17.74 4.41
CA LEU D 736 -43.93 17.98 5.87
C LEU D 736 -45.33 17.84 6.48
N TYR D 737 -46.38 18.20 5.74
CA TYR D 737 -47.79 18.10 6.14
C TYR D 737 -48.57 17.26 5.13
N LYS D 738 -49.48 16.41 5.63
CA LYS D 738 -50.41 15.61 4.81
C LYS D 738 -51.40 16.49 4.06
N VAL D 739 -51.76 17.62 4.66
CA VAL D 739 -52.66 18.65 4.15
C VAL D 739 -51.89 19.98 4.09
N PRO D 740 -51.84 20.69 2.95
CA PRO D 740 -51.17 21.98 2.84
C PRO D 740 -51.60 23.01 3.91
N LEU D 741 -50.69 23.92 4.26
CA LEU D 741 -50.96 25.07 5.12
C LEU D 741 -51.82 26.14 4.43
N ASP D 742 -52.02 27.30 5.05
CA ASP D 742 -52.94 28.37 4.63
C ASP D 742 -52.69 28.96 3.22
N THR D 743 -51.58 28.58 2.55
CA THR D 743 -51.21 28.87 1.15
C THR D 743 -50.88 30.33 0.83
N THR D 744 -51.51 31.31 1.49
CA THR D 744 -51.13 32.73 1.37
C THR D 744 -49.79 33.02 2.07
N GLU D 745 -49.54 32.37 3.21
CA GLU D 745 -48.28 32.49 3.97
C GLU D 745 -47.18 31.54 3.47
N TYR D 746 -47.54 30.51 2.69
CA TYR D 746 -46.66 29.43 2.22
C TYR D 746 -46.95 29.08 0.74
N PRO D 747 -46.40 29.83 -0.23
CA PRO D 747 -46.75 29.69 -1.64
C PRO D 747 -46.19 28.43 -2.31
N GLU D 748 -45.16 27.79 -1.75
CA GLU D 748 -44.68 26.45 -2.15
C GLU D 748 -44.56 25.50 -0.95
N GLU D 749 -44.98 24.25 -1.12
CA GLU D 749 -44.99 23.22 -0.06
C GLU D 749 -43.58 22.70 0.28
N GLN D 750 -43.31 22.39 1.56
CA GLN D 750 -42.00 22.02 2.06
C GLN D 750 -41.86 20.51 2.25
N TYR D 751 -40.77 19.95 1.74
CA TYR D 751 -40.37 18.57 2.00
C TYR D 751 -39.53 18.42 3.26
N VAL D 752 -39.61 17.27 3.89
CA VAL D 752 -38.72 16.89 5.00
C VAL D 752 -37.24 16.95 4.61
N SER D 753 -36.89 16.73 3.34
CA SER D 753 -35.50 16.79 2.86
C SER D 753 -34.82 18.15 3.03
N ASP D 754 -35.56 19.23 3.29
CA ASP D 754 -35.00 20.52 3.69
C ASP D 754 -34.19 20.48 4.99
N ILE D 755 -34.24 19.43 5.82
CA ILE D 755 -33.33 19.30 6.96
C ILE D 755 -31.86 19.23 6.53
N LEU D 756 -31.54 18.83 5.30
CA LEU D 756 -30.16 18.87 4.81
C LEU D 756 -29.58 20.29 4.70
N ASN D 757 -30.42 21.34 4.70
CA ASN D 757 -29.94 22.71 4.81
C ASN D 757 -29.22 23.01 6.14
N TYR D 758 -29.31 22.16 7.17
CA TYR D 758 -28.54 22.32 8.41
C TYR D 758 -27.06 21.96 8.28
N ILE D 759 -26.60 21.58 7.07
CA ILE D 759 -25.20 21.28 6.80
C ILE D 759 -24.30 22.52 6.93
N ASP D 760 -24.84 23.73 6.80
CA ASP D 760 -24.09 24.99 6.91
C ASP D 760 -24.54 25.88 8.09
N HIS D 761 -25.17 25.28 9.10
CA HIS D 761 -25.45 25.91 10.39
C HIS D 761 -24.16 26.27 11.13
N GLY D 762 -24.23 27.24 12.04
CA GLY D 762 -23.08 27.71 12.81
C GLY D 762 -22.49 26.68 13.79
N ASP D 763 -23.27 25.74 14.31
CA ASP D 763 -22.82 24.77 15.31
C ASP D 763 -22.17 23.51 14.70
N PRO D 764 -20.91 23.17 15.05
CA PRO D 764 -20.22 21.98 14.58
C PRO D 764 -20.97 20.66 14.74
N GLN D 765 -21.68 20.45 15.84
CA GLN D 765 -22.43 19.22 16.10
C GLN D 765 -23.71 19.15 15.27
N VAL D 766 -24.32 20.28 14.93
CA VAL D 766 -25.46 20.33 14.00
C VAL D 766 -25.01 20.02 12.56
N ARG D 767 -23.91 20.62 12.09
CA ARG D 767 -23.35 20.29 10.76
C ARG D 767 -22.96 18.82 10.65
N GLY D 768 -22.36 18.26 11.69
CA GLY D 768 -21.90 16.88 11.71
C GLY D 768 -23.03 15.85 11.82
N ALA D 769 -24.06 16.11 12.65
CA ALA D 769 -25.26 15.30 12.68
C ALA D 769 -25.99 15.30 11.33
N THR D 770 -25.94 16.41 10.60
CA THR D 770 -26.43 16.48 9.22
C THR D 770 -25.58 15.66 8.25
N ALA D 771 -24.26 15.65 8.40
CA ALA D 771 -23.39 14.78 7.62
C ALA D 771 -23.71 13.29 7.87
N ILE D 772 -23.90 12.90 9.13
CA ILE D 772 -24.28 11.52 9.48
C ILE D 772 -25.66 11.14 8.97
N LEU D 773 -26.61 12.08 8.92
CA LEU D 773 -27.89 11.89 8.24
C LEU D 773 -27.70 11.65 6.74
N CYS D 774 -26.86 12.39 6.03
CA CYS D 774 -26.50 12.08 4.64
C CYS D 774 -25.95 10.65 4.52
N GLY D 775 -24.98 10.29 5.37
CA GLY D 775 -24.34 8.98 5.34
C GLY D 775 -25.33 7.84 5.52
N THR D 776 -26.19 7.91 6.54
CA THR D 776 -27.18 6.88 6.80
C THR D 776 -28.29 6.84 5.75
N LEU D 777 -28.65 7.96 5.15
CA LEU D 777 -29.61 8.00 4.06
C LEU D 777 -29.08 7.30 2.81
N ILE D 778 -27.82 7.54 2.43
CA ILE D 778 -27.19 6.83 1.30
C ILE D 778 -27.20 5.31 1.56
N CYS D 779 -26.68 4.87 2.70
CA CYS D 779 -26.60 3.45 3.00
C CYS D 779 -27.99 2.77 3.02
N SER D 780 -28.99 3.40 3.62
CA SER D 780 -30.34 2.86 3.73
C SER D 780 -31.01 2.74 2.37
N ILE D 781 -30.95 3.75 1.52
CA ILE D 781 -31.55 3.67 0.19
C ILE D 781 -30.90 2.55 -0.63
N LEU D 782 -29.58 2.43 -0.62
CA LEU D 782 -28.88 1.41 -1.40
C LEU D 782 -29.18 -0.01 -0.89
N SER D 783 -29.23 -0.22 0.41
CA SER D 783 -29.55 -1.52 1.01
C SER D 783 -31.03 -1.90 0.87
N ARG D 784 -31.96 -0.99 1.16
CA ARG D 784 -33.42 -1.23 1.03
C ARG D 784 -33.82 -1.50 -0.41
N SER D 785 -33.29 -0.77 -1.37
CA SER D 785 -33.53 -0.99 -2.81
C SER D 785 -32.79 -2.18 -3.44
N ARG D 786 -31.94 -2.91 -2.68
CA ARG D 786 -31.09 -4.00 -3.21
C ARG D 786 -30.29 -3.52 -4.44
N PHE D 787 -29.77 -2.30 -4.37
CA PHE D 787 -29.07 -1.59 -5.44
C PHE D 787 -29.91 -1.34 -6.71
N HIS D 788 -31.22 -1.55 -6.70
CA HIS D 788 -32.14 -1.16 -7.79
C HIS D 788 -32.67 0.26 -7.56
N VAL D 789 -31.73 1.20 -7.47
CA VAL D 789 -31.95 2.54 -6.90
C VAL D 789 -32.91 3.37 -7.74
N GLY D 790 -32.81 3.33 -9.06
CA GLY D 790 -33.67 4.09 -9.96
C GLY D 790 -35.15 3.69 -9.89
N ASP D 791 -35.45 2.41 -9.71
CA ASP D 791 -36.82 1.92 -9.54
C ASP D 791 -37.40 2.30 -8.17
N TRP D 792 -36.61 2.15 -7.10
CA TRP D 792 -37.02 2.54 -5.74
C TRP D 792 -37.23 4.05 -5.62
N MET D 793 -36.32 4.85 -6.18
CA MET D 793 -36.44 6.31 -6.23
C MET D 793 -37.60 6.79 -7.11
N GLY D 794 -37.81 6.20 -8.29
CA GLY D 794 -38.95 6.54 -9.15
C GLY D 794 -40.30 6.20 -8.53
N THR D 795 -40.34 5.15 -7.71
CA THR D 795 -41.51 4.81 -6.90
C THR D 795 -41.74 5.86 -5.81
N ILE D 796 -40.75 6.19 -4.97
CA ILE D 796 -40.97 7.19 -3.90
C ILE D 796 -41.24 8.59 -4.44
N ARG D 797 -40.62 8.97 -5.56
CA ARG D 797 -40.93 10.19 -6.31
C ARG D 797 -42.37 10.24 -6.80
N THR D 798 -42.97 9.10 -7.16
CA THR D 798 -44.39 9.02 -7.54
C THR D 798 -45.33 9.06 -6.33
N LEU D 799 -44.92 8.46 -5.20
CA LEU D 799 -45.74 8.40 -3.98
C LEU D 799 -45.75 9.73 -3.22
N THR D 800 -44.63 10.46 -3.16
CA THR D 800 -44.50 11.72 -2.38
C THR D 800 -44.31 12.97 -3.23
N GLY D 801 -43.95 12.85 -4.51
CA GLY D 801 -43.69 13.98 -5.41
C GLY D 801 -42.28 14.58 -5.33
N ASN D 802 -41.45 14.15 -4.38
CA ASN D 802 -40.16 14.77 -4.05
C ASN D 802 -39.09 14.48 -5.11
N THR D 803 -38.42 15.52 -5.62
CA THR D 803 -37.37 15.40 -6.65
C THR D 803 -35.95 15.24 -6.09
N PHE D 804 -35.75 15.11 -4.78
CA PHE D 804 -34.45 14.91 -4.17
C PHE D 804 -33.75 13.65 -4.69
N SER D 805 -32.43 13.68 -4.89
CA SER D 805 -31.67 12.57 -5.47
C SER D 805 -30.47 12.20 -4.60
N LEU D 806 -30.12 10.92 -4.52
CA LEU D 806 -29.02 10.44 -3.65
C LEU D 806 -27.67 11.09 -3.99
N ALA D 807 -27.44 11.46 -5.25
CA ALA D 807 -26.22 12.15 -5.67
C ALA D 807 -26.05 13.54 -5.00
N ASP D 808 -27.13 14.17 -4.53
CA ASP D 808 -27.09 15.46 -3.83
C ASP D 808 -26.43 15.40 -2.44
N CYS D 809 -26.31 14.21 -1.84
CA CYS D 809 -25.66 14.01 -0.53
C CYS D 809 -24.14 14.07 -0.60
N ILE D 810 -23.54 13.59 -1.68
CA ILE D 810 -22.10 13.43 -1.77
C ILE D 810 -21.37 14.78 -1.70
N PRO D 811 -21.80 15.85 -2.38
CA PRO D 811 -21.28 17.20 -2.13
C PRO D 811 -21.31 17.64 -0.66
N LEU D 812 -22.29 17.23 0.14
CA LEU D 812 -22.40 17.60 1.56
C LEU D 812 -21.40 16.85 2.45
N LEU D 813 -21.16 15.58 2.15
CA LEU D 813 -20.08 14.82 2.77
C LEU D 813 -18.71 15.39 2.40
N ARG D 814 -18.48 15.68 1.10
CA ARG D 814 -17.22 16.27 0.63
C ARG D 814 -16.98 17.62 1.31
N LYS D 815 -18.00 18.48 1.41
CA LYS D 815 -17.95 19.78 2.09
C LYS D 815 -17.56 19.63 3.55
N THR D 816 -18.25 18.78 4.31
CA THR D 816 -18.01 18.62 5.75
C THR D 816 -16.73 17.85 6.11
N LEU D 817 -16.11 17.09 5.21
CA LEU D 817 -14.75 16.57 5.44
C LEU D 817 -13.71 17.69 5.54
N LYS D 818 -13.91 18.78 4.79
CA LYS D 818 -13.08 20.00 4.77
C LYS D 818 -13.51 21.06 5.79
N ASP D 819 -14.35 20.72 6.76
CA ASP D 819 -14.82 21.67 7.77
C ASP D 819 -13.66 22.19 8.65
N GLU D 820 -13.75 23.43 9.12
CA GLU D 820 -12.75 23.98 10.04
C GLU D 820 -12.76 23.32 11.42
N SER D 821 -13.86 22.69 11.83
CA SER D 821 -13.99 22.04 13.13
C SER D 821 -13.70 20.55 13.08
N SER D 822 -12.79 20.11 13.95
CA SER D 822 -12.39 18.72 14.14
C SER D 822 -13.56 17.82 14.57
N VAL D 823 -14.52 18.36 15.34
CA VAL D 823 -15.77 17.68 15.69
C VAL D 823 -16.59 17.36 14.45
N THR D 824 -16.83 18.34 13.58
CA THR D 824 -17.56 18.11 12.34
C THR D 824 -16.80 17.17 11.41
N CYS D 825 -15.48 17.27 11.33
CA CYS D 825 -14.64 16.40 10.51
C CYS D 825 -14.74 14.91 10.94
N LYS D 826 -14.68 14.64 12.24
CA LYS D 826 -14.90 13.31 12.84
C LYS D 826 -16.26 12.73 12.46
N LEU D 827 -17.30 13.55 12.47
CA LEU D 827 -18.66 13.12 12.13
C LEU D 827 -18.81 12.90 10.62
N ALA D 828 -18.15 13.70 9.78
CA ALA D 828 -18.17 13.50 8.34
C ALA D 828 -17.47 12.23 7.88
N CYS D 829 -16.29 11.90 8.39
CA CYS D 829 -15.66 10.63 8.04
C CYS D 829 -16.41 9.44 8.66
N THR D 830 -17.08 9.60 9.80
CA THR D 830 -18.04 8.60 10.31
C THR D 830 -19.19 8.38 9.34
N ALA D 831 -19.70 9.44 8.70
CA ALA D 831 -20.70 9.32 7.66
C ALA D 831 -20.19 8.59 6.41
N VAL D 832 -18.92 8.80 6.03
CA VAL D 832 -18.28 8.06 4.94
C VAL D 832 -18.10 6.58 5.31
N ARG D 833 -17.62 6.26 6.51
CA ARG D 833 -17.51 4.87 7.01
C ARG D 833 -18.83 4.11 6.91
N ASN D 834 -19.95 4.78 7.17
CA ASN D 834 -21.27 4.17 7.10
C ASN D 834 -21.78 3.90 5.67
N CYS D 835 -21.28 4.56 4.63
CA CYS D 835 -21.83 4.44 3.27
C CYS D 835 -20.82 4.11 2.15
N VAL D 836 -19.51 4.19 2.36
CA VAL D 836 -18.50 4.06 1.29
C VAL D 836 -18.55 2.74 0.54
N MET D 837 -18.65 1.59 1.23
CA MET D 837 -18.75 0.28 0.59
C MET D 837 -20.05 0.05 -0.17
N SER D 838 -21.17 0.54 0.35
CA SER D 838 -22.44 0.52 -0.37
C SER D 838 -22.35 1.36 -1.64
N LEU D 839 -21.74 2.55 -1.61
CA LEU D 839 -21.54 3.35 -2.81
C LEU D 839 -20.70 2.60 -3.84
N CYS D 840 -19.56 2.03 -3.44
CA CYS D 840 -18.67 1.28 -4.32
C CYS D 840 -19.38 0.09 -5.00
N SER D 841 -20.29 -0.57 -4.29
CA SER D 841 -21.07 -1.70 -4.79
C SER D 841 -22.26 -1.33 -5.68
N SER D 842 -22.64 -0.05 -5.72
CA SER D 842 -23.83 0.47 -6.41
C SER D 842 -23.56 0.95 -7.83
N SER D 843 -24.55 1.57 -8.46
CA SER D 843 -24.39 2.35 -9.71
C SER D 843 -23.64 3.69 -9.52
N TYR D 844 -23.35 4.11 -8.29
CA TYR D 844 -22.62 5.33 -7.93
C TYR D 844 -21.18 5.06 -7.48
N SER D 845 -20.54 3.98 -7.92
CA SER D 845 -19.19 3.59 -7.51
C SER D 845 -18.13 4.67 -7.70
N GLU D 846 -18.27 5.50 -8.72
CA GLU D 846 -17.40 6.64 -8.99
C GLU D 846 -17.43 7.68 -7.86
N LEU D 847 -18.57 7.86 -7.19
CA LEU D 847 -18.68 8.71 -6.01
C LEU D 847 -18.05 8.03 -4.80
N GLY D 848 -18.16 6.70 -4.71
CA GLY D 848 -17.41 5.91 -3.74
C GLY D 848 -15.88 6.12 -3.86
N LEU D 849 -15.32 6.05 -5.07
CA LEU D 849 -13.92 6.39 -5.31
C LEU D 849 -13.59 7.82 -4.86
N GLN D 850 -14.42 8.79 -5.22
CA GLN D 850 -14.24 10.20 -4.84
C GLN D 850 -14.21 10.41 -3.33
N LEU D 851 -15.09 9.76 -2.56
CA LEU D 851 -15.05 9.83 -1.12
C LEU D 851 -13.78 9.16 -0.54
N ILE D 852 -13.31 8.04 -1.09
CA ILE D 852 -12.04 7.43 -0.65
C ILE D 852 -10.86 8.39 -0.87
N ILE D 853 -10.80 9.05 -2.01
CA ILE D 853 -9.74 10.03 -2.34
C ILE D 853 -9.78 11.20 -1.36
N ASP D 854 -10.96 11.78 -1.11
CA ASP D 854 -11.11 12.98 -0.29
C ASP D 854 -10.90 12.74 1.21
N VAL D 855 -11.05 11.52 1.73
CA VAL D 855 -10.69 11.25 3.14
C VAL D 855 -9.18 11.13 3.37
N LEU D 856 -8.35 10.83 2.36
CA LEU D 856 -6.91 10.60 2.60
C LEU D 856 -6.15 11.79 3.20
N THR D 857 -6.66 13.02 3.03
CA THR D 857 -6.07 14.23 3.64
C THR D 857 -6.20 14.27 5.17
N LEU D 858 -7.16 13.54 5.77
CA LEU D 858 -7.40 13.52 7.21
C LEU D 858 -6.25 12.91 8.01
N ARG D 859 -5.32 12.19 7.37
CA ARG D 859 -4.12 11.66 8.02
C ARG D 859 -3.21 12.75 8.62
N ASN D 860 -3.29 13.97 8.09
CA ASN D 860 -2.54 15.14 8.55
C ASN D 860 -3.21 15.90 9.72
N SER D 861 -4.40 15.50 10.16
CA SER D 861 -5.18 16.22 11.18
C SER D 861 -4.47 16.26 12.54
N SER D 862 -4.58 17.38 13.25
CA SER D 862 -4.08 17.50 14.62
C SER D 862 -4.92 16.74 15.64
N TYR D 863 -6.22 16.51 15.37
CA TYR D 863 -7.11 15.77 16.27
C TYR D 863 -6.94 14.26 16.10
N TRP D 864 -6.51 13.57 17.15
CA TRP D 864 -6.23 12.15 17.09
C TRP D 864 -7.48 11.31 16.73
N LEU D 865 -8.67 11.74 17.15
CA LEU D 865 -9.91 11.03 16.86
C LEU D 865 -10.31 11.06 15.39
N VAL D 866 -9.91 12.09 14.63
CA VAL D 866 -10.05 12.10 13.16
C VAL D 866 -9.12 11.06 12.52
N ARG D 867 -7.89 10.93 13.00
CA ARG D 867 -6.94 9.90 12.56
C ARG D 867 -7.46 8.49 12.85
N THR D 868 -7.95 8.20 14.06
CA THR D 868 -8.48 6.86 14.34
C THR D 868 -9.75 6.56 13.55
N GLU D 869 -10.62 7.54 13.33
CA GLU D 869 -11.80 7.35 12.47
C GLU D 869 -11.43 7.16 11.00
N LEU D 870 -10.42 7.85 10.48
CA LEU D 870 -9.89 7.58 9.16
C LEU D 870 -9.38 6.14 9.04
N LEU D 871 -8.61 5.67 10.02
CA LEU D 871 -8.09 4.31 9.99
C LEU D 871 -9.21 3.27 10.01
N GLU D 872 -10.19 3.44 10.90
CA GLU D 872 -11.35 2.59 10.93
C GLU D 872 -12.21 2.70 9.65
N THR D 873 -12.28 3.86 8.98
CA THR D 873 -12.93 4.00 7.68
C THR D 873 -12.23 3.19 6.61
N LEU D 874 -10.92 3.33 6.48
CA LEU D 874 -10.13 2.62 5.48
C LEU D 874 -10.10 1.11 5.72
N ALA D 875 -10.17 0.65 6.96
CA ALA D 875 -10.23 -0.76 7.31
C ALA D 875 -11.48 -1.49 6.79
N GLU D 876 -12.57 -0.78 6.50
CA GLU D 876 -13.79 -1.37 5.92
C GLU D 876 -13.69 -1.62 4.41
N ILE D 877 -12.81 -0.94 3.69
CA ILE D 877 -12.79 -0.90 2.23
C ILE D 877 -12.28 -2.22 1.63
N ASP D 878 -13.07 -2.84 0.76
CA ASP D 878 -12.64 -3.97 -0.06
C ASP D 878 -11.76 -3.52 -1.23
N PHE D 879 -10.44 -3.63 -1.09
CA PHE D 879 -9.52 -3.17 -2.13
C PHE D 879 -9.56 -4.02 -3.40
N ARG D 880 -10.12 -5.24 -3.38
CA ARG D 880 -10.47 -6.00 -4.58
C ARG D 880 -11.52 -5.26 -5.41
N LEU D 881 -12.64 -4.83 -4.81
CA LEU D 881 -13.63 -3.99 -5.47
C LEU D 881 -13.03 -2.64 -5.91
N VAL D 882 -12.23 -1.97 -5.08
CA VAL D 882 -11.57 -0.72 -5.48
C VAL D 882 -10.65 -0.94 -6.68
N SER D 883 -9.91 -2.03 -6.72
CA SER D 883 -9.07 -2.39 -7.88
C SER D 883 -9.88 -2.61 -9.14
N PHE D 884 -11.05 -3.25 -9.05
CA PHE D 884 -11.99 -3.32 -10.16
C PHE D 884 -12.46 -1.93 -10.60
N LEU D 885 -12.85 -1.07 -9.66
CA LEU D 885 -13.34 0.28 -9.98
C LEU D 885 -12.25 1.16 -10.60
N GLU D 886 -11.03 1.10 -10.07
CA GLU D 886 -9.87 1.81 -10.60
C GLU D 886 -9.53 1.39 -12.02
N ALA D 887 -9.54 0.09 -12.32
CA ALA D 887 -9.29 -0.43 -13.66
C ALA D 887 -10.35 0.06 -14.66
N LYS D 888 -11.61 0.21 -14.22
CA LYS D 888 -12.70 0.71 -15.06
C LYS D 888 -12.63 2.22 -15.30
N ALA D 889 -12.25 3.00 -14.30
CA ALA D 889 -12.23 4.46 -14.37
C ALA D 889 -11.24 4.98 -15.42
N GLU D 890 -11.69 5.85 -16.32
CA GLU D 890 -10.85 6.56 -17.29
C GLU D 890 -10.27 7.85 -16.70
N ASN D 891 -11.08 8.62 -15.96
CA ASN D 891 -10.79 10.02 -15.62
C ASN D 891 -10.83 10.35 -14.11
N LEU D 892 -11.19 9.44 -13.21
CA LEU D 892 -10.94 9.65 -11.76
C LEU D 892 -9.44 9.80 -11.50
N HIS D 893 -8.60 9.15 -12.30
CA HIS D 893 -7.14 9.26 -12.26
C HIS D 893 -6.62 10.68 -12.56
N ARG D 894 -7.37 11.50 -13.32
CA ARG D 894 -6.98 12.88 -13.67
C ARG D 894 -7.21 13.87 -12.53
N GLY D 895 -8.11 13.57 -11.61
CA GLY D 895 -8.48 14.46 -10.51
C GLY D 895 -9.01 15.81 -10.98
N ALA D 896 -8.86 16.84 -10.15
CA ALA D 896 -9.22 18.22 -10.49
C ALA D 896 -8.24 18.89 -11.48
N HIS D 897 -7.01 18.39 -11.61
CA HIS D 897 -5.88 19.12 -12.22
C HIS D 897 -5.14 18.39 -13.35
N HIS D 898 -5.78 17.46 -14.04
CA HIS D 898 -5.21 16.68 -15.14
C HIS D 898 -3.92 15.92 -14.79
N TYR D 899 -3.90 15.23 -13.66
CA TYR D 899 -2.80 14.34 -13.31
C TYR D 899 -2.57 13.27 -14.40
N THR D 900 -1.31 12.88 -14.57
CA THR D 900 -0.85 12.00 -15.65
C THR D 900 -0.59 10.53 -15.23
N GLY D 901 -0.63 10.19 -13.94
CA GLY D 901 -0.47 8.82 -13.43
C GLY D 901 -1.78 8.06 -13.17
N LEU D 902 -1.73 6.98 -12.36
CA LEU D 902 -2.80 5.98 -12.20
C LEU D 902 -3.40 5.84 -10.78
N LEU D 903 -3.50 6.92 -10.02
CA LEU D 903 -4.27 7.06 -8.76
C LEU D 903 -3.81 6.24 -7.55
N LYS D 904 -3.57 4.94 -7.72
CA LYS D 904 -2.91 3.99 -6.83
C LYS D 904 -3.43 4.00 -5.40
N LEU D 905 -4.75 3.88 -5.24
CA LEU D 905 -5.41 4.01 -3.93
C LEU D 905 -4.90 3.00 -2.91
N GLN D 906 -4.70 1.74 -3.28
CA GLN D 906 -4.27 0.72 -2.31
C GLN D 906 -2.86 1.00 -1.77
N GLU D 907 -1.93 1.40 -2.63
CA GLU D 907 -0.57 1.72 -2.22
C GLU D 907 -0.53 2.89 -1.23
N ARG D 908 -1.34 3.92 -1.47
CA ARG D 908 -1.44 5.12 -0.64
C ARG D 908 -2.13 4.83 0.69
N VAL D 909 -3.21 4.05 0.68
CA VAL D 909 -3.84 3.61 1.92
C VAL D 909 -2.91 2.75 2.74
N LEU D 910 -2.22 1.77 2.16
CA LEU D 910 -1.35 0.88 2.91
C LEU D 910 -0.10 1.59 3.45
N ASN D 911 0.62 2.34 2.61
CA ASN D 911 1.88 2.99 2.97
C ASN D 911 1.68 4.38 3.57
N ASN D 912 1.01 5.29 2.86
CA ASN D 912 0.90 6.69 3.24
C ASN D 912 -0.09 6.96 4.38
N VAL D 913 -1.02 6.04 4.68
CA VAL D 913 -1.92 6.13 5.85
C VAL D 913 -1.59 5.05 6.87
N VAL D 914 -1.90 3.79 6.59
CA VAL D 914 -1.97 2.76 7.64
C VAL D 914 -0.60 2.50 8.25
N ILE D 915 0.42 2.26 7.42
CA ILE D 915 1.79 2.04 7.92
C ILE D 915 2.41 3.36 8.37
N HIS D 916 2.12 4.48 7.71
CA HIS D 916 2.55 5.81 8.19
C HIS D 916 2.08 6.14 9.61
N LEU D 917 0.85 5.79 9.98
CA LEU D 917 0.30 6.04 11.32
C LEU D 917 0.75 5.02 12.37
N LEU D 918 1.58 4.03 12.01
CA LEU D 918 2.36 3.27 12.99
C LEU D 918 3.47 4.12 13.61
N GLY D 919 3.89 5.19 12.95
CA GLY D 919 4.82 6.18 13.49
C GLY D 919 4.17 7.33 14.26
N ASP D 920 2.86 7.31 14.46
CA ASP D 920 2.14 8.39 15.15
C ASP D 920 2.59 8.50 16.61
N GLU D 921 2.79 9.73 17.09
CA GLU D 921 3.20 10.02 18.46
C GLU D 921 2.21 9.50 19.52
N ASP D 922 0.91 9.43 19.21
CA ASP D 922 -0.10 8.92 20.14
C ASP D 922 -0.21 7.38 20.08
N PRO D 923 0.07 6.65 21.18
CA PRO D 923 -0.06 5.19 21.20
C PRO D 923 -1.46 4.68 20.85
N ARG D 924 -2.52 5.46 21.09
CA ARG D 924 -3.90 5.11 20.73
C ARG D 924 -4.08 5.05 19.23
N VAL D 925 -3.42 5.94 18.49
CA VAL D 925 -3.47 5.95 17.04
C VAL D 925 -2.65 4.82 16.44
N ARG D 926 -1.47 4.50 17.01
CA ARG D 926 -0.67 3.35 16.58
C ARG D 926 -1.44 2.03 16.74
N HIS D 927 -2.09 1.84 17.88
CA HIS D 927 -2.90 0.67 18.18
C HIS D 927 -4.00 0.45 17.15
N VAL D 928 -4.70 1.52 16.76
CA VAL D 928 -5.75 1.46 15.75
C VAL D 928 -5.17 1.24 14.35
N ALA D 929 -4.00 1.77 14.03
CA ALA D 929 -3.32 1.49 12.77
C ALA D 929 -2.87 0.02 12.68
N ALA D 930 -2.37 -0.57 13.76
CA ALA D 930 -2.01 -1.99 13.83
C ALA D 930 -3.25 -2.90 13.68
N ALA D 931 -4.35 -2.58 14.36
CA ALA D 931 -5.60 -3.32 14.23
C ALA D 931 -6.20 -3.21 12.82
N SER D 932 -6.15 -2.02 12.21
CA SER D 932 -6.66 -1.76 10.87
C SER D 932 -5.87 -2.51 9.81
N LEU D 933 -4.55 -2.65 9.97
CA LEU D 933 -3.69 -3.38 9.06
C LEU D 933 -4.08 -4.86 8.94
N ILE D 934 -4.37 -5.52 10.06
CA ILE D 934 -4.80 -6.92 10.08
C ILE D 934 -6.09 -7.11 9.31
N ARG D 935 -7.06 -6.21 9.48
CA ARG D 935 -8.32 -6.27 8.73
C ARG D 935 -8.11 -6.09 7.23
N LEU D 936 -7.09 -5.37 6.79
CA LEU D 936 -6.80 -5.14 5.39
C LEU D 936 -6.16 -6.33 4.67
N VAL D 937 -5.33 -7.16 5.29
CA VAL D 937 -4.60 -8.25 4.58
C VAL D 937 -5.48 -9.14 3.68
N PRO D 938 -6.66 -9.64 4.11
CA PRO D 938 -7.57 -10.40 3.24
C PRO D 938 -8.10 -9.63 2.02
N LYS D 939 -8.20 -8.29 2.12
CA LYS D 939 -8.90 -7.43 1.16
C LYS D 939 -8.01 -6.88 0.05
N LEU D 940 -6.68 -6.97 0.18
CA LEU D 940 -5.72 -6.43 -0.79
C LEU D 940 -5.73 -7.21 -2.10
N PHE D 941 -5.52 -6.52 -3.23
CA PHE D 941 -5.34 -7.11 -4.54
C PHE D 941 -4.01 -6.67 -5.16
N TYR D 942 -3.33 -7.61 -5.82
CA TYR D 942 -2.11 -7.37 -6.58
C TYR D 942 -2.18 -8.13 -7.89
N LYS D 943 -1.69 -7.52 -8.98
CA LYS D 943 -1.57 -8.19 -10.28
C LYS D 943 -0.63 -9.40 -10.24
N CYS D 944 -0.82 -10.31 -11.20
CA CYS D 944 -0.06 -11.56 -11.37
C CYS D 944 -0.20 -12.57 -10.23
N ASP D 945 -1.19 -12.43 -9.35
CA ASP D 945 -1.48 -13.42 -8.33
C ASP D 945 -2.11 -14.67 -8.95
N GLN D 946 -1.47 -15.82 -8.76
CA GLN D 946 -1.90 -17.08 -9.37
C GLN D 946 -3.29 -17.54 -8.92
N GLY D 947 -3.77 -17.14 -7.74
CA GLY D 947 -5.12 -17.43 -7.28
C GLY D 947 -6.21 -16.57 -7.93
N GLN D 948 -5.87 -15.39 -8.46
CA GLN D 948 -6.82 -14.42 -9.00
C GLN D 948 -6.12 -13.40 -9.92
N ALA D 949 -6.14 -13.63 -11.23
CA ALA D 949 -5.41 -12.80 -12.19
C ALA D 949 -6.05 -11.43 -12.47
N ASP D 950 -7.32 -11.26 -12.09
CA ASP D 950 -8.20 -10.15 -12.43
C ASP D 950 -9.05 -9.80 -11.18
N PRO D 951 -9.37 -8.53 -10.89
CA PRO D 951 -10.13 -8.22 -9.68
C PRO D 951 -11.58 -8.72 -9.72
N VAL D 952 -12.20 -8.94 -10.89
CA VAL D 952 -13.54 -9.58 -10.98
C VAL D 952 -13.50 -11.05 -10.52
N VAL D 953 -12.40 -11.76 -10.78
CA VAL D 953 -12.16 -13.09 -10.19
C VAL D 953 -11.93 -12.98 -8.68
N ALA D 954 -11.20 -11.96 -8.21
CA ALA D 954 -10.97 -11.77 -6.79
C ALA D 954 -12.27 -11.53 -5.99
N VAL D 955 -13.21 -10.74 -6.52
CA VAL D 955 -14.53 -10.51 -5.91
C VAL D 955 -15.41 -11.76 -6.02
N ALA D 956 -15.43 -12.44 -7.18
CA ALA D 956 -16.19 -13.68 -7.34
C ALA D 956 -15.81 -14.79 -6.35
N ARG D 957 -14.54 -14.90 -5.94
CA ARG D 957 -14.10 -15.78 -4.83
C ARG D 957 -14.77 -15.42 -3.51
N ASP D 958 -14.84 -14.15 -3.18
CA ASP D 958 -15.44 -13.67 -1.92
C ASP D 958 -16.94 -13.95 -1.88
N GLN D 959 -17.64 -13.71 -3.00
CA GLN D 959 -19.06 -14.02 -3.12
C GLN D 959 -19.34 -15.52 -3.00
N SER D 960 -18.57 -16.35 -3.71
CA SER D 960 -18.78 -17.81 -3.78
C SER D 960 -18.43 -18.55 -2.49
N SER D 961 -17.35 -18.17 -1.81
CA SER D 961 -16.78 -18.94 -0.69
C SER D 961 -17.63 -18.95 0.60
N VAL D 962 -18.68 -18.13 0.70
CA VAL D 962 -19.67 -18.18 1.77
C VAL D 962 -20.87 -19.05 1.39
N TYR D 963 -21.51 -18.82 0.24
CA TYR D 963 -22.77 -19.47 -0.12
C TYR D 963 -22.63 -20.82 -0.81
N LEU D 964 -21.56 -21.03 -1.61
CA LEU D 964 -21.28 -22.30 -2.29
C LEU D 964 -20.32 -23.19 -1.49
N LYS D 965 -20.17 -22.89 -0.19
CA LYS D 965 -19.47 -23.73 0.78
C LYS D 965 -20.19 -25.07 0.90
N LEU D 966 -19.47 -26.17 0.79
CA LEU D 966 -20.01 -27.52 0.92
C LEU D 966 -20.42 -27.84 2.38
N LEU D 967 -21.45 -28.65 2.57
CA LEU D 967 -21.82 -29.22 3.87
C LEU D 967 -20.80 -30.31 4.23
N MET D 968 -19.96 -30.05 5.23
CA MET D 968 -18.80 -30.86 5.56
C MET D 968 -18.64 -31.03 7.07
N HIS D 969 -18.07 -32.17 7.46
CA HIS D 969 -17.61 -32.47 8.80
C HIS D 969 -16.50 -33.54 8.73
N GLU D 970 -15.69 -33.68 9.79
CA GLU D 970 -14.44 -34.44 9.81
C GLU D 970 -13.41 -33.95 8.77
N THR D 983 -0.45 -34.49 25.73
CA THR D 983 0.64 -34.36 24.75
C THR D 983 0.41 -33.21 23.76
N ARG D 984 -0.56 -32.33 24.01
CA ARG D 984 -0.93 -31.20 23.14
C ARG D 984 0.17 -30.14 23.08
N ILE D 985 0.60 -29.77 21.87
CA ILE D 985 1.63 -28.75 21.62
C ILE D 985 1.11 -27.33 21.90
N TYR D 986 2.00 -26.48 22.39
CA TYR D 986 1.72 -25.09 22.75
C TYR D 986 1.33 -24.17 21.58
N ARG D 987 0.83 -22.98 21.91
CA ARG D 987 0.19 -21.95 21.10
C ARG D 987 0.73 -21.72 19.68
N GLY D 988 2.05 -21.76 19.51
CA GLY D 988 2.70 -21.33 18.27
C GLY D 988 3.29 -22.42 17.40
N TYR D 989 2.96 -23.69 17.62
CA TYR D 989 3.48 -24.82 16.84
C TYR D 989 2.43 -25.43 15.91
N ASN D 990 2.89 -26.08 14.83
CA ASN D 990 2.06 -26.67 13.78
C ASN D 990 2.84 -27.79 13.08
N LEU D 991 2.81 -29.01 13.60
CA LEU D 991 3.53 -30.15 12.99
C LEU D 991 2.96 -30.55 11.61
N LEU D 992 1.65 -30.70 11.47
CA LEU D 992 1.01 -31.15 10.24
C LEU D 992 1.02 -30.06 9.13
N PRO D 993 1.11 -30.44 7.84
CA PRO D 993 0.92 -29.49 6.73
C PRO D 993 -0.46 -28.82 6.73
N SER D 994 -0.63 -27.75 5.95
CA SER D 994 -1.91 -27.05 5.80
C SER D 994 -2.14 -26.57 4.36
N ILE D 995 -3.41 -26.43 3.98
CA ILE D 995 -3.88 -26.00 2.65
C ILE D 995 -3.97 -24.47 2.53
N THR D 996 -2.90 -23.74 2.85
CA THR D 996 -2.90 -22.27 2.81
C THR D 996 -3.21 -21.71 1.42
N ASP D 997 -4.02 -20.66 1.38
CA ASP D 997 -4.33 -19.89 0.18
C ASP D 997 -3.09 -19.09 -0.26
N VAL D 998 -2.58 -19.38 -1.45
CA VAL D 998 -1.41 -18.68 -2.01
C VAL D 998 -1.62 -17.17 -2.12
N THR D 999 -2.83 -16.72 -2.42
CA THR D 999 -3.16 -15.29 -2.50
C THR D 999 -3.00 -14.61 -1.15
N MET D 1000 -3.45 -15.24 -0.08
CA MET D 1000 -3.31 -14.73 1.28
C MET D 1000 -1.83 -14.75 1.72
N GLU D 1001 -1.05 -15.79 1.40
CA GLU D 1001 0.40 -15.79 1.66
C GLU D 1001 1.11 -14.63 0.93
N ASN D 1002 0.74 -14.35 -0.32
CA ASN D 1002 1.31 -13.24 -1.08
C ASN D 1002 0.97 -11.88 -0.44
N ASN D 1003 -0.29 -11.65 -0.05
CA ASN D 1003 -0.69 -10.41 0.61
C ASN D 1003 0.10 -10.21 1.91
N LEU D 1004 0.21 -11.27 2.70
CA LEU D 1004 0.89 -11.25 3.99
C LEU D 1004 2.39 -10.99 3.82
N SER D 1005 3.03 -11.61 2.83
CA SER D 1005 4.42 -11.35 2.47
C SER D 1005 4.68 -9.88 2.13
N ARG D 1006 3.85 -9.29 1.27
CA ARG D 1006 3.95 -7.89 0.87
C ARG D 1006 3.72 -6.91 2.02
N VAL D 1007 2.83 -7.22 2.95
CA VAL D 1007 2.59 -6.43 4.15
C VAL D 1007 3.75 -6.54 5.13
N ILE D 1008 4.20 -7.75 5.46
CA ILE D 1008 5.32 -7.99 6.38
C ILE D 1008 6.61 -7.35 5.88
N ALA D 1009 6.87 -7.38 4.57
CA ALA D 1009 7.99 -6.69 3.95
C ALA D 1009 7.93 -5.17 4.13
N ALA D 1010 6.79 -4.53 3.87
CA ALA D 1010 6.63 -3.10 4.10
C ALA D 1010 6.85 -2.70 5.57
N VAL D 1011 6.28 -3.43 6.52
CA VAL D 1011 6.43 -3.13 7.95
C VAL D 1011 7.85 -3.41 8.44
N SER D 1012 8.51 -4.47 7.96
CA SER D 1012 9.92 -4.73 8.26
C SER D 1012 10.87 -3.69 7.68
N HIS D 1013 10.62 -3.16 6.49
CA HIS D 1013 11.43 -2.08 5.92
C HIS D 1013 11.37 -0.81 6.79
N GLU D 1014 10.18 -0.40 7.20
CA GLU D 1014 10.01 0.74 8.12
C GLU D 1014 10.66 0.48 9.48
N LEU D 1015 10.62 -0.75 10.00
CA LEU D 1015 11.28 -1.11 11.25
C LEU D 1015 12.82 -1.00 11.16
N ILE D 1016 13.43 -1.48 10.08
CA ILE D 1016 14.89 -1.37 9.84
C ILE D 1016 15.31 0.09 9.65
N THR D 1017 14.59 0.83 8.79
CA THR D 1017 14.91 2.22 8.45
C THR D 1017 14.36 3.27 9.43
N SER D 1018 13.80 2.87 10.57
CA SER D 1018 13.18 3.77 11.55
C SER D 1018 14.19 4.70 12.23
N THR D 1019 13.97 6.00 12.11
CA THR D 1019 14.76 7.06 12.74
C THR D 1019 14.23 7.50 14.10
N THR D 1020 13.06 7.03 14.51
CA THR D 1020 12.25 7.62 15.60
C THR D 1020 11.66 6.53 16.50
N ARG D 1021 11.57 6.77 17.81
CA ARG D 1021 11.19 5.72 18.78
C ARG D 1021 9.76 5.23 18.55
N ALA D 1022 8.86 6.13 18.17
CA ALA D 1022 7.45 5.84 17.94
C ALA D 1022 7.19 4.84 16.80
N LEU D 1023 7.86 4.97 15.65
CA LEU D 1023 7.71 4.06 14.51
C LEU D 1023 8.27 2.67 14.79
N THR D 1024 9.37 2.56 15.55
CA THR D 1024 9.90 1.27 16.00
C THR D 1024 8.88 0.53 16.87
N PHE D 1025 8.29 1.21 17.84
CA PHE D 1025 7.24 0.63 18.68
C PHE D 1025 6.01 0.22 17.87
N GLY D 1026 5.51 1.09 16.99
CA GLY D 1026 4.34 0.76 16.18
C GLY D 1026 4.56 -0.40 15.20
N CYS D 1027 5.73 -0.52 14.58
CA CYS D 1027 6.01 -1.66 13.72
C CYS D 1027 6.14 -2.97 14.52
N CYS D 1028 6.65 -2.95 15.75
CA CYS D 1028 6.66 -4.15 16.60
C CYS D 1028 5.26 -4.56 17.05
N GLU D 1029 4.39 -3.60 17.36
CA GLU D 1029 2.99 -3.86 17.64
C GLU D 1029 2.25 -4.44 16.42
N ALA D 1030 2.39 -3.82 15.25
CA ALA D 1030 1.83 -4.34 14.01
C ALA D 1030 2.32 -5.76 13.68
N LEU D 1031 3.61 -6.04 13.77
CA LEU D 1031 4.14 -7.38 13.51
C LEU D 1031 3.66 -8.40 14.55
N CYS D 1032 3.64 -8.03 15.84
CA CYS D 1032 3.18 -8.92 16.90
C CYS D 1032 1.71 -9.33 16.72
N LEU D 1033 0.83 -8.38 16.43
CA LEU D 1033 -0.57 -8.66 16.20
C LEU D 1033 -0.79 -9.43 14.88
N LEU D 1034 -0.07 -9.11 13.79
CA LEU D 1034 -0.07 -9.95 12.58
C LEU D 1034 0.36 -11.39 12.90
N SER D 1035 1.36 -11.61 13.76
CA SER D 1035 1.80 -12.95 14.15
C SER D 1035 0.76 -13.71 14.95
N THR D 1036 -0.26 -13.03 15.47
CA THR D 1036 -1.41 -13.62 16.15
C THR D 1036 -2.55 -13.89 15.16
N ALA D 1037 -2.86 -12.95 14.27
CA ALA D 1037 -3.94 -13.06 13.30
C ALA D 1037 -3.62 -14.01 12.13
N PHE D 1038 -2.34 -14.12 11.78
CA PHE D 1038 -1.79 -14.96 10.72
C PHE D 1038 -0.55 -15.69 11.23
N PRO D 1039 -0.71 -16.76 12.03
CA PRO D 1039 0.38 -17.38 12.76
C PRO D 1039 1.53 -17.83 11.86
N VAL D 1040 2.75 -17.61 12.33
CA VAL D 1040 3.97 -17.85 11.55
C VAL D 1040 4.11 -19.32 11.14
N CYS D 1041 3.65 -20.24 11.99
CA CYS D 1041 3.71 -21.68 11.75
C CYS D 1041 2.64 -22.22 10.77
N ILE D 1042 1.59 -21.46 10.45
CA ILE D 1042 0.67 -21.75 9.36
C ILE D 1042 1.10 -21.02 8.09
N TRP D 1043 1.31 -19.71 8.17
CA TRP D 1043 1.63 -18.82 7.04
C TRP D 1043 3.14 -18.65 6.83
N SER D 1044 3.90 -19.74 6.96
CA SER D 1044 5.35 -19.70 6.91
C SER D 1044 5.96 -19.15 5.61
N LEU D 1045 5.30 -19.25 4.45
CA LEU D 1045 5.78 -18.63 3.22
C LEU D 1045 5.51 -17.12 3.21
N GLY D 1046 4.33 -16.69 3.68
CA GLY D 1046 4.04 -15.28 3.91
C GLY D 1046 5.07 -14.61 4.82
N TRP D 1047 5.49 -15.29 5.87
CA TRP D 1047 6.53 -14.83 6.79
C TRP D 1047 7.98 -15.07 6.33
N HIS D 1048 8.26 -15.72 5.20
CA HIS D 1048 9.62 -16.08 4.81
C HIS D 1048 10.47 -14.90 4.34
N CYS D 1049 11.69 -14.77 4.88
CA CYS D 1049 12.68 -13.77 4.49
C CYS D 1049 13.84 -14.33 3.65
N GLY D 1050 13.85 -15.63 3.34
CA GLY D 1050 14.95 -16.31 2.66
C GLY D 1050 16.03 -16.91 3.56
N VAL D 1051 15.82 -16.91 4.88
CA VAL D 1051 16.88 -17.10 5.89
C VAL D 1051 17.29 -18.58 6.08
N PRO D 1052 16.44 -19.49 6.59
CA PRO D 1052 16.70 -20.93 6.45
C PRO D 1052 16.87 -21.35 4.97
N PRO D 1053 17.96 -22.05 4.60
CA PRO D 1053 18.18 -22.59 3.25
C PRO D 1053 17.06 -23.50 2.73
N CYS D 1064 9.64 -24.43 9.37
CA CYS D 1064 9.53 -24.02 7.97
C CYS D 1064 10.08 -22.60 7.70
N THR D 1065 10.10 -21.71 8.70
CA THR D 1065 10.59 -20.33 8.57
C THR D 1065 11.08 -19.76 9.91
N VAL D 1066 11.80 -18.63 9.86
CA VAL D 1066 12.17 -17.82 11.05
C VAL D 1066 11.92 -16.31 10.86
N GLY D 1067 11.41 -15.87 9.69
CA GLY D 1067 11.13 -14.46 9.39
C GLY D 1067 12.29 -13.49 9.75
N MET D 1068 11.97 -12.41 10.44
CA MET D 1068 12.92 -11.37 10.84
C MET D 1068 13.46 -11.52 12.28
N ALA D 1069 13.50 -12.72 12.85
CA ALA D 1069 13.78 -12.93 14.29
C ALA D 1069 15.03 -12.21 14.85
N THR D 1070 16.15 -12.22 14.14
CA THR D 1070 17.39 -11.53 14.55
C THR D 1070 17.23 -10.01 14.63
N MET D 1071 16.40 -9.42 13.80
CA MET D 1071 16.03 -8.01 13.86
C MET D 1071 15.22 -7.69 15.12
N ILE D 1072 14.26 -8.55 15.48
CA ILE D 1072 13.47 -8.41 16.71
C ILE D 1072 14.36 -8.61 17.96
N LEU D 1073 15.28 -9.57 17.93
CA LEU D 1073 16.23 -9.84 19.03
C LEU D 1073 17.28 -8.72 19.20
N THR D 1074 17.64 -8.03 18.13
CA THR D 1074 18.50 -6.84 18.18
C THR D 1074 17.84 -5.70 18.96
N LEU D 1075 16.53 -5.49 18.83
CA LEU D 1075 15.79 -4.52 19.64
C LEU D 1075 15.73 -4.92 21.11
N LEU D 1076 15.49 -6.19 21.40
CA LEU D 1076 15.53 -6.71 22.77
C LEU D 1076 16.92 -6.56 23.41
N SER D 1077 17.97 -6.43 22.60
CA SER D 1077 19.37 -6.18 23.00
C SER D 1077 19.78 -4.70 22.98
N SER D 1078 18.87 -3.78 22.63
CA SER D 1078 19.11 -2.34 22.58
C SER D 1078 19.12 -1.68 23.96
N ALA D 1079 19.71 -0.49 24.09
CA ALA D 1079 19.79 0.25 25.33
C ALA D 1079 18.50 0.98 25.75
N TRP D 1080 17.58 1.26 24.81
CA TRP D 1080 16.33 2.00 25.08
C TRP D 1080 15.05 1.18 24.89
N PHE D 1081 14.93 0.38 23.81
CA PHE D 1081 13.67 -0.27 23.45
C PHE D 1081 13.04 -1.13 24.56
N PRO D 1082 13.78 -1.93 25.36
CA PRO D 1082 13.19 -2.70 26.46
C PRO D 1082 12.44 -1.90 27.52
N LEU D 1083 12.67 -0.59 27.64
CA LEU D 1083 12.07 0.24 28.67
C LEU D 1083 10.63 0.70 28.34
N ASP D 1084 10.18 0.61 27.09
CA ASP D 1084 8.75 0.71 26.78
C ASP D 1084 8.08 -0.68 26.96
N LEU D 1085 7.40 -0.89 28.08
CA LEU D 1085 6.88 -2.21 28.46
C LEU D 1085 5.93 -2.79 27.41
N SER D 1086 5.09 -1.96 26.79
CA SER D 1086 4.19 -2.39 25.72
C SER D 1086 4.94 -2.91 24.51
N ALA D 1087 5.93 -2.17 23.99
CA ALA D 1087 6.70 -2.62 22.84
C ALA D 1087 7.59 -3.82 23.19
N HIS D 1088 8.14 -3.89 24.41
CA HIS D 1088 8.88 -5.04 24.90
C HIS D 1088 8.01 -6.31 25.01
N GLN D 1089 6.77 -6.23 25.53
CA GLN D 1089 5.81 -7.34 25.45
C GLN D 1089 5.62 -7.84 24.02
N ASP D 1090 5.34 -6.95 23.08
CA ASP D 1090 5.10 -7.29 21.69
C ASP D 1090 6.31 -7.97 21.06
N ALA D 1091 7.51 -7.46 21.31
CA ALA D 1091 8.75 -8.04 20.82
C ALA D 1091 9.02 -9.44 21.41
N LEU D 1092 8.79 -9.68 22.70
CA LEU D 1092 8.94 -11.03 23.26
C LEU D 1092 7.96 -12.01 22.62
N ILE D 1093 6.69 -11.61 22.46
CA ILE D 1093 5.67 -12.45 21.84
C ILE D 1093 6.03 -12.74 20.39
N LEU D 1094 6.44 -11.73 19.63
CA LEU D 1094 6.85 -11.88 18.24
C LEU D 1094 8.10 -12.78 18.11
N ALA D 1095 9.12 -12.62 18.95
CA ALA D 1095 10.32 -13.44 18.93
C ALA D 1095 10.01 -14.94 19.17
N GLY D 1096 9.20 -15.26 20.18
CA GLY D 1096 8.75 -16.63 20.41
C GLY D 1096 7.99 -17.21 19.22
N ASN D 1097 7.08 -16.46 18.61
CA ASN D 1097 6.31 -16.92 17.46
C ASN D 1097 7.20 -17.20 16.25
N LEU D 1098 8.21 -16.36 15.99
CA LEU D 1098 9.16 -16.57 14.90
C LEU D 1098 10.04 -17.80 15.13
N LEU D 1099 10.56 -18.04 16.34
CA LEU D 1099 11.37 -19.24 16.62
C LEU D 1099 10.54 -20.54 16.62
N ALA D 1100 9.30 -20.53 17.15
CA ALA D 1100 8.43 -21.70 17.17
C ALA D 1100 8.10 -22.24 15.77
N ALA D 1101 7.90 -21.36 14.80
CA ALA D 1101 7.59 -21.69 13.41
C ALA D 1101 8.72 -22.34 12.58
N SER D 1102 9.89 -22.54 13.18
CA SER D 1102 10.98 -23.29 12.57
C SER D 1102 10.81 -24.82 12.69
N ALA D 1103 10.01 -25.32 13.64
CA ALA D 1103 10.01 -26.72 14.05
C ALA D 1103 9.68 -27.78 12.98
N PRO D 1104 8.74 -27.59 12.04
CA PRO D 1104 8.48 -28.55 10.96
C PRO D 1104 9.69 -28.85 10.05
N LYS D 1105 10.75 -28.03 10.11
CA LYS D 1105 11.98 -28.12 9.31
C LYS D 1105 13.23 -28.32 10.17
N SER D 1106 13.37 -27.55 11.25
CA SER D 1106 14.53 -27.59 12.16
C SER D 1106 14.19 -28.24 13.50
N LEU D 1107 14.14 -29.56 13.47
CA LEU D 1107 14.19 -30.46 14.61
C LEU D 1107 15.03 -31.67 14.18
N ARG D 1108 15.72 -32.33 15.12
CA ARG D 1108 16.56 -33.51 14.87
C ARG D 1108 15.84 -34.78 15.34
N SER D 1109 15.70 -35.75 14.45
CA SER D 1109 15.17 -37.10 14.74
C SER D 1109 16.22 -37.99 15.39
N GLU D 1126 26.72 -29.39 22.44
CA GLU D 1126 25.80 -30.36 22.99
C GLU D 1126 24.50 -29.67 23.45
N VAL D 1127 24.52 -28.35 23.63
CA VAL D 1127 23.35 -27.55 24.02
C VAL D 1127 22.28 -27.51 22.93
N TRP D 1128 21.01 -27.45 23.34
CA TRP D 1128 19.83 -27.49 22.46
C TRP D 1128 19.90 -28.63 21.44
N PRO D 1129 20.05 -29.90 21.89
CA PRO D 1129 20.36 -31.03 21.02
C PRO D 1129 19.23 -31.40 20.07
N ALA D 1130 17.99 -31.01 20.38
CA ALA D 1130 16.82 -31.23 19.55
C ALA D 1130 16.75 -30.34 18.30
N LEU D 1131 17.50 -29.23 18.23
CA LEU D 1131 17.17 -28.15 17.29
C LEU D 1131 17.62 -28.37 15.83
N GLY D 1132 18.68 -29.14 15.59
CA GLY D 1132 19.12 -29.57 14.26
C GLY D 1132 19.78 -28.48 13.41
N ASP D 1133 19.03 -27.44 13.03
CA ASP D 1133 19.56 -26.24 12.37
C ASP D 1133 20.31 -25.36 13.38
N ARG D 1134 21.64 -25.54 13.45
CA ARG D 1134 22.48 -24.99 14.51
C ARG D 1134 22.53 -23.45 14.50
N ALA D 1135 22.22 -22.82 13.38
CA ALA D 1135 22.13 -21.37 13.25
C ALA D 1135 21.03 -20.71 14.11
N LEU D 1136 20.04 -21.48 14.58
CA LEU D 1136 18.98 -20.99 15.47
C LEU D 1136 19.33 -21.06 16.96
N VAL D 1137 20.32 -21.86 17.38
CA VAL D 1137 20.71 -21.98 18.79
C VAL D 1137 21.16 -20.65 19.41
N PRO D 1138 21.98 -19.81 18.76
CA PRO D 1138 22.25 -18.45 19.22
C PRO D 1138 20.98 -17.63 19.49
N MET D 1139 19.98 -17.69 18.61
CA MET D 1139 18.72 -16.97 18.78
C MET D 1139 17.89 -17.52 19.95
N VAL D 1140 17.78 -18.84 20.08
CA VAL D 1140 17.02 -19.51 21.15
C VAL D 1140 17.67 -19.31 22.51
N GLU D 1141 18.99 -19.42 22.63
CA GLU D 1141 19.72 -19.16 23.87
C GLU D 1141 19.61 -17.68 24.28
N GLN D 1142 19.70 -16.76 23.32
CA GLN D 1142 19.53 -15.34 23.55
C GLN D 1142 18.15 -15.04 24.14
N LEU D 1143 17.08 -15.58 23.54
CA LEU D 1143 15.73 -15.40 24.07
C LEU D 1143 15.53 -16.06 25.43
N PHE D 1144 15.93 -17.33 25.63
CA PHE D 1144 15.75 -18.02 26.90
C PHE D 1144 16.47 -17.31 28.07
N SER D 1145 17.72 -16.91 27.87
CA SER D 1145 18.50 -16.14 28.84
C SER D 1145 17.82 -14.82 29.20
N HIS D 1146 17.38 -14.06 28.19
CA HIS D 1146 16.63 -12.81 28.39
C HIS D 1146 15.34 -13.01 29.18
N LEU D 1147 14.52 -14.00 28.82
CA LEU D 1147 13.29 -14.31 29.54
C LEU D 1147 13.55 -14.60 31.02
N LEU D 1148 14.57 -15.40 31.33
CA LEU D 1148 14.92 -15.69 32.71
C LEU D 1148 15.37 -14.43 33.45
N LYS D 1149 16.03 -13.46 32.79
CA LYS D 1149 16.39 -12.19 33.41
C LYS D 1149 15.17 -11.31 33.71
N VAL D 1150 14.27 -11.12 32.76
CA VAL D 1150 13.08 -10.29 33.00
C VAL D 1150 12.13 -10.91 34.01
N ILE D 1151 12.01 -12.24 34.05
CA ILE D 1151 11.22 -12.95 35.05
C ILE D 1151 11.88 -12.81 36.43
N ASN D 1152 13.22 -12.87 36.52
CA ASN D 1152 13.94 -12.58 37.76
C ASN D 1152 13.72 -11.13 38.24
N ILE D 1153 13.75 -10.14 37.35
CA ILE D 1153 13.39 -8.76 37.71
C ILE D 1153 11.97 -8.69 38.27
N CYS D 1154 10.97 -9.28 37.60
CA CYS D 1154 9.60 -9.29 38.13
C CYS D 1154 9.53 -10.00 39.49
N ALA D 1155 10.23 -11.11 39.67
CA ALA D 1155 10.26 -11.81 40.94
C ALA D 1155 10.83 -10.93 42.07
N HIS D 1156 11.91 -10.19 41.80
CA HIS D 1156 12.47 -9.23 42.76
C HIS D 1156 11.56 -8.04 43.03
N VAL D 1157 10.90 -7.50 42.00
CA VAL D 1157 9.93 -6.40 42.17
C VAL D 1157 8.75 -6.83 43.04
N LEU D 1158 8.17 -8.01 42.80
CA LEU D 1158 7.06 -8.52 43.59
C LEU D 1158 7.46 -8.90 45.01
N ASP D 1159 8.66 -9.44 45.20
CA ASP D 1159 9.19 -9.80 46.52
C ASP D 1159 9.70 -8.59 47.32
N ASP D 1160 9.67 -7.37 46.77
CA ASP D 1160 10.21 -6.14 47.37
C ASP D 1160 11.72 -6.24 47.76
N VAL D 1161 12.55 -6.82 46.88
CA VAL D 1161 14.01 -6.98 47.10
C VAL D 1161 14.85 -6.27 46.04
N ALA D 1162 16.04 -5.80 46.45
CA ALA D 1162 16.90 -4.94 45.64
C ALA D 1162 18.06 -5.71 44.98
N PRO D 1163 18.35 -5.49 43.69
CA PRO D 1163 19.49 -6.09 43.01
C PRO D 1163 20.84 -5.54 43.50
N GLY D 1164 21.87 -6.40 43.56
CA GLY D 1164 23.21 -6.04 44.02
C GLY D 1164 24.07 -7.24 44.41
N SER D 1228 22.01 -19.36 37.71
CA SER D 1228 22.40 -17.95 37.60
C SER D 1228 22.22 -17.38 36.18
N LEU D 1229 21.61 -18.13 35.25
CA LEU D 1229 21.33 -17.65 33.90
C LEU D 1229 20.40 -16.43 33.88
N GLY D 1230 19.48 -16.31 34.84
CA GLY D 1230 18.64 -15.12 35.03
C GLY D 1230 19.26 -13.99 35.87
N SER D 1231 20.51 -14.12 36.35
CA SER D 1231 21.17 -13.03 37.11
C SER D 1231 21.40 -11.79 36.24
N PHE D 1232 21.23 -10.60 36.82
CA PHE D 1232 21.21 -9.33 36.07
C PHE D 1232 21.87 -8.14 36.78
N TYR D 1233 22.34 -8.29 38.02
CA TYR D 1233 22.85 -7.19 38.85
C TYR D 1233 24.07 -6.47 38.24
N HIS D 1234 24.83 -7.20 37.42
CA HIS D 1234 26.01 -6.73 36.70
C HIS D 1234 25.74 -6.17 35.30
N LEU D 1235 24.47 -6.01 34.87
CA LEU D 1235 24.15 -5.52 33.52
C LEU D 1235 23.39 -4.17 33.56
N PRO D 1236 23.96 -3.06 33.04
CA PRO D 1236 23.35 -1.74 33.11
C PRO D 1236 21.93 -1.62 32.52
N SER D 1237 21.64 -2.30 31.41
CA SER D 1237 20.32 -2.23 30.76
C SER D 1237 19.21 -2.86 31.60
N TYR D 1238 19.54 -3.91 32.36
CA TYR D 1238 18.58 -4.62 33.20
C TYR D 1238 18.29 -3.89 34.50
N LEU D 1239 19.26 -3.13 35.03
CA LEU D 1239 18.99 -2.22 36.13
C LEU D 1239 17.99 -1.11 35.75
N LYS D 1240 18.05 -0.58 34.52
CA LYS D 1240 17.04 0.40 34.06
C LYS D 1240 15.66 -0.22 33.92
N LEU D 1241 15.58 -1.47 33.43
CA LEU D 1241 14.32 -2.20 33.34
C LEU D 1241 13.70 -2.48 34.72
N HIS D 1242 14.52 -2.83 35.71
CA HIS D 1242 14.09 -2.99 37.10
C HIS D 1242 13.50 -1.69 37.67
N ASP D 1243 14.08 -0.53 37.42
CA ASP D 1243 13.52 0.75 37.87
C ASP D 1243 12.15 1.06 37.24
N VAL D 1244 11.97 0.86 35.93
CA VAL D 1244 10.68 1.02 35.26
C VAL D 1244 9.62 0.06 35.82
N LEU D 1245 9.97 -1.21 36.04
CA LEU D 1245 9.05 -2.20 36.60
C LEU D 1245 8.74 -1.95 38.07
N LYS D 1246 9.71 -1.54 38.88
CA LYS D 1246 9.51 -1.11 40.27
C LYS D 1246 8.56 0.06 40.34
N ALA D 1247 8.74 1.09 39.52
CA ALA D 1247 7.84 2.24 39.47
C ALA D 1247 6.42 1.87 39.04
N THR D 1248 6.29 0.95 38.07
CA THR D 1248 4.98 0.49 37.57
C THR D 1248 4.24 -0.33 38.63
N HIS D 1249 4.92 -1.24 39.33
CA HIS D 1249 4.31 -2.03 40.41
C HIS D 1249 3.97 -1.18 41.64
N ALA D 1250 4.83 -0.25 42.04
CA ALA D 1250 4.53 0.65 43.16
C ALA D 1250 3.27 1.50 42.91
N ASN D 1251 3.04 1.94 41.67
CA ASN D 1251 1.81 2.63 41.29
C ASN D 1251 0.57 1.73 41.38
N TYR D 1252 0.72 0.43 41.13
CA TYR D 1252 -0.34 -0.58 41.25
C TYR D 1252 -0.66 -0.96 42.72
N LYS D 1253 0.33 -1.08 43.60
CA LYS D 1253 0.11 -1.47 45.02
C LYS D 1253 -0.87 -0.55 45.74
N VAL D 1254 -0.95 0.73 45.36
CA VAL D 1254 -1.79 1.76 45.99
C VAL D 1254 -3.17 1.95 45.36
N THR D 1255 -3.57 1.20 44.33
CA THR D 1255 -4.92 1.25 43.72
C THR D 1255 -5.76 -0.01 43.97
N LEU D 1256 -7.04 -0.02 43.56
CA LEU D 1256 -7.96 -1.16 43.68
C LEU D 1256 -8.80 -1.39 42.40
N ASP D 1257 -8.25 -1.08 41.23
CA ASP D 1257 -8.84 -1.34 39.91
C ASP D 1257 -8.72 -2.83 39.51
N LEU D 1258 -9.28 -3.75 40.30
CA LEU D 1258 -9.22 -5.21 40.11
C LEU D 1258 -9.80 -5.70 38.76
N GLN D 1259 -10.59 -4.88 38.07
CA GLN D 1259 -11.15 -5.17 36.75
C GLN D 1259 -10.25 -4.76 35.57
N ASN D 1260 -9.17 -4.00 35.81
CA ASN D 1260 -8.32 -3.44 34.75
C ASN D 1260 -7.49 -4.49 34.01
N SER D 1261 -7.66 -4.58 32.69
CA SER D 1261 -6.90 -5.48 31.81
C SER D 1261 -5.51 -4.93 31.44
N THR D 1262 -5.36 -3.60 31.47
CA THR D 1262 -4.22 -2.87 30.88
C THR D 1262 -3.02 -2.64 31.81
N GLU D 1263 -3.02 -3.19 33.03
CA GLU D 1263 -1.92 -3.07 34.00
C GLU D 1263 -0.57 -3.53 33.40
N LYS D 1264 0.38 -2.61 33.23
CA LYS D 1264 1.55 -2.88 32.39
C LYS D 1264 2.56 -3.85 33.01
N PHE D 1265 2.63 -3.93 34.33
CA PHE D 1265 3.47 -4.91 35.01
C PHE D 1265 2.93 -6.34 34.86
N GLY D 1266 1.63 -6.54 35.09
CA GLY D 1266 0.98 -7.84 34.95
C GLY D 1266 0.95 -8.30 33.49
N GLY D 1267 0.66 -7.40 32.57
CA GLY D 1267 0.75 -7.67 31.14
C GLY D 1267 2.15 -8.08 30.70
N PHE D 1268 3.17 -7.40 31.21
CA PHE D 1268 4.57 -7.73 30.93
C PHE D 1268 4.94 -9.11 31.49
N LEU D 1269 4.66 -9.35 32.77
CA LEU D 1269 4.95 -10.61 33.42
C LEU D 1269 4.27 -11.78 32.73
N ARG D 1270 2.97 -11.71 32.46
CA ARG D 1270 2.27 -12.79 31.77
C ARG D 1270 2.76 -12.97 30.33
N SER D 1271 3.20 -11.92 29.63
CA SER D 1271 3.81 -12.06 28.31
C SER D 1271 5.17 -12.77 28.35
N ALA D 1272 6.01 -12.49 29.35
CA ALA D 1272 7.26 -13.21 29.54
C ALA D 1272 7.04 -14.69 29.89
N LEU D 1273 6.07 -14.99 30.75
CA LEU D 1273 5.71 -16.37 31.10
C LEU D 1273 5.11 -17.11 29.89
N ASP D 1274 4.26 -16.47 29.10
CA ASP D 1274 3.69 -17.06 27.90
C ASP D 1274 4.80 -17.46 26.89
N VAL D 1275 5.76 -16.57 26.67
CA VAL D 1275 6.87 -16.85 25.75
C VAL D 1275 7.83 -17.91 26.31
N LEU D 1276 8.10 -17.92 27.61
CA LEU D 1276 8.87 -19.00 28.23
C LEU D 1276 8.17 -20.35 28.04
N SER D 1277 6.86 -20.41 28.26
CA SER D 1277 6.06 -21.60 28.02
C SER D 1277 6.18 -22.13 26.59
N GLN D 1278 6.22 -21.24 25.60
CA GLN D 1278 6.38 -21.56 24.19
C GLN D 1278 7.77 -22.12 23.84
N ILE D 1279 8.83 -21.52 24.38
CA ILE D 1279 10.22 -21.96 24.12
C ILE D 1279 10.53 -23.32 24.74
N LEU D 1280 9.92 -23.66 25.88
CA LEU D 1280 10.11 -24.97 26.53
C LEU D 1280 9.68 -26.19 25.69
N GLU D 1281 8.86 -26.04 24.65
CA GLU D 1281 8.59 -27.11 23.70
C GLU D 1281 9.83 -27.58 22.91
N LEU D 1282 10.78 -26.67 22.64
CA LEU D 1282 12.04 -26.97 21.94
C LEU D 1282 13.15 -27.49 22.88
N ALA D 1283 12.92 -27.50 24.19
CA ALA D 1283 13.95 -27.81 25.18
C ALA D 1283 13.97 -29.29 25.58
N THR D 1284 15.02 -29.71 26.26
CA THR D 1284 15.25 -31.09 26.72
C THR D 1284 15.75 -31.05 28.16
N LEU D 1285 15.74 -32.17 28.88
CA LEU D 1285 16.18 -32.16 30.28
C LEU D 1285 17.64 -31.68 30.41
N GLN D 1286 18.52 -31.98 29.46
CA GLN D 1286 19.89 -31.47 29.47
C GLN D 1286 20.01 -29.98 29.12
N ASP D 1287 18.96 -29.31 28.64
CA ASP D 1287 18.89 -27.84 28.53
C ASP D 1287 18.43 -27.16 29.85
N ILE D 1288 17.70 -27.87 30.71
CA ILE D 1288 16.93 -27.31 31.82
C ILE D 1288 17.38 -27.84 33.20
N GLY D 1289 18.01 -29.00 33.26
CA GLY D 1289 18.22 -29.76 34.49
C GLY D 1289 19.11 -29.10 35.55
N LYS D 1290 19.87 -28.06 35.20
CA LYS D 1290 20.65 -27.23 36.14
C LYS D 1290 20.02 -25.88 36.50
N CYS D 1291 18.89 -25.50 35.89
CA CYS D 1291 18.18 -24.24 36.19
C CYS D 1291 16.67 -24.39 36.44
N VAL D 1292 16.11 -25.61 36.40
CA VAL D 1292 14.69 -25.82 36.77
C VAL D 1292 14.39 -25.33 38.19
N GLU D 1293 15.32 -25.54 39.11
CA GLU D 1293 15.24 -25.06 40.50
C GLU D 1293 15.15 -23.52 40.59
N GLU D 1294 15.88 -22.82 39.71
CA GLU D 1294 15.88 -21.36 39.63
C GLU D 1294 14.53 -20.85 39.10
N ILE D 1295 14.03 -21.43 38.00
CA ILE D 1295 12.76 -21.03 37.40
C ILE D 1295 11.60 -21.32 38.37
N LEU D 1296 11.59 -22.45 39.08
CA LEU D 1296 10.55 -22.74 40.06
C LEU D 1296 10.59 -21.77 41.26
N GLY D 1297 11.78 -21.36 41.70
CA GLY D 1297 11.96 -20.25 42.63
C GLY D 1297 11.36 -18.93 42.11
N TYR D 1298 11.60 -18.57 40.84
CA TYR D 1298 11.01 -17.38 40.23
C TYR D 1298 9.49 -17.47 40.10
N LEU D 1299 8.97 -18.63 39.70
CA LEU D 1299 7.54 -18.85 39.52
C LEU D 1299 6.80 -18.73 40.85
N LYS D 1300 7.39 -19.17 41.95
CA LYS D 1300 6.82 -19.02 43.30
C LYS D 1300 6.61 -17.55 43.67
N SER D 1301 7.53 -16.66 43.28
CA SER D 1301 7.37 -15.20 43.43
C SER D 1301 6.30 -14.63 42.50
N CYS D 1302 6.26 -15.06 41.24
CA CYS D 1302 5.30 -14.59 40.26
C CYS D 1302 3.88 -15.14 40.44
N PHE D 1303 3.70 -16.23 41.20
CA PHE D 1303 2.43 -16.93 41.32
C PHE D 1303 1.29 -16.04 41.84
N SER D 1304 1.50 -15.28 42.90
CA SER D 1304 0.44 -14.45 43.48
C SER D 1304 -0.02 -13.30 42.57
N ARG D 1305 0.78 -12.94 41.55
CA ARG D 1305 0.45 -11.93 40.56
C ARG D 1305 -0.20 -12.49 39.30
N GLU D 1306 0.33 -13.57 38.76
CA GLU D 1306 -0.14 -14.21 37.52
C GLU D 1306 -0.32 -15.73 37.69
N PRO D 1307 -1.24 -16.20 38.56
CA PRO D 1307 -1.25 -17.60 39.02
C PRO D 1307 -1.58 -18.58 37.90
N MET D 1308 -2.40 -18.13 36.95
CA MET D 1308 -2.83 -18.90 35.81
C MET D 1308 -1.68 -19.13 34.84
N MET D 1309 -1.03 -18.08 34.35
CA MET D 1309 0.08 -18.19 33.40
C MET D 1309 1.34 -18.81 34.03
N ALA D 1310 1.55 -18.63 35.33
CA ALA D 1310 2.56 -19.38 36.07
C ALA D 1310 2.28 -20.89 36.08
N THR D 1311 1.02 -21.33 36.23
CA THR D 1311 0.65 -22.75 36.19
C THR D 1311 0.88 -23.37 34.80
N VAL D 1312 0.64 -22.63 33.74
CA VAL D 1312 1.02 -23.00 32.37
C VAL D 1312 2.53 -23.25 32.25
N CYS D 1313 3.40 -22.38 32.80
CA CYS D 1313 4.84 -22.66 32.85
C CYS D 1313 5.17 -23.93 33.62
N VAL D 1314 4.58 -24.15 34.80
CA VAL D 1314 4.82 -25.36 35.59
C VAL D 1314 4.49 -26.63 34.80
N GLN D 1315 3.36 -26.66 34.12
CA GLN D 1315 3.01 -27.74 33.19
C GLN D 1315 4.03 -27.92 32.06
N GLN D 1316 4.55 -26.85 31.46
CA GLN D 1316 5.55 -26.97 30.40
C GLN D 1316 6.88 -27.51 30.92
N LEU D 1317 7.35 -27.06 32.08
CA LEU D 1317 8.50 -27.64 32.76
C LEU D 1317 8.30 -29.14 33.00
N LEU D 1318 7.14 -29.59 33.51
CA LEU D 1318 6.84 -31.01 33.66
C LEU D 1318 6.89 -31.76 32.31
N LYS D 1319 6.38 -31.19 31.20
CA LYS D 1319 6.53 -31.82 29.88
C LYS D 1319 8.00 -31.96 29.46
N THR D 1320 8.88 -31.02 29.83
CA THR D 1320 10.31 -31.15 29.55
C THR D 1320 10.99 -32.20 30.44
N LEU D 1321 10.64 -32.31 31.72
CA LEU D 1321 11.24 -33.29 32.61
C LEU D 1321 10.86 -34.72 32.24
N PHE D 1322 9.59 -34.97 31.98
CA PHE D 1322 9.08 -36.33 31.70
C PHE D 1322 9.18 -36.71 30.21
N GLY D 1323 9.58 -35.78 29.35
CA GLY D 1323 9.88 -36.04 27.95
C GLY D 1323 8.64 -36.17 27.06
N THR D 1324 7.59 -35.42 27.36
CA THR D 1324 6.32 -35.41 26.61
C THR D 1324 6.13 -34.16 25.75
N ASN D 1325 7.10 -33.26 25.71
CA ASN D 1325 7.12 -32.08 24.85
C ASN D 1325 7.51 -32.39 23.39
N LEU D 1326 7.33 -31.41 22.49
CA LEU D 1326 7.64 -31.51 21.06
C LEU D 1326 9.06 -32.04 20.79
N ALA D 1327 10.08 -31.50 21.45
CA ALA D 1327 11.46 -31.94 21.30
C ALA D 1327 11.72 -33.42 21.64
N SER D 1328 10.88 -34.04 22.46
CA SER D 1328 11.02 -35.43 22.89
C SER D 1328 10.14 -36.39 22.10
N GLN D 1329 8.92 -35.98 21.75
CA GLN D 1329 7.96 -36.78 20.98
C GLN D 1329 8.29 -36.88 19.48
N PHE D 1330 9.18 -36.04 18.97
CA PHE D 1330 9.51 -35.95 17.55
C PHE D 1330 10.44 -37.10 17.08
N ASP D 1331 9.90 -38.32 17.04
CA ASP D 1331 10.39 -39.44 16.21
C ASP D 1331 9.96 -39.27 14.74
N ARG D 1353 -3.62 -19.76 -12.57
CA ARG D 1353 -4.31 -20.84 -13.19
C ARG D 1353 -5.85 -20.82 -13.07
N PRO D 1354 -6.48 -20.77 -11.88
CA PRO D 1354 -7.93 -20.70 -11.75
C PRO D 1354 -8.51 -19.36 -12.21
N GLY D 1355 -9.81 -19.35 -12.43
CA GLY D 1355 -10.57 -18.24 -12.98
C GLY D 1355 -12.05 -18.36 -12.65
N LEU D 1356 -12.91 -17.73 -13.46
CA LEU D 1356 -14.31 -17.56 -13.11
C LEU D 1356 -15.11 -18.88 -13.15
N TYR D 1357 -14.91 -19.71 -14.17
CA TYR D 1357 -15.59 -21.01 -14.27
C TYR D 1357 -15.29 -21.94 -13.08
N HIS D 1358 -14.05 -21.87 -12.59
CA HIS D 1358 -13.55 -22.64 -11.47
C HIS D 1358 -14.26 -22.27 -10.17
N TYR D 1359 -14.19 -21.01 -9.75
CA TYR D 1359 -14.68 -20.59 -8.45
C TYR D 1359 -16.21 -20.52 -8.34
N CYS D 1360 -16.89 -20.11 -9.41
CA CYS D 1360 -18.34 -19.95 -9.41
C CYS D 1360 -19.10 -21.25 -9.66
N PHE D 1361 -18.47 -22.28 -10.21
CA PHE D 1361 -19.17 -23.52 -10.52
C PHE D 1361 -18.33 -24.77 -10.38
N MET D 1362 -17.24 -24.93 -11.12
CA MET D 1362 -16.62 -26.23 -11.32
C MET D 1362 -15.94 -26.79 -10.08
N ALA D 1363 -15.22 -25.99 -9.29
CA ALA D 1363 -14.64 -26.48 -8.05
C ALA D 1363 -15.71 -26.79 -6.98
N PRO D 1364 -16.72 -25.93 -6.73
CA PRO D 1364 -17.88 -26.30 -5.92
C PRO D 1364 -18.58 -27.58 -6.38
N TYR D 1365 -18.86 -27.74 -7.68
CA TYR D 1365 -19.56 -28.91 -8.20
C TYR D 1365 -18.74 -30.21 -8.14
N THR D 1366 -17.45 -30.18 -8.49
CA THR D 1366 -16.58 -31.35 -8.32
C THR D 1366 -16.46 -31.76 -6.86
N HIS D 1367 -16.35 -30.81 -5.92
CA HIS D 1367 -16.32 -31.12 -4.49
C HIS D 1367 -17.63 -31.73 -3.99
N PHE D 1368 -18.78 -31.19 -4.39
CA PHE D 1368 -20.10 -31.75 -4.07
C PHE D 1368 -20.26 -33.18 -4.62
N THR D 1369 -19.94 -33.40 -5.89
CA THR D 1369 -20.10 -34.72 -6.51
C THR D 1369 -19.10 -35.77 -6.03
N GLN D 1370 -17.93 -35.39 -5.51
CA GLN D 1370 -17.06 -36.31 -4.80
C GLN D 1370 -17.61 -36.69 -3.42
N ALA D 1371 -18.11 -35.74 -2.64
CA ALA D 1371 -18.70 -36.03 -1.34
C ALA D 1371 -19.95 -36.93 -1.45
N LEU D 1372 -20.76 -36.81 -2.50
CA LEU D 1372 -21.87 -37.74 -2.77
C LEU D 1372 -21.39 -39.17 -3.09
N ALA D 1373 -20.17 -39.34 -3.60
CA ALA D 1373 -19.60 -40.64 -3.95
C ALA D 1373 -18.85 -41.30 -2.80
N ASP D 1374 -18.18 -40.53 -1.93
CA ASP D 1374 -17.59 -41.04 -0.69
C ASP D 1374 -18.66 -41.53 0.32
N ALA D 1375 -19.87 -40.98 0.26
CA ALA D 1375 -20.99 -41.39 1.11
C ALA D 1375 -21.39 -42.85 0.89
N SER D 1376 -21.49 -43.62 1.97
CA SER D 1376 -21.77 -45.09 2.02
C SER D 1376 -20.69 -46.02 1.42
N LEU D 1377 -19.61 -45.48 0.84
CA LEU D 1377 -18.42 -46.23 0.42
C LEU D 1377 -17.43 -46.44 1.57
N HIS D 1421 11.49 -38.72 37.27
CA HIS D 1421 12.73 -38.56 38.02
C HIS D 1421 12.51 -37.84 39.36
N ASN D 1422 13.42 -38.03 40.34
CA ASN D 1422 13.29 -37.46 41.69
C ASN D 1422 13.27 -35.92 41.76
N HIS D 1423 13.57 -35.20 40.66
CA HIS D 1423 13.31 -33.76 40.54
C HIS D 1423 11.82 -33.40 40.70
N ILE D 1424 10.88 -34.35 40.58
CA ILE D 1424 9.44 -34.10 40.77
C ILE D 1424 9.12 -33.45 42.14
N ARG D 1425 9.89 -33.72 43.19
CA ARG D 1425 9.69 -33.13 44.52
C ARG D 1425 9.99 -31.62 44.58
N LEU D 1426 10.63 -31.06 43.56
CA LEU D 1426 10.81 -29.60 43.42
C LEU D 1426 9.50 -28.87 43.09
N PHE D 1427 8.50 -29.58 42.56
CA PHE D 1427 7.23 -29.02 42.12
C PHE D 1427 6.15 -28.96 43.21
N GLU D 1428 6.32 -29.65 44.35
CA GLU D 1428 5.31 -29.72 45.42
C GLU D 1428 4.77 -28.35 45.87
N PRO D 1429 5.58 -27.34 46.23
CA PRO D 1429 5.04 -26.05 46.69
C PRO D 1429 4.20 -25.28 45.66
N LEU D 1430 4.52 -25.33 44.35
CA LEU D 1430 3.71 -24.71 43.30
C LEU D 1430 2.43 -25.51 42.98
N VAL D 1431 2.44 -26.84 43.12
CA VAL D 1431 1.23 -27.66 43.04
C VAL D 1431 0.32 -27.36 44.24
N ILE D 1432 0.84 -27.38 45.45
CA ILE D 1432 0.07 -27.08 46.65
C ILE D 1432 -0.48 -25.63 46.63
N LYS D 1433 0.28 -24.62 46.19
CA LYS D 1433 -0.28 -23.28 45.98
C LYS D 1433 -1.40 -23.28 44.95
N ALA D 1434 -1.28 -24.00 43.84
CA ALA D 1434 -2.35 -24.15 42.87
C ALA D 1434 -3.62 -24.81 43.45
N LEU D 1435 -3.50 -25.83 44.32
CA LEU D 1435 -4.65 -26.39 45.03
C LEU D 1435 -5.30 -25.38 45.98
N LYS D 1436 -4.51 -24.74 46.84
CA LYS D 1436 -5.00 -23.75 47.80
C LYS D 1436 -5.67 -22.58 47.08
N GLN D 1437 -5.10 -22.09 45.99
CA GLN D 1437 -5.67 -21.03 45.16
C GLN D 1437 -7.04 -21.42 44.62
N TYR D 1438 -7.18 -22.61 44.03
CA TYR D 1438 -8.45 -23.13 43.52
C TYR D 1438 -9.58 -23.03 44.56
N THR D 1439 -9.28 -23.38 45.80
CA THR D 1439 -10.22 -23.35 46.91
C THR D 1439 -10.46 -21.98 47.54
N THR D 1440 -9.82 -20.92 47.04
CA THR D 1440 -9.90 -19.55 47.58
C THR D 1440 -10.21 -18.50 46.52
N THR D 1441 -10.63 -18.89 45.33
CA THR D 1441 -10.77 -17.99 44.18
C THR D 1441 -12.08 -18.18 43.41
N THR D 1442 -12.44 -17.17 42.62
CA THR D 1442 -13.59 -17.16 41.72
C THR D 1442 -13.18 -17.20 40.25
N CYS D 1443 -11.89 -17.06 39.93
CA CYS D 1443 -11.44 -17.03 38.54
C CYS D 1443 -11.52 -18.43 37.91
N VAL D 1444 -12.53 -18.66 37.07
CA VAL D 1444 -12.72 -19.96 36.40
C VAL D 1444 -11.57 -20.30 35.46
N GLN D 1445 -10.84 -19.31 34.95
CA GLN D 1445 -9.68 -19.55 34.09
C GLN D 1445 -8.48 -20.05 34.89
N LEU D 1446 -8.27 -19.59 36.12
CA LEU D 1446 -7.35 -20.24 37.06
C LEU D 1446 -7.83 -21.66 37.37
N GLN D 1447 -9.09 -21.82 37.73
CA GLN D 1447 -9.61 -23.11 38.17
C GLN D 1447 -9.56 -24.17 37.07
N LYS D 1448 -9.80 -23.79 35.81
CA LYS D 1448 -9.54 -24.63 34.62
C LYS D 1448 -8.09 -25.12 34.62
N GLN D 1449 -7.13 -24.22 34.77
CA GLN D 1449 -5.72 -24.53 34.69
C GLN D 1449 -5.21 -25.46 35.79
N VAL D 1450 -5.73 -25.33 37.01
CA VAL D 1450 -5.39 -26.25 38.11
C VAL D 1450 -5.92 -27.65 37.84
N LEU D 1451 -7.12 -27.79 37.27
CA LEU D 1451 -7.65 -29.10 36.88
C LEU D 1451 -6.87 -29.71 35.72
N ASP D 1452 -6.47 -28.91 34.72
CA ASP D 1452 -5.55 -29.35 33.67
C ASP D 1452 -4.19 -29.83 34.24
N LEU D 1453 -3.63 -29.12 35.22
CA LEU D 1453 -2.40 -29.52 35.92
C LEU D 1453 -2.55 -30.88 36.63
N LEU D 1454 -3.62 -31.07 37.40
CA LEU D 1454 -3.89 -32.33 38.09
C LEU D 1454 -4.14 -33.48 37.12
N ALA D 1455 -4.90 -33.27 36.05
CA ALA D 1455 -5.08 -34.28 35.03
C ALA D 1455 -3.72 -34.72 34.44
N GLN D 1456 -2.82 -33.77 34.18
CA GLN D 1456 -1.47 -34.06 33.73
C GLN D 1456 -0.65 -34.81 34.79
N LEU D 1457 -0.70 -34.45 36.07
CA LEU D 1457 -0.02 -35.18 37.14
C LEU D 1457 -0.54 -36.61 37.33
N VAL D 1458 -1.82 -36.85 37.11
CA VAL D 1458 -2.42 -38.20 37.09
C VAL D 1458 -1.96 -39.00 35.87
N GLN D 1459 -1.90 -38.41 34.67
CA GLN D 1459 -1.30 -39.05 33.50
C GLN D 1459 0.20 -39.35 33.65
N LEU D 1460 0.96 -38.47 34.32
CA LEU D 1460 2.38 -38.68 34.66
C LEU D 1460 2.59 -39.60 35.87
N ARG D 1461 1.56 -40.31 36.33
CA ARG D 1461 1.61 -41.35 37.37
C ARG D 1461 2.03 -40.85 38.75
N VAL D 1462 1.70 -39.61 39.09
CA VAL D 1462 1.74 -39.12 40.47
C VAL D 1462 0.64 -39.79 41.29
N ASN D 1463 0.99 -40.22 42.50
CA ASN D 1463 0.06 -40.83 43.44
C ASN D 1463 -0.92 -39.79 43.99
N TYR D 1464 -2.10 -39.69 43.40
CA TYR D 1464 -3.10 -38.71 43.80
C TYR D 1464 -3.58 -38.88 45.25
N CYS D 1465 -3.64 -40.12 45.75
CA CYS D 1465 -4.05 -40.43 47.11
C CYS D 1465 -3.08 -39.85 48.16
N LEU D 1466 -1.80 -39.71 47.83
CA LEU D 1466 -0.81 -39.07 48.69
C LEU D 1466 -0.74 -37.55 48.48
N LEU D 1467 -1.12 -37.03 47.33
CA LEU D 1467 -1.23 -35.59 47.08
C LEU D 1467 -2.43 -34.98 47.82
N ASP D 1468 -3.62 -35.56 47.61
CA ASP D 1468 -4.89 -35.14 48.22
C ASP D 1468 -5.24 -36.00 49.45
N SER D 1469 -4.52 -35.79 50.54
CA SER D 1469 -4.79 -36.46 51.82
C SER D 1469 -6.24 -36.24 52.26
N ASP D 1470 -6.93 -37.30 52.67
CA ASP D 1470 -8.35 -37.34 53.04
C ASP D 1470 -9.34 -36.89 51.92
N GLN D 1471 -8.93 -36.86 50.66
CA GLN D 1471 -9.78 -36.47 49.53
C GLN D 1471 -10.45 -35.10 49.70
N VAL D 1472 -9.78 -34.16 50.39
CA VAL D 1472 -10.27 -32.81 50.65
C VAL D 1472 -10.53 -32.05 49.35
N PHE D 1473 -9.65 -32.16 48.36
CA PHE D 1473 -9.83 -31.47 47.09
C PHE D 1473 -10.95 -32.10 46.25
N ILE D 1474 -11.03 -33.43 46.11
CA ILE D 1474 -12.19 -34.04 45.43
C ILE D 1474 -13.48 -33.70 46.18
N GLY D 1475 -13.49 -33.72 47.51
CA GLY D 1475 -14.64 -33.30 48.29
C GLY D 1475 -15.11 -31.88 47.94
N PHE D 1476 -14.19 -30.92 47.86
CA PHE D 1476 -14.47 -29.54 47.45
C PHE D 1476 -15.04 -29.49 46.05
N VAL D 1477 -14.41 -30.16 45.09
CA VAL D 1477 -14.87 -30.20 43.70
C VAL D 1477 -16.25 -30.80 43.56
N LEU D 1478 -16.57 -31.86 44.31
CA LEU D 1478 -17.92 -32.43 44.36
C LEU D 1478 -18.96 -31.44 44.89
N LYS D 1479 -18.63 -30.62 45.90
CA LYS D 1479 -19.55 -29.60 46.42
C LYS D 1479 -19.84 -28.47 45.46
N GLN D 1480 -19.03 -28.21 44.43
CA GLN D 1480 -19.33 -27.18 43.45
C GLN D 1480 -20.53 -27.52 42.59
N PHE D 1481 -20.78 -28.80 42.30
CA PHE D 1481 -21.95 -29.21 41.54
C PHE D 1481 -23.27 -28.77 42.18
N GLU D 1482 -23.34 -28.69 43.50
CA GLU D 1482 -24.50 -28.19 44.23
C GLU D 1482 -24.85 -26.73 43.88
N TYR D 1483 -23.85 -25.92 43.56
CA TYR D 1483 -24.03 -24.53 43.10
C TYR D 1483 -24.11 -24.43 41.58
N ILE D 1484 -23.47 -25.34 40.83
CA ILE D 1484 -23.54 -25.38 39.36
C ILE D 1484 -24.96 -25.76 38.89
N GLU D 1485 -25.58 -26.77 39.52
CA GLU D 1485 -26.94 -27.20 39.18
C GLU D 1485 -28.00 -26.12 39.49
N VAL D 1486 -27.84 -25.42 40.62
CA VAL D 1486 -28.82 -24.45 41.14
C VAL D 1486 -28.73 -23.07 40.45
N GLY D 1487 -27.81 -22.91 39.50
CA GLY D 1487 -27.62 -21.65 38.75
C GLY D 1487 -26.77 -20.61 39.48
N GLN D 1488 -26.19 -20.94 40.63
CA GLN D 1488 -25.48 -20.02 41.53
C GLN D 1488 -23.98 -19.88 41.23
N PHE D 1489 -23.33 -20.91 40.67
CA PHE D 1489 -21.92 -20.88 40.29
C PHE D 1489 -21.72 -20.16 38.95
N ARG D 1490 -21.28 -18.90 38.99
CA ARG D 1490 -21.08 -18.05 37.81
C ARG D 1490 -19.91 -18.52 36.94
N GLU D 1491 -20.04 -18.35 35.63
CA GLU D 1491 -19.10 -18.79 34.58
C GLU D 1491 -18.76 -20.30 34.60
N SER D 1492 -19.60 -21.15 35.19
CA SER D 1492 -19.39 -22.62 35.24
C SER D 1492 -19.35 -23.32 33.88
N GLU D 1493 -19.84 -22.71 32.80
CA GLU D 1493 -19.63 -23.22 31.44
C GLU D 1493 -18.15 -23.35 31.05
N ALA D 1494 -17.28 -22.63 31.75
CA ALA D 1494 -15.84 -22.66 31.55
C ALA D 1494 -15.08 -23.71 32.37
N ILE D 1495 -15.73 -24.45 33.28
CA ILE D 1495 -15.05 -25.39 34.21
C ILE D 1495 -15.53 -26.85 34.09
N ILE D 1496 -16.78 -27.07 33.67
CA ILE D 1496 -17.40 -28.40 33.57
C ILE D 1496 -16.59 -29.42 32.74
N PRO D 1497 -16.15 -29.14 31.49
CA PRO D 1497 -15.42 -30.14 30.72
C PRO D 1497 -14.10 -30.56 31.38
N ASN D 1498 -13.41 -29.64 32.04
CA ASN D 1498 -12.18 -29.92 32.77
C ASN D 1498 -12.42 -30.73 34.06
N ILE D 1499 -13.51 -30.51 34.80
CA ILE D 1499 -13.86 -31.35 35.95
C ILE D 1499 -14.17 -32.77 35.47
N PHE D 1500 -15.00 -32.94 34.42
CA PHE D 1500 -15.35 -34.27 33.94
C PHE D 1500 -14.15 -35.02 33.38
N PHE D 1501 -13.23 -34.37 32.66
CA PHE D 1501 -11.97 -34.98 32.27
C PHE D 1501 -11.13 -35.45 33.47
N PHE D 1502 -10.99 -34.62 34.50
CA PHE D 1502 -10.25 -35.00 35.71
C PHE D 1502 -10.89 -36.18 36.43
N LEU D 1503 -12.22 -36.20 36.58
CA LEU D 1503 -12.90 -37.32 37.25
C LEU D 1503 -12.87 -38.62 36.43
N VAL D 1504 -12.93 -38.60 35.09
CA VAL D 1504 -12.76 -39.86 34.34
C VAL D 1504 -11.35 -40.45 34.48
N LEU D 1505 -10.28 -39.64 34.56
CA LEU D 1505 -8.94 -40.13 34.87
C LEU D 1505 -8.86 -40.76 36.26
N LEU D 1506 -9.43 -40.11 37.27
CA LEU D 1506 -9.52 -40.61 38.65
C LEU D 1506 -10.32 -41.91 38.79
N SER D 1507 -11.05 -42.33 37.77
CA SER D 1507 -11.74 -43.62 37.79
C SER D 1507 -10.83 -44.82 37.52
N TYR D 1508 -9.75 -44.64 36.77
CA TYR D 1508 -8.83 -45.71 36.41
C TYR D 1508 -7.86 -46.06 37.53
N GLU D 1509 -7.42 -45.06 38.30
CA GLU D 1509 -6.35 -45.22 39.29
C GLU D 1509 -6.73 -46.15 40.45
N ARG D 1510 -5.71 -46.79 41.03
CA ARG D 1510 -5.83 -47.73 42.15
C ARG D 1510 -4.58 -47.71 43.02
N TYR D 1511 -4.13 -46.49 43.35
CA TYR D 1511 -3.07 -46.29 44.35
C TYR D 1511 -3.50 -46.77 45.74
N HIS D 1512 -4.78 -46.58 46.07
CA HIS D 1512 -5.46 -47.29 47.16
C HIS D 1512 -6.16 -48.55 46.61
N SER D 1513 -6.49 -49.52 47.46
CA SER D 1513 -7.28 -50.68 47.04
C SER D 1513 -8.72 -50.32 46.66
N LYS D 1514 -9.27 -49.23 47.21
CA LYS D 1514 -10.55 -48.65 46.79
C LYS D 1514 -10.43 -47.79 45.51
N GLN D 1515 -11.51 -47.75 44.75
CA GLN D 1515 -11.69 -46.79 43.65
C GLN D 1515 -12.01 -45.39 44.21
N ILE D 1516 -11.48 -44.33 43.59
CA ILE D 1516 -11.65 -42.95 44.10
C ILE D 1516 -13.05 -42.39 43.77
N ILE D 1517 -13.53 -42.51 42.54
CA ILE D 1517 -14.82 -41.93 42.13
C ILE D 1517 -15.77 -42.96 41.48
N GLY D 1518 -15.34 -43.64 40.42
CA GLY D 1518 -16.17 -44.61 39.69
C GLY D 1518 -17.16 -44.00 38.70
N ILE D 1519 -17.24 -44.56 37.49
CA ILE D 1519 -18.12 -44.12 36.40
C ILE D 1519 -19.61 -44.04 36.77
N PRO D 1520 -20.19 -44.87 37.67
CA PRO D 1520 -21.57 -44.68 38.14
C PRO D 1520 -21.86 -43.30 38.72
N LYS D 1521 -20.95 -42.73 39.52
CA LYS D 1521 -21.07 -41.38 40.07
C LYS D 1521 -20.95 -40.34 38.97
N ILE D 1522 -20.03 -40.50 38.03
CA ILE D 1522 -19.80 -39.54 36.97
C ILE D 1522 -21.03 -39.45 36.05
N ILE D 1523 -21.64 -40.59 35.72
CA ILE D 1523 -22.94 -40.65 35.03
C ILE D 1523 -24.03 -39.97 35.88
N GLN D 1524 -24.11 -40.22 37.18
CA GLN D 1524 -25.07 -39.54 38.07
C GLN D 1524 -24.88 -38.02 38.19
N LEU D 1525 -23.64 -37.51 38.23
CA LEU D 1525 -23.35 -36.07 38.23
C LEU D 1525 -23.75 -35.41 36.90
N CYS D 1526 -23.44 -36.08 35.79
CA CYS D 1526 -23.85 -35.65 34.46
C CYS D 1526 -25.39 -35.63 34.32
N ASP D 1527 -26.07 -36.67 34.81
CA ASP D 1527 -27.54 -36.70 34.84
C ASP D 1527 -28.14 -35.63 35.76
N GLY D 1528 -27.45 -35.26 36.84
CA GLY D 1528 -27.83 -34.13 37.69
C GLY D 1528 -27.78 -32.79 36.96
N ILE D 1529 -26.77 -32.55 36.11
CA ILE D 1529 -26.73 -31.37 35.25
C ILE D 1529 -27.90 -31.37 34.26
N MET D 1530 -28.31 -32.54 33.74
CA MET D 1530 -29.49 -32.64 32.89
C MET D 1530 -30.80 -32.39 33.65
N ALA D 1531 -31.00 -33.05 34.78
CA ALA D 1531 -32.22 -33.01 35.58
C ALA D 1531 -32.48 -31.65 36.24
N SER D 1532 -31.43 -30.91 36.61
CA SER D 1532 -31.53 -29.59 37.27
C SER D 1532 -32.00 -28.45 36.36
N GLY D 1533 -32.08 -28.66 35.04
CA GLY D 1533 -32.77 -27.76 34.12
C GLY D 1533 -31.95 -26.59 33.57
N ARG D 1534 -30.63 -26.59 33.76
CA ARG D 1534 -29.71 -25.60 33.15
C ARG D 1534 -29.43 -25.95 31.67
N LYS D 1535 -29.09 -24.95 30.85
CA LYS D 1535 -28.99 -25.05 29.38
C LYS D 1535 -28.06 -26.19 28.93
N ALA D 1536 -28.53 -27.07 28.05
CA ALA D 1536 -27.78 -28.25 27.62
C ALA D 1536 -26.48 -27.92 26.87
N VAL D 1537 -26.52 -27.06 25.84
CA VAL D 1537 -25.31 -26.74 25.03
C VAL D 1537 -24.20 -26.07 25.84
N THR D 1538 -24.58 -25.45 26.95
CA THR D 1538 -23.70 -24.70 27.85
C THR D 1538 -23.17 -25.56 29.00
N HIS D 1539 -23.93 -26.56 29.48
CA HIS D 1539 -23.61 -27.34 30.69
C HIS D 1539 -23.61 -28.87 30.50
N ALA D 1540 -24.71 -29.48 30.04
CA ALA D 1540 -24.84 -30.94 29.93
C ALA D 1540 -24.00 -31.55 28.80
N ILE D 1541 -23.95 -30.92 27.63
CA ILE D 1541 -23.18 -31.41 26.48
C ILE D 1541 -21.67 -31.41 26.76
N PRO D 1542 -21.05 -30.33 27.27
CA PRO D 1542 -19.66 -30.35 27.73
C PRO D 1542 -19.33 -31.41 28.79
N ALA D 1543 -20.29 -31.85 29.60
CA ALA D 1543 -20.10 -32.94 30.56
C ALA D 1543 -20.08 -34.31 29.87
N LEU D 1544 -20.95 -34.55 28.87
CA LEU D 1544 -21.00 -35.80 28.12
C LEU D 1544 -19.75 -36.05 27.27
N GLN D 1545 -19.15 -35.02 26.67
CA GLN D 1545 -18.05 -35.19 25.71
C GLN D 1545 -16.83 -35.96 26.28
N PRO D 1546 -16.27 -35.63 27.46
CA PRO D 1546 -15.24 -36.46 28.10
C PRO D 1546 -15.68 -37.91 28.36
N ILE D 1547 -16.90 -38.10 28.87
CA ILE D 1547 -17.44 -39.41 29.25
C ILE D 1547 -17.57 -40.32 28.02
N VAL D 1548 -18.12 -39.80 26.92
CA VAL D 1548 -18.30 -40.56 25.68
C VAL D 1548 -16.95 -40.94 25.07
N HIS D 1549 -16.00 -40.01 25.01
CA HIS D 1549 -14.69 -40.30 24.42
C HIS D 1549 -13.95 -41.38 25.23
N ASP D 1550 -14.03 -41.37 26.55
CA ASP D 1550 -13.47 -42.43 27.37
C ASP D 1550 -14.15 -43.79 27.08
N LEU D 1551 -15.45 -43.89 27.32
CA LEU D 1551 -16.18 -45.17 27.31
C LEU D 1551 -16.24 -45.83 25.93
N PHE D 1552 -16.17 -45.06 24.85
CA PHE D 1552 -16.30 -45.60 23.51
C PHE D 1552 -14.97 -45.70 22.75
N VAL D 1553 -13.95 -44.90 23.06
CA VAL D 1553 -12.65 -44.98 22.37
C VAL D 1553 -11.59 -45.77 23.14
N LEU D 1554 -11.49 -45.63 24.46
CA LEU D 1554 -10.26 -46.01 25.18
C LEU D 1554 -10.40 -46.56 26.61
N ARG D 1555 -11.63 -46.85 27.06
CA ARG D 1555 -11.93 -47.61 28.30
C ARG D 1555 -11.80 -49.13 28.11
N GLY D 1563 -15.81 -57.45 34.56
CA GLY D 1563 -15.75 -56.08 34.09
C GLY D 1563 -16.85 -55.74 33.08
N LYS D 1564 -17.70 -56.71 32.73
CA LYS D 1564 -18.74 -56.58 31.68
C LYS D 1564 -19.86 -55.57 32.03
N GLU D 1565 -19.92 -55.09 33.28
CA GLU D 1565 -20.82 -53.99 33.68
C GLU D 1565 -20.62 -52.71 32.87
N LEU D 1566 -19.42 -52.50 32.33
CA LEU D 1566 -19.06 -51.41 31.42
C LEU D 1566 -20.00 -51.33 30.21
N GLU D 1567 -20.44 -52.46 29.66
CA GLU D 1567 -21.39 -52.46 28.54
C GLU D 1567 -22.77 -51.92 28.94
N THR D 1568 -23.17 -52.08 30.21
CA THR D 1568 -24.41 -51.48 30.71
C THR D 1568 -24.25 -49.98 30.92
N GLN D 1569 -23.08 -49.52 31.37
CA GLN D 1569 -22.77 -48.10 31.48
C GLN D 1569 -22.74 -47.44 30.10
N LYS D 1570 -22.21 -48.09 29.07
CA LYS D 1570 -22.29 -47.63 27.67
C LYS D 1570 -23.74 -47.50 27.19
N GLU D 1571 -24.61 -48.45 27.51
CA GLU D 1571 -26.03 -48.36 27.18
C GLU D 1571 -26.76 -47.23 27.94
N VAL D 1572 -26.41 -46.98 29.20
CA VAL D 1572 -26.89 -45.81 29.95
C VAL D 1572 -26.40 -44.53 29.29
N VAL D 1573 -25.14 -44.43 28.89
CA VAL D 1573 -24.63 -43.25 28.19
C VAL D 1573 -25.38 -43.02 26.88
N VAL D 1574 -25.66 -44.05 26.09
CA VAL D 1574 -26.54 -43.91 24.91
C VAL D 1574 -27.94 -43.42 25.30
N SER D 1575 -28.45 -43.84 26.45
CA SER D 1575 -29.71 -43.33 27.00
C SER D 1575 -29.63 -41.86 27.45
N MET D 1576 -28.45 -41.30 27.77
CA MET D 1576 -28.24 -39.86 27.91
C MET D 1576 -28.37 -39.17 26.57
N LEU D 1577 -27.66 -39.65 25.55
CA LEU D 1577 -27.54 -38.99 24.26
C LEU D 1577 -28.90 -38.88 23.55
N LEU D 1578 -29.75 -39.90 23.67
CA LEU D 1578 -31.10 -39.88 23.08
C LEU D 1578 -32.01 -38.79 23.66
N ARG D 1579 -31.87 -38.43 24.95
CA ARG D 1579 -32.59 -37.32 25.58
C ARG D 1579 -32.17 -35.93 25.07
N LEU D 1580 -31.05 -35.82 24.36
CA LEU D 1580 -30.48 -34.56 23.86
C LEU D 1580 -30.25 -34.56 22.34
N ILE D 1581 -30.78 -35.55 21.62
CA ILE D 1581 -30.42 -35.77 20.21
C ILE D 1581 -30.78 -34.60 19.26
N GLN D 1582 -31.66 -33.67 19.65
CA GLN D 1582 -31.93 -32.46 18.90
C GLN D 1582 -30.70 -31.56 18.70
N TYR D 1583 -29.69 -31.61 19.59
CA TYR D 1583 -28.50 -30.75 19.53
C TYR D 1583 -27.39 -31.37 18.66
N HIS D 1584 -26.82 -30.62 17.70
CA HIS D 1584 -25.86 -31.19 16.76
C HIS D 1584 -24.57 -31.69 17.40
N GLN D 1585 -24.16 -31.12 18.53
CA GLN D 1585 -23.01 -31.60 19.31
C GLN D 1585 -23.22 -33.02 19.85
N VAL D 1586 -24.47 -33.48 19.98
CA VAL D 1586 -24.82 -34.84 20.39
C VAL D 1586 -24.86 -35.78 19.18
N LEU D 1587 -25.18 -35.26 17.99
CA LEU D 1587 -24.98 -36.01 16.75
C LEU D 1587 -23.50 -36.29 16.49
N GLU D 1588 -22.60 -35.36 16.80
CA GLU D 1588 -21.15 -35.61 16.78
C GLU D 1588 -20.74 -36.78 17.68
N MET D 1589 -21.30 -36.88 18.89
CA MET D 1589 -21.06 -38.01 19.78
C MET D 1589 -21.65 -39.32 19.24
N PHE D 1590 -22.81 -39.30 18.61
CA PHE D 1590 -23.33 -40.48 17.91
C PHE D 1590 -22.48 -40.92 16.73
N ILE D 1591 -21.84 -40.02 16.00
CA ILE D 1591 -20.84 -40.40 14.99
C ILE D 1591 -19.65 -41.13 15.64
N LEU D 1592 -19.23 -40.73 16.83
CA LEU D 1592 -18.16 -41.40 17.57
C LEU D 1592 -18.60 -42.76 18.15
N VAL D 1593 -19.83 -42.88 18.64
CA VAL D 1593 -20.42 -44.15 19.09
C VAL D 1593 -20.61 -45.15 17.94
N LEU D 1594 -21.18 -44.73 16.82
CA LEU D 1594 -21.49 -45.59 15.68
C LEU D 1594 -20.22 -46.17 15.07
N GLN D 1595 -19.18 -45.37 14.86
CA GLN D 1595 -17.90 -45.87 14.34
C GLN D 1595 -17.20 -46.84 15.29
N GLN D 1596 -17.34 -46.66 16.61
CA GLN D 1596 -16.77 -47.59 17.58
C GLN D 1596 -17.57 -48.88 17.73
N CYS D 1597 -18.85 -48.90 17.37
CA CYS D 1597 -19.63 -50.13 17.26
C CYS D 1597 -19.35 -50.84 15.93
N HIS D 1598 -19.30 -50.13 14.80
CA HIS D 1598 -19.00 -50.67 13.47
C HIS D 1598 -17.72 -51.51 13.42
N LYS D 1599 -16.64 -51.05 14.07
CA LYS D 1599 -15.37 -51.79 14.10
C LYS D 1599 -15.39 -53.05 14.96
N GLU D 1600 -16.37 -53.19 15.87
CA GLU D 1600 -16.35 -54.19 16.94
C GLU D 1600 -17.52 -55.19 16.85
N ASN D 1601 -18.69 -54.76 16.38
CA ASN D 1601 -19.91 -55.54 16.30
C ASN D 1601 -20.89 -54.96 15.26
N GLU D 1602 -20.96 -55.62 14.10
CA GLU D 1602 -21.87 -55.32 12.99
C GLU D 1602 -23.36 -55.26 13.39
N ASP D 1603 -23.78 -56.16 14.29
CA ASP D 1603 -25.17 -56.30 14.72
C ASP D 1603 -25.56 -55.19 15.70
N LYS D 1604 -24.65 -54.78 16.60
CA LYS D 1604 -24.84 -53.63 17.50
C LYS D 1604 -24.85 -52.31 16.73
N TRP D 1605 -24.00 -52.16 15.72
CA TRP D 1605 -24.02 -51.01 14.82
C TRP D 1605 -25.34 -50.92 14.06
N LYS D 1606 -25.88 -52.04 13.57
CA LYS D 1606 -27.19 -52.10 12.93
C LYS D 1606 -28.34 -51.77 13.87
N ARG D 1607 -28.38 -52.32 15.09
CA ARG D 1607 -29.41 -51.94 16.09
C ARG D 1607 -29.34 -50.47 16.47
N LEU D 1608 -28.17 -49.91 16.77
CA LEU D 1608 -28.03 -48.48 17.06
C LEU D 1608 -28.48 -47.62 15.88
N SER D 1609 -28.10 -47.98 14.68
CA SER D 1609 -28.45 -47.22 13.50
C SER D 1609 -29.97 -47.19 13.29
N ARG D 1610 -30.67 -48.26 13.63
CA ARG D 1610 -32.13 -48.28 13.60
C ARG D 1610 -32.74 -47.51 14.75
N GLN D 1611 -32.20 -47.66 15.95
CA GLN D 1611 -32.62 -46.90 17.14
C GLN D 1611 -32.49 -45.39 16.91
N ILE D 1612 -31.45 -44.93 16.21
CA ILE D 1612 -31.24 -43.52 15.88
C ILE D 1612 -32.16 -43.08 14.74
N ALA D 1613 -32.23 -43.80 13.62
CA ALA D 1613 -33.09 -43.41 12.49
C ALA D 1613 -34.58 -43.36 12.87
N ASP D 1614 -35.04 -44.25 13.75
CA ASP D 1614 -36.42 -44.26 14.25
C ASP D 1614 -36.74 -43.09 15.19
N ILE D 1615 -35.74 -42.40 15.74
CA ILE D 1615 -35.91 -41.20 16.56
C ILE D 1615 -35.73 -39.93 15.71
N ILE D 1616 -34.66 -39.87 14.91
CA ILE D 1616 -34.28 -38.71 14.11
C ILE D 1616 -35.34 -38.35 13.07
N LEU D 1617 -35.89 -39.31 12.33
CA LEU D 1617 -36.76 -39.01 11.19
C LEU D 1617 -38.11 -38.39 11.58
N PRO D 1618 -38.82 -38.87 12.62
CA PRO D 1618 -39.95 -38.16 13.21
C PRO D 1618 -39.65 -36.73 13.64
N MET D 1619 -38.46 -36.47 14.18
CA MET D 1619 -38.08 -35.12 14.63
C MET D 1619 -37.82 -34.18 13.48
N LEU D 1620 -37.18 -34.62 12.39
CA LEU D 1620 -37.03 -33.84 11.17
C LEU D 1620 -38.41 -33.44 10.64
N ALA D 1621 -39.35 -34.37 10.63
CA ALA D 1621 -40.70 -34.14 10.13
C ALA D 1621 -41.46 -33.04 10.92
N LYS D 1622 -41.19 -32.93 12.22
CA LYS D 1622 -41.80 -31.96 13.14
C LYS D 1622 -40.93 -30.72 13.43
N GLN D 1623 -39.83 -30.51 12.70
CA GLN D 1623 -38.85 -29.43 12.92
C GLN D 1623 -38.26 -29.38 14.35
N GLN D 1624 -38.13 -30.52 15.03
CA GLN D 1624 -37.62 -30.58 16.41
C GLN D 1624 -36.09 -30.67 16.54
N MET D 1625 -35.36 -30.86 15.44
CA MET D 1625 -33.88 -30.83 15.42
C MET D 1625 -33.33 -29.40 15.42
N HIS D 1626 -32.26 -29.10 16.15
CA HIS D 1626 -31.60 -27.79 16.17
C HIS D 1626 -30.57 -27.63 15.04
N ILE D 1627 -31.05 -27.67 13.81
CA ILE D 1627 -30.27 -27.69 12.56
C ILE D 1627 -30.43 -26.42 11.71
N ASP D 1628 -30.69 -25.27 12.34
CA ASP D 1628 -30.80 -23.95 11.69
C ASP D 1628 -29.42 -23.28 11.42
N SER D 1629 -28.38 -24.08 11.18
CA SER D 1629 -27.00 -23.63 10.97
C SER D 1629 -26.25 -24.56 10.01
N HIS D 1630 -25.33 -24.03 9.22
CA HIS D 1630 -24.50 -24.78 8.27
C HIS D 1630 -23.64 -25.85 8.95
N GLU D 1631 -23.16 -25.58 10.17
CA GLU D 1631 -22.40 -26.53 10.96
C GLU D 1631 -23.26 -27.73 11.38
N ALA D 1632 -24.46 -27.46 11.90
CA ALA D 1632 -25.42 -28.47 12.31
C ALA D 1632 -25.92 -29.31 11.13
N LEU D 1633 -26.22 -28.68 10.00
CA LEU D 1633 -26.62 -29.39 8.78
C LEU D 1633 -25.49 -30.28 8.25
N GLY D 1634 -24.24 -29.82 8.31
CA GLY D 1634 -23.07 -30.62 7.98
C GLY D 1634 -22.91 -31.85 8.87
N VAL D 1635 -23.06 -31.70 10.18
CA VAL D 1635 -23.04 -32.82 11.15
C VAL D 1635 -24.18 -33.82 10.89
N LEU D 1636 -25.39 -33.37 10.58
CA LEU D 1636 -26.47 -34.28 10.23
C LEU D 1636 -26.17 -35.06 8.95
N ASN D 1637 -25.60 -34.41 7.94
CA ASN D 1637 -25.22 -35.05 6.67
C ASN D 1637 -24.14 -36.15 6.83
N THR D 1638 -23.16 -36.00 7.71
CA THR D 1638 -22.18 -37.05 8.01
C THR D 1638 -22.78 -38.19 8.86
N LEU D 1639 -23.69 -37.90 9.79
CA LEU D 1639 -24.35 -38.94 10.59
C LEU D 1639 -25.08 -39.95 9.70
N PHE D 1640 -25.83 -39.48 8.69
CA PHE D 1640 -26.51 -40.34 7.75
C PHE D 1640 -25.57 -41.19 6.86
N GLU D 1641 -24.29 -40.84 6.71
CA GLU D 1641 -23.29 -41.73 6.08
C GLU D 1641 -22.75 -42.80 7.02
N ILE D 1642 -22.74 -42.53 8.31
CA ILE D 1642 -22.17 -43.35 9.38
C ILE D 1642 -23.19 -44.34 9.97
N LEU D 1643 -24.49 -44.06 9.81
CA LEU D 1643 -25.56 -45.04 10.07
C LEU D 1643 -25.46 -46.24 9.12
N ALA D 1644 -25.76 -47.44 9.63
CA ALA D 1644 -25.81 -48.67 8.85
C ALA D 1644 -26.85 -48.57 7.72
N PRO D 1645 -26.51 -48.87 6.45
CA PRO D 1645 -27.40 -48.66 5.30
C PRO D 1645 -28.78 -49.31 5.40
N SER D 1646 -28.91 -50.45 6.08
CA SER D 1646 -30.17 -51.12 6.33
C SER D 1646 -31.20 -50.24 7.05
N SER D 1647 -30.74 -49.31 7.89
CA SER D 1647 -31.58 -48.47 8.75
C SER D 1647 -32.32 -47.36 7.98
N LEU D 1648 -31.96 -47.15 6.72
CA LEU D 1648 -32.47 -46.14 5.81
C LEU D 1648 -33.03 -46.79 4.53
N ARG D 1649 -33.12 -48.13 4.48
CA ARG D 1649 -33.28 -48.91 3.25
C ARG D 1649 -34.71 -48.95 2.68
N PRO D 1650 -35.76 -49.30 3.45
CA PRO D 1650 -37.12 -49.01 3.03
C PRO D 1650 -37.33 -47.49 3.13
N VAL D 1651 -37.27 -46.79 2.00
CA VAL D 1651 -37.24 -45.31 1.96
C VAL D 1651 -38.52 -44.62 2.44
N ASP D 1652 -39.56 -45.35 2.81
CA ASP D 1652 -40.83 -44.74 3.23
C ASP D 1652 -40.72 -43.91 4.53
N MET D 1653 -39.85 -44.23 5.49
CA MET D 1653 -39.61 -43.33 6.64
C MET D 1653 -39.02 -41.99 6.18
N LEU D 1654 -38.04 -42.03 5.29
CA LEU D 1654 -37.39 -40.84 4.73
C LEU D 1654 -38.41 -39.99 3.99
N LEU D 1655 -39.17 -40.62 3.08
CA LEU D 1655 -40.16 -39.93 2.28
C LEU D 1655 -41.35 -39.41 3.10
N ARG D 1656 -41.74 -40.05 4.21
CA ARG D 1656 -42.74 -39.51 5.15
C ARG D 1656 -42.22 -38.40 6.05
N SER D 1657 -40.90 -38.24 6.17
CA SER D 1657 -40.24 -37.18 6.96
C SER D 1657 -39.87 -35.96 6.12
N MET D 1658 -39.52 -36.17 4.84
CA MET D 1658 -39.71 -35.20 3.75
C MET D 1658 -41.20 -35.13 3.40
N PHE D 1659 -41.62 -34.38 2.37
CA PHE D 1659 -43.03 -34.29 1.97
C PHE D 1659 -43.98 -33.96 3.14
N VAL D 1660 -43.56 -33.01 3.97
CA VAL D 1660 -44.34 -32.38 5.04
C VAL D 1660 -44.37 -30.86 4.85
N THR D 1661 -45.43 -30.21 5.33
CA THR D 1661 -45.43 -28.76 5.63
C THR D 1661 -45.00 -28.50 7.08
N PRO D 1662 -44.43 -27.33 7.40
CA PRO D 1662 -44.21 -26.90 8.77
C PRO D 1662 -45.51 -26.45 9.44
N ASN D 1663 -45.51 -26.21 10.75
CA ASN D 1663 -46.71 -25.67 11.43
C ASN D 1663 -47.02 -24.22 11.05
N THR D 1664 -46.02 -23.43 10.66
CA THR D 1664 -46.19 -22.09 10.06
C THR D 1664 -45.01 -21.73 9.14
N MET D 1665 -45.24 -20.81 8.20
CA MET D 1665 -44.19 -20.11 7.44
C MET D 1665 -44.10 -18.62 7.81
N ALA D 1666 -44.74 -18.18 8.90
CA ALA D 1666 -44.69 -16.80 9.38
C ALA D 1666 -43.34 -16.40 10.03
N SER D 1667 -42.50 -17.37 10.41
CA SER D 1667 -41.21 -17.10 11.05
C SER D 1667 -40.04 -17.77 10.31
N VAL D 1668 -38.93 -17.04 10.23
CA VAL D 1668 -37.72 -17.43 9.49
C VAL D 1668 -37.10 -18.70 10.07
N SER D 1669 -37.01 -18.80 11.39
CA SER D 1669 -36.49 -19.98 12.07
C SER D 1669 -37.24 -21.26 11.70
N THR D 1670 -38.57 -21.20 11.58
CA THR D 1670 -39.38 -22.38 11.22
C THR D 1670 -39.16 -22.79 9.77
N VAL D 1671 -39.12 -21.85 8.83
CA VAL D 1671 -38.82 -22.14 7.43
C VAL D 1671 -37.40 -22.71 7.30
N GLN D 1672 -36.40 -22.12 7.96
CA GLN D 1672 -35.03 -22.65 7.96
C GLN D 1672 -34.93 -24.06 8.54
N LEU D 1673 -35.57 -24.33 9.68
CA LEU D 1673 -35.60 -25.69 10.22
C LEU D 1673 -36.24 -26.68 9.26
N TRP D 1674 -37.35 -26.31 8.64
CA TRP D 1674 -38.04 -27.15 7.66
C TRP D 1674 -37.17 -27.45 6.43
N ILE D 1675 -36.61 -26.43 5.76
CA ILE D 1675 -35.77 -26.63 4.57
C ILE D 1675 -34.48 -27.39 4.92
N SER D 1676 -33.86 -27.13 6.07
CA SER D 1676 -32.69 -27.87 6.55
C SER D 1676 -32.96 -29.38 6.69
N GLY D 1677 -34.09 -29.75 7.32
CA GLY D 1677 -34.54 -31.13 7.37
C GLY D 1677 -34.79 -31.73 5.98
N ILE D 1678 -35.39 -31.00 5.06
CA ILE D 1678 -35.59 -31.47 3.68
C ILE D 1678 -34.25 -31.74 2.98
N LEU D 1679 -33.29 -30.82 3.04
CA LEU D 1679 -31.98 -30.98 2.40
C LEU D 1679 -31.20 -32.15 2.98
N ALA D 1680 -31.32 -32.42 4.28
CA ALA D 1680 -30.77 -33.61 4.90
C ALA D 1680 -31.40 -34.91 4.38
N ILE D 1681 -32.72 -34.99 4.19
CA ILE D 1681 -33.35 -36.17 3.56
C ILE D 1681 -32.93 -36.29 2.09
N LEU D 1682 -33.02 -35.20 1.33
CA LEU D 1682 -32.77 -35.17 -0.12
C LEU D 1682 -31.39 -35.71 -0.49
N ARG D 1683 -30.36 -35.40 0.30
CA ARG D 1683 -29.00 -35.90 0.06
C ARG D 1683 -28.89 -37.41 0.27
N VAL D 1684 -29.57 -37.97 1.27
CA VAL D 1684 -29.61 -39.41 1.55
C VAL D 1684 -30.30 -40.16 0.41
N LEU D 1685 -31.39 -39.60 -0.11
CA LEU D 1685 -32.08 -40.16 -1.26
C LEU D 1685 -31.17 -40.21 -2.49
N ILE D 1686 -30.60 -39.08 -2.94
CA ILE D 1686 -29.79 -39.02 -4.16
C ILE D 1686 -28.42 -39.70 -4.05
N SER D 1687 -27.91 -39.94 -2.85
CA SER D 1687 -26.66 -40.68 -2.63
C SER D 1687 -26.88 -42.19 -2.43
N GLN D 1688 -27.75 -42.58 -1.50
CA GLN D 1688 -27.85 -43.96 -1.02
C GLN D 1688 -28.98 -44.80 -1.65
N SER D 1689 -29.81 -44.22 -2.52
CA SER D 1689 -30.87 -44.92 -3.24
C SER D 1689 -30.87 -44.53 -4.72
N THR D 1690 -31.33 -45.44 -5.58
CA THR D 1690 -31.49 -45.17 -7.01
C THR D 1690 -32.83 -44.48 -7.26
N GLU D 1691 -32.97 -43.77 -8.38
CA GLU D 1691 -34.21 -43.13 -8.82
C GLU D 1691 -35.43 -44.07 -8.79
N ASP D 1692 -35.33 -45.31 -9.25
CA ASP D 1692 -36.46 -46.24 -9.32
C ASP D 1692 -36.99 -46.65 -7.93
N ILE D 1693 -36.12 -46.88 -6.94
CA ILE D 1693 -36.54 -47.13 -5.55
C ILE D 1693 -37.35 -45.95 -5.01
N VAL D 1694 -36.88 -44.72 -5.25
CA VAL D 1694 -37.56 -43.51 -4.78
C VAL D 1694 -38.90 -43.33 -5.47
N LEU D 1695 -38.93 -43.32 -6.80
CA LEU D 1695 -40.15 -43.03 -7.54
C LEU D 1695 -41.21 -44.12 -7.36
N SER D 1696 -40.83 -45.39 -7.27
CA SER D 1696 -41.79 -46.48 -7.01
C SER D 1696 -42.43 -46.36 -5.63
N ARG D 1697 -41.66 -46.11 -4.56
CA ARG D 1697 -42.22 -45.88 -3.22
C ARG D 1697 -43.06 -44.61 -3.12
N ILE D 1698 -42.71 -43.50 -3.77
CA ILE D 1698 -43.55 -42.28 -3.81
C ILE D 1698 -44.94 -42.59 -4.38
N GLN D 1699 -45.02 -43.32 -5.49
CA GLN D 1699 -46.30 -43.67 -6.13
C GLN D 1699 -47.19 -44.54 -5.23
N GLU D 1700 -46.60 -45.45 -4.46
CA GLU D 1700 -47.32 -46.30 -3.51
C GLU D 1700 -47.73 -45.57 -2.22
N LEU D 1701 -46.93 -44.61 -1.73
CA LEU D 1701 -47.19 -43.83 -0.50
C LEU D 1701 -48.20 -42.70 -0.67
N SER D 1702 -48.57 -42.36 -1.91
CA SER D 1702 -49.62 -41.41 -2.25
C SER D 1702 -49.39 -39.97 -1.77
N PHE D 1703 -48.16 -39.47 -1.90
CA PHE D 1703 -47.89 -38.03 -1.83
C PHE D 1703 -48.47 -37.31 -3.05
N SER D 1704 -48.58 -35.98 -3.00
CA SER D 1704 -49.07 -35.16 -4.12
C SER D 1704 -48.29 -33.85 -4.23
N PRO D 1705 -48.23 -33.23 -5.43
CA PRO D 1705 -47.49 -31.97 -5.63
C PRO D 1705 -48.16 -30.79 -4.93
N TYR D 1706 -49.47 -30.89 -4.68
CA TYR D 1706 -50.28 -29.88 -3.99
C TYR D 1706 -49.95 -29.73 -2.51
N LEU D 1707 -49.01 -30.50 -1.98
CA LEU D 1707 -48.51 -30.38 -0.61
C LEU D 1707 -48.07 -28.94 -0.28
N ILE D 1708 -47.32 -28.29 -1.17
CA ILE D 1708 -46.83 -26.92 -1.02
C ILE D 1708 -47.19 -26.07 -2.23
N SER D 1709 -48.44 -26.17 -2.66
CA SER D 1709 -49.05 -25.21 -3.59
C SER D 1709 -48.95 -23.78 -3.06
N CYS D 1710 -48.95 -22.78 -3.95
CA CYS D 1710 -48.98 -21.38 -3.59
C CYS D 1710 -50.13 -21.04 -2.61
N THR D 1711 -51.29 -21.69 -2.72
CA THR D 1711 -52.40 -21.47 -1.78
C THR D 1711 -52.07 -21.96 -0.36
N VAL D 1712 -51.33 -23.06 -0.23
CA VAL D 1712 -50.86 -23.60 1.06
C VAL D 1712 -49.76 -22.72 1.65
N ILE D 1713 -48.80 -22.30 0.84
CA ILE D 1713 -47.71 -21.39 1.25
C ILE D 1713 -48.28 -20.06 1.77
N ASN D 1714 -49.24 -19.45 1.07
CA ASN D 1714 -49.84 -18.19 1.48
C ASN D 1714 -50.60 -18.28 2.82
N ARG D 1715 -51.38 -19.34 3.07
CA ARG D 1715 -52.03 -19.50 4.39
C ARG D 1715 -51.02 -19.78 5.51
N LEU D 1716 -49.94 -20.52 5.23
CA LEU D 1716 -48.86 -20.75 6.19
C LEU D 1716 -48.04 -19.49 6.47
N ARG D 1717 -47.95 -18.54 5.54
CA ARG D 1717 -47.35 -17.22 5.79
C ARG D 1717 -48.22 -16.35 6.69
N ASP D 1718 -49.54 -16.43 6.58
CA ASP D 1718 -50.47 -15.71 7.45
C ASP D 1718 -50.56 -16.29 8.86
N GLY D 1719 -50.33 -17.58 9.02
CA GLY D 1719 -50.43 -18.27 10.31
C GLY D 1719 -50.36 -19.79 10.18
N ASP D 1720 -51.49 -20.47 10.35
CA ASP D 1720 -51.63 -21.93 10.40
C ASP D 1720 -52.81 -22.47 9.57
N ASN D 1736 -51.30 -38.26 -10.13
CA ASN D 1736 -50.18 -37.86 -10.98
C ASN D 1736 -48.94 -38.73 -10.75
N LEU D 1737 -47.92 -38.60 -11.61
CA LEU D 1737 -46.69 -39.39 -11.56
C LEU D 1737 -45.80 -39.06 -10.35
N PRO D 1738 -44.95 -39.99 -9.90
CA PRO D 1738 -44.01 -39.73 -8.82
C PRO D 1738 -42.90 -38.75 -9.23
N GLU D 1739 -42.43 -38.80 -10.49
CA GLU D 1739 -41.45 -37.87 -11.04
C GLU D 1739 -41.95 -36.42 -11.05
N GLU D 1740 -43.23 -36.20 -11.36
CA GLU D 1740 -43.89 -34.88 -11.33
C GLU D 1740 -44.04 -34.38 -9.88
N THR D 1741 -44.37 -35.28 -8.96
CA THR D 1741 -44.51 -34.99 -7.51
C THR D 1741 -43.20 -34.52 -6.90
N PHE D 1742 -42.12 -35.27 -7.10
CA PHE D 1742 -40.78 -34.95 -6.60
C PHE D 1742 -40.25 -33.64 -7.18
N SER D 1743 -40.43 -33.43 -8.49
CA SER D 1743 -39.95 -32.23 -9.16
C SER D 1743 -40.70 -30.96 -8.75
N ARG D 1744 -42.03 -31.01 -8.58
CA ARG D 1744 -42.79 -29.88 -8.05
C ARG D 1744 -42.38 -29.50 -6.64
N PHE D 1745 -42.15 -30.47 -5.76
CA PHE D 1745 -41.75 -30.21 -4.39
C PHE D 1745 -40.43 -29.42 -4.34
N LEU D 1746 -39.39 -29.88 -5.02
CA LEU D 1746 -38.13 -29.15 -5.10
C LEU D 1746 -38.27 -27.77 -5.79
N LEU D 1747 -39.07 -27.66 -6.84
CA LEU D 1747 -39.27 -26.40 -7.56
C LEU D 1747 -40.08 -25.38 -6.73
N GLN D 1748 -41.01 -25.81 -5.89
CA GLN D 1748 -41.69 -24.93 -4.93
C GLN D 1748 -40.76 -24.42 -3.83
N LEU D 1749 -39.87 -25.27 -3.30
CA LEU D 1749 -38.86 -24.86 -2.31
C LEU D 1749 -37.89 -23.80 -2.84
N VAL D 1750 -37.53 -23.85 -4.13
CA VAL D 1750 -36.76 -22.78 -4.79
C VAL D 1750 -37.52 -21.46 -4.70
N GLY D 1751 -38.81 -21.44 -5.04
CA GLY D 1751 -39.62 -20.23 -4.97
C GLY D 1751 -39.75 -19.66 -3.56
N ILE D 1752 -39.88 -20.52 -2.55
CA ILE D 1752 -39.89 -20.10 -1.14
C ILE D 1752 -38.56 -19.43 -0.75
N LEU D 1753 -37.41 -20.02 -1.09
CA LEU D 1753 -36.10 -19.46 -0.76
C LEU D 1753 -35.83 -18.14 -1.48
N LEU D 1754 -36.14 -18.04 -2.77
CA LEU D 1754 -35.96 -16.81 -3.53
C LEU D 1754 -36.83 -15.66 -2.99
N GLU D 1755 -38.09 -15.93 -2.62
CA GLU D 1755 -38.92 -14.96 -1.93
C GLU D 1755 -38.34 -14.56 -0.58
N ASP D 1756 -37.93 -15.52 0.25
CA ASP D 1756 -37.35 -15.19 1.55
C ASP D 1756 -35.98 -14.48 1.48
N ILE D 1757 -35.22 -14.58 0.39
CA ILE D 1757 -33.97 -13.81 0.22
C ILE D 1757 -34.23 -12.39 -0.34
N VAL D 1758 -35.14 -12.25 -1.31
CA VAL D 1758 -35.43 -10.95 -1.96
C VAL D 1758 -36.44 -10.10 -1.17
N THR D 1759 -37.40 -10.72 -0.49
CA THR D 1759 -38.61 -10.09 0.06
C THR D 1759 -38.61 -10.14 1.59
N LYS D 1760 -37.49 -9.77 2.21
CA LYS D 1760 -37.27 -9.83 3.67
C LYS D 1760 -36.24 -8.78 4.13
N GLN D 1761 -36.50 -8.04 5.20
CA GLN D 1761 -35.64 -6.92 5.63
C GLN D 1761 -34.70 -7.32 6.78
N LEU D 1762 -33.40 -7.03 6.64
CA LEU D 1762 -32.39 -7.28 7.66
C LEU D 1762 -32.65 -6.50 8.96
N LYS D 1763 -32.35 -7.13 10.10
CA LYS D 1763 -32.66 -6.73 11.49
C LYS D 1763 -34.15 -6.66 11.82
N VAL D 1764 -34.98 -6.11 10.94
CA VAL D 1764 -36.44 -6.00 11.12
C VAL D 1764 -37.12 -7.37 11.07
N GLU D 1765 -36.73 -8.22 10.11
CA GLU D 1765 -37.42 -9.49 9.80
C GLU D 1765 -36.50 -10.71 9.85
N MET D 1766 -35.20 -10.56 9.60
CA MET D 1766 -34.19 -11.61 9.74
C MET D 1766 -32.83 -11.06 10.16
N SER D 1767 -32.01 -11.85 10.87
CA SER D 1767 -30.65 -11.47 11.25
C SER D 1767 -29.62 -11.76 10.16
N GLU D 1768 -28.39 -11.27 10.31
CA GLU D 1768 -27.30 -11.46 9.34
C GLU D 1768 -26.94 -12.95 9.13
N GLN D 1769 -26.97 -13.73 10.23
CA GLN D 1769 -26.76 -15.17 10.22
C GLN D 1769 -27.91 -15.92 9.54
N GLN D 1770 -29.15 -15.46 9.72
CA GLN D 1770 -30.31 -16.01 9.02
C GLN D 1770 -30.25 -15.72 7.51
N HIS D 1771 -29.94 -14.50 7.09
CA HIS D 1771 -29.77 -14.20 5.68
C HIS D 1771 -28.66 -15.04 5.03
N THR D 1772 -27.55 -15.24 5.75
CA THR D 1772 -26.45 -16.10 5.30
C THR D 1772 -26.90 -17.55 5.16
N PHE D 1773 -27.59 -18.13 6.16
CA PHE D 1773 -28.02 -19.52 6.09
C PHE D 1773 -29.12 -19.77 5.05
N TYR D 1774 -30.03 -18.82 4.78
CA TYR D 1774 -30.93 -18.90 3.62
C TYR D 1774 -30.14 -19.08 2.31
N CYS D 1775 -29.10 -18.29 2.10
CA CYS D 1775 -28.30 -18.34 0.89
C CYS D 1775 -27.53 -19.67 0.77
N GLN D 1776 -27.04 -20.21 1.89
CA GLN D 1776 -26.39 -21.52 1.92
C GLN D 1776 -27.38 -22.67 1.66
N GLU D 1777 -28.61 -22.59 2.15
CA GLU D 1777 -29.67 -23.56 1.85
C GLU D 1777 -30.03 -23.54 0.37
N LEU D 1778 -30.18 -22.35 -0.21
CA LEU D 1778 -30.43 -22.21 -1.63
C LEU D 1778 -29.26 -22.71 -2.48
N GLY D 1779 -28.03 -22.39 -2.12
CA GLY D 1779 -26.85 -22.91 -2.82
C GLY D 1779 -26.78 -24.44 -2.78
N THR D 1780 -27.13 -25.05 -1.65
CA THR D 1780 -27.19 -26.50 -1.49
C THR D 1780 -28.32 -27.14 -2.29
N LEU D 1781 -29.51 -26.54 -2.27
CA LEU D 1781 -30.64 -26.98 -3.07
C LEU D 1781 -30.34 -26.91 -4.57
N LEU D 1782 -29.82 -25.79 -5.06
CA LEU D 1782 -29.48 -25.66 -6.48
C LEU D 1782 -28.35 -26.61 -6.89
N MET D 1783 -27.36 -26.88 -6.03
CA MET D 1783 -26.37 -27.93 -6.31
C MET D 1783 -26.98 -29.33 -6.40
N CYS D 1784 -28.00 -29.66 -5.60
CA CYS D 1784 -28.71 -30.93 -5.78
C CYS D 1784 -29.39 -30.99 -7.14
N LEU D 1785 -30.12 -29.96 -7.53
CA LEU D 1785 -30.80 -29.93 -8.83
C LEU D 1785 -29.81 -30.06 -9.97
N ILE D 1786 -28.65 -29.40 -9.91
CA ILE D 1786 -27.57 -29.56 -10.88
C ILE D 1786 -27.07 -31.02 -10.94
N HIS D 1787 -26.83 -31.68 -9.82
CA HIS D 1787 -26.45 -33.10 -9.81
C HIS D 1787 -27.54 -34.03 -10.37
N ILE D 1788 -28.79 -33.83 -9.98
CA ILE D 1788 -29.94 -34.60 -10.47
C ILE D 1788 -30.08 -34.43 -11.99
N PHE D 1789 -29.93 -33.21 -12.53
CA PHE D 1789 -30.08 -32.96 -13.95
C PHE D 1789 -28.84 -33.27 -14.81
N LYS D 1790 -27.63 -33.22 -14.26
CA LYS D 1790 -26.36 -33.38 -15.01
C LYS D 1790 -25.73 -34.76 -14.92
N SER D 1791 -25.90 -35.48 -13.81
CA SER D 1791 -25.22 -36.77 -13.57
C SER D 1791 -25.65 -37.90 -14.51
N GLY D 1792 -26.82 -37.80 -15.12
CA GLY D 1792 -27.36 -38.81 -16.05
C GLY D 1792 -28.12 -39.96 -15.38
N MET D 1793 -28.14 -40.03 -14.05
CA MET D 1793 -28.73 -41.12 -13.28
C MET D 1793 -30.24 -40.99 -13.01
N PHE D 1794 -30.79 -39.78 -13.04
CA PHE D 1794 -32.16 -39.45 -12.66
C PHE D 1794 -33.00 -38.99 -13.87
N ARG D 1795 -32.94 -39.73 -14.98
CA ARG D 1795 -33.52 -39.32 -16.27
C ARG D 1795 -35.00 -38.99 -16.20
N ARG D 1796 -35.80 -39.74 -15.44
CA ARG D 1796 -37.24 -39.51 -15.29
C ARG D 1796 -37.51 -38.18 -14.58
N ILE D 1797 -36.77 -37.90 -13.51
CA ILE D 1797 -36.85 -36.61 -12.83
C ILE D 1797 -36.38 -35.48 -13.76
N THR D 1798 -35.32 -35.66 -14.57
CA THR D 1798 -34.94 -34.62 -15.55
C THR D 1798 -36.02 -34.31 -16.58
N ALA D 1799 -36.77 -35.32 -17.04
CA ALA D 1799 -37.89 -35.11 -17.96
C ALA D 1799 -39.04 -34.40 -17.26
N ALA D 1800 -39.41 -34.83 -16.06
CA ALA D 1800 -40.43 -34.15 -15.25
C ALA D 1800 -40.09 -32.68 -15.00
N ALA D 1801 -38.85 -32.37 -14.60
CA ALA D 1801 -38.39 -30.99 -14.48
C ALA D 1801 -38.47 -30.23 -15.82
N THR D 1802 -38.00 -30.81 -16.91
CA THR D 1802 -38.03 -30.18 -18.24
C THR D 1802 -39.47 -29.89 -18.70
N ARG D 1803 -40.45 -30.73 -18.34
CA ARG D 1803 -41.87 -30.44 -18.59
C ARG D 1803 -42.41 -29.34 -17.69
N LEU D 1804 -42.16 -29.41 -16.38
CA LEU D 1804 -42.72 -28.49 -15.38
C LEU D 1804 -42.17 -27.06 -15.48
N PHE D 1805 -40.90 -26.89 -15.86
CA PHE D 1805 -40.33 -25.58 -16.15
C PHE D 1805 -40.94 -24.98 -17.44
N ARG D 1806 -41.64 -25.78 -18.25
CA ARG D 1806 -42.16 -25.44 -19.59
C ARG D 1806 -43.70 -25.48 -19.66
N SER D 1807 -44.36 -25.09 -18.57
CA SER D 1807 -45.82 -25.04 -18.41
C SER D 1807 -46.28 -23.79 -17.65
N ASP D 1808 -47.58 -23.51 -17.66
CA ASP D 1808 -48.19 -22.65 -16.65
C ASP D 1808 -48.10 -23.33 -15.26
N GLY D 1809 -48.37 -22.56 -14.20
CA GLY D 1809 -48.32 -23.04 -12.81
C GLY D 1809 -49.54 -23.87 -12.40
N CYS D 1810 -50.07 -24.71 -13.29
CA CYS D 1810 -51.34 -25.44 -13.17
C CYS D 1810 -52.47 -24.53 -12.65
N GLY D 1811 -52.82 -23.50 -13.43
CA GLY D 1811 -53.84 -22.52 -13.07
C GLY D 1811 -53.45 -21.58 -11.92
N GLY D 1812 -52.16 -21.25 -11.79
CA GLY D 1812 -51.63 -20.37 -10.74
C GLY D 1812 -51.51 -21.03 -9.36
N SER D 1813 -51.57 -22.36 -9.28
CA SER D 1813 -51.38 -23.12 -8.04
C SER D 1813 -49.90 -23.39 -7.69
N PHE D 1814 -48.98 -23.18 -8.63
CA PHE D 1814 -47.53 -23.36 -8.49
C PHE D 1814 -46.75 -22.17 -9.08
N TYR D 1815 -45.48 -22.00 -8.71
CA TYR D 1815 -44.62 -20.96 -9.28
C TYR D 1815 -44.31 -21.24 -10.76
N THR D 1816 -44.62 -20.27 -11.63
CA THR D 1816 -44.18 -20.27 -13.02
C THR D 1816 -42.67 -20.01 -13.10
N LEU D 1817 -42.03 -20.44 -14.18
CA LEU D 1817 -40.61 -20.12 -14.39
C LEU D 1817 -40.37 -18.61 -14.52
N ASP D 1818 -41.33 -17.87 -15.08
CA ASP D 1818 -41.30 -16.39 -15.10
C ASP D 1818 -41.17 -15.79 -13.70
N SER D 1819 -41.88 -16.32 -12.69
CA SER D 1819 -41.90 -15.76 -11.34
C SER D 1819 -40.60 -16.05 -10.59
N LEU D 1820 -40.03 -17.24 -10.76
CA LEU D 1820 -38.71 -17.60 -10.25
C LEU D 1820 -37.61 -16.76 -10.92
N ASN D 1821 -37.71 -16.50 -12.24
CA ASN D 1821 -36.78 -15.64 -12.96
C ASN D 1821 -36.89 -14.16 -12.56
N LEU D 1822 -38.09 -13.60 -12.35
CA LEU D 1822 -38.24 -12.24 -11.81
C LEU D 1822 -37.54 -12.08 -10.45
N ARG D 1823 -37.68 -13.07 -9.56
CA ARG D 1823 -36.92 -13.09 -8.30
C ARG D 1823 -35.42 -13.24 -8.55
N ALA D 1824 -34.99 -14.18 -9.38
CA ALA D 1824 -33.58 -14.43 -9.66
C ALA D 1824 -32.88 -13.23 -10.33
N ARG D 1825 -33.52 -12.50 -11.25
CA ARG D 1825 -33.00 -11.24 -11.82
C ARG D 1825 -32.69 -10.24 -10.72
N SER D 1826 -33.58 -10.12 -9.74
CA SER D 1826 -33.46 -9.18 -8.63
C SER D 1826 -32.27 -9.49 -7.72
N MET D 1827 -31.77 -10.73 -7.70
CA MET D 1827 -30.58 -11.12 -6.97
C MET D 1827 -29.26 -10.81 -7.70
N ILE D 1828 -29.23 -10.41 -8.97
CA ILE D 1828 -27.97 -10.20 -9.70
C ILE D 1828 -27.02 -9.25 -8.95
N THR D 1829 -27.56 -8.16 -8.42
CA THR D 1829 -26.83 -7.09 -7.71
C THR D 1829 -26.36 -7.46 -6.31
N THR D 1830 -26.72 -8.64 -5.78
CA THR D 1830 -26.50 -8.98 -4.37
C THR D 1830 -26.08 -10.43 -4.10
N HIS D 1831 -26.44 -11.40 -4.96
CA HIS D 1831 -26.07 -12.82 -4.82
C HIS D 1831 -25.67 -13.42 -6.17
N PRO D 1832 -24.63 -12.91 -6.83
CA PRO D 1832 -24.26 -13.34 -8.18
C PRO D 1832 -23.91 -14.84 -8.24
N ALA D 1833 -23.31 -15.42 -7.20
CA ALA D 1833 -23.00 -16.85 -7.14
C ALA D 1833 -24.24 -17.75 -7.22
N LEU D 1834 -25.31 -17.38 -6.50
CA LEU D 1834 -26.58 -18.11 -6.54
C LEU D 1834 -27.26 -17.95 -7.91
N VAL D 1835 -27.18 -16.77 -8.50
CA VAL D 1835 -27.71 -16.50 -9.85
C VAL D 1835 -26.97 -17.32 -10.92
N LEU D 1836 -25.66 -17.50 -10.80
CA LEU D 1836 -24.91 -18.37 -11.72
C LEU D 1836 -25.30 -19.85 -11.58
N LEU D 1837 -25.54 -20.36 -10.36
CA LEU D 1837 -26.12 -21.69 -10.20
C LEU D 1837 -27.52 -21.81 -10.82
N TRP D 1838 -28.35 -20.77 -10.74
CA TRP D 1838 -29.66 -20.75 -11.40
C TRP D 1838 -29.54 -20.75 -12.93
N CYS D 1839 -28.63 -19.97 -13.51
CA CYS D 1839 -28.31 -20.03 -14.93
C CYS D 1839 -27.90 -21.44 -15.37
N GLN D 1840 -27.09 -22.13 -14.57
CA GLN D 1840 -26.69 -23.50 -14.88
C GLN D 1840 -27.89 -24.45 -14.93
N ILE D 1841 -28.85 -24.33 -14.00
CA ILE D 1841 -30.08 -25.13 -14.01
C ILE D 1841 -30.94 -24.82 -15.22
N LEU D 1842 -31.11 -23.55 -15.60
CA LEU D 1842 -31.83 -23.18 -16.81
C LEU D 1842 -31.24 -23.87 -18.05
N LEU D 1843 -29.92 -23.97 -18.17
CA LEU D 1843 -29.29 -24.74 -19.26
C LEU D 1843 -29.56 -26.25 -19.15
N LEU D 1844 -29.50 -26.84 -17.95
CA LEU D 1844 -29.79 -28.27 -17.76
C LEU D 1844 -31.24 -28.67 -18.05
N VAL D 1845 -32.19 -27.74 -18.07
CA VAL D 1845 -33.59 -27.95 -18.51
C VAL D 1845 -33.88 -27.31 -19.87
N ASN D 1846 -32.84 -26.94 -20.63
CA ASN D 1846 -32.93 -26.31 -21.95
C ASN D 1846 -33.74 -25.00 -22.01
N HIS D 1847 -33.85 -24.24 -20.91
CA HIS D 1847 -34.43 -22.90 -20.93
C HIS D 1847 -33.42 -21.88 -21.46
N THR D 1848 -33.40 -21.74 -22.78
CA THR D 1848 -32.47 -20.91 -23.55
C THR D 1848 -33.15 -19.66 -24.12
N ASP D 1849 -34.21 -19.15 -23.50
CA ASP D 1849 -34.90 -17.93 -23.97
C ASP D 1849 -34.04 -16.67 -23.75
N TYR D 1850 -33.79 -15.93 -24.82
CA TYR D 1850 -32.99 -14.73 -24.78
C TYR D 1850 -33.57 -13.63 -23.89
N ARG D 1851 -34.85 -13.65 -23.52
CA ARG D 1851 -35.39 -12.75 -22.48
C ARG D 1851 -34.71 -12.92 -21.11
N TRP D 1852 -34.17 -14.10 -20.80
CA TRP D 1852 -33.24 -14.27 -19.68
C TRP D 1852 -31.81 -13.91 -20.11
N TRP D 1853 -31.29 -14.63 -21.10
CA TRP D 1853 -29.85 -14.63 -21.39
C TRP D 1853 -29.30 -13.29 -21.89
N ALA D 1854 -30.06 -12.55 -22.70
CA ALA D 1854 -29.68 -11.21 -23.14
C ALA D 1854 -29.58 -10.20 -21.99
N GLU D 1855 -30.29 -10.43 -20.89
CA GLU D 1855 -30.30 -9.54 -19.72
C GLU D 1855 -29.20 -9.88 -18.73
N VAL D 1856 -28.97 -11.16 -18.41
CA VAL D 1856 -27.82 -11.54 -17.58
C VAL D 1856 -26.49 -11.30 -18.29
N GLN D 1857 -26.41 -11.55 -19.60
CA GLN D 1857 -25.19 -11.30 -20.38
C GLN D 1857 -25.07 -9.84 -20.86
N GLN D 1858 -26.09 -9.02 -20.68
CA GLN D 1858 -26.11 -7.61 -21.11
C GLN D 1858 -25.78 -7.43 -22.60
N THR D 1859 -26.50 -8.07 -23.52
CA THR D 1859 -26.29 -7.85 -24.97
C THR D 1859 -26.62 -6.42 -25.39
N PRO D 1860 -25.74 -5.72 -26.12
CA PRO D 1860 -26.10 -4.48 -26.82
C PRO D 1860 -27.31 -4.67 -27.73
N LYS D 1861 -28.35 -3.84 -27.55
CA LYS D 1861 -29.61 -3.91 -28.32
C LYS D 1861 -29.47 -3.39 -29.75
N GLY D 1889 -19.03 0.69 -13.40
CA GLY D 1889 -20.19 0.16 -12.96
C GLY D 1889 -20.17 -0.90 -11.87
N MET D 1890 -21.27 -1.63 -11.70
CA MET D 1890 -21.43 -2.65 -10.65
C MET D 1890 -20.59 -3.91 -10.91
N CYS D 1891 -19.79 -4.31 -9.91
CA CYS D 1891 -18.95 -5.51 -10.00
C CYS D 1891 -19.78 -6.80 -10.03
N ASN D 1892 -20.80 -6.93 -9.17
CA ASN D 1892 -21.66 -8.11 -9.10
C ASN D 1892 -22.41 -8.39 -10.42
N ARG D 1893 -22.75 -7.34 -11.19
CA ARG D 1893 -23.23 -7.51 -12.57
C ARG D 1893 -22.16 -8.11 -13.47
N GLU D 1894 -20.91 -7.66 -13.43
CA GLU D 1894 -19.81 -8.19 -14.27
C GLU D 1894 -19.53 -9.69 -14.00
N ILE D 1895 -19.61 -10.11 -12.74
CA ILE D 1895 -19.49 -11.51 -12.34
C ILE D 1895 -20.58 -12.35 -13.01
N VAL D 1896 -21.85 -11.93 -12.96
CA VAL D 1896 -22.94 -12.61 -13.65
C VAL D 1896 -22.79 -12.52 -15.17
N ARG D 1897 -22.38 -11.37 -15.72
CA ARG D 1897 -22.25 -11.15 -17.16
C ARG D 1897 -21.27 -12.12 -17.81
N ARG D 1898 -20.13 -12.32 -17.18
CA ARG D 1898 -19.06 -13.20 -17.65
C ARG D 1898 -19.37 -14.66 -17.35
N GLY D 1899 -19.77 -15.00 -16.13
CA GLY D 1899 -20.21 -16.35 -15.77
C GLY D 1899 -21.34 -16.86 -16.66
N ALA D 1900 -22.36 -16.04 -16.96
CA ALA D 1900 -23.45 -16.43 -17.83
C ALA D 1900 -22.98 -16.77 -19.25
N LEU D 1901 -22.06 -15.99 -19.83
CA LEU D 1901 -21.48 -16.30 -21.13
C LEU D 1901 -20.66 -17.60 -21.11
N ILE D 1902 -19.85 -17.80 -20.06
CA ILE D 1902 -19.02 -19.00 -19.89
C ILE D 1902 -19.89 -20.26 -19.80
N LEU D 1903 -20.93 -20.24 -18.97
CA LEU D 1903 -21.90 -21.34 -18.88
C LEU D 1903 -22.62 -21.59 -20.21
N PHE D 1904 -23.01 -20.54 -20.93
CA PHE D 1904 -23.65 -20.69 -22.22
C PHE D 1904 -22.70 -21.26 -23.29
N CYS D 1905 -21.41 -20.92 -23.27
CA CYS D 1905 -20.41 -21.56 -24.12
C CYS D 1905 -20.28 -23.05 -23.82
N ASP D 1906 -20.28 -23.44 -22.55
CA ASP D 1906 -20.28 -24.85 -22.13
C ASP D 1906 -21.52 -25.61 -22.68
N TYR D 1907 -22.69 -25.01 -22.62
CA TYR D 1907 -23.91 -25.58 -23.19
C TYR D 1907 -23.84 -25.70 -24.72
N VAL D 1908 -23.49 -24.63 -25.44
CA VAL D 1908 -23.38 -24.69 -26.90
C VAL D 1908 -22.32 -25.71 -27.33
N CYS D 1909 -21.19 -25.82 -26.62
CA CYS D 1909 -20.16 -26.81 -26.89
C CYS D 1909 -20.67 -28.25 -26.72
N GLN D 1910 -21.58 -28.51 -25.78
CA GLN D 1910 -22.22 -29.82 -25.61
C GLN D 1910 -23.37 -30.08 -26.58
N ASN D 1911 -23.86 -29.06 -27.28
CA ASN D 1911 -25.01 -29.08 -28.18
C ASN D 1911 -24.64 -28.64 -29.62
N LEU D 1912 -23.46 -29.02 -30.13
CA LEU D 1912 -22.98 -28.60 -31.47
C LEU D 1912 -23.74 -29.22 -32.65
N HIS D 1913 -24.71 -30.10 -32.39
CA HIS D 1913 -25.60 -30.68 -33.41
C HIS D 1913 -26.60 -29.68 -34.00
N ASP D 1914 -26.79 -28.52 -33.36
CA ASP D 1914 -27.53 -27.37 -33.89
C ASP D 1914 -26.78 -26.06 -33.59
N SER D 1915 -27.13 -24.97 -34.27
CA SER D 1915 -26.22 -23.82 -34.45
C SER D 1915 -26.82 -22.44 -34.15
N GLU D 1916 -28.13 -22.32 -33.92
CA GLU D 1916 -28.77 -21.02 -33.72
C GLU D 1916 -28.22 -20.27 -32.49
N HIS D 1917 -27.84 -20.99 -31.43
CA HIS D 1917 -27.22 -20.39 -30.24
C HIS D 1917 -25.75 -20.01 -30.47
N LEU D 1918 -25.04 -20.75 -31.34
CA LEU D 1918 -23.66 -20.44 -31.73
C LEU D 1918 -23.60 -19.14 -32.53
N THR D 1919 -24.50 -18.93 -33.49
CA THR D 1919 -24.53 -17.67 -34.25
C THR D 1919 -24.89 -16.47 -33.37
N TRP D 1920 -25.84 -16.59 -32.44
CA TRP D 1920 -26.15 -15.50 -31.48
C TRP D 1920 -24.93 -15.10 -30.65
N LEU D 1921 -24.26 -16.06 -30.04
CA LEU D 1921 -23.10 -15.81 -29.18
C LEU D 1921 -21.95 -15.10 -29.91
N ILE D 1922 -21.69 -15.45 -31.18
CA ILE D 1922 -20.67 -14.80 -31.99
C ILE D 1922 -21.10 -13.39 -32.43
N VAL D 1923 -22.29 -13.24 -32.99
CA VAL D 1923 -22.79 -11.97 -33.52
C VAL D 1923 -22.94 -10.91 -32.43
N ASN D 1924 -23.27 -11.30 -31.19
CA ASN D 1924 -23.54 -10.37 -30.10
C ASN D 1924 -22.41 -10.26 -29.05
N HIS D 1925 -21.59 -11.29 -28.86
CA HIS D 1925 -20.58 -11.35 -27.79
C HIS D 1925 -19.14 -11.64 -28.26
N ILE D 1926 -18.77 -11.30 -29.50
CA ILE D 1926 -17.40 -11.51 -30.00
C ILE D 1926 -16.31 -10.92 -29.08
N GLN D 1927 -16.49 -9.70 -28.58
CA GLN D 1927 -15.53 -9.08 -27.67
C GLN D 1927 -15.38 -9.84 -26.36
N ASP D 1928 -16.49 -10.37 -25.83
CA ASP D 1928 -16.49 -11.12 -24.58
C ASP D 1928 -15.95 -12.54 -24.77
N LEU D 1929 -16.26 -13.20 -25.88
CA LEU D 1929 -15.65 -14.46 -26.29
C LEU D 1929 -14.12 -14.33 -26.36
N ILE D 1930 -13.61 -13.28 -27.01
CA ILE D 1930 -12.17 -13.01 -27.09
C ILE D 1930 -11.59 -12.68 -25.71
N SER D 1931 -12.25 -11.82 -24.93
CA SER D 1931 -11.80 -11.41 -23.60
C SER D 1931 -11.70 -12.58 -22.62
N LEU D 1932 -12.64 -13.53 -22.68
CA LEU D 1932 -12.74 -14.69 -21.79
C LEU D 1932 -12.11 -15.96 -22.37
N SER D 1933 -11.41 -15.88 -23.51
CA SER D 1933 -10.87 -17.04 -24.24
C SER D 1933 -9.91 -17.93 -23.44
N HIS D 1934 -9.40 -17.49 -22.30
CA HIS D 1934 -8.61 -18.27 -21.35
C HIS D 1934 -9.45 -19.17 -20.41
N GLU D 1935 -10.75 -18.94 -20.27
CA GLU D 1935 -11.64 -19.82 -19.50
C GLU D 1935 -11.91 -21.13 -20.28
N PRO D 1936 -11.84 -22.32 -19.66
CA PRO D 1936 -11.93 -23.59 -20.39
C PRO D 1936 -13.15 -23.75 -21.32
N PRO D 1937 -14.40 -23.48 -20.92
CA PRO D 1937 -15.54 -23.61 -21.83
C PRO D 1937 -15.48 -22.68 -23.04
N VAL D 1938 -14.97 -21.47 -22.87
CA VAL D 1938 -14.83 -20.50 -23.96
C VAL D 1938 -13.70 -20.93 -24.89
N GLN D 1939 -12.61 -21.48 -24.37
CA GLN D 1939 -11.53 -22.07 -25.17
C GLN D 1939 -12.02 -23.28 -26.00
N ASP D 1940 -12.84 -24.14 -25.40
CA ASP D 1940 -13.49 -25.25 -26.10
C ASP D 1940 -14.49 -24.77 -27.17
N PHE D 1941 -15.23 -23.71 -26.91
CA PHE D 1941 -16.11 -23.07 -27.87
C PHE D 1941 -15.33 -22.45 -29.03
N ILE D 1942 -14.21 -21.76 -28.78
CA ILE D 1942 -13.32 -21.27 -29.83
C ILE D 1942 -12.79 -22.44 -30.68
N SER D 1943 -12.38 -23.53 -30.01
CA SER D 1943 -11.96 -24.77 -30.69
C SER D 1943 -13.09 -25.44 -31.50
N ALA D 1944 -14.36 -25.24 -31.17
CA ALA D 1944 -15.49 -25.69 -31.96
C ALA D 1944 -15.76 -24.78 -33.16
N VAL D 1945 -15.65 -23.46 -33.01
CA VAL D 1945 -15.76 -22.50 -34.13
C VAL D 1945 -14.66 -22.73 -35.18
N HIS D 1946 -13.48 -23.17 -34.76
CA HIS D 1946 -12.37 -23.57 -35.65
C HIS D 1946 -12.67 -24.80 -36.52
N ARG D 1947 -13.69 -25.58 -36.18
CA ARG D 1947 -14.03 -26.86 -36.84
C ARG D 1947 -15.27 -26.77 -37.73
N ASN D 1948 -15.77 -25.57 -38.02
CA ASN D 1948 -16.83 -25.33 -38.99
C ASN D 1948 -16.54 -24.06 -39.82
N SER D 1949 -16.69 -24.17 -41.15
CA SER D 1949 -16.36 -23.10 -42.11
C SER D 1949 -17.24 -21.86 -41.94
N ALA D 1950 -18.56 -22.04 -41.87
CA ALA D 1950 -19.49 -20.95 -41.65
C ALA D 1950 -19.29 -20.29 -40.27
N ALA D 1951 -19.06 -21.05 -39.21
CA ALA D 1951 -18.76 -20.52 -37.88
C ALA D 1951 -17.49 -19.66 -37.88
N SER D 1952 -16.38 -20.18 -38.43
CA SER D 1952 -15.16 -19.40 -38.63
C SER D 1952 -15.38 -18.15 -39.50
N GLY D 1953 -16.22 -18.22 -40.52
CA GLY D 1953 -16.60 -17.07 -41.34
C GLY D 1953 -17.34 -16.00 -40.55
N LEU D 1954 -18.34 -16.40 -39.76
CA LEU D 1954 -19.07 -15.50 -38.85
C LEU D 1954 -18.13 -14.87 -37.82
N PHE D 1955 -17.19 -15.64 -37.27
CA PHE D 1955 -16.19 -15.14 -36.33
C PHE D 1955 -15.30 -14.06 -36.94
N ILE D 1956 -14.80 -14.25 -38.17
CA ILE D 1956 -13.97 -13.24 -38.85
C ILE D 1956 -14.79 -11.98 -39.15
N GLN D 1957 -16.05 -12.12 -39.61
CA GLN D 1957 -16.94 -11.00 -39.85
C GLN D 1957 -17.28 -10.21 -38.57
N ALA D 1958 -17.42 -10.90 -37.44
CA ALA D 1958 -17.65 -10.27 -36.15
C ALA D 1958 -16.42 -9.49 -35.67
N ILE D 1959 -15.20 -10.03 -35.81
CA ILE D 1959 -13.97 -9.30 -35.50
C ILE D 1959 -13.80 -8.09 -36.41
N GLN D 1960 -14.03 -8.25 -37.71
CA GLN D 1960 -14.02 -7.12 -38.66
C GLN D 1960 -14.98 -5.99 -38.22
N SER D 1961 -16.12 -6.36 -37.64
CA SER D 1961 -17.15 -5.43 -37.15
C SER D 1961 -16.86 -4.80 -35.77
N ARG D 1962 -15.83 -5.22 -35.03
CA ARG D 1962 -15.42 -4.63 -33.73
C ARG D 1962 -13.92 -4.40 -33.59
N CYS D 1963 -13.17 -4.45 -34.68
CA CYS D 1963 -11.70 -4.31 -34.69
C CYS D 1963 -11.22 -2.98 -34.06
N GLU D 1964 -12.01 -1.91 -34.17
CA GLU D 1964 -11.74 -0.60 -33.59
C GLU D 1964 -11.80 -0.57 -32.05
N ASN D 1965 -12.33 -1.60 -31.41
CA ASN D 1965 -12.33 -1.76 -29.96
C ASN D 1965 -11.44 -2.94 -29.49
N LEU D 1966 -11.12 -3.88 -30.39
CA LEU D 1966 -10.13 -4.95 -30.17
C LEU D 1966 -8.65 -4.49 -30.34
N SER D 1967 -8.38 -3.23 -30.70
CA SER D 1967 -7.06 -2.68 -30.99
C SER D 1967 -6.11 -2.52 -29.80
N THR D 1968 -6.60 -2.51 -28.56
CA THR D 1968 -5.79 -2.45 -27.33
C THR D 1968 -4.86 -3.68 -27.24
N PRO D 1969 -3.58 -3.56 -26.85
CA PRO D 1969 -2.59 -4.64 -26.93
C PRO D 1969 -3.04 -6.01 -26.41
N THR D 1970 -3.49 -6.13 -25.16
CA THR D 1970 -4.02 -7.40 -24.63
C THR D 1970 -5.18 -7.97 -25.45
N MET D 1971 -6.13 -7.14 -25.90
CA MET D 1971 -7.27 -7.61 -26.70
C MET D 1971 -6.83 -8.04 -28.10
N LEU D 1972 -5.91 -7.31 -28.73
CA LEU D 1972 -5.35 -7.69 -30.01
C LEU D 1972 -4.57 -9.01 -29.91
N LYS D 1973 -3.77 -9.21 -28.87
CA LYS D 1973 -3.10 -10.50 -28.64
C LYS D 1973 -4.11 -11.63 -28.48
N LYS D 1974 -5.13 -11.44 -27.63
CA LYS D 1974 -6.19 -12.44 -27.43
C LYS D 1974 -6.95 -12.71 -28.72
N THR D 1975 -7.15 -11.71 -29.58
CA THR D 1975 -7.75 -11.88 -30.90
C THR D 1975 -6.88 -12.78 -31.78
N LEU D 1976 -5.57 -12.53 -31.84
CA LEU D 1976 -4.62 -13.35 -32.60
C LEU D 1976 -4.52 -14.78 -32.05
N GLN D 1977 -4.49 -14.97 -30.73
CA GLN D 1977 -4.62 -16.29 -30.12
C GLN D 1977 -5.92 -17.01 -30.50
N CYS D 1978 -7.01 -16.28 -30.76
CA CYS D 1978 -8.29 -16.81 -31.27
C CYS D 1978 -8.39 -16.88 -32.81
N LEU D 1979 -7.41 -16.40 -33.58
CA LEU D 1979 -7.34 -16.53 -35.04
C LEU D 1979 -6.24 -17.52 -35.47
N GLU D 1980 -5.25 -17.81 -34.63
CA GLU D 1980 -4.45 -19.03 -34.78
C GLU D 1980 -5.37 -20.27 -34.67
N GLY D 1981 -5.23 -21.22 -35.58
CA GLY D 1981 -6.02 -22.45 -35.61
C GLY D 1981 -7.41 -22.34 -36.27
N ILE D 1982 -7.83 -21.19 -36.79
CA ILE D 1982 -9.12 -21.03 -37.48
C ILE D 1982 -9.23 -21.90 -38.74
N HIS D 1983 -10.44 -22.20 -39.20
CA HIS D 1983 -10.68 -23.20 -40.26
C HIS D 1983 -10.01 -22.86 -41.61
N LEU D 1984 -9.52 -23.89 -42.29
CA LEU D 1984 -8.72 -23.78 -43.52
C LEU D 1984 -9.44 -23.11 -44.70
N SER D 1985 -10.75 -23.25 -44.83
CA SER D 1985 -11.52 -22.66 -45.94
C SER D 1985 -11.66 -21.13 -45.84
N GLN D 1986 -11.33 -20.55 -44.69
CA GLN D 1986 -11.45 -19.12 -44.41
C GLN D 1986 -10.10 -18.38 -44.49
N SER D 1987 -9.11 -18.97 -45.18
CA SER D 1987 -7.73 -18.46 -45.16
C SER D 1987 -7.62 -17.11 -45.85
N GLY D 1988 -8.29 -16.94 -46.99
CA GLY D 1988 -8.34 -15.65 -47.69
C GLY D 1988 -9.09 -14.57 -46.92
N ALA D 1989 -10.13 -14.95 -46.17
CA ALA D 1989 -10.88 -14.04 -45.29
C ALA D 1989 -10.04 -13.54 -44.11
N VAL D 1990 -9.39 -14.43 -43.35
CA VAL D 1990 -8.56 -14.02 -42.20
C VAL D 1990 -7.30 -13.29 -42.65
N LEU D 1991 -6.69 -13.69 -43.76
CA LEU D 1991 -5.56 -12.95 -44.35
C LEU D 1991 -5.98 -11.54 -44.79
N THR D 1992 -7.15 -11.38 -45.40
CA THR D 1992 -7.69 -10.06 -45.73
C THR D 1992 -7.90 -9.21 -44.47
N LEU D 1993 -8.38 -9.80 -43.37
CA LEU D 1993 -8.49 -9.10 -42.08
C LEU D 1993 -7.11 -8.66 -41.55
N TYR D 1994 -6.12 -9.55 -41.57
CA TYR D 1994 -4.76 -9.27 -41.09
C TYR D 1994 -4.12 -8.08 -41.81
N VAL D 1995 -4.24 -7.97 -43.13
CA VAL D 1995 -3.67 -6.84 -43.87
C VAL D 1995 -4.51 -5.56 -43.76
N ASP D 1996 -5.83 -5.63 -43.87
CA ASP D 1996 -6.68 -4.42 -43.84
C ASP D 1996 -6.68 -3.71 -42.49
N ARG D 1997 -6.84 -4.43 -41.36
CA ARG D 1997 -7.07 -3.78 -40.07
C ARG D 1997 -5.87 -3.77 -39.13
N LEU D 1998 -4.92 -4.68 -39.31
CA LEU D 1998 -3.75 -4.86 -38.43
C LEU D 1998 -2.45 -4.47 -39.18
N LEU D 1999 -1.28 -4.94 -38.72
CA LEU D 1999 0.08 -4.54 -39.17
C LEU D 1999 0.48 -3.08 -38.89
N CYS D 2000 -0.45 -2.13 -39.03
CA CYS D 2000 -0.26 -0.69 -38.84
C CYS D 2000 -0.12 -0.23 -37.37
N THR D 2001 -0.39 -1.11 -36.40
CA THR D 2001 -0.36 -0.83 -34.96
C THR D 2001 1.04 -0.49 -34.43
N PRO D 2002 1.21 0.49 -33.52
CA PRO D 2002 2.54 0.90 -33.01
C PRO D 2002 3.17 -0.16 -32.09
N PHE D 2003 2.37 -1.09 -31.57
CA PHE D 2003 2.79 -2.22 -30.76
C PHE D 2003 3.54 -3.28 -31.59
N ARG D 2004 4.84 -3.07 -31.82
CA ARG D 2004 5.66 -3.85 -32.77
C ARG D 2004 5.65 -5.36 -32.58
N VAL D 2005 5.49 -5.85 -31.35
CA VAL D 2005 5.33 -7.30 -31.12
C VAL D 2005 4.07 -7.87 -31.77
N LEU D 2006 2.95 -7.14 -31.75
CA LEU D 2006 1.69 -7.57 -32.35
C LEU D 2006 1.71 -7.46 -33.88
N ALA D 2007 2.41 -6.49 -34.43
CA ALA D 2007 2.68 -6.43 -35.86
C ALA D 2007 3.55 -7.61 -36.33
N ARG D 2008 4.50 -8.09 -35.52
CA ARG D 2008 5.25 -9.32 -35.83
C ARG D 2008 4.39 -10.58 -35.70
N MET D 2009 3.59 -10.68 -34.65
CA MET D 2009 2.67 -11.81 -34.48
C MET D 2009 1.74 -11.94 -35.69
N VAL D 2010 1.12 -10.84 -36.11
CA VAL D 2010 0.22 -10.88 -37.26
C VAL D 2010 0.96 -11.10 -38.58
N ASP D 2011 2.19 -10.61 -38.76
CA ASP D 2011 2.99 -10.90 -39.95
C ASP D 2011 3.26 -12.41 -40.07
N ILE D 2012 3.65 -13.05 -38.97
CA ILE D 2012 3.89 -14.49 -38.92
C ILE D 2012 2.61 -15.27 -39.24
N LEU D 2013 1.47 -14.87 -38.68
CA LEU D 2013 0.18 -15.51 -38.97
C LEU D 2013 -0.26 -15.26 -40.42
N ALA D 2014 -0.06 -14.07 -40.96
CA ALA D 2014 -0.30 -13.79 -42.38
C ALA D 2014 0.59 -14.64 -43.30
N CYS D 2015 1.88 -14.82 -42.97
CA CYS D 2015 2.77 -15.69 -43.72
C CYS D 2015 2.35 -17.16 -43.65
N ARG D 2016 2.02 -17.68 -42.45
CA ARG D 2016 1.50 -19.04 -42.28
C ARG D 2016 0.23 -19.29 -43.09
N ARG D 2017 -0.64 -18.32 -43.29
CA ARG D 2017 -1.82 -18.49 -44.16
C ARG D 2017 -1.52 -18.50 -45.65
N VAL D 2018 -0.61 -17.67 -46.16
CA VAL D 2018 -0.21 -17.79 -47.58
C VAL D 2018 0.45 -19.15 -47.84
N GLU D 2019 1.27 -19.67 -46.93
CA GLU D 2019 1.81 -21.03 -47.07
C GLU D 2019 0.72 -22.12 -47.13
N MET D 2020 -0.38 -22.00 -46.37
CA MET D 2020 -1.52 -22.92 -46.48
C MET D 2020 -2.22 -22.81 -47.85
N LEU D 2021 -2.37 -21.60 -48.39
CA LEU D 2021 -2.91 -21.40 -49.73
C LEU D 2021 -1.99 -21.93 -50.83
N LEU D 2022 -0.66 -21.85 -50.68
CA LEU D 2022 0.31 -22.47 -51.59
C LEU D 2022 0.33 -24.00 -51.49
N ALA D 2023 0.08 -24.59 -50.33
CA ALA D 2023 0.04 -26.04 -50.15
C ALA D 2023 -1.26 -26.70 -50.67
N ALA D 2024 -2.38 -25.98 -50.65
CA ALA D 2024 -3.67 -26.46 -51.15
C ALA D 2024 -3.71 -26.59 -52.69
N ASN D 2025 -4.77 -27.21 -53.22
CA ASN D 2025 -5.03 -27.26 -54.67
C ASN D 2025 -5.29 -25.85 -55.24
N LEU D 2026 -5.12 -25.64 -56.55
CA LEU D 2026 -5.40 -24.35 -57.19
C LEU D 2026 -6.90 -23.99 -57.08
N GLN D 2027 -7.77 -24.92 -57.47
CA GLN D 2027 -9.17 -24.88 -57.06
C GLN D 2027 -9.28 -24.97 -55.53
N SER D 2028 -10.22 -24.24 -54.93
CA SER D 2028 -10.38 -24.06 -53.48
C SER D 2028 -9.28 -23.27 -52.74
N SER D 2029 -8.17 -22.88 -53.38
CA SER D 2029 -7.30 -21.80 -52.86
C SER D 2029 -7.55 -20.48 -53.59
N MET D 2030 -7.56 -20.46 -54.92
CA MET D 2030 -7.86 -19.26 -55.72
C MET D 2030 -9.29 -18.74 -55.49
N ALA D 2031 -10.22 -19.62 -55.12
CA ALA D 2031 -11.58 -19.25 -54.74
C ALA D 2031 -11.65 -18.44 -53.42
N GLN D 2032 -10.63 -18.53 -52.55
CA GLN D 2032 -10.58 -17.80 -51.28
C GLN D 2032 -10.06 -16.36 -51.44
N LEU D 2033 -9.16 -16.12 -52.39
CA LEU D 2033 -8.75 -14.79 -52.83
C LEU D 2033 -8.38 -14.81 -54.33
N PRO D 2034 -9.18 -14.19 -55.21
CA PRO D 2034 -8.94 -14.16 -56.64
C PRO D 2034 -7.99 -13.02 -57.05
N MET D 2035 -7.77 -12.89 -58.37
CA MET D 2035 -7.29 -11.66 -58.99
C MET D 2035 -8.17 -10.46 -58.61
N GLU D 2036 -7.64 -9.25 -58.77
CA GLU D 2036 -8.17 -7.98 -58.23
C GLU D 2036 -8.11 -7.90 -56.70
N GLU D 2037 -8.61 -8.89 -55.95
CA GLU D 2037 -8.54 -8.90 -54.49
C GLU D 2037 -7.09 -8.95 -54.00
N LEU D 2038 -6.29 -9.89 -54.54
CA LEU D 2038 -4.85 -9.97 -54.31
C LEU D 2038 -4.11 -8.70 -54.76
N ASN D 2039 -4.52 -8.12 -55.90
CA ASN D 2039 -3.93 -6.88 -56.41
C ASN D 2039 -4.19 -5.70 -55.47
N ARG D 2040 -5.39 -5.59 -54.88
CA ARG D 2040 -5.69 -4.57 -53.85
C ARG D 2040 -4.90 -4.79 -52.56
N ILE D 2041 -4.67 -6.03 -52.14
CA ILE D 2041 -3.74 -6.34 -51.02
C ILE D 2041 -2.33 -5.84 -51.34
N GLN D 2042 -1.75 -6.22 -52.48
CA GLN D 2042 -0.38 -5.81 -52.81
C GLN D 2042 -0.24 -4.31 -53.09
N GLU D 2043 -1.23 -3.66 -53.70
CA GLU D 2043 -1.28 -2.20 -53.85
C GLU D 2043 -1.28 -1.50 -52.48
N TYR D 2044 -2.08 -1.98 -51.53
CA TYR D 2044 -2.08 -1.46 -50.16
C TYR D 2044 -0.72 -1.67 -49.49
N LEU D 2045 -0.11 -2.84 -49.60
CA LEU D 2045 1.21 -3.11 -49.01
C LEU D 2045 2.32 -2.23 -49.60
N GLN D 2046 2.23 -1.83 -50.87
CA GLN D 2046 3.22 -0.97 -51.55
C GLN D 2046 2.93 0.54 -51.45
N SER D 2047 1.67 0.93 -51.26
CA SER D 2047 1.28 2.35 -51.07
C SER D 2047 1.41 2.78 -49.60
N SER D 2048 1.20 1.85 -48.67
CA SER D 2048 1.80 1.92 -47.34
C SER D 2048 3.29 1.52 -47.41
N GLY D 2049 4.00 1.54 -46.29
CA GLY D 2049 5.37 1.02 -46.18
C GLY D 2049 5.48 -0.49 -45.90
N LEU D 2050 4.36 -1.22 -45.86
CA LEU D 2050 4.31 -2.57 -45.30
C LEU D 2050 5.08 -3.61 -46.12
N ALA D 2051 5.14 -3.49 -47.45
CA ALA D 2051 5.87 -4.42 -48.32
C ALA D 2051 7.39 -4.42 -48.04
N GLN D 2052 7.96 -3.25 -47.77
CA GLN D 2052 9.37 -3.09 -47.41
C GLN D 2052 9.66 -3.55 -45.98
N ARG D 2053 8.70 -3.40 -45.07
CA ARG D 2053 8.82 -3.79 -43.65
C ARG D 2053 8.49 -5.26 -43.35
N HIS D 2054 7.74 -5.94 -44.22
CA HIS D 2054 7.30 -7.33 -44.09
C HIS D 2054 7.50 -8.14 -45.40
N GLN D 2055 8.74 -8.20 -45.89
CA GLN D 2055 9.06 -8.81 -47.18
C GLN D 2055 8.79 -10.32 -47.26
N ARG D 2056 8.81 -11.08 -46.16
CA ARG D 2056 8.40 -12.50 -46.17
C ARG D 2056 6.94 -12.62 -46.62
N LEU D 2057 6.03 -11.80 -46.08
CA LEU D 2057 4.64 -11.76 -46.54
C LEU D 2057 4.54 -11.31 -48.00
N TYR D 2058 5.19 -10.22 -48.38
CA TYR D 2058 5.07 -9.68 -49.73
C TYR D 2058 5.62 -10.66 -50.81
N SER D 2059 6.75 -11.29 -50.55
CA SER D 2059 7.31 -12.32 -51.44
C SER D 2059 6.45 -13.60 -51.49
N LEU D 2060 5.81 -14.02 -50.39
CA LEU D 2060 4.85 -15.13 -50.42
C LEU D 2060 3.61 -14.79 -51.25
N LEU D 2061 3.14 -13.54 -51.23
CA LEU D 2061 2.03 -13.11 -52.10
C LEU D 2061 2.45 -13.10 -53.58
N ASP D 2062 3.67 -12.67 -53.92
CA ASP D 2062 4.21 -12.84 -55.29
C ASP D 2062 4.36 -14.32 -55.67
N ARG D 2063 4.87 -15.18 -54.78
CA ARG D 2063 4.97 -16.63 -55.02
C ARG D 2063 3.60 -17.25 -55.29
N PHE D 2064 2.54 -16.72 -54.70
CA PHE D 2064 1.18 -17.14 -55.01
C PHE D 2064 0.62 -16.52 -56.30
N ARG D 2065 0.94 -15.25 -56.62
CA ARG D 2065 0.40 -14.50 -57.76
C ARG D 2065 0.76 -15.05 -59.14
N LEU D 2066 1.92 -15.71 -59.27
CA LEU D 2066 2.37 -16.29 -60.55
C LEU D 2066 1.51 -17.48 -61.03
N SER D 2067 0.71 -18.10 -60.15
CA SER D 2067 -0.14 -19.27 -60.44
C SER D 2067 -1.49 -18.93 -61.06
N VAL D 2095 28.18 9.76 -65.39
CA VAL D 2095 27.32 9.03 -64.64
C VAL D 2095 27.23 9.53 -63.18
N SER D 2096 28.17 10.38 -62.77
CA SER D 2096 28.37 10.83 -61.38
C SER D 2096 28.50 12.36 -61.30
N PRO D 2097 27.40 13.13 -61.37
CA PRO D 2097 27.43 14.59 -61.33
C PRO D 2097 27.99 15.16 -60.01
N ASP D 2098 28.26 16.47 -60.00
CA ASP D 2098 28.83 17.20 -58.86
C ASP D 2098 27.72 17.69 -57.89
N LYS D 2099 27.75 18.97 -57.51
CA LYS D 2099 26.81 19.62 -56.58
C LYS D 2099 25.34 19.29 -56.88
N ASP D 2100 24.92 19.34 -58.15
CA ASP D 2100 23.51 19.12 -58.50
C ASP D 2100 23.04 17.67 -58.33
N TRP D 2101 23.94 16.70 -58.13
CA TRP D 2101 23.62 15.36 -57.62
C TRP D 2101 23.72 15.28 -56.10
N TYR D 2102 24.78 15.80 -55.48
CA TYR D 2102 24.93 15.72 -54.02
C TYR D 2102 23.82 16.47 -53.28
N VAL D 2103 23.42 17.65 -53.75
CA VAL D 2103 22.29 18.39 -53.17
C VAL D 2103 20.98 17.61 -53.31
N HIS D 2104 20.77 16.90 -54.42
CA HIS D 2104 19.60 16.03 -54.62
C HIS D 2104 19.62 14.81 -53.68
N LEU D 2105 20.78 14.22 -53.47
CA LEU D 2105 20.97 13.08 -52.57
C LEU D 2105 20.75 13.49 -51.11
N VAL D 2106 21.34 14.58 -50.66
CA VAL D 2106 21.11 15.11 -49.31
C VAL D 2106 19.68 15.61 -49.13
N LYS D 2107 19.04 16.20 -50.16
CA LYS D 2107 17.60 16.50 -50.16
C LYS D 2107 16.76 15.23 -49.89
N SER D 2108 17.08 14.10 -50.52
CA SER D 2108 16.38 12.83 -50.28
C SER D 2108 16.42 12.38 -48.80
N GLN D 2109 17.50 12.67 -48.07
CA GLN D 2109 17.60 12.38 -46.64
C GLN D 2109 17.03 13.49 -45.73
N CYS D 2110 17.26 14.77 -46.05
CA CYS D 2110 17.02 15.90 -45.16
C CYS D 2110 15.73 16.69 -45.42
N TRP D 2111 14.99 16.44 -46.50
CA TRP D 2111 13.68 17.03 -46.76
C TRP D 2111 12.54 16.05 -46.49
N THR D 2112 12.64 15.26 -45.42
CA THR D 2112 11.56 14.39 -44.93
C THR D 2112 11.60 14.24 -43.42
N ARG D 2113 10.45 14.02 -42.78
CA ARG D 2113 10.28 13.93 -41.32
C ARG D 2113 10.69 12.58 -40.75
N SER D 2114 11.91 12.13 -41.01
CA SER D 2114 12.49 10.95 -40.36
C SER D 2114 13.66 11.35 -39.44
N ASP D 2115 13.54 11.01 -38.17
CA ASP D 2115 14.47 11.38 -37.09
C ASP D 2115 15.56 10.31 -36.84
N SER D 2116 15.68 9.30 -37.69
CA SER D 2116 16.54 8.13 -37.48
C SER D 2116 18.04 8.40 -37.61
N ALA D 2117 18.44 9.51 -38.24
CA ALA D 2117 19.84 9.77 -38.60
C ALA D 2117 20.16 11.27 -38.61
N LEU D 2118 19.89 11.97 -37.50
CA LEU D 2118 20.03 13.42 -37.41
C LEU D 2118 21.49 13.90 -37.37
N LEU D 2119 22.39 13.20 -36.70
CA LEU D 2119 23.81 13.57 -36.67
C LEU D 2119 24.47 13.38 -38.04
N GLU D 2120 24.08 12.35 -38.76
CA GLU D 2120 24.51 12.10 -40.13
C GLU D 2120 23.88 13.10 -41.12
N GLY D 2121 22.62 13.47 -40.94
CA GLY D 2121 21.97 14.55 -41.68
C GLY D 2121 22.63 15.91 -41.50
N ALA D 2122 23.03 16.26 -40.27
CA ALA D 2122 23.78 17.47 -39.97
C ALA D 2122 25.14 17.52 -40.67
N GLU D 2123 25.91 16.43 -40.61
CA GLU D 2123 27.17 16.28 -41.34
C GLU D 2123 27.00 16.45 -42.85
N LEU D 2124 25.92 15.93 -43.44
CA LEU D 2124 25.68 16.04 -44.87
C LEU D 2124 25.35 17.47 -45.32
N VAL D 2125 24.42 18.15 -44.64
CA VAL D 2125 24.10 19.55 -44.94
C VAL D 2125 25.27 20.49 -44.69
N ASN D 2126 26.21 20.15 -43.80
CA ASN D 2126 27.44 20.92 -43.61
C ASN D 2126 28.34 20.97 -44.86
N ARG D 2127 28.28 19.98 -45.74
CA ARG D 2127 29.03 19.98 -47.01
C ARG D 2127 28.27 20.50 -48.21
N ILE D 2128 27.04 20.97 -48.07
CA ILE D 2128 26.44 21.86 -49.09
C ILE D 2128 27.23 23.18 -49.06
N PRO D 2129 27.61 23.78 -50.21
CA PRO D 2129 28.40 25.01 -50.20
C PRO D 2129 27.63 26.19 -49.62
N ALA D 2130 28.34 27.08 -48.91
CA ALA D 2130 27.78 28.04 -47.96
C ALA D 2130 26.64 28.91 -48.53
N GLU D 2131 26.71 29.30 -49.80
CA GLU D 2131 25.69 30.12 -50.45
C GLU D 2131 24.35 29.40 -50.67
N ASP D 2132 24.33 28.07 -50.77
CA ASP D 2132 23.10 27.30 -51.01
C ASP D 2132 22.40 26.81 -49.73
N MET D 2133 23.09 26.85 -48.57
CA MET D 2133 22.53 26.35 -47.30
C MET D 2133 21.24 27.06 -46.88
N ASN D 2134 21.18 28.38 -47.04
CA ASN D 2134 20.03 29.17 -46.60
C ASN D 2134 18.75 28.75 -47.36
N ALA D 2135 18.82 28.61 -48.67
CA ALA D 2135 17.70 28.09 -49.47
C ALA D 2135 17.37 26.64 -49.12
N PHE D 2136 18.39 25.79 -48.92
CA PHE D 2136 18.20 24.38 -48.60
C PHE D 2136 17.52 24.16 -47.24
N MET D 2137 17.81 25.02 -46.25
CA MET D 2137 17.21 24.96 -44.92
C MET D 2137 15.87 25.69 -44.81
N MET D 2138 15.68 26.81 -45.51
CA MET D 2138 14.47 27.63 -45.36
C MET D 2138 13.26 27.11 -46.17
N ASN D 2139 13.49 26.19 -47.11
CA ASN D 2139 12.45 25.46 -47.83
C ASN D 2139 11.45 24.76 -46.87
N SER D 2140 10.20 24.61 -47.30
CA SER D 2140 9.10 24.04 -46.52
C SER D 2140 9.19 22.54 -46.23
N GLU D 2141 9.98 21.79 -47.00
CA GLU D 2141 10.16 20.35 -46.83
C GLU D 2141 11.37 20.00 -45.93
N PHE D 2142 12.32 20.90 -45.69
CA PHE D 2142 13.47 20.66 -44.80
C PHE D 2142 13.08 20.21 -43.39
N ASN D 2143 13.74 19.18 -42.87
CA ASN D 2143 13.43 18.60 -41.56
C ASN D 2143 13.86 19.52 -40.42
N LEU D 2144 12.90 20.13 -39.72
CA LEU D 2144 13.17 21.01 -38.58
C LEU D 2144 13.94 20.31 -37.46
N SER D 2145 13.83 18.98 -37.31
CA SER D 2145 14.63 18.22 -36.35
C SER D 2145 16.13 18.39 -36.54
N LEU D 2146 16.61 18.80 -37.71
CA LEU D 2146 18.02 19.01 -37.98
C LEU D 2146 18.55 20.35 -37.48
N LEU D 2147 17.71 21.33 -37.12
CA LEU D 2147 18.21 22.65 -36.71
C LEU D 2147 19.07 22.59 -35.45
N ALA D 2148 18.63 21.85 -34.43
CA ALA D 2148 19.41 21.66 -33.21
C ALA D 2148 20.74 20.93 -33.50
N PRO D 2149 20.77 19.80 -34.21
CA PRO D 2149 21.99 19.20 -34.74
C PRO D 2149 22.89 20.16 -35.53
N CYS D 2150 22.36 20.99 -36.42
CA CYS D 2150 23.13 21.94 -37.21
C CYS D 2150 23.80 23.00 -36.33
N LEU D 2151 23.09 23.56 -35.35
CA LEU D 2151 23.65 24.49 -34.37
C LEU D 2151 24.73 23.85 -33.52
N SER D 2152 24.48 22.64 -33.01
CA SER D 2152 25.43 21.87 -32.22
C SER D 2152 26.69 21.48 -33.01
N LEU D 2153 26.55 21.08 -34.28
CA LEU D 2153 27.69 20.77 -35.13
C LEU D 2153 28.48 22.05 -35.46
N GLY D 2154 27.81 23.10 -35.91
CA GLY D 2154 28.46 24.38 -36.21
C GLY D 2154 29.24 24.97 -35.02
N MET D 2155 28.75 24.81 -33.79
CA MET D 2155 29.43 25.26 -32.59
C MET D 2155 30.80 24.57 -32.40
N SER D 2156 30.98 23.34 -32.90
CA SER D 2156 32.27 22.66 -32.91
C SER D 2156 33.29 23.36 -33.83
N GLU D 2157 32.85 23.95 -34.92
CA GLU D 2157 33.68 24.74 -35.84
C GLU D 2157 34.03 26.10 -35.22
N ILE D 2158 33.04 26.82 -34.67
CA ILE D 2158 33.24 28.09 -33.95
C ILE D 2158 34.22 27.93 -32.77
N SER D 2159 34.07 26.88 -31.96
CA SER D 2159 34.98 26.59 -30.84
C SER D 2159 36.36 26.07 -31.25
N GLY D 2160 36.57 25.71 -32.53
CA GLY D 2160 37.89 25.50 -33.12
C GLY D 2160 38.51 26.76 -33.74
N GLY D 2161 37.83 27.91 -33.67
CA GLY D 2161 38.29 29.19 -34.22
C GLY D 2161 37.95 29.41 -35.70
N GLN D 2162 37.11 28.56 -36.31
CA GLN D 2162 36.66 28.69 -37.70
C GLN D 2162 35.36 29.52 -37.82
N LYS D 2163 35.07 30.11 -38.98
CA LYS D 2163 33.69 30.56 -39.31
C LYS D 2163 32.82 29.36 -39.69
N SER D 2164 31.56 29.34 -39.28
CA SER D 2164 30.62 28.26 -39.58
C SER D 2164 29.42 28.75 -40.38
N ALA D 2165 29.41 28.47 -41.68
CA ALA D 2165 28.25 28.75 -42.54
C ALA D 2165 27.00 27.98 -42.09
N LEU D 2166 27.19 26.78 -41.54
CA LEU D 2166 26.15 25.93 -40.95
C LEU D 2166 25.54 26.55 -39.70
N PHE D 2167 26.35 27.04 -38.77
CA PHE D 2167 25.84 27.73 -37.58
C PHE D 2167 25.07 28.98 -37.97
N GLU D 2168 25.62 29.81 -38.88
CA GLU D 2168 24.95 31.01 -39.37
C GLU D 2168 23.62 30.72 -40.06
N ALA D 2169 23.56 29.78 -40.99
CA ALA D 2169 22.32 29.40 -41.65
C ALA D 2169 21.30 28.85 -40.64
N ALA D 2170 21.72 27.97 -39.73
CA ALA D 2170 20.82 27.43 -38.74
C ALA D 2170 20.31 28.51 -37.78
N ARG D 2171 21.14 29.48 -37.39
CA ARG D 2171 20.73 30.61 -36.55
C ARG D 2171 19.66 31.46 -37.23
N GLU D 2172 19.88 31.86 -38.48
CA GLU D 2172 18.90 32.68 -39.20
C GLU D 2172 17.60 31.92 -39.46
N VAL D 2173 17.65 30.64 -39.83
CA VAL D 2173 16.43 29.83 -40.04
C VAL D 2173 15.67 29.59 -38.73
N THR D 2174 16.35 29.30 -37.62
CA THR D 2174 15.73 29.15 -36.29
C THR D 2174 15.00 30.41 -35.87
N LEU D 2175 15.69 31.57 -35.89
CA LEU D 2175 15.08 32.84 -35.52
C LEU D 2175 13.96 33.23 -36.49
N ALA D 2176 14.12 33.00 -37.78
CA ALA D 2176 13.07 33.28 -38.76
C ALA D 2176 11.81 32.46 -38.52
N ARG D 2177 11.92 31.16 -38.22
CA ARG D 2177 10.78 30.30 -37.88
C ARG D 2177 10.16 30.66 -36.52
N VAL D 2178 10.96 30.86 -35.48
CA VAL D 2178 10.46 31.29 -34.14
C VAL D 2178 9.68 32.60 -34.24
N SER D 2179 10.18 33.57 -34.99
CA SER D 2179 9.48 34.83 -35.25
C SER D 2179 8.21 34.61 -36.08
N GLY D 2180 8.29 33.78 -37.12
CA GLY D 2180 7.21 33.55 -38.06
C GLY D 2180 5.99 32.87 -37.44
N THR D 2181 6.16 31.92 -36.52
CA THR D 2181 5.01 31.30 -35.84
C THR D 2181 4.38 32.22 -34.80
N VAL D 2182 5.14 33.13 -34.18
CA VAL D 2182 4.58 34.13 -33.26
C VAL D 2182 3.56 35.05 -33.94
N GLN D 2183 3.68 35.30 -35.24
CA GLN D 2183 2.67 36.03 -36.02
C GLN D 2183 1.32 35.31 -36.14
N GLN D 2184 1.28 33.99 -35.95
CA GLN D 2184 0.04 33.21 -36.00
C GLN D 2184 -0.81 33.37 -34.73
N LEU D 2185 -0.18 33.73 -33.60
CA LEU D 2185 -0.83 33.94 -32.32
C LEU D 2185 -1.83 35.12 -32.39
N PRO D 2186 -2.87 35.14 -31.54
CA PRO D 2186 -3.69 36.32 -31.36
C PRO D 2186 -2.85 37.56 -31.02
N ALA D 2187 -3.25 38.74 -31.50
CA ALA D 2187 -2.52 39.98 -31.25
C ALA D 2187 -2.50 40.41 -29.76
N VAL D 2188 -3.60 40.15 -29.04
CA VAL D 2188 -3.77 40.48 -27.62
C VAL D 2188 -3.66 39.21 -26.80
N HIS D 2189 -2.81 39.21 -25.77
CA HIS D 2189 -2.50 38.04 -24.94
C HIS D 2189 -3.25 38.10 -23.61
N HIS D 2190 -3.84 36.98 -23.20
CA HIS D 2190 -4.50 36.77 -21.92
C HIS D 2190 -3.79 35.65 -21.16
N VAL D 2191 -3.81 35.67 -19.83
CA VAL D 2191 -3.18 34.64 -19.01
C VAL D 2191 -3.81 33.28 -19.29
N PHE D 2192 -2.99 32.27 -19.54
CA PHE D 2192 -3.45 30.88 -19.63
C PHE D 2192 -3.80 30.34 -18.24
N GLN D 2193 -5.07 30.04 -17.99
CA GLN D 2193 -5.55 29.54 -16.70
C GLN D 2193 -6.25 28.18 -16.89
N PRO D 2194 -5.69 27.05 -16.42
CA PRO D 2194 -6.21 25.72 -16.70
C PRO D 2194 -7.60 25.40 -16.12
N GLU D 2195 -8.02 26.09 -15.05
CA GLU D 2195 -9.20 25.69 -14.26
C GLU D 2195 -10.52 25.77 -15.06
N LEU D 2196 -10.67 26.80 -15.89
CA LEU D 2196 -11.88 27.10 -16.67
C LEU D 2196 -11.54 28.08 -17.82
N PRO D 2197 -11.17 27.58 -19.01
CA PRO D 2197 -10.83 28.41 -20.17
C PRO D 2197 -12.07 28.93 -20.92
N ALA D 2198 -11.85 29.75 -21.95
CA ALA D 2198 -12.86 30.17 -22.93
C ALA D 2198 -14.04 31.02 -22.42
N GLU D 2199 -13.83 31.88 -21.43
CA GLU D 2199 -14.73 33.01 -21.15
C GLU D 2199 -14.65 34.10 -22.26
N PRO D 2200 -13.48 34.68 -22.59
CA PRO D 2200 -13.29 35.44 -23.83
C PRO D 2200 -13.12 34.47 -25.01
N ALA D 2201 -14.22 33.89 -25.48
CA ALA D 2201 -14.23 32.78 -26.43
C ALA D 2201 -13.53 33.09 -27.77
N ALA D 2202 -13.51 34.37 -28.18
CA ALA D 2202 -12.83 34.82 -29.39
C ALA D 2202 -11.29 34.68 -29.34
N TYR D 2203 -10.70 34.62 -28.15
CA TYR D 2203 -9.27 34.31 -27.93
C TYR D 2203 -9.04 32.80 -27.87
N TRP D 2204 -9.73 32.12 -26.97
CA TRP D 2204 -9.54 30.69 -26.70
C TRP D 2204 -9.89 29.78 -27.88
N SER D 2205 -10.89 30.13 -28.71
CA SER D 2205 -11.16 29.38 -29.95
C SER D 2205 -10.01 29.47 -30.95
N LYS D 2206 -9.32 30.61 -31.06
CA LYS D 2206 -8.10 30.71 -31.88
C LYS D 2206 -6.98 29.85 -31.31
N LEU D 2207 -6.76 29.85 -29.99
CA LEU D 2207 -5.77 28.95 -29.39
C LEU D 2207 -6.10 27.48 -29.62
N ASN D 2208 -7.37 27.07 -29.59
CA ASN D 2208 -7.75 25.70 -29.93
C ASN D 2208 -7.43 25.37 -31.40
N ASP D 2209 -7.71 26.30 -32.32
CA ASP D 2209 -7.38 26.12 -33.74
C ASP D 2209 -5.88 26.05 -34.00
N LEU D 2210 -5.06 26.80 -33.25
CA LEU D 2210 -3.60 26.68 -33.30
C LEU D 2210 -3.10 25.39 -32.61
N PHE D 2211 -3.32 25.23 -31.32
CA PHE D 2211 -2.70 24.18 -30.50
C PHE D 2211 -3.26 22.78 -30.75
N GLY D 2212 -4.46 22.65 -31.32
CA GLY D 2212 -5.03 21.37 -31.73
C GLY D 2212 -4.57 20.88 -33.11
N ASP D 2213 -4.01 21.73 -33.95
CA ASP D 2213 -3.47 21.35 -35.26
C ASP D 2213 -2.11 20.67 -35.08
N ALA D 2214 -2.02 19.37 -35.40
CA ALA D 2214 -0.81 18.58 -35.22
C ALA D 2214 0.40 19.11 -36.02
N ALA D 2215 0.17 19.82 -37.13
CA ALA D 2215 1.24 20.43 -37.91
C ALA D 2215 1.84 21.66 -37.23
N LEU D 2216 1.03 22.45 -36.51
CA LEU D 2216 1.51 23.53 -35.66
C LEU D 2216 2.09 22.98 -34.36
N TYR D 2217 1.35 22.13 -33.64
CA TYR D 2217 1.76 21.66 -32.31
C TYR D 2217 3.15 21.03 -32.32
N GLN D 2218 3.45 20.08 -33.22
CA GLN D 2218 4.78 19.48 -33.27
C GLN D 2218 5.88 20.42 -33.81
N SER D 2219 5.53 21.50 -34.51
CA SER D 2219 6.52 22.51 -34.89
C SER D 2219 7.10 23.21 -33.66
N LEU D 2220 6.29 23.49 -32.62
CA LEU D 2220 6.72 24.24 -31.44
C LEU D 2220 7.85 23.57 -30.66
N PRO D 2221 7.75 22.31 -30.17
CA PRO D 2221 8.83 21.71 -29.42
C PRO D 2221 10.04 21.36 -30.31
N THR D 2222 9.85 21.17 -31.61
CA THR D 2222 10.96 21.03 -32.57
C THR D 2222 11.73 22.34 -32.72
N LEU D 2223 11.06 23.47 -32.94
CA LEU D 2223 11.69 24.78 -32.91
C LEU D 2223 12.23 25.16 -31.53
N ALA D 2224 11.58 24.74 -30.45
CA ALA D 2224 12.07 24.98 -29.10
C ALA D 2224 13.36 24.22 -28.82
N ARG D 2225 13.53 23.01 -29.37
CA ARG D 2225 14.81 22.30 -29.37
C ARG D 2225 15.90 23.09 -30.08
N ALA D 2226 15.62 23.68 -31.23
CA ALA D 2226 16.59 24.53 -31.94
C ALA D 2226 16.91 25.81 -31.15
N LEU D 2227 15.88 26.47 -30.64
CA LEU D 2227 16.01 27.69 -29.85
C LEU D 2227 16.84 27.44 -28.59
N ALA D 2228 16.52 26.43 -27.79
CA ALA D 2228 17.28 26.06 -26.62
C ALA D 2228 18.74 25.71 -26.94
N GLN D 2229 19.00 25.10 -28.09
CA GLN D 2229 20.35 24.82 -28.53
C GLN D 2229 21.12 26.10 -28.88
N TYR D 2230 20.47 27.13 -29.42
CA TYR D 2230 21.06 28.45 -29.60
C TYR D 2230 21.23 29.22 -28.28
N LEU D 2231 20.24 29.24 -27.40
CA LEU D 2231 20.28 30.06 -26.18
C LEU D 2231 21.30 29.55 -25.16
N VAL D 2232 21.64 28.26 -25.16
CA VAL D 2232 22.67 27.71 -24.26
C VAL D 2232 24.10 28.07 -24.69
N VAL D 2233 24.36 28.40 -25.96
CA VAL D 2233 25.70 28.76 -26.46
C VAL D 2233 25.94 30.26 -26.59
N VAL D 2234 24.91 31.09 -26.70
CA VAL D 2234 25.01 32.51 -27.06
C VAL D 2234 25.92 33.35 -26.14
N SER D 2235 26.18 32.91 -24.90
CA SER D 2235 27.10 33.57 -23.97
C SER D 2235 28.58 33.43 -24.32
N LYS D 2236 28.97 32.40 -25.08
CA LYS D 2236 30.35 32.12 -25.51
C LYS D 2236 30.59 32.27 -27.03
N LEU D 2237 29.57 32.66 -27.78
CA LEU D 2237 29.69 33.03 -29.18
C LEU D 2237 30.43 34.37 -29.40
N PRO D 2238 31.00 34.58 -30.59
CA PRO D 2238 31.28 35.91 -31.16
C PRO D 2238 30.11 36.88 -31.05
N SER D 2239 30.38 38.16 -30.81
CA SER D 2239 29.35 39.20 -30.65
C SER D 2239 28.49 39.41 -31.91
N HIS D 2240 29.03 39.11 -33.08
CA HIS D 2240 28.34 39.02 -34.35
C HIS D 2240 27.12 38.08 -34.31
N LEU D 2241 27.14 37.05 -33.46
CA LEU D 2241 26.12 36.00 -33.38
C LEU D 2241 25.20 36.11 -32.15
N HIS D 2242 25.28 37.19 -31.36
CA HIS D 2242 24.33 37.47 -30.28
C HIS D 2242 22.91 37.69 -30.78
N LEU D 2243 21.91 37.51 -29.91
CA LEU D 2243 20.49 37.73 -30.24
C LEU D 2243 20.27 39.14 -30.79
N PRO D 2244 19.68 39.32 -31.98
CA PRO D 2244 19.30 40.64 -32.45
C PRO D 2244 18.32 41.28 -31.47
N PRO D 2245 18.51 42.56 -31.06
CA PRO D 2245 17.61 43.19 -30.08
C PRO D 2245 16.16 43.31 -30.58
N GLU D 2246 15.91 43.27 -31.89
CA GLU D 2246 14.57 43.24 -32.46
C GLU D 2246 13.83 41.92 -32.20
N LYS D 2247 14.55 40.81 -31.99
CA LYS D 2247 13.99 39.46 -31.79
C LYS D 2247 13.61 39.18 -30.33
N GLU D 2248 14.04 40.00 -29.37
CA GLU D 2248 13.89 39.71 -27.94
C GLU D 2248 12.46 39.60 -27.45
N LYS D 2249 11.51 40.36 -28.03
CA LYS D 2249 10.07 40.22 -27.75
C LYS D 2249 9.50 38.94 -28.35
N ASP D 2250 9.80 38.65 -29.61
CA ASP D 2250 9.31 37.45 -30.30
C ASP D 2250 9.81 36.16 -29.64
N ILE D 2251 11.05 36.10 -29.13
CA ILE D 2251 11.50 34.93 -28.37
C ILE D 2251 10.65 34.76 -27.11
N VAL D 2252 10.45 35.79 -26.30
CA VAL D 2252 9.58 35.69 -25.12
C VAL D 2252 8.16 35.24 -25.49
N LYS D 2253 7.56 35.80 -26.55
CA LYS D 2253 6.23 35.37 -27.01
C LYS D 2253 6.20 33.90 -27.40
N PHE D 2254 7.18 33.41 -28.17
CA PHE D 2254 7.28 32.01 -28.57
C PHE D 2254 7.44 31.07 -27.37
N VAL D 2255 8.27 31.43 -26.40
CA VAL D 2255 8.52 30.63 -25.20
C VAL D 2255 7.23 30.43 -24.42
N VAL D 2256 6.50 31.52 -24.20
CA VAL D 2256 5.20 31.49 -23.53
C VAL D 2256 4.21 30.62 -24.32
N ALA D 2257 4.09 30.83 -25.63
CA ALA D 2257 3.17 30.07 -26.46
C ALA D 2257 3.47 28.56 -26.47
N THR D 2258 4.72 28.17 -26.27
CA THR D 2258 5.13 26.75 -26.18
C THR D 2258 4.76 26.13 -24.84
N LEU D 2259 4.95 26.84 -23.73
CA LEU D 2259 4.49 26.41 -22.40
C LEU D 2259 2.97 26.33 -22.32
N GLU D 2260 2.28 27.25 -22.99
CA GLU D 2260 0.83 27.23 -23.14
C GLU D 2260 0.39 26.02 -23.99
N ALA D 2261 1.02 25.78 -25.13
CA ALA D 2261 0.70 24.63 -25.97
C ALA D 2261 0.89 23.28 -25.25
N LEU D 2262 1.99 23.10 -24.51
CA LEU D 2262 2.21 21.91 -23.69
C LEU D 2262 1.14 21.75 -22.62
N SER D 2263 0.75 22.85 -21.96
CA SER D 2263 -0.33 22.83 -20.98
C SER D 2263 -1.68 22.47 -21.62
N TRP D 2264 -1.97 23.00 -22.80
CA TRP D 2264 -3.17 22.67 -23.56
C TRP D 2264 -3.21 21.19 -23.97
N HIS D 2265 -2.07 20.60 -24.30
CA HIS D 2265 -1.95 19.17 -24.62
C HIS D 2265 -2.21 18.26 -23.40
N LEU D 2266 -1.76 18.65 -22.20
CA LEU D 2266 -2.13 17.97 -20.94
C LEU D 2266 -3.64 17.98 -20.69
N ILE D 2267 -4.33 19.10 -20.91
CA ILE D 2267 -5.77 19.22 -20.63
C ILE D 2267 -6.58 18.31 -21.55
N HIS D 2268 -6.29 18.33 -22.85
CA HIS D 2268 -7.14 17.71 -23.87
C HIS D 2268 -6.70 16.31 -24.29
N GLU D 2269 -5.42 16.00 -24.21
CA GLU D 2269 -4.85 14.69 -24.53
C GLU D 2269 -4.27 14.03 -23.27
N GLN D 2270 -2.95 13.92 -23.14
CA GLN D 2270 -2.24 13.25 -22.04
C GLN D 2270 -0.87 13.91 -21.81
N ILE D 2271 0.06 13.27 -21.09
CA ILE D 2271 1.44 13.77 -20.97
C ILE D 2271 2.02 14.07 -22.37
N PRO D 2272 2.60 15.26 -22.61
CA PRO D 2272 3.39 15.48 -23.81
C PRO D 2272 4.58 14.52 -23.86
N LEU D 2273 5.15 14.34 -25.04
CA LEU D 2273 6.36 13.56 -25.25
C LEU D 2273 7.49 14.13 -24.35
N SER D 2274 8.24 13.31 -23.62
CA SER D 2274 9.28 13.75 -22.68
C SER D 2274 10.27 14.77 -23.27
N LEU D 2275 10.80 14.53 -24.46
CA LEU D 2275 11.65 15.47 -25.20
C LEU D 2275 10.95 16.80 -25.49
N ASP D 2276 9.64 16.81 -25.70
CA ASP D 2276 8.87 18.02 -26.00
C ASP D 2276 8.57 18.83 -24.73
N LEU D 2277 8.29 18.14 -23.63
CA LEU D 2277 8.23 18.77 -22.32
C LEU D 2277 9.57 19.42 -21.97
N GLN D 2278 10.65 18.67 -22.16
CA GLN D 2278 12.01 19.14 -21.98
C GLN D 2278 12.31 20.35 -22.90
N ALA D 2279 12.00 20.31 -24.19
CA ALA D 2279 12.25 21.41 -25.10
C ALA D 2279 11.58 22.73 -24.68
N GLY D 2280 10.32 22.69 -24.23
CA GLY D 2280 9.60 23.87 -23.76
C GLY D 2280 10.20 24.44 -22.48
N LEU D 2281 10.44 23.57 -21.51
CA LEU D 2281 11.10 23.94 -20.26
C LEU D 2281 12.57 24.37 -20.43
N ASP D 2282 13.33 23.82 -21.38
CA ASP D 2282 14.67 24.29 -21.75
C ASP D 2282 14.64 25.77 -22.18
N CYS D 2283 13.75 26.10 -23.11
CA CYS D 2283 13.58 27.47 -23.57
C CYS D 2283 13.19 28.42 -22.46
N CYS D 2284 12.23 28.05 -21.63
CA CYS D 2284 11.82 28.86 -20.50
C CYS D 2284 12.97 29.12 -19.54
N CYS D 2285 13.67 28.08 -19.11
CA CYS D 2285 14.87 28.18 -18.29
C CYS D 2285 15.93 29.14 -18.86
N LEU D 2286 16.36 28.94 -20.11
CA LEU D 2286 17.41 29.73 -20.75
C LEU D 2286 16.98 31.18 -21.07
N ALA D 2287 15.73 31.41 -21.43
CA ALA D 2287 15.21 32.75 -21.67
C ALA D 2287 15.15 33.60 -20.39
N LEU D 2288 15.02 33.00 -19.20
CA LEU D 2288 15.08 33.74 -17.96
C LEU D 2288 16.51 33.95 -17.45
N GLN D 2289 17.50 33.24 -18.00
CA GLN D 2289 18.91 33.42 -17.68
C GLN D 2289 19.57 34.55 -18.49
N LEU D 2290 19.16 34.77 -19.73
CA LEU D 2290 19.69 35.85 -20.56
C LEU D 2290 19.14 37.21 -20.11
N PRO D 2291 19.99 38.20 -19.79
CA PRO D 2291 19.53 39.45 -19.16
C PRO D 2291 18.69 40.34 -20.07
N GLY D 2292 18.89 40.26 -21.39
CA GLY D 2292 18.05 40.93 -22.36
C GLY D 2292 16.63 40.37 -22.44
N LEU D 2293 16.48 39.05 -22.48
CA LEU D 2293 15.15 38.41 -22.50
C LEU D 2293 14.44 38.55 -21.17
N TRP D 2294 15.17 38.44 -20.07
CA TRP D 2294 14.71 38.78 -18.72
C TRP D 2294 14.13 40.18 -18.65
N SER D 2295 14.77 41.17 -19.24
CA SER D 2295 14.29 42.55 -19.24
C SER D 2295 12.98 42.71 -19.98
N VAL D 2296 12.74 41.94 -21.04
CA VAL D 2296 11.43 41.89 -21.71
C VAL D 2296 10.37 41.30 -20.78
N VAL D 2297 10.55 40.09 -20.25
CA VAL D 2297 9.50 39.42 -19.45
C VAL D 2297 9.29 40.08 -18.08
N SER D 2298 10.30 40.71 -17.49
CA SER D 2298 10.17 41.50 -16.26
C SER D 2298 9.60 42.91 -16.48
N SER D 2299 9.38 43.33 -17.72
CA SER D 2299 8.75 44.62 -18.01
C SER D 2299 7.24 44.64 -17.72
N THR D 2300 6.67 45.82 -17.55
CA THR D 2300 5.24 45.99 -17.25
C THR D 2300 4.36 45.47 -18.39
N GLU D 2301 4.73 45.67 -19.66
CA GLU D 2301 3.89 45.28 -20.80
C GLU D 2301 3.82 43.77 -21.07
N PHE D 2302 4.65 42.98 -20.38
CA PHE D 2302 4.66 41.51 -20.41
C PHE D 2302 4.08 40.87 -19.14
N VAL D 2303 3.34 41.61 -18.31
CA VAL D 2303 2.74 41.08 -17.06
C VAL D 2303 1.86 39.85 -17.29
N THR D 2304 1.07 39.80 -18.36
CA THR D 2304 0.24 38.63 -18.67
C THR D 2304 1.05 37.44 -19.20
N HIS D 2305 2.19 37.69 -19.85
CA HIS D 2305 3.14 36.67 -20.26
C HIS D 2305 3.85 36.06 -19.07
N ALA D 2306 4.34 36.88 -18.14
CA ALA D 2306 4.94 36.42 -16.90
C ALA D 2306 3.94 35.58 -16.09
N CYS D 2307 2.68 36.02 -15.99
CA CYS D 2307 1.64 35.24 -15.35
C CYS D 2307 1.34 33.93 -16.06
N SER D 2308 1.33 33.88 -17.40
CA SER D 2308 1.25 32.62 -18.12
C SER D 2308 2.40 31.67 -17.78
N LEU D 2309 3.65 32.15 -17.71
CA LEU D 2309 4.77 31.29 -17.34
C LEU D 2309 4.54 30.67 -15.95
N ILE D 2310 4.15 31.48 -14.97
CA ILE D 2310 3.86 31.01 -13.62
C ILE D 2310 2.70 30.00 -13.61
N HIS D 2311 1.59 30.28 -14.27
CA HIS D 2311 0.45 29.35 -14.33
C HIS D 2311 0.81 28.04 -15.04
N CYS D 2312 1.45 28.09 -16.19
CA CYS D 2312 1.83 26.90 -16.96
C CYS D 2312 2.83 26.02 -16.22
N VAL D 2313 3.86 26.60 -15.61
CA VAL D 2313 4.85 25.84 -14.85
C VAL D 2313 4.23 25.19 -13.63
N HIS D 2314 3.39 25.91 -12.87
CA HIS D 2314 2.68 25.33 -11.73
C HIS D 2314 1.75 24.19 -12.13
N PHE D 2315 0.99 24.37 -13.21
CA PHE D 2315 0.12 23.35 -13.77
C PHE D 2315 0.88 22.10 -14.23
N ILE D 2316 1.98 22.25 -14.97
CA ILE D 2316 2.84 21.13 -15.38
C ILE D 2316 3.43 20.43 -14.14
N LEU D 2317 3.94 21.15 -13.16
CA LEU D 2317 4.49 20.55 -11.94
C LEU D 2317 3.45 19.69 -11.22
N GLU D 2318 2.25 20.21 -10.94
CA GLU D 2318 1.23 19.39 -10.29
C GLU D 2318 0.71 18.24 -11.16
N ALA D 2319 0.55 18.42 -12.47
CA ALA D 2319 0.10 17.37 -13.37
C ALA D 2319 1.07 16.17 -13.47
N VAL D 2320 2.35 16.40 -13.20
CA VAL D 2320 3.38 15.35 -13.13
C VAL D 2320 3.55 14.83 -11.70
N ALA D 2321 3.61 15.71 -10.71
CA ALA D 2321 4.05 15.37 -9.36
C ALA D 2321 2.94 15.06 -8.36
N VAL D 2322 1.71 15.56 -8.55
CA VAL D 2322 0.69 15.58 -7.49
C VAL D 2322 -0.48 14.68 -7.87
N GLN D 2323 -0.67 13.60 -7.13
CA GLN D 2323 -1.81 12.71 -7.31
C GLN D 2323 -3.14 13.40 -6.95
N PRO D 2324 -4.28 13.01 -7.54
CA PRO D 2324 -5.59 13.43 -7.05
C PRO D 2324 -5.75 13.15 -5.56
N GLY D 2325 -6.18 14.13 -4.78
CA GLY D 2325 -6.29 14.04 -3.32
C GLY D 2325 -5.02 14.35 -2.52
N GLU D 2326 -3.91 14.70 -3.18
CA GLU D 2326 -2.70 15.24 -2.54
C GLU D 2326 -2.50 16.73 -2.83
N GLN D 2327 -1.56 17.37 -2.14
CA GLN D 2327 -1.14 18.75 -2.35
C GLN D 2327 0.39 18.81 -2.52
N LEU D 2328 0.88 19.86 -3.19
CA LEU D 2328 2.32 20.06 -3.46
C LEU D 2328 3.17 20.19 -2.19
N LEU D 2329 2.59 20.65 -1.08
CA LEU D 2329 3.22 20.78 0.23
C LEU D 2329 2.40 20.05 1.31
N SER D 2330 3.06 19.54 2.36
CA SER D 2330 2.39 19.03 3.56
C SER D 2330 3.34 19.03 4.78
N PRO D 2331 2.81 18.87 6.00
CA PRO D 2331 3.56 18.28 7.12
C PRO D 2331 4.30 16.99 6.75
N ASN D 2354 -4.74 45.15 -9.71
CA ASN D 2354 -4.54 43.77 -9.28
C ASN D 2354 -5.76 42.89 -9.64
N PRO D 2355 -5.90 42.46 -10.91
CA PRO D 2355 -6.73 41.31 -11.27
C PRO D 2355 -6.37 40.05 -10.48
N LYS D 2356 -7.33 39.16 -10.26
CA LYS D 2356 -7.13 37.92 -9.47
C LYS D 2356 -5.98 37.04 -9.97
N TYR D 2357 -5.67 37.03 -11.26
CA TYR D 2357 -4.54 36.28 -11.81
C TYR D 2357 -3.18 36.76 -11.26
N ILE D 2358 -3.00 38.03 -10.93
CA ILE D 2358 -1.74 38.54 -10.39
C ILE D 2358 -1.53 38.01 -8.97
N THR D 2359 -2.57 38.04 -8.15
CA THR D 2359 -2.54 37.49 -6.80
C THR D 2359 -2.37 35.97 -6.82
N ALA D 2360 -2.99 35.27 -7.77
CA ALA D 2360 -2.79 33.84 -7.97
C ALA D 2360 -1.35 33.52 -8.36
N ALA D 2361 -0.77 34.27 -9.32
CA ALA D 2361 0.63 34.13 -9.68
C ALA D 2361 1.59 34.33 -8.49
N CYS D 2362 1.31 35.26 -7.57
CA CYS D 2362 2.08 35.40 -6.32
C CYS D 2362 2.02 34.15 -5.41
N GLU D 2363 0.85 33.61 -5.12
CA GLU D 2363 0.71 32.42 -4.28
C GLU D 2363 1.36 31.18 -4.91
N MET D 2364 1.24 31.02 -6.23
CA MET D 2364 1.84 29.91 -6.96
C MET D 2364 3.36 29.89 -6.86
N VAL D 2365 4.03 31.04 -7.06
CA VAL D 2365 5.49 31.08 -6.94
C VAL D 2365 5.96 30.88 -5.50
N ALA D 2366 5.21 31.37 -4.51
CA ALA D 2366 5.58 31.19 -3.11
C ALA D 2366 5.54 29.72 -2.67
N GLU D 2367 4.52 28.95 -3.05
CA GLU D 2367 4.51 27.52 -2.72
C GLU D 2367 5.49 26.70 -3.59
N MET D 2368 5.74 27.10 -4.82
CA MET D 2368 6.81 26.50 -5.61
C MET D 2368 8.20 26.72 -5.00
N VAL D 2369 8.48 27.90 -4.45
CA VAL D 2369 9.75 28.16 -3.77
C VAL D 2369 9.87 27.33 -2.49
N GLU D 2370 8.79 27.05 -1.76
CA GLU D 2370 8.79 26.07 -0.67
C GLU D 2370 9.08 24.63 -1.15
N SER D 2371 8.54 24.25 -2.32
CA SER D 2371 8.66 22.90 -2.87
C SER D 2371 10.10 22.50 -3.25
N LEU D 2372 10.99 23.48 -3.42
CA LEU D 2372 12.42 23.28 -3.62
C LEU D 2372 13.15 22.61 -2.45
N GLN D 2373 12.55 22.56 -1.24
CA GLN D 2373 13.10 21.82 -0.10
C GLN D 2373 12.76 20.32 -0.13
N SER D 2374 11.79 19.90 -0.96
CA SER D 2374 11.15 18.60 -0.84
C SER D 2374 10.82 18.00 -2.21
N VAL D 2375 9.69 18.38 -2.82
CA VAL D 2375 9.22 17.85 -4.10
C VAL D 2375 10.25 18.02 -5.23
N LEU D 2376 11.02 19.11 -5.21
CA LEU D 2376 12.03 19.41 -6.21
C LEU D 2376 13.46 19.37 -5.66
N ALA D 2377 13.70 18.66 -4.57
CA ALA D 2377 15.05 18.33 -4.10
C ALA D 2377 15.49 16.96 -4.62
N LEU D 2378 16.52 16.90 -5.47
CA LEU D 2378 16.91 15.69 -6.19
C LEU D 2378 17.25 14.54 -5.22
N GLY D 2379 16.55 13.42 -5.31
CA GLY D 2379 16.76 12.26 -4.46
C GLY D 2379 16.20 12.37 -3.04
N HIS D 2380 15.48 13.44 -2.69
CA HIS D 2380 14.67 13.52 -1.47
C HIS D 2380 13.45 12.58 -1.59
N LYS D 2381 12.94 11.99 -0.50
CA LYS D 2381 11.78 11.08 -0.56
C LYS D 2381 10.57 11.70 -1.27
N ARG D 2382 10.36 13.01 -1.14
CA ARG D 2382 9.24 13.72 -1.76
C ARG D 2382 9.42 14.01 -3.26
N ASN D 2383 10.64 13.88 -3.81
CA ASN D 2383 10.93 13.98 -5.25
C ASN D 2383 10.60 12.68 -6.01
N SER D 2384 10.31 11.57 -5.33
CA SER D 2384 10.16 10.23 -5.93
C SER D 2384 9.07 10.09 -6.99
N GLY D 2385 8.16 11.05 -7.11
CA GLY D 2385 7.14 11.13 -8.15
C GLY D 2385 7.50 12.02 -9.34
N VAL D 2386 8.65 12.70 -9.34
CA VAL D 2386 9.17 13.54 -10.44
C VAL D 2386 10.33 12.85 -11.14
N PRO D 2387 10.31 12.67 -12.47
CA PRO D 2387 11.42 12.05 -13.19
C PRO D 2387 12.62 13.00 -13.26
N ALA D 2388 13.82 12.49 -13.00
CA ALA D 2388 15.03 13.31 -12.79
C ALA D 2388 15.43 14.22 -13.97
N PHE D 2389 14.91 14.04 -15.18
CA PHE D 2389 15.11 14.99 -16.29
C PHE D 2389 14.33 16.31 -16.12
N LEU D 2390 13.32 16.37 -15.25
CA LEU D 2390 12.54 17.58 -14.99
C LEU D 2390 13.00 18.34 -13.74
N THR D 2391 13.48 17.66 -12.71
CA THR D 2391 13.90 18.29 -11.44
C THR D 2391 14.90 19.44 -11.58
N PRO D 2392 16.07 19.31 -12.24
CA PRO D 2392 17.03 20.41 -12.33
C PRO D 2392 16.54 21.58 -13.17
N LEU D 2393 15.73 21.34 -14.21
CA LEU D 2393 15.06 22.38 -14.98
C LEU D 2393 14.09 23.18 -14.14
N LEU D 2394 13.13 22.51 -13.50
CA LEU D 2394 12.06 23.19 -12.77
C LEU D 2394 12.61 24.00 -11.59
N ARG D 2395 13.64 23.51 -10.88
CA ARG D 2395 14.35 24.28 -9.86
C ARG D 2395 14.84 25.63 -10.36
N ASN D 2396 15.55 25.63 -11.48
CA ASN D 2396 16.15 26.82 -12.05
C ASN D 2396 15.10 27.82 -12.54
N ILE D 2397 14.07 27.33 -13.22
CA ILE D 2397 12.91 28.14 -13.65
C ILE D 2397 12.24 28.79 -12.43
N ILE D 2398 11.97 28.07 -11.36
CA ILE D 2398 11.29 28.62 -10.17
C ILE D 2398 12.10 29.73 -9.50
N ILE D 2399 13.41 29.57 -9.33
CA ILE D 2399 14.28 30.61 -8.79
C ILE D 2399 14.22 31.86 -9.67
N SER D 2400 14.23 31.69 -10.99
CA SER D 2400 14.18 32.82 -11.90
C SER D 2400 12.80 33.49 -11.97
N LEU D 2401 11.69 32.75 -11.94
CA LEU D 2401 10.35 33.35 -11.82
C LEU D 2401 10.14 34.09 -10.49
N ALA D 2402 10.67 33.58 -9.38
CA ALA D 2402 10.62 34.23 -8.07
C ALA D 2402 11.39 35.56 -7.98
N ARG D 2403 12.21 35.89 -8.98
CA ARG D 2403 12.97 37.14 -9.06
C ARG D 2403 12.26 38.22 -9.87
N LEU D 2404 11.16 37.90 -10.56
CA LEU D 2404 10.43 38.87 -11.37
C LEU D 2404 9.90 39.99 -10.46
N PRO D 2405 9.99 41.27 -10.83
CA PRO D 2405 9.44 42.38 -10.07
C PRO D 2405 7.95 42.18 -9.69
N LEU D 2406 7.19 41.50 -10.55
CA LEU D 2406 5.79 41.14 -10.36
C LEU D 2406 5.49 40.36 -9.07
N VAL D 2407 6.42 39.54 -8.60
CA VAL D 2407 6.17 38.55 -7.53
C VAL D 2407 7.27 38.47 -6.48
N ASN D 2408 8.43 39.06 -6.73
CA ASN D 2408 9.60 38.94 -5.88
C ASN D 2408 9.34 39.47 -4.47
N SER D 2409 8.78 40.68 -4.34
CA SER D 2409 8.45 41.28 -3.04
C SER D 2409 7.55 40.39 -2.20
N TYR D 2410 6.49 39.82 -2.78
CA TYR D 2410 5.63 38.85 -2.10
C TYR D 2410 6.42 37.61 -1.69
N THR D 2411 7.19 37.03 -2.62
CA THR D 2411 7.90 35.77 -2.40
C THR D 2411 8.92 35.86 -1.28
N ARG D 2412 9.58 37.01 -1.10
CA ARG D 2412 10.52 37.31 -0.02
C ARG D 2412 9.90 37.22 1.37
N VAL D 2413 8.58 37.41 1.51
CA VAL D 2413 7.87 37.35 2.79
C VAL D 2413 7.68 35.90 3.27
N PRO D 2414 8.17 35.51 4.46
CA PRO D 2414 7.84 34.24 5.09
C PRO D 2414 6.33 34.01 5.26
N PRO D 2415 5.77 32.86 4.84
CA PRO D 2415 4.34 32.56 5.04
C PRO D 2415 3.86 32.61 6.49
N LEU D 2416 4.73 32.33 7.47
CA LEU D 2416 4.41 32.46 8.89
C LEU D 2416 4.07 33.91 9.30
N VAL D 2417 4.64 34.91 8.62
CA VAL D 2417 4.32 36.34 8.86
C VAL D 2417 2.91 36.70 8.39
N TRP D 2418 2.39 36.07 7.33
CA TRP D 2418 0.99 36.21 6.94
C TRP D 2418 0.04 35.48 7.90
N LYS D 2419 0.43 34.33 8.46
CA LYS D 2419 -0.32 33.64 9.53
C LYS D 2419 -0.38 34.48 10.82
N LEU D 2420 0.69 35.22 11.11
CA LEU D 2420 0.77 36.28 12.15
C LEU D 2420 0.07 37.60 11.73
N GLY D 2421 -0.65 37.64 10.61
CA GLY D 2421 -1.62 38.69 10.27
C GLY D 2421 -1.03 40.00 9.73
N TRP D 2422 0.27 40.10 9.49
CA TRP D 2422 0.86 41.27 8.84
C TRP D 2422 0.20 41.52 7.48
N SER D 2423 -0.15 42.76 7.18
CA SER D 2423 -1.08 43.08 6.08
C SER D 2423 -0.96 44.51 5.52
N PRO D 2424 0.24 44.98 5.14
CA PRO D 2424 0.41 46.30 4.53
C PRO D 2424 -0.21 46.37 3.13
N LYS D 2425 -0.44 47.59 2.63
CA LYS D 2425 -0.94 47.86 1.28
C LYS D 2425 0.21 47.82 0.27
N PRO D 2426 0.22 46.88 -0.69
CA PRO D 2426 1.27 46.83 -1.71
C PRO D 2426 1.08 47.93 -2.76
N GLY D 2427 2.18 48.42 -3.32
CA GLY D 2427 2.18 49.41 -4.41
C GLY D 2427 2.84 48.90 -5.68
N GLY D 2428 3.62 49.76 -6.32
CA GLY D 2428 4.37 49.45 -7.53
C GLY D 2428 3.51 49.42 -8.79
N ASP D 2429 4.12 49.14 -9.94
CA ASP D 2429 3.42 49.19 -11.23
C ASP D 2429 2.40 48.03 -11.41
N PHE D 2430 2.64 46.92 -10.74
CA PHE D 2430 1.81 45.70 -10.78
C PHE D 2430 0.78 45.61 -9.64
N GLY D 2431 0.96 46.36 -8.55
CA GLY D 2431 0.13 46.29 -7.35
C GLY D 2431 0.57 45.25 -6.32
N THR D 2432 1.82 44.79 -6.36
CA THR D 2432 2.36 43.70 -5.53
C THR D 2432 3.63 44.07 -4.75
N ALA D 2433 4.07 45.33 -4.80
CA ALA D 2433 5.31 45.77 -4.16
C ALA D 2433 5.17 45.93 -2.64
N PHE D 2434 5.25 44.82 -1.91
CA PHE D 2434 5.37 44.78 -0.46
C PHE D 2434 6.74 45.30 0.03
N PRO D 2435 6.81 45.98 1.18
CA PRO D 2435 8.06 46.36 1.80
C PRO D 2435 8.80 45.15 2.37
N GLU D 2436 10.08 45.31 2.71
CA GLU D 2436 10.82 44.29 3.48
C GLU D 2436 10.31 44.20 4.92
N ILE D 2437 10.33 43.00 5.48
CA ILE D 2437 9.62 42.64 6.71
C ILE D 2437 10.19 43.38 7.93
N PRO D 2438 9.36 43.96 8.81
CA PRO D 2438 9.79 44.57 10.06
C PRO D 2438 10.68 43.68 10.93
N VAL D 2439 11.78 44.23 11.43
CA VAL D 2439 12.84 43.52 12.17
C VAL D 2439 12.33 42.78 13.40
N GLU D 2440 11.25 43.26 14.02
CA GLU D 2440 10.68 42.62 15.22
C GLU D 2440 10.17 41.20 14.96
N PHE D 2441 9.61 40.91 13.77
CA PHE D 2441 9.22 39.54 13.39
C PHE D 2441 10.44 38.62 13.32
N LEU D 2442 11.54 39.12 12.79
CA LEU D 2442 12.78 38.37 12.59
C LEU D 2442 13.50 38.07 13.93
N GLN D 2443 13.02 38.54 15.08
CA GLN D 2443 13.56 38.11 16.38
C GLN D 2443 13.08 36.70 16.77
N GLU D 2444 12.06 36.15 16.12
CA GLU D 2444 11.61 34.77 16.33
C GLU D 2444 12.41 33.75 15.49
N LYS D 2445 13.02 32.76 16.16
CA LYS D 2445 13.63 31.59 15.50
C LYS D 2445 12.51 30.87 14.74
N GLU D 2446 12.80 30.39 13.54
CA GLU D 2446 11.80 29.79 12.65
C GLU D 2446 10.80 30.79 12.05
N VAL D 2447 11.03 32.10 12.21
CA VAL D 2447 10.59 33.15 11.27
C VAL D 2447 11.82 33.68 10.52
N PHE D 2448 12.90 33.91 11.24
CA PHE D 2448 14.18 34.33 10.66
C PHE D 2448 14.78 33.26 9.72
N LYS D 2449 14.67 31.97 10.08
CA LYS D 2449 15.05 30.85 9.19
C LYS D 2449 14.27 30.82 7.89
N GLU D 2450 12.97 31.08 7.91
CA GLU D 2450 12.12 31.18 6.71
C GLU D 2450 12.60 32.29 5.77
N PHE D 2451 13.01 33.42 6.36
CA PHE D 2451 13.54 34.56 5.63
C PHE D 2451 14.91 34.26 5.03
N ILE D 2452 15.82 33.69 5.82
CA ILE D 2452 17.16 33.30 5.39
C ILE D 2452 17.10 32.34 4.21
N TYR D 2453 16.20 31.37 4.25
CA TYR D 2453 15.97 30.45 3.14
C TYR D 2453 15.61 31.19 1.85
N ARG D 2454 14.70 32.16 1.91
CA ARG D 2454 14.33 33.00 0.76
C ARG D 2454 15.45 33.91 0.27
N ILE D 2455 16.17 34.60 1.15
CA ILE D 2455 17.27 35.47 0.71
C ILE D 2455 18.44 34.66 0.12
N ASN D 2456 18.72 33.47 0.63
CA ASN D 2456 19.69 32.57 0.00
C ASN D 2456 19.21 32.00 -1.35
N THR D 2457 17.98 31.53 -1.44
CA THR D 2457 17.45 30.85 -2.64
C THR D 2457 17.25 31.80 -3.81
N LEU D 2458 16.68 32.97 -3.57
CA LEU D 2458 16.42 33.97 -4.61
C LEU D 2458 17.67 34.80 -4.93
N GLY D 2459 18.57 34.98 -3.96
CA GLY D 2459 19.62 35.99 -4.02
C GLY D 2459 19.04 37.42 -4.02
N TRP D 2460 19.62 38.32 -4.81
CA TRP D 2460 19.18 39.72 -4.95
C TRP D 2460 19.13 40.17 -6.41
N THR D 2461 18.15 40.99 -6.75
CA THR D 2461 17.91 41.52 -8.10
C THR D 2461 18.62 42.84 -8.40
N SER D 2462 19.10 43.56 -7.40
CA SER D 2462 19.71 44.87 -7.54
C SER D 2462 20.61 45.20 -6.36
N ARG D 2463 21.43 46.24 -6.51
CA ARG D 2463 22.17 46.85 -5.40
C ARG D 2463 21.24 47.33 -4.29
N THR D 2464 20.11 47.93 -4.64
CA THR D 2464 19.12 48.38 -3.65
C THR D 2464 18.66 47.23 -2.76
N GLN D 2465 18.40 46.07 -3.34
CA GLN D 2465 17.95 44.90 -2.60
C GLN D 2465 19.06 44.29 -1.73
N PHE D 2466 20.31 44.36 -2.16
CA PHE D 2466 21.45 44.01 -1.30
C PHE D 2466 21.53 44.93 -0.09
N GLU D 2467 21.47 46.25 -0.28
CA GLU D 2467 21.56 47.21 0.81
C GLU D 2467 20.36 47.14 1.75
N GLU D 2468 19.15 46.92 1.24
CA GLU D 2468 17.96 46.69 2.08
C GLU D 2468 18.07 45.39 2.88
N THR D 2469 18.60 44.32 2.29
CA THR D 2469 18.75 43.05 3.00
C THR D 2469 19.93 43.07 3.97
N TRP D 2470 20.99 43.82 3.70
CA TRP D 2470 22.05 44.08 4.66
C TRP D 2470 21.53 44.89 5.85
N ALA D 2471 20.74 45.94 5.60
CA ALA D 2471 20.14 46.73 6.64
C ALA D 2471 19.24 45.89 7.57
N THR D 2472 18.42 44.98 7.02
CA THR D 2472 17.59 44.11 7.87
C THR D 2472 18.41 43.11 8.70
N LEU D 2473 19.47 42.52 8.13
CA LEU D 2473 20.35 41.63 8.88
C LEU D 2473 21.16 42.37 9.98
N LEU D 2474 21.66 43.57 9.74
CA LEU D 2474 22.25 44.39 10.81
C LEU D 2474 21.23 44.79 11.87
N GLY D 2475 19.99 45.09 11.50
CA GLY D 2475 18.93 45.39 12.46
C GLY D 2475 18.60 44.22 13.38
N VAL D 2476 18.77 42.98 12.92
CA VAL D 2476 18.70 41.79 13.78
C VAL D 2476 19.99 41.59 14.57
N LEU D 2477 21.15 41.89 13.99
CA LEU D 2477 22.45 41.61 14.58
C LEU D 2477 22.76 42.49 15.80
N VAL D 2478 22.56 43.81 15.65
CA VAL D 2478 22.75 44.90 16.66
C VAL D 2478 23.96 44.72 17.58
N GLU D 2496 18.76 32.83 25.44
CA GLU D 2496 18.94 32.02 24.23
C GLU D 2496 19.03 32.83 22.93
N ARG D 2497 19.03 34.17 23.02
CA ARG D 2497 19.11 35.10 21.88
C ARG D 2497 20.42 34.94 21.09
N THR D 2498 21.43 34.32 21.69
CA THR D 2498 22.64 33.84 20.99
C THR D 2498 22.33 32.99 19.76
N GLN D 2499 21.21 32.25 19.75
CA GLN D 2499 20.74 31.53 18.56
C GLN D 2499 20.45 32.48 17.39
N ILE D 2500 19.78 33.60 17.64
CA ILE D 2500 19.53 34.63 16.63
C ILE D 2500 20.83 35.30 16.19
N ASN D 2501 21.79 35.49 17.09
CA ASN D 2501 23.10 36.04 16.73
C ASN D 2501 23.89 35.09 15.82
N VAL D 2502 23.88 33.78 16.08
CA VAL D 2502 24.48 32.77 15.18
C VAL D 2502 23.78 32.74 13.83
N LEU D 2503 22.44 32.75 13.82
CA LEU D 2503 21.67 32.84 12.58
C LEU D 2503 22.02 34.10 11.80
N ALA D 2504 22.14 35.26 12.45
CA ALA D 2504 22.51 36.49 11.80
C ALA D 2504 23.94 36.46 11.26
N VAL D 2505 24.91 35.92 12.00
CA VAL D 2505 26.29 35.80 11.55
C VAL D 2505 26.37 34.89 10.33
N GLN D 2506 25.74 33.72 10.37
CA GLN D 2506 25.65 32.83 9.22
C GLN D 2506 24.90 33.49 8.04
N ALA D 2507 23.83 34.22 8.28
CA ALA D 2507 23.10 34.93 7.24
C ALA D 2507 23.93 36.04 6.59
N ILE D 2508 24.60 36.88 7.37
CA ILE D 2508 25.48 37.93 6.83
C ILE D 2508 26.64 37.32 6.06
N THR D 2509 27.22 36.24 6.57
CA THR D 2509 28.29 35.52 5.87
C THR D 2509 27.82 35.12 4.47
N SER D 2510 26.63 34.52 4.38
CA SER D 2510 26.05 34.06 3.12
C SER D 2510 25.73 35.22 2.20
N LEU D 2511 25.22 36.32 2.75
CA LEU D 2511 24.96 37.54 2.02
C LEU D 2511 26.24 38.11 1.38
N VAL D 2512 27.29 38.38 2.15
CA VAL D 2512 28.52 38.96 1.57
C VAL D 2512 29.17 37.99 0.57
N LEU D 2513 29.24 36.70 0.88
CA LEU D 2513 29.74 35.67 -0.03
C LEU D 2513 28.97 35.62 -1.36
N SER D 2514 27.66 35.90 -1.36
CA SER D 2514 26.86 35.89 -2.59
C SER D 2514 27.35 36.88 -3.66
N ALA D 2515 28.02 37.97 -3.26
CA ALA D 2515 28.64 38.93 -4.17
C ALA D 2515 29.90 38.40 -4.87
N MET D 2516 30.45 37.28 -4.41
CA MET D 2516 31.55 36.57 -5.04
C MET D 2516 31.10 35.66 -6.20
N THR D 2517 29.80 35.61 -6.53
CA THR D 2517 29.27 34.84 -7.66
C THR D 2517 29.58 35.54 -8.98
N VAL D 2518 29.94 34.80 -10.04
CA VAL D 2518 30.82 35.41 -11.06
C VAL D 2518 30.26 35.89 -12.40
N PRO D 2519 29.43 35.18 -13.19
CA PRO D 2519 28.93 35.76 -14.45
C PRO D 2519 27.93 36.91 -14.24
N VAL D 2520 27.08 36.81 -13.21
CA VAL D 2520 26.17 37.83 -12.67
C VAL D 2520 26.28 37.84 -11.15
N ALA D 2521 26.34 39.02 -10.54
CA ALA D 2521 26.88 39.21 -9.19
C ALA D 2521 26.05 38.63 -8.02
N GLY D 2522 24.79 38.26 -8.20
CA GLY D 2522 23.91 37.83 -7.11
C GLY D 2522 22.72 36.97 -7.52
N ASN D 2523 22.88 36.12 -8.55
CA ASN D 2523 21.82 35.35 -9.19
C ASN D 2523 22.09 33.82 -9.15
N PRO D 2524 21.53 33.07 -8.19
CA PRO D 2524 21.71 31.62 -8.08
C PRO D 2524 21.27 30.80 -9.30
N ALA D 2525 20.43 31.33 -10.19
CA ALA D 2525 20.02 30.65 -11.41
C ALA D 2525 21.07 30.74 -12.54
N VAL D 2526 21.91 31.78 -12.56
CA VAL D 2526 22.91 32.04 -13.60
C VAL D 2526 24.34 31.77 -13.13
N SER D 2527 24.61 31.88 -11.84
CA SER D 2527 25.96 32.06 -11.29
C SER D 2527 26.28 31.08 -10.18
N CYS D 2528 27.56 30.82 -9.98
CA CYS D 2528 28.14 30.14 -8.84
C CYS D 2528 29.40 30.89 -8.40
N LEU D 2529 29.94 30.54 -7.25
CA LEU D 2529 31.06 31.28 -6.64
C LEU D 2529 32.27 31.28 -7.55
N GLU D 2530 32.98 32.40 -7.61
CA GLU D 2530 34.32 32.48 -8.20
C GLU D 2530 35.24 31.39 -7.64
N GLN D 2531 36.09 30.83 -8.49
CA GLN D 2531 37.23 30.01 -8.09
C GLN D 2531 38.50 30.70 -8.58
N GLN D 2532 39.57 30.61 -7.80
CA GLN D 2532 40.91 30.96 -8.27
C GLN D 2532 41.87 29.85 -7.84
N PRO D 2533 42.15 28.87 -8.72
CA PRO D 2533 42.91 27.69 -8.36
C PRO D 2533 44.33 27.98 -7.87
N ARG D 2534 44.88 27.15 -6.96
CA ARG D 2534 46.26 27.32 -6.47
C ARG D 2534 47.33 26.98 -7.50
N ASN D 2535 47.02 26.05 -8.41
CA ASN D 2535 47.88 25.67 -9.52
C ASN D 2535 47.85 26.71 -10.66
N LYS D 2536 49.00 26.95 -11.27
CA LYS D 2536 49.19 27.85 -12.43
C LYS D 2536 49.13 27.07 -13.76
N PRO D 2537 48.97 27.74 -14.91
CA PRO D 2537 48.96 27.05 -16.21
C PRO D 2537 50.17 26.15 -16.45
N LEU D 2538 49.97 25.02 -17.13
CA LEU D 2538 51.05 24.09 -17.51
C LEU D 2538 51.84 24.65 -18.70
N LYS D 2539 53.15 24.81 -18.54
CA LYS D 2539 54.04 25.32 -19.61
C LYS D 2539 54.14 24.36 -20.80
N ALA D 2540 54.17 23.05 -20.54
CA ALA D 2540 54.35 22.01 -21.56
C ALA D 2540 53.32 22.07 -22.70
N LEU D 2541 52.12 22.56 -22.42
CA LEU D 2541 51.02 22.64 -23.37
C LEU D 2541 51.25 23.63 -24.52
N ASP D 2542 52.24 24.53 -24.44
CA ASP D 2542 52.53 25.48 -25.53
C ASP D 2542 53.39 24.87 -26.67
N THR D 2543 54.04 23.74 -26.43
CA THR D 2543 54.93 23.06 -27.40
C THR D 2543 54.18 22.37 -28.54
N ARG D 2544 54.90 21.90 -29.57
CA ARG D 2544 54.36 21.06 -30.65
C ARG D 2544 53.64 19.83 -30.12
N PHE D 2545 54.26 19.09 -29.21
CA PHE D 2545 53.68 17.93 -28.55
C PHE D 2545 52.73 18.29 -27.39
N GLY D 2546 52.49 19.52 -27.08
CA GLY D 2546 51.52 20.06 -26.15
C GLY D 2546 50.23 20.52 -26.82
N ARG D 2547 50.30 21.16 -27.98
CA ARG D 2547 49.12 21.56 -28.75
C ARG D 2547 48.31 20.37 -29.22
N LYS D 2548 48.98 19.38 -29.83
CA LYS D 2548 48.33 18.15 -30.31
C LYS D 2548 47.84 17.27 -29.15
N LEU D 2549 48.52 17.29 -28.00
CA LEU D 2549 47.99 16.71 -26.77
C LEU D 2549 46.71 17.43 -26.30
N SER D 2550 46.67 18.76 -26.37
CA SER D 2550 45.51 19.53 -25.91
C SER D 2550 44.26 19.22 -26.74
N ILE D 2551 44.40 19.02 -28.05
CA ILE D 2551 43.31 18.59 -28.92
C ILE D 2551 42.79 17.19 -28.50
N ILE D 2552 43.67 16.20 -28.33
CA ILE D 2552 43.26 14.82 -28.05
C ILE D 2552 42.77 14.62 -26.61
N ARG D 2553 43.44 15.20 -25.61
CA ARG D 2553 43.06 15.15 -24.20
C ARG D 2553 41.85 16.02 -23.88
N GLY D 2554 41.60 17.04 -24.67
CA GLY D 2554 40.39 17.86 -24.64
C GLY D 2554 39.16 17.10 -25.11
N ILE D 2555 39.27 16.27 -26.16
CA ILE D 2555 38.19 15.36 -26.56
C ILE D 2555 37.85 14.41 -25.41
N VAL D 2556 38.84 13.80 -24.76
CA VAL D 2556 38.61 12.92 -23.60
C VAL D 2556 38.06 13.71 -22.40
N GLU D 2557 38.44 14.96 -22.21
CA GLU D 2557 37.91 15.83 -21.15
C GLU D 2557 36.43 16.18 -21.34
N GLN D 2558 35.99 16.53 -22.55
CA GLN D 2558 34.57 16.79 -22.81
C GLN D 2558 33.70 15.59 -22.42
N GLU D 2559 34.24 14.39 -22.58
CA GLU D 2559 33.53 13.16 -22.31
C GLU D 2559 33.61 12.75 -20.84
N ILE D 2560 34.74 12.92 -20.15
CA ILE D 2560 34.78 12.72 -18.69
C ILE D 2560 33.86 13.72 -17.98
N GLN D 2561 33.85 14.98 -18.40
CA GLN D 2561 32.89 15.97 -17.89
C GLN D 2561 31.45 15.51 -18.13
N ALA D 2562 31.08 15.12 -19.35
CA ALA D 2562 29.71 14.69 -19.61
C ALA D 2562 29.32 13.44 -18.80
N MET D 2563 30.22 12.47 -18.63
CA MET D 2563 29.93 11.22 -17.93
C MET D 2563 29.87 11.33 -16.41
N VAL D 2564 30.72 12.13 -15.75
CA VAL D 2564 30.79 12.14 -14.26
C VAL D 2564 30.72 13.52 -13.58
N SER D 2565 30.63 14.63 -14.32
CA SER D 2565 30.42 15.94 -13.69
C SER D 2565 29.15 15.96 -12.83
N LYS D 2566 29.21 16.54 -11.63
CA LYS D 2566 28.02 16.80 -10.80
C LYS D 2566 27.06 17.86 -11.39
N ARG D 2567 27.45 18.54 -12.48
CA ARG D 2567 26.68 19.51 -13.29
C ARG D 2567 25.99 20.61 -12.48
N GLU D 2568 26.58 21.09 -11.40
CA GLU D 2568 25.88 21.98 -10.46
C GLU D 2568 25.56 23.38 -11.02
N ASN D 2569 26.28 23.83 -12.05
CA ASN D 2569 26.02 25.07 -12.76
C ASN D 2569 25.40 24.87 -14.15
N ILE D 2570 24.88 23.68 -14.46
CA ILE D 2570 24.13 23.42 -15.68
C ILE D 2570 22.73 22.89 -15.33
N ALA D 2571 21.69 23.64 -15.68
CA ALA D 2571 20.31 23.21 -15.47
C ALA D 2571 19.81 22.33 -16.63
N THR D 2572 20.23 22.66 -17.84
CA THR D 2572 19.73 22.11 -19.10
C THR D 2572 20.46 20.80 -19.41
N HIS D 2573 19.83 19.87 -20.12
CA HIS D 2573 20.39 18.55 -20.41
C HIS D 2573 21.62 18.56 -21.34
N HIS D 2574 21.81 19.59 -22.18
CA HIS D 2574 22.81 19.59 -23.26
C HIS D 2574 24.20 19.16 -22.79
N LEU D 2575 24.75 18.07 -23.35
CA LEU D 2575 25.83 17.31 -22.73
C LEU D 2575 27.14 18.10 -22.58
N TYR D 2576 27.50 18.89 -23.59
CA TYR D 2576 28.82 19.49 -23.76
C TYR D 2576 28.84 20.98 -23.41
N GLN D 2577 28.22 21.37 -22.30
CA GLN D 2577 28.12 22.77 -21.85
C GLN D 2577 28.86 23.02 -20.52
N ALA D 2578 29.95 22.31 -20.25
CA ALA D 2578 30.77 22.50 -19.06
C ALA D 2578 31.44 23.89 -19.03
N TRP D 2579 31.44 24.51 -17.86
CA TRP D 2579 32.21 25.72 -17.57
C TRP D 2579 32.60 25.75 -16.10
N ASP D 2580 33.70 26.44 -15.81
CA ASP D 2580 34.20 26.69 -14.46
C ASP D 2580 34.19 28.20 -14.15
N PRO D 2581 33.90 28.60 -12.91
CA PRO D 2581 33.73 29.99 -12.50
C PRO D 2581 35.08 30.68 -12.20
N VAL D 2582 36.07 30.55 -13.08
CA VAL D 2582 37.40 31.14 -12.90
C VAL D 2582 37.53 32.39 -13.78
N PRO D 2583 37.39 33.61 -13.24
CA PRO D 2583 37.51 34.85 -14.01
C PRO D 2583 38.97 35.19 -14.32
N SER D 2584 39.22 35.67 -15.53
CA SER D 2584 40.52 36.24 -15.89
C SER D 2584 40.82 37.49 -15.08
N LEU D 2585 42.07 37.67 -14.67
CA LEU D 2585 42.53 38.83 -13.89
C LEU D 2585 43.97 39.22 -14.26
N SER D 2586 44.30 40.50 -14.09
CA SER D 2586 45.56 41.15 -14.52
C SER D 2586 45.99 42.26 -13.56
N GLY D 2591 37.49 39.99 -14.32
CA GLY D 2591 37.07 40.10 -15.71
C GLY D 2591 36.30 38.89 -16.26
N ALA D 2592 36.32 38.72 -17.58
CA ALA D 2592 35.62 37.65 -18.28
C ALA D 2592 36.09 36.25 -17.87
N LEU D 2593 35.19 35.27 -17.85
CA LEU D 2593 35.50 33.90 -17.42
C LEU D 2593 36.44 33.21 -18.41
N ILE D 2594 37.45 32.49 -17.89
CA ILE D 2594 38.37 31.67 -18.68
C ILE D 2594 37.63 30.42 -19.19
N SER D 2595 37.82 30.05 -20.46
CA SER D 2595 37.16 28.86 -21.04
C SER D 2595 37.69 27.56 -20.43
N HIS D 2596 36.81 26.57 -20.26
CA HIS D 2596 37.15 25.26 -19.70
C HIS D 2596 38.32 24.58 -20.43
N GLU D 2597 38.39 24.70 -21.76
CA GLU D 2597 39.47 24.17 -22.59
C GLU D 2597 40.84 24.84 -22.36
N LYS D 2598 40.90 25.99 -21.67
CA LYS D 2598 42.15 26.64 -21.22
C LYS D 2598 42.50 26.30 -19.77
N LEU D 2599 41.60 25.68 -19.02
CA LEU D 2599 41.74 25.32 -17.61
C LEU D 2599 42.10 23.83 -17.39
N LEU D 2600 42.62 23.16 -18.42
CA LEU D 2600 43.10 21.77 -18.33
C LEU D 2600 44.06 21.60 -17.15
N LEU D 2601 43.72 20.67 -16.27
CA LEU D 2601 44.43 20.32 -15.03
C LEU D 2601 44.67 21.49 -14.07
N GLN D 2602 43.99 22.63 -14.25
CA GLN D 2602 44.23 23.84 -13.47
C GLN D 2602 43.36 23.93 -12.21
N ILE D 2603 42.13 23.39 -12.22
CA ILE D 2603 41.23 23.36 -11.07
C ILE D 2603 41.80 22.50 -9.94
N ASN D 2604 41.55 22.90 -8.69
CA ASN D 2604 42.07 22.27 -7.48
C ASN D 2604 41.70 20.78 -7.36
N PRO D 2605 42.67 19.86 -7.21
CA PRO D 2605 42.40 18.43 -7.20
C PRO D 2605 41.41 17.96 -6.14
N GLU D 2606 41.34 18.60 -4.96
CA GLU D 2606 40.43 18.18 -3.90
C GLU D 2606 38.95 18.54 -4.15
N ARG D 2607 38.60 19.14 -5.29
CA ARG D 2607 37.22 19.39 -5.72
C ARG D 2607 36.78 18.31 -6.71
N GLU D 2608 35.69 17.62 -6.38
CA GLU D 2608 35.05 16.68 -7.29
C GLU D 2608 34.49 17.39 -8.54
N LEU D 2609 34.56 16.72 -9.69
CA LEU D 2609 34.29 17.31 -10.99
C LEU D 2609 32.86 17.87 -11.07
N GLY D 2610 32.71 19.12 -11.49
CA GLY D 2610 31.42 19.78 -11.59
C GLY D 2610 30.81 20.25 -10.27
N SER D 2611 31.50 20.11 -9.14
CA SER D 2611 31.05 20.67 -7.85
C SER D 2611 31.40 22.15 -7.76
N MET D 2612 30.40 23.01 -7.55
CA MET D 2612 30.55 24.46 -7.60
C MET D 2612 30.35 25.12 -6.23
N SER D 2613 30.10 24.33 -5.19
CA SER D 2613 29.90 24.77 -3.82
C SER D 2613 31.19 25.27 -3.15
N TYR D 2614 31.04 25.91 -1.99
CA TYR D 2614 32.13 26.44 -1.20
C TYR D 2614 32.99 25.34 -0.54
N LYS D 2615 34.30 25.54 -0.51
CA LYS D 2615 35.34 24.71 0.15
C LYS D 2615 36.43 25.61 0.73
N LEU D 2616 37.28 25.12 1.64
CA LEU D 2616 38.21 25.97 2.39
C LEU D 2616 39.29 26.68 1.55
N GLY D 2617 39.51 26.28 0.30
CA GLY D 2617 40.48 26.84 -0.62
C GLY D 2617 39.96 27.58 -1.86
N GLN D 2618 38.75 28.19 -1.86
CA GLN D 2618 38.13 28.81 -3.06
C GLN D 2618 39.07 29.69 -3.88
N VAL D 2619 39.78 30.58 -3.20
CA VAL D 2619 40.63 31.60 -3.81
C VAL D 2619 42.06 31.42 -3.29
N SER D 2620 43.03 31.35 -4.20
CA SER D 2620 44.44 31.16 -3.87
C SER D 2620 45.09 32.40 -3.26
N ILE D 2621 46.11 32.22 -2.41
CA ILE D 2621 46.87 33.32 -1.80
C ILE D 2621 47.52 34.19 -2.88
N HIS D 2622 47.96 33.59 -3.99
CA HIS D 2622 48.55 34.31 -5.10
C HIS D 2622 47.55 35.25 -5.80
N SER D 2623 46.27 34.87 -5.91
CA SER D 2623 45.24 35.74 -6.50
C SER D 2623 44.87 36.94 -5.62
N VAL D 2624 44.84 36.82 -4.29
CA VAL D 2624 44.63 38.00 -3.43
C VAL D 2624 45.86 38.92 -3.43
N TRP D 2625 47.08 38.40 -3.56
CA TRP D 2625 48.27 39.21 -3.77
C TRP D 2625 48.31 39.88 -5.16
N LEU D 2626 47.89 39.19 -6.22
CA LEU D 2626 47.89 39.69 -7.60
C LEU D 2626 46.78 40.71 -7.87
N GLY D 2627 45.53 40.38 -7.55
CA GLY D 2627 44.38 41.22 -7.85
C GLY D 2627 44.30 42.50 -7.03
N ASN D 2628 45.01 42.56 -5.89
CA ASN D 2628 45.04 43.69 -4.97
C ASN D 2628 46.46 44.25 -4.73
N SER D 2629 47.43 43.87 -5.57
CA SER D 2629 48.81 44.40 -5.58
C SER D 2629 49.61 44.31 -4.26
N ILE D 2630 49.30 43.38 -3.36
CA ILE D 2630 49.93 43.28 -2.03
C ILE D 2630 51.41 42.82 -2.11
N THR D 2631 51.68 41.70 -2.78
CA THR D 2631 53.03 41.15 -3.07
C THR D 2631 54.03 41.26 -1.88
N PRO D 2632 53.87 40.45 -0.81
CA PRO D 2632 54.77 40.46 0.34
C PRO D 2632 56.16 39.89 0.03
N ALA D 2666 30.79 42.74 -6.75
CA ALA D 2666 30.71 43.48 -7.81
C ALA D 2666 29.41 44.29 -7.98
N GLY D 2667 29.51 45.55 -8.40
CA GLY D 2667 28.41 46.52 -8.45
C GLY D 2667 27.89 47.01 -7.08
N VAL D 2668 28.50 46.56 -5.98
CA VAL D 2668 28.10 46.67 -4.57
C VAL D 2668 29.31 47.08 -3.73
N ASP D 2669 29.13 47.88 -2.67
CA ASP D 2669 30.23 48.30 -1.79
C ASP D 2669 30.62 47.20 -0.80
N ILE D 2670 31.27 46.15 -1.32
CA ILE D 2670 31.72 45.00 -0.54
C ILE D 2670 32.90 45.36 0.35
N HIS D 2671 33.69 46.38 -0.01
CA HIS D 2671 34.72 46.92 0.88
C HIS D 2671 34.14 47.44 2.20
N SER D 2672 33.07 48.23 2.18
CA SER D 2672 32.40 48.69 3.40
C SER D 2672 31.81 47.54 4.22
N CYS D 2673 31.22 46.52 3.59
CA CYS D 2673 30.77 45.29 4.26
C CYS D 2673 31.93 44.54 4.92
N SER D 2674 33.13 44.64 4.34
CA SER D 2674 34.38 44.08 4.86
C SER D 2674 35.08 44.95 5.91
N GLN D 2675 34.89 46.27 5.92
CA GLN D 2675 35.30 47.15 7.04
C GLN D 2675 34.44 46.90 8.26
N PHE D 2676 33.13 46.87 8.04
CA PHE D 2676 32.18 46.32 9.00
C PHE D 2676 32.52 44.83 9.19
N LEU D 2677 32.01 44.19 10.26
CA LEU D 2677 32.38 42.81 10.63
C LEU D 2677 33.83 42.65 11.09
N LEU D 2678 34.87 43.16 10.40
CA LEU D 2678 36.21 43.20 10.98
C LEU D 2678 36.24 44.01 12.28
N GLU D 2679 35.51 45.12 12.37
CA GLU D 2679 35.30 45.78 13.66
C GLU D 2679 34.40 44.95 14.60
N LEU D 2680 33.17 44.65 14.17
CA LEU D 2680 32.14 44.07 15.03
C LEU D 2680 32.50 42.69 15.61
N TYR D 2681 33.06 41.80 14.80
CA TYR D 2681 33.54 40.49 15.25
C TYR D 2681 34.71 40.63 16.21
N SER D 2682 35.71 41.47 15.91
CA SER D 2682 36.82 41.74 16.83
C SER D 2682 36.32 42.23 18.18
N ARG D 2683 35.32 43.11 18.18
CA ARG D 2683 34.68 43.67 19.39
C ARG D 2683 33.90 42.64 20.21
N TRP D 2684 33.67 41.43 19.69
CA TRP D 2684 33.10 40.29 20.43
C TRP D 2684 34.11 39.19 20.79
N ILE D 2685 35.09 38.90 19.94
CA ILE D 2685 36.02 37.76 20.14
C ILE D 2685 37.37 38.15 20.76
N LEU D 2686 37.76 39.43 20.74
CA LEU D 2686 38.99 39.92 21.37
C LEU D 2686 38.79 40.28 22.87
N PRO D 2687 37.82 41.13 23.28
CA PRO D 2687 37.62 41.51 24.68
C PRO D 2687 36.94 40.41 25.51
N ALA D 2696 31.43 29.66 24.22
CA ALA D 2696 32.34 29.79 23.11
C ALA D 2696 31.62 29.64 21.75
N ILE D 2697 30.31 29.38 21.74
CA ILE D 2697 29.55 29.14 20.51
C ILE D 2697 29.67 30.29 19.52
N LEU D 2698 29.43 31.52 19.96
CA LEU D 2698 29.57 32.70 19.10
C LEU D 2698 31.00 32.86 18.61
N ILE D 2699 32.01 32.61 19.45
CA ILE D 2699 33.42 32.71 19.04
C ILE D 2699 33.69 31.74 17.88
N SER D 2700 33.21 30.50 17.97
CA SER D 2700 33.41 29.51 16.91
C SER D 2700 32.73 29.88 15.59
N GLU D 2701 31.49 30.39 15.65
CA GLU D 2701 30.73 30.79 14.46
C GLU D 2701 31.20 32.12 13.85
N VAL D 2702 31.70 33.04 14.68
CA VAL D 2702 32.34 34.28 14.23
C VAL D 2702 33.70 33.99 13.59
N VAL D 2703 34.49 33.07 14.15
CA VAL D 2703 35.77 32.67 13.55
C VAL D 2703 35.54 31.97 12.22
N ARG D 2704 34.55 31.06 12.13
CA ARG D 2704 34.04 30.54 10.86
C ARG D 2704 33.68 31.68 9.90
N SER D 2705 32.92 32.69 10.35
CA SER D 2705 32.55 33.80 9.49
C SER D 2705 33.78 34.56 8.95
N LEU D 2706 34.80 34.83 9.77
CA LEU D 2706 36.05 35.44 9.34
C LEU D 2706 36.81 34.59 8.31
N LEU D 2707 36.90 33.27 8.53
CA LEU D 2707 37.51 32.33 7.60
C LEU D 2707 36.86 32.45 6.23
N VAL D 2708 35.52 32.40 6.16
CA VAL D 2708 34.79 32.55 4.90
C VAL D 2708 34.95 33.94 4.29
N VAL D 2709 34.66 35.01 5.04
CA VAL D 2709 34.62 36.38 4.48
C VAL D 2709 36.01 36.90 4.09
N SER D 2710 37.09 36.33 4.64
CA SER D 2710 38.45 36.67 4.24
C SER D 2710 38.71 36.55 2.73
N ASP D 2711 37.90 35.77 1.99
CA ASP D 2711 37.96 35.65 0.54
C ASP D 2711 37.56 36.93 -0.22
N LEU D 2712 36.86 37.87 0.43
CA LEU D 2712 36.50 39.18 -0.13
C LEU D 2712 37.31 40.34 0.46
N PHE D 2713 38.21 40.08 1.42
CA PHE D 2713 39.16 41.11 1.88
C PHE D 2713 40.13 41.49 0.76
N THR D 2714 40.23 42.79 0.50
CA THR D 2714 41.15 43.41 -0.47
C THR D 2714 41.88 44.60 0.14
N GLU D 2715 42.97 45.06 -0.47
CA GLU D 2715 43.49 46.43 -0.34
C GLU D 2715 43.74 46.90 1.12
N ARG D 2716 44.34 46.05 1.96
CA ARG D 2716 44.49 46.35 3.39
C ARG D 2716 45.73 45.78 4.09
N ASN D 2717 46.23 46.53 5.06
CA ASN D 2717 46.97 45.96 6.20
C ASN D 2717 45.99 45.29 7.17
N GLN D 2718 44.74 45.76 7.24
CA GLN D 2718 43.72 45.29 8.17
C GLN D 2718 43.23 43.83 7.99
N PHE D 2719 43.69 43.06 7.00
CA PHE D 2719 43.54 41.59 7.06
C PHE D 2719 44.43 41.02 8.17
N GLU D 2720 45.56 41.65 8.49
CA GLU D 2720 46.37 41.33 9.67
C GLU D 2720 45.67 41.65 11.01
N LEU D 2721 44.48 42.29 11.00
CA LEU D 2721 43.59 42.22 12.15
C LEU D 2721 43.16 40.77 12.44
N MET D 2722 42.97 39.90 11.44
CA MET D 2722 42.77 38.47 11.70
C MET D 2722 43.92 37.90 12.52
N TYR D 2723 45.17 38.19 12.15
CA TYR D 2723 46.32 37.62 12.85
C TYR D 2723 46.45 38.11 14.29
N VAL D 2724 46.18 39.32 14.60
CA VAL D 2724 46.29 39.94 15.92
C VAL D 2724 45.14 39.55 16.85
N THR D 2725 44.01 39.11 16.31
CA THR D 2725 42.82 38.71 17.06
C THR D 2725 42.94 37.27 17.61
N LEU D 2726 43.92 37.02 18.47
CA LEU D 2726 44.27 35.71 19.00
C LEU D 2726 43.54 35.35 20.30
N THR D 2727 43.26 34.05 20.47
CA THR D 2727 43.10 33.37 21.76
C THR D 2727 44.39 32.64 22.13
N VAL D 2782 40.21 17.05 8.49
CA VAL D 2782 40.96 17.91 7.65
C VAL D 2782 42.07 18.53 8.50
N GLY D 2783 41.75 19.00 9.70
CA GLY D 2783 42.72 19.61 10.61
C GLY D 2783 43.43 20.83 10.01
N ALA D 2784 44.77 20.79 10.03
CA ALA D 2784 45.63 21.84 9.54
C ALA D 2784 45.81 21.86 8.00
N LEU D 2785 45.38 20.84 7.25
CA LEU D 2785 45.75 20.68 5.84
C LEU D 2785 45.20 21.78 4.93
N HIS D 2786 43.93 22.16 5.09
CA HIS D 2786 43.39 23.41 4.52
C HIS D 2786 43.89 24.60 5.35
N GLY D 2787 45.17 24.90 5.17
CA GLY D 2787 45.96 25.82 5.98
C GLY D 2787 47.44 25.64 5.69
N ILE D 2788 47.94 24.40 5.76
CA ILE D 2788 49.25 24.04 5.23
C ILE D 2788 49.31 24.32 3.73
N LEU D 2789 48.27 23.98 2.96
CA LEU D 2789 48.15 24.34 1.54
C LEU D 2789 48.17 25.84 1.26
N TYR D 2790 47.81 26.70 2.23
CA TYR D 2790 48.01 28.14 2.14
C TYR D 2790 49.43 28.58 2.53
N VAL D 2791 50.01 28.00 3.59
CA VAL D 2791 51.36 28.30 4.07
C VAL D 2791 52.43 27.88 3.07
N LEU D 2792 52.23 26.82 2.32
CA LEU D 2792 53.10 26.35 1.24
C LEU D 2792 52.94 27.11 -0.08
N GLU D 2793 51.97 28.02 -0.22
CA GLU D 2793 51.73 28.76 -1.47
C GLU D 2793 52.70 29.93 -1.71
N GLN D 2828 36.32 10.61 3.18
CA GLN D 2828 36.75 10.92 1.88
C GLN D 2828 37.35 12.33 1.89
N GLN D 2829 36.87 13.22 2.75
CA GLN D 2829 37.33 14.61 2.82
C GLN D 2829 38.79 14.72 3.26
N HIS D 2830 39.22 13.81 4.13
CA HIS D 2830 40.62 13.71 4.56
C HIS D 2830 41.53 13.23 3.44
N VAL D 2831 41.11 12.21 2.68
CA VAL D 2831 41.87 11.64 1.55
C VAL D 2831 42.05 12.65 0.42
N LEU D 2832 41.01 13.40 0.10
CA LEU D 2832 41.05 14.45 -0.93
C LEU D 2832 42.11 15.52 -0.65
N VAL D 2833 42.08 16.15 0.54
CA VAL D 2833 43.02 17.23 0.87
C VAL D 2833 44.44 16.72 1.14
N MET D 2834 44.57 15.49 1.65
CA MET D 2834 45.85 14.84 1.86
C MET D 2834 46.56 14.49 0.54
N CYS D 2835 45.84 14.02 -0.47
CA CYS D 2835 46.35 13.87 -1.83
C CYS D 2835 46.72 15.22 -2.47
N ALA D 2836 45.87 16.24 -2.32
CA ALA D 2836 46.13 17.57 -2.86
C ALA D 2836 47.41 18.20 -2.27
N THR D 2837 47.65 18.02 -0.97
CA THR D 2837 48.91 18.39 -0.31
C THR D 2837 50.10 17.69 -0.97
N ALA D 2838 49.99 16.39 -1.22
CA ALA D 2838 51.08 15.60 -1.78
C ALA D 2838 51.44 16.04 -3.21
N PHE D 2839 50.46 16.26 -4.10
CA PHE D 2839 50.74 16.67 -5.46
C PHE D 2839 51.37 18.08 -5.51
N TYR D 2840 50.90 19.00 -4.67
CA TYR D 2840 51.41 20.38 -4.68
C TYR D 2840 52.87 20.46 -4.22
N LEU D 2841 53.26 19.65 -3.22
CA LEU D 2841 54.66 19.53 -2.80
C LEU D 2841 55.54 19.03 -3.95
N ILE D 2842 55.19 17.91 -4.58
CA ILE D 2842 56.02 17.26 -5.61
C ILE D 2842 56.26 18.18 -6.82
N GLU D 2843 55.30 19.03 -7.19
CA GLU D 2843 55.42 19.94 -8.33
C GLU D 2843 56.26 21.19 -8.03
N ASN D 2844 56.10 21.80 -6.84
CA ASN D 2844 56.64 23.12 -6.52
C ASN D 2844 57.90 23.08 -5.63
N TYR D 2845 58.03 22.02 -4.84
CA TYR D 2845 59.11 21.81 -3.87
C TYR D 2845 59.75 20.42 -4.02
N PRO D 2846 60.26 20.08 -5.22
CA PRO D 2846 60.77 18.73 -5.51
C PRO D 2846 62.09 18.41 -4.78
N LEU D 2847 62.91 19.42 -4.49
CA LEU D 2847 64.29 19.25 -4.03
C LEU D 2847 64.46 19.31 -2.49
N ASP D 2848 63.41 19.66 -1.74
CA ASP D 2848 63.45 19.77 -0.27
C ASP D 2848 62.17 19.27 0.42
N ALA D 2855 57.96 9.98 -4.72
CA ALA D 2855 58.17 8.66 -5.33
C ALA D 2855 57.41 7.53 -4.62
N SER D 2856 57.08 7.69 -3.33
CA SER D 2856 56.16 6.80 -2.60
C SER D 2856 54.69 7.16 -2.87
N ILE D 2857 54.39 8.46 -3.00
CA ILE D 2857 53.05 8.97 -3.38
C ILE D 2857 52.64 8.45 -4.76
N ILE D 2858 53.56 8.55 -5.72
CA ILE D 2858 53.37 8.09 -7.10
C ILE D 2858 53.15 6.56 -7.15
N GLN D 2859 53.71 5.80 -6.21
CA GLN D 2859 53.40 4.38 -6.03
C GLN D 2859 52.02 4.16 -5.40
N MET D 2860 51.74 4.73 -4.23
CA MET D 2860 50.52 4.43 -3.48
C MET D 2860 49.24 5.01 -4.11
N CYS D 2861 49.33 6.09 -4.88
CA CYS D 2861 48.21 6.53 -5.72
C CYS D 2861 47.89 5.51 -6.81
N GLY D 2862 48.89 4.86 -7.41
CA GLY D 2862 48.68 3.74 -8.32
C GLY D 2862 48.00 2.53 -7.65
N VAL D 2863 48.26 2.30 -6.36
CA VAL D 2863 47.54 1.27 -5.58
C VAL D 2863 46.07 1.67 -5.41
N MET D 2864 45.81 2.91 -5.01
CA MET D 2864 44.44 3.42 -4.89
C MET D 2864 43.66 3.36 -6.21
N LEU D 2865 44.30 3.69 -7.33
CA LEU D 2865 43.76 3.59 -8.69
C LEU D 2865 43.74 2.18 -9.30
N SER D 2866 44.00 1.13 -8.52
CA SER D 2866 43.92 -0.28 -8.94
C SER D 2866 43.22 -1.18 -7.92
N GLY D 2867 42.53 -0.59 -6.94
CA GLY D 2867 41.49 -1.27 -6.16
C GLY D 2867 40.21 -1.55 -6.95
N SER D 2868 39.24 -2.21 -6.32
CA SER D 2868 37.92 -2.49 -6.91
C SER D 2868 37.06 -1.23 -7.08
N GLU D 2869 35.99 -1.34 -7.88
CA GLU D 2869 35.04 -0.24 -8.08
C GLU D 2869 34.42 0.25 -6.76
N GLU D 2870 34.28 -0.62 -5.75
CA GLU D 2870 33.76 -0.25 -4.43
C GLU D 2870 34.83 0.16 -3.42
N SER D 2871 36.01 -0.47 -3.38
CA SER D 2871 37.02 -0.13 -2.38
C SER D 2871 37.67 1.24 -2.62
N THR D 2872 37.74 1.71 -3.88
CA THR D 2872 38.08 3.11 -4.20
C THR D 2872 36.86 3.81 -4.78
N PRO D 2873 36.23 4.76 -4.07
CA PRO D 2873 35.10 5.53 -4.59
C PRO D 2873 35.41 6.29 -5.88
N SER D 2874 34.40 6.55 -6.70
CA SER D 2874 34.57 7.24 -7.99
C SER D 2874 35.17 8.65 -7.86
N ILE D 2875 34.73 9.45 -6.89
CA ILE D 2875 35.30 10.79 -6.66
C ILE D 2875 36.75 10.74 -6.13
N ILE D 2876 37.15 9.68 -5.42
CA ILE D 2876 38.54 9.47 -5.00
C ILE D 2876 39.39 9.03 -6.20
N TYR D 2877 38.88 8.14 -7.04
CA TYR D 2877 39.55 7.72 -8.27
C TYR D 2877 39.86 8.90 -9.19
N HIS D 2878 38.85 9.68 -9.58
CA HIS D 2878 39.04 10.76 -10.57
C HIS D 2878 39.96 11.86 -10.07
N CYS D 2879 39.92 12.24 -8.78
CA CYS D 2879 40.83 13.25 -8.25
C CYS D 2879 42.29 12.79 -8.16
N ALA D 2880 42.58 11.58 -7.67
CA ALA D 2880 43.94 11.08 -7.56
C ALA D 2880 44.59 10.90 -8.94
N LEU D 2881 43.82 10.44 -9.93
CA LEU D 2881 44.30 10.24 -11.29
C LEU D 2881 44.64 11.56 -11.98
N ARG D 2882 43.80 12.59 -11.81
CA ARG D 2882 44.07 13.93 -12.31
C ARG D 2882 45.23 14.60 -11.58
N GLY D 2883 45.45 14.25 -10.31
CA GLY D 2883 46.65 14.64 -9.57
C GLY D 2883 47.93 14.08 -10.19
N LEU D 2884 48.02 12.77 -10.40
CA LEU D 2884 49.16 12.14 -11.08
C LEU D 2884 49.33 12.66 -12.52
N GLU D 2885 48.24 12.92 -13.23
CA GLU D 2885 48.30 13.43 -14.60
C GLU D 2885 48.90 14.84 -14.69
N ARG D 2886 48.69 15.68 -13.68
CA ARG D 2886 49.37 16.98 -13.58
C ARG D 2886 50.87 16.84 -13.27
N LEU D 2887 51.27 15.88 -12.43
CA LEU D 2887 52.68 15.62 -12.12
C LEU D 2887 53.52 15.21 -13.34
N LEU D 2888 52.89 14.68 -14.39
CA LEU D 2888 53.56 14.20 -15.59
C LEU D 2888 53.82 15.33 -16.61
N LEU D 2889 52.85 16.23 -16.80
CA LEU D 2889 53.04 17.49 -17.51
C LEU D 2889 53.96 18.44 -16.70
N SER D 2890 54.45 19.50 -17.34
CA SER D 2890 55.48 20.47 -16.86
C SER D 2890 56.93 19.95 -16.76
N GLU D 2891 57.20 18.70 -17.14
CA GLU D 2891 58.54 18.08 -17.17
C GLU D 2891 59.31 18.18 -15.84
N GLN D 2892 58.60 18.20 -14.70
CA GLN D 2892 59.15 18.29 -13.36
C GLN D 2892 59.71 16.96 -12.83
N SER D 2913 34.45 0.15 -15.39
CA SER D 2913 33.45 1.15 -15.80
C SER D 2913 33.88 1.98 -17.02
N PRO D 2914 32.97 2.45 -17.89
CA PRO D 2914 33.32 3.32 -19.01
C PRO D 2914 33.99 4.64 -18.58
N HIS D 2915 33.57 5.27 -17.47
CA HIS D 2915 34.19 6.50 -16.98
C HIS D 2915 35.57 6.28 -16.35
N ARG D 2916 35.78 5.22 -15.57
CA ARG D 2916 37.09 4.87 -15.03
C ARG D 2916 38.10 4.52 -16.10
N ALA D 2917 37.67 3.85 -17.16
CA ALA D 2917 38.48 3.60 -18.34
C ALA D 2917 38.79 4.88 -19.13
N MET D 2918 37.83 5.79 -19.30
CA MET D 2918 38.02 7.05 -20.01
C MET D 2918 39.03 7.97 -19.31
N ALA D 2919 38.96 8.06 -17.98
CA ALA D 2919 39.98 8.72 -17.19
C ALA D 2919 41.36 8.06 -17.34
N ALA D 2920 41.46 6.72 -17.28
CA ALA D 2920 42.71 6.00 -17.49
C ALA D 2920 43.31 6.22 -18.89
N LEU D 2921 42.48 6.40 -19.93
CA LEU D 2921 42.94 6.79 -21.27
C LEU D 2921 43.64 8.14 -21.26
N GLY D 2922 43.15 9.13 -20.52
CA GLY D 2922 43.83 10.42 -20.38
C GLY D 2922 45.25 10.30 -19.83
N LEU D 2923 45.43 9.53 -18.76
CA LEU D 2923 46.77 9.24 -18.22
C LEU D 2923 47.65 8.54 -19.26
N MET D 2924 47.15 7.57 -20.03
CA MET D 2924 47.90 6.95 -21.13
C MET D 2924 48.32 7.98 -22.20
N LEU D 2925 47.42 8.87 -22.62
CA LEU D 2925 47.69 9.86 -23.68
C LEU D 2925 48.74 10.88 -23.25
N THR D 2926 48.60 11.50 -22.09
CA THR D 2926 49.62 12.42 -21.58
C THR D 2926 51.01 11.78 -21.49
N CYS D 2927 51.13 10.48 -21.16
CA CYS D 2927 52.38 9.73 -21.25
C CYS D 2927 52.89 9.53 -22.68
N MET D 2928 51.99 9.22 -23.61
CA MET D 2928 52.36 9.01 -25.01
C MET D 2928 52.93 10.28 -25.67
N TYR D 2929 52.41 11.45 -25.32
CA TYR D 2929 52.86 12.74 -25.86
C TYR D 2929 54.03 13.39 -25.12
N THR D 2930 54.25 13.09 -23.83
CA THR D 2930 55.41 13.58 -23.05
C THR D 2930 56.67 12.73 -23.29
N VAL D 2955 57.43 -0.47 -28.50
CA VAL D 2955 56.40 -0.47 -27.49
C VAL D 2955 55.18 0.33 -27.95
N ALA D 2956 55.33 1.21 -28.93
CA ALA D 2956 54.23 2.03 -29.46
C ALA D 2956 53.04 1.19 -29.96
N MET D 2957 53.31 0.08 -30.66
CA MET D 2957 52.25 -0.81 -31.16
C MET D 2957 51.46 -1.50 -30.03
N GLU D 2958 52.05 -1.67 -28.85
CA GLU D 2958 51.30 -2.15 -27.67
C GLU D 2958 50.31 -1.06 -27.21
N ARG D 2959 50.79 0.19 -27.12
CA ARG D 2959 50.00 1.37 -26.75
C ARG D 2959 48.86 1.71 -27.72
N VAL D 2960 48.88 1.22 -28.97
CA VAL D 2960 47.72 1.32 -29.86
C VAL D 2960 46.82 0.09 -29.80
N SER D 2961 47.37 -1.11 -29.60
CA SER D 2961 46.56 -2.34 -29.52
C SER D 2961 45.52 -2.26 -28.40
N VAL D 2962 45.88 -1.66 -27.27
CA VAL D 2962 44.97 -1.36 -26.17
C VAL D 2962 43.81 -0.43 -26.55
N LEU D 2963 43.97 0.48 -27.51
CA LEU D 2963 42.87 1.31 -28.01
C LEU D 2963 41.91 0.53 -28.89
N PHE D 2964 42.42 -0.29 -29.81
CA PHE D 2964 41.57 -1.15 -30.62
C PHE D 2964 40.80 -2.16 -29.75
N ASP D 2965 41.42 -2.68 -28.70
CA ASP D 2965 40.73 -3.46 -27.67
C ASP D 2965 39.70 -2.65 -26.89
N ARG D 2966 39.97 -1.36 -26.62
CA ARG D 2966 39.00 -0.44 -26.03
C ARG D 2966 37.76 -0.26 -26.90
N ILE D 2967 37.92 -0.17 -28.21
CA ILE D 2967 36.78 -0.13 -29.14
C ILE D 2967 36.05 -1.48 -29.11
N ARG D 2968 36.74 -2.63 -29.19
CA ARG D 2968 36.07 -3.93 -29.27
C ARG D 2968 35.36 -4.38 -27.98
N LYS D 2969 35.84 -3.97 -26.81
CA LYS D 2969 35.28 -4.36 -25.49
C LYS D 2969 34.43 -3.27 -24.82
N GLY D 2970 34.38 -2.08 -25.39
CA GLY D 2970 33.76 -0.91 -24.77
C GLY D 2970 32.28 -0.78 -25.08
N PHE D 2971 31.53 -0.08 -24.24
CA PHE D 2971 30.16 0.34 -24.55
C PHE D 2971 30.17 1.29 -25.76
N PRO D 2972 29.07 1.43 -26.51
CA PRO D 2972 29.05 2.23 -27.74
C PRO D 2972 29.46 3.69 -27.54
N CYS D 2973 29.12 4.33 -26.41
CA CYS D 2973 29.55 5.70 -26.13
C CYS D 2973 31.06 5.79 -25.95
N GLU D 2974 31.64 4.92 -25.12
CA GLU D 2974 33.07 4.78 -24.85
C GLU D 2974 33.85 4.44 -26.12
N ALA D 2975 33.35 3.50 -26.91
CA ALA D 2975 33.93 3.15 -28.20
C ALA D 2975 33.88 4.31 -29.21
N ARG D 2976 32.79 5.06 -29.30
CA ARG D 2976 32.66 6.22 -30.18
C ARG D 2976 33.66 7.32 -29.84
N VAL D 2977 33.93 7.55 -28.56
CA VAL D 2977 34.98 8.48 -28.13
C VAL D 2977 36.35 8.02 -28.61
N VAL D 2978 36.73 6.76 -28.36
CA VAL D 2978 38.04 6.23 -28.78
C VAL D 2978 38.21 6.29 -30.30
N ALA D 2979 37.15 6.00 -31.05
CA ALA D 2979 37.15 6.12 -32.50
C ALA D 2979 37.26 7.58 -33.03
N ARG D 2980 36.91 8.60 -32.24
CA ARG D 2980 37.16 10.01 -32.59
C ARG D 2980 38.62 10.40 -32.43
N ILE D 2981 39.31 9.89 -31.41
CA ILE D 2981 40.72 10.24 -31.14
C ILE D 2981 41.74 9.44 -31.95
N LEU D 2982 41.42 8.20 -32.32
CA LEU D 2982 42.35 7.24 -32.90
C LEU D 2982 43.05 7.73 -34.19
N PRO D 2983 42.38 8.41 -35.15
CA PRO D 2983 43.04 9.01 -36.31
C PRO D 2983 44.28 9.88 -36.01
N GLN D 2984 44.17 10.82 -35.06
CA GLN D 2984 45.26 11.74 -34.75
C GLN D 2984 46.38 11.04 -33.98
N PHE D 2985 46.03 10.14 -33.05
CA PHE D 2985 47.01 9.32 -32.32
C PHE D 2985 47.90 8.52 -33.27
N LEU D 2986 47.30 7.86 -34.27
CA LEU D 2986 48.03 7.12 -35.29
C LEU D 2986 49.00 8.05 -36.04
N ASP D 2987 48.52 9.19 -36.56
CA ASP D 2987 49.34 10.17 -37.29
C ASP D 2987 50.51 10.73 -36.47
N ASP D 2988 50.33 10.92 -35.16
CA ASP D 2988 51.35 11.45 -34.26
C ASP D 2988 52.44 10.44 -33.86
N PHE D 2989 52.23 9.13 -34.01
CA PHE D 2989 53.17 8.11 -33.53
C PHE D 2989 53.58 7.03 -34.54
N PHE D 2990 52.97 6.94 -35.72
CA PHE D 2990 53.25 5.89 -36.70
C PHE D 2990 53.31 6.43 -38.15
N PRO D 2991 54.17 5.89 -39.02
CA PRO D 2991 54.11 6.15 -40.46
C PRO D 2991 52.93 5.41 -41.10
N PRO D 2992 52.26 5.96 -42.14
CA PRO D 2992 51.00 5.40 -42.62
C PRO D 2992 51.10 4.02 -43.26
N GLN D 2993 52.26 3.62 -43.77
CA GLN D 2993 52.51 2.24 -44.21
C GLN D 2993 52.30 1.21 -43.08
N ASP D 2994 52.58 1.55 -41.83
CA ASP D 2994 52.41 0.66 -40.67
C ASP D 2994 51.00 0.76 -40.06
N ILE D 2995 50.37 1.93 -40.15
CA ILE D 2995 48.97 2.15 -39.73
C ILE D 2995 48.02 1.24 -40.52
N MET D 2996 48.22 1.17 -41.84
CA MET D 2996 47.18 0.79 -42.79
C MET D 2996 46.71 -0.67 -42.63
N ASN D 2997 47.62 -1.56 -42.24
CA ASN D 2997 47.34 -2.95 -41.92
C ASN D 2997 46.38 -3.10 -40.73
N LYS D 2998 46.67 -2.44 -39.61
CA LYS D 2998 45.83 -2.52 -38.40
C LYS D 2998 44.45 -1.93 -38.62
N VAL D 2999 44.34 -0.74 -39.23
CA VAL D 2999 43.04 -0.07 -39.34
C VAL D 2999 42.08 -0.78 -40.29
N ILE D 3000 42.56 -1.33 -41.41
CA ILE D 3000 41.75 -2.23 -42.26
C ILE D 3000 41.43 -3.53 -41.53
N GLY D 3001 42.42 -4.14 -40.89
CA GLY D 3001 42.25 -5.40 -40.16
C GLY D 3001 41.22 -5.34 -39.04
N GLU D 3002 41.13 -4.20 -38.34
CA GLU D 3002 40.16 -3.98 -37.27
C GLU D 3002 38.82 -3.43 -37.75
N PHE D 3003 38.70 -2.97 -39.00
CA PHE D 3003 37.41 -2.77 -39.64
C PHE D 3003 36.79 -4.11 -40.06
N LEU D 3004 37.63 -5.05 -40.52
CA LEU D 3004 37.22 -6.38 -40.99
C LEU D 3004 37.11 -7.46 -39.90
N SER D 3005 37.82 -7.36 -38.78
CA SER D 3005 37.90 -8.43 -37.78
C SER D 3005 36.52 -8.85 -37.24
N ASN D 3006 36.31 -10.16 -37.00
CA ASN D 3006 35.02 -10.63 -36.49
C ASN D 3006 34.77 -10.22 -35.03
N GLN D 3007 35.84 -10.02 -34.25
CA GLN D 3007 35.80 -9.33 -32.96
C GLN D 3007 35.78 -7.79 -33.15
N GLN D 3008 34.84 -7.28 -33.96
CA GLN D 3008 34.57 -5.85 -34.15
C GLN D 3008 33.08 -5.56 -34.01
N PRO D 3009 32.60 -5.09 -32.84
CA PRO D 3009 31.21 -4.74 -32.66
C PRO D 3009 30.78 -3.50 -33.45
N TYR D 3010 31.69 -2.59 -33.79
CA TYR D 3010 31.37 -1.24 -34.25
C TYR D 3010 31.99 -0.88 -35.62
N PRO D 3011 31.63 -1.57 -36.71
CA PRO D 3011 32.07 -1.20 -38.05
C PRO D 3011 31.82 0.27 -38.40
N GLN D 3012 30.68 0.83 -38.00
CA GLN D 3012 30.27 2.19 -38.33
C GLN D 3012 31.14 3.26 -37.66
N PHE D 3013 31.82 2.94 -36.55
CA PHE D 3013 32.84 3.82 -35.96
C PHE D 3013 34.19 3.65 -36.67
N MET D 3014 34.63 2.41 -36.93
CA MET D 3014 35.83 2.12 -37.70
C MET D 3014 35.80 2.69 -39.12
N ALA D 3015 34.64 2.74 -39.76
CA ALA D 3015 34.44 3.36 -41.06
C ALA D 3015 34.76 4.86 -41.10
N THR D 3016 34.88 5.54 -39.97
CA THR D 3016 35.31 6.94 -39.91
C THR D 3016 36.82 7.07 -39.71
N VAL D 3017 37.48 6.06 -39.15
CA VAL D 3017 38.93 6.05 -38.91
C VAL D 3017 39.70 5.80 -40.19
N VAL D 3018 39.32 4.75 -40.93
CA VAL D 3018 39.92 4.36 -42.23
C VAL D 3018 39.58 5.37 -43.34
N TYR D 3019 38.63 6.33 -43.22
CA TYR D 3019 38.41 7.63 -43.94
C TYR D 3019 39.42 8.71 -43.58
N LYS D 3020 39.74 8.93 -42.30
CA LYS D 3020 40.80 9.87 -41.92
C LYS D 3020 42.15 9.42 -42.44
N VAL D 3021 42.48 8.13 -42.31
CA VAL D 3021 43.78 7.61 -42.73
C VAL D 3021 43.90 7.64 -44.25
N PHE D 3022 42.89 7.22 -44.99
CA PHE D 3022 42.89 7.37 -46.44
C PHE D 3022 42.87 8.85 -46.87
N GLN D 3023 42.06 9.73 -46.29
CA GLN D 3023 42.04 11.14 -46.70
C GLN D 3023 43.36 11.86 -46.34
N THR D 3024 44.03 11.47 -45.25
CA THR D 3024 45.37 11.96 -44.93
C THR D 3024 46.36 11.56 -46.02
N LEU D 3025 46.40 10.30 -46.43
CA LEU D 3025 47.26 9.85 -47.53
C LEU D 3025 46.92 10.57 -48.85
N HIS D 3026 45.64 10.70 -49.16
CA HIS D 3026 45.12 11.36 -50.36
C HIS D 3026 45.32 12.90 -50.37
N SER D 3027 45.89 13.50 -49.31
CA SER D 3027 46.15 14.95 -49.21
C SER D 3027 47.57 15.32 -48.80
N THR D 3028 48.31 14.42 -48.14
CA THR D 3028 49.76 14.56 -47.88
C THR D 3028 50.63 14.26 -49.12
N GLY D 3029 50.09 13.57 -50.12
CA GLY D 3029 50.73 13.31 -51.41
C GLY D 3029 51.13 11.85 -51.65
N GLN D 3030 51.10 11.00 -50.62
CA GLN D 3030 51.28 9.55 -50.71
C GLN D 3030 50.03 8.84 -51.26
N SER D 3031 49.51 9.31 -52.40
CA SER D 3031 48.30 8.77 -53.04
C SER D 3031 48.45 7.33 -53.58
N SER D 3032 49.64 6.70 -53.51
CA SER D 3032 49.82 5.31 -53.92
C SER D 3032 49.10 4.33 -52.98
N MET D 3033 49.24 4.50 -51.65
CA MET D 3033 48.61 3.59 -50.69
C MET D 3033 47.08 3.54 -50.79
N VAL D 3034 46.41 4.63 -51.18
CA VAL D 3034 44.94 4.65 -51.41
C VAL D 3034 44.48 3.99 -52.73
N ARG D 3035 45.41 3.35 -53.47
CA ARG D 3035 45.09 2.27 -54.41
C ARG D 3035 45.71 0.96 -53.96
N ASP D 3036 46.97 0.96 -53.58
CA ASP D 3036 47.70 -0.28 -53.30
C ASP D 3036 47.10 -1.10 -52.16
N TRP D 3037 46.67 -0.49 -51.05
CA TRP D 3037 46.00 -1.19 -49.95
C TRP D 3037 44.54 -1.55 -50.26
N VAL D 3038 43.89 -0.84 -51.16
CA VAL D 3038 42.56 -1.21 -51.67
C VAL D 3038 42.63 -2.52 -52.46
N MET D 3039 43.56 -2.61 -53.42
CA MET D 3039 43.75 -3.78 -54.27
C MET D 3039 44.27 -4.98 -53.48
N LEU D 3040 45.11 -4.76 -52.48
CA LEU D 3040 45.56 -5.81 -51.58
C LEU D 3040 44.39 -6.42 -50.80
N SER D 3041 43.46 -5.60 -50.31
CA SER D 3041 42.42 -6.01 -49.36
C SER D 3041 41.09 -6.45 -49.98
N LEU D 3042 40.79 -6.11 -51.24
CA LEU D 3042 39.45 -6.35 -51.81
C LEU D 3042 39.03 -7.83 -51.94
N SER D 3043 39.96 -8.79 -51.88
CA SER D 3043 39.63 -10.21 -51.73
C SER D 3043 39.00 -10.49 -50.36
N ASN D 3044 39.58 -9.98 -49.28
CA ASN D 3044 39.06 -10.14 -47.92
C ASN D 3044 37.69 -9.47 -47.77
N PHE D 3045 37.53 -8.25 -48.27
CA PHE D 3045 36.26 -7.54 -48.24
C PHE D 3045 35.16 -8.31 -49.00
N THR D 3046 35.40 -8.74 -50.23
CA THR D 3046 34.34 -9.39 -51.04
C THR D 3046 33.92 -10.75 -50.49
N GLN D 3047 34.82 -11.47 -49.81
CA GLN D 3047 34.57 -12.83 -49.29
C GLN D 3047 34.00 -12.89 -47.86
N ARG D 3048 33.83 -11.78 -47.12
CA ARG D 3048 33.13 -11.80 -45.80
C ARG D 3048 31.68 -12.26 -45.95
N ALA D 3049 31.18 -13.03 -44.99
CA ALA D 3049 29.98 -13.85 -45.20
C ALA D 3049 28.63 -13.09 -45.38
N PRO D 3050 28.15 -12.28 -44.43
CA PRO D 3050 26.83 -11.66 -44.51
C PRO D 3050 26.79 -10.55 -45.59
N VAL D 3051 26.02 -10.76 -46.66
CA VAL D 3051 26.22 -10.07 -47.95
C VAL D 3051 25.96 -8.58 -47.89
N ALA D 3052 24.81 -8.15 -47.38
CA ALA D 3052 24.50 -6.74 -47.18
C ALA D 3052 25.57 -6.03 -46.33
N MET D 3053 26.10 -6.70 -45.31
CA MET D 3053 27.14 -6.15 -44.43
C MET D 3053 28.48 -6.03 -45.15
N ALA D 3054 28.90 -7.06 -45.90
CA ALA D 3054 30.11 -7.04 -46.71
C ALA D 3054 30.06 -5.98 -47.82
N THR D 3055 28.93 -5.87 -48.53
CA THR D 3055 28.73 -4.84 -49.56
C THR D 3055 28.80 -3.45 -48.96
N TRP D 3056 28.18 -3.26 -47.80
CA TRP D 3056 28.22 -2.00 -47.07
C TRP D 3056 29.64 -1.65 -46.61
N SER D 3057 30.43 -2.61 -46.11
CA SER D 3057 31.86 -2.35 -45.83
C SER D 3057 32.61 -1.84 -47.05
N LEU D 3058 32.40 -2.43 -48.24
CA LEU D 3058 33.05 -1.96 -49.47
C LEU D 3058 32.58 -0.58 -49.92
N SER D 3059 31.30 -0.28 -49.80
CA SER D 3059 30.81 1.07 -50.07
C SER D 3059 31.50 2.12 -49.18
N CYS D 3060 31.72 1.83 -47.88
CA CYS D 3060 32.55 2.68 -47.02
C CYS D 3060 34.00 2.76 -47.51
N PHE D 3061 34.61 1.62 -47.82
CA PHE D 3061 36.01 1.53 -48.19
C PHE D 3061 36.34 2.32 -49.45
N PHE D 3062 35.51 2.21 -50.48
CA PHE D 3062 35.66 2.99 -51.71
C PHE D 3062 35.31 4.47 -51.53
N VAL D 3063 34.26 4.82 -50.78
CA VAL D 3063 33.96 6.24 -50.43
C VAL D 3063 35.16 6.88 -49.76
N SER D 3064 35.74 6.19 -48.79
CA SER D 3064 36.95 6.62 -48.09
C SER D 3064 38.18 6.77 -48.98
N ALA D 3065 38.31 5.93 -50.00
CA ALA D 3065 39.43 5.97 -50.94
C ALA D 3065 39.30 7.03 -52.04
N SER D 3066 38.15 7.67 -52.23
CA SER D 3066 37.85 8.38 -53.48
C SER D 3066 38.81 9.54 -53.81
N THR D 3067 39.19 10.04 -54.91
CA THR D 3067 39.67 11.22 -55.56
C THR D 3067 38.85 12.43 -55.28
N SER D 3068 37.60 12.47 -55.68
CA SER D 3068 36.86 13.71 -55.84
C SER D 3068 36.31 14.27 -54.52
N PRO D 3069 35.87 15.53 -54.52
CA PRO D 3069 34.84 15.96 -53.58
C PRO D 3069 33.57 15.12 -53.76
N TRP D 3070 32.58 15.33 -52.90
CA TRP D 3070 31.24 14.72 -52.94
C TRP D 3070 31.24 13.23 -52.57
N VAL D 3071 32.06 12.41 -53.21
CA VAL D 3071 32.19 10.98 -52.89
C VAL D 3071 33.02 10.77 -51.63
N ALA D 3072 33.89 11.70 -51.26
CA ALA D 3072 34.44 11.79 -49.91
C ALA D 3072 33.39 12.28 -48.89
N ALA D 3073 32.45 13.14 -49.29
CA ALA D 3073 31.46 13.75 -48.40
C ALA D 3073 30.26 12.85 -48.10
N ILE D 3074 29.92 11.90 -48.97
CA ILE D 3074 28.71 11.06 -48.87
C ILE D 3074 28.76 10.02 -47.73
N LEU D 3075 29.87 9.89 -47.01
CA LEU D 3075 30.07 8.83 -46.02
C LEU D 3075 28.98 8.76 -44.92
N PRO D 3076 28.47 9.87 -44.34
CA PRO D 3076 27.41 9.78 -43.35
C PRO D 3076 26.12 9.15 -43.88
N HIS D 3077 25.79 9.31 -45.17
CA HIS D 3077 24.66 8.63 -45.79
C HIS D 3077 24.90 7.11 -45.85
N VAL D 3078 26.11 6.69 -46.21
CA VAL D 3078 26.52 5.29 -46.22
C VAL D 3078 26.50 4.69 -44.81
N ILE D 3079 27.10 5.35 -43.83
CA ILE D 3079 27.05 4.95 -42.42
C ILE D 3079 25.63 4.91 -41.86
N SER D 3080 24.71 5.74 -42.37
CA SER D 3080 23.29 5.71 -41.97
C SER D 3080 22.63 4.37 -42.29
N ARG D 3081 22.91 3.82 -43.47
CA ARG D 3081 22.22 2.64 -44.03
C ARG D 3081 22.91 1.30 -43.69
N MET D 3082 23.70 1.23 -42.63
CA MET D 3082 24.41 0.02 -42.24
C MET D 3082 23.45 -1.18 -42.13
N GLY D 3083 23.85 -2.31 -42.74
CA GLY D 3083 23.10 -3.56 -42.75
C GLY D 3083 21.99 -3.68 -43.81
N LYS D 3084 21.60 -2.60 -44.51
CA LYS D 3084 20.56 -2.62 -45.55
C LYS D 3084 21.10 -3.04 -46.93
N LEU D 3085 20.22 -3.58 -47.78
CA LEU D 3085 20.49 -3.92 -49.19
C LEU D 3085 19.25 -3.78 -50.08
N GLU D 3086 18.63 -2.60 -50.05
CA GLU D 3086 17.58 -2.17 -50.97
C GLU D 3086 18.17 -1.70 -52.31
N GLN D 3087 17.35 -1.27 -53.28
CA GLN D 3087 17.84 -0.82 -54.60
C GLN D 3087 18.89 0.30 -54.50
N VAL D 3088 18.68 1.28 -53.62
CA VAL D 3088 19.59 2.40 -53.40
C VAL D 3088 20.93 1.99 -52.78
N ASP D 3089 21.01 0.87 -52.08
CA ASP D 3089 22.25 0.39 -51.47
C ASP D 3089 23.16 -0.29 -52.49
N VAL D 3090 22.59 -1.06 -53.41
CA VAL D 3090 23.33 -1.66 -54.52
C VAL D 3090 23.74 -0.61 -55.56
N ASN D 3091 22.82 0.31 -55.90
CA ASN D 3091 23.08 1.37 -56.88
C ASN D 3091 24.19 2.32 -56.41
N LEU D 3092 24.24 2.68 -55.13
CA LEU D 3092 25.35 3.48 -54.59
C LEU D 3092 26.68 2.73 -54.73
N PHE D 3093 26.73 1.44 -54.40
CA PHE D 3093 27.95 0.65 -54.55
C PHE D 3093 28.41 0.58 -56.01
N CYS D 3094 27.51 0.42 -56.97
CA CYS D 3094 27.84 0.47 -58.39
C CYS D 3094 28.49 1.79 -58.79
N LEU D 3095 27.91 2.92 -58.35
CA LEU D 3095 28.42 4.25 -58.65
C LEU D 3095 29.79 4.50 -58.01
N VAL D 3096 29.92 4.18 -56.72
CA VAL D 3096 31.13 4.36 -55.93
C VAL D 3096 32.26 3.45 -56.41
N ALA D 3097 31.98 2.22 -56.83
CA ALA D 3097 32.97 1.37 -57.48
C ALA D 3097 33.39 1.92 -58.84
N THR D 3098 32.46 2.47 -59.62
CA THR D 3098 32.74 3.08 -60.93
C THR D 3098 33.60 4.34 -60.80
N ASP D 3099 33.50 5.09 -59.71
CA ASP D 3099 34.44 6.16 -59.37
C ASP D 3099 35.87 5.61 -59.16
N PHE D 3100 36.04 4.54 -58.39
CA PHE D 3100 37.35 3.95 -58.14
C PHE D 3100 37.96 3.33 -59.43
N TYR D 3101 37.16 2.57 -60.18
CA TYR D 3101 37.58 1.87 -61.40
C TYR D 3101 38.02 2.81 -62.52
N ARG D 3102 37.42 4.00 -62.62
CA ARG D 3102 37.86 5.06 -63.54
C ARG D 3102 39.09 5.79 -63.05
N HIS D 3103 39.04 6.41 -61.88
CA HIS D 3103 40.04 7.41 -61.47
C HIS D 3103 41.26 6.85 -60.74
N GLN D 3104 41.17 5.65 -60.21
CA GLN D 3104 42.28 4.89 -59.61
C GLN D 3104 42.54 3.62 -60.44
N ILE D 3105 43.31 2.65 -59.92
CA ILE D 3105 43.94 1.54 -60.66
C ILE D 3105 44.89 2.09 -61.72
N GLU D 3107 46.00 1.09 -65.19
CA GLU D 3107 46.77 -0.03 -65.68
C GLU D 3107 45.97 -1.33 -65.79
N GLU D 3108 46.08 -2.00 -66.93
CA GLU D 3108 45.17 -3.11 -67.25
C GLU D 3108 45.39 -4.37 -66.41
N LEU D 3109 46.61 -4.61 -65.90
CA LEU D 3109 46.91 -5.84 -65.17
C LEU D 3109 46.16 -5.88 -63.82
N ASP D 3110 46.23 -4.81 -63.04
CA ASP D 3110 45.38 -4.68 -61.84
C ASP D 3110 43.90 -4.43 -62.20
N ARG D 3111 43.56 -3.80 -63.32
CA ARG D 3111 42.14 -3.69 -63.72
C ARG D 3111 41.55 -5.07 -64.04
N ARG D 3112 42.34 -6.01 -64.55
CA ARG D 3112 41.99 -7.43 -64.68
C ARG D 3112 41.98 -8.14 -63.33
N ALA D 3113 42.87 -7.79 -62.39
CA ALA D 3113 42.79 -8.31 -61.02
C ALA D 3113 41.46 -7.91 -60.35
N PHE D 3114 41.02 -6.67 -60.53
CA PHE D 3114 39.73 -6.15 -60.05
C PHE D 3114 38.55 -6.97 -60.61
N GLN D 3115 38.50 -7.12 -61.94
CA GLN D 3115 37.52 -7.97 -62.62
C GLN D 3115 37.54 -9.41 -62.08
N SER D 3116 38.73 -9.99 -61.86
CA SER D 3116 38.84 -11.37 -61.39
C SER D 3116 38.29 -11.56 -59.98
N VAL D 3117 38.51 -10.62 -59.06
CA VAL D 3117 37.99 -10.75 -57.69
C VAL D 3117 36.48 -10.54 -57.65
N LEU D 3118 35.93 -9.63 -58.46
CA LEU D 3118 34.48 -9.50 -58.61
C LEU D 3118 33.85 -10.77 -59.22
N GLU D 3119 34.44 -11.35 -60.27
CA GLU D 3119 33.93 -12.59 -60.88
C GLU D 3119 33.93 -13.76 -59.88
N VAL D 3120 34.95 -13.85 -59.01
CA VAL D 3120 35.06 -14.84 -57.92
C VAL D 3120 33.93 -14.75 -56.87
N VAL D 3121 33.10 -13.71 -56.86
CA VAL D 3121 31.91 -13.60 -55.99
C VAL D 3121 30.59 -13.34 -56.73
N ALA D 3122 30.61 -12.97 -58.01
CA ALA D 3122 29.40 -12.74 -58.81
C ALA D 3122 28.59 -14.04 -59.08
N ALA D 3123 29.28 -15.17 -59.21
CA ALA D 3123 28.74 -16.54 -59.35
C ALA D 3123 27.64 -16.69 -60.43
N PRO D 3127 24.81 -8.87 -55.01
CA PRO D 3127 24.86 -7.50 -55.52
C PRO D 3127 26.11 -7.24 -56.38
N TYR D 3128 27.15 -8.05 -56.26
CA TYR D 3128 28.40 -7.93 -57.01
C TYR D 3128 28.20 -8.10 -58.53
N HIS D 3129 27.22 -8.91 -58.93
CA HIS D 3129 27.01 -9.31 -60.33
C HIS D 3129 26.72 -8.12 -61.25
N ARG D 3130 25.92 -7.14 -60.80
CA ARG D 3130 25.55 -6.00 -61.66
C ARG D 3130 26.66 -4.97 -61.88
N LEU D 3131 27.78 -5.07 -61.17
CA LEU D 3131 29.00 -4.33 -61.52
C LEU D 3131 29.48 -4.74 -62.93
N LEU D 3132 29.39 -6.01 -63.29
CA LEU D 3132 29.81 -6.51 -64.61
C LEU D 3132 28.98 -5.92 -65.77
N THR D 3133 27.88 -5.22 -65.49
CA THR D 3133 27.06 -4.48 -66.47
C THR D 3133 27.52 -3.03 -66.68
N CYS D 3134 28.41 -2.50 -65.84
CA CYS D 3134 28.91 -1.12 -65.92
C CYS D 3134 30.45 -0.99 -65.90
N LEU D 3135 31.17 -2.02 -65.48
CA LEU D 3135 32.63 -2.13 -65.62
C LEU D 3135 33.10 -2.45 -67.07
N ARG D 3136 32.16 -2.64 -68.01
CA ARG D 3136 32.38 -3.05 -69.40
C ARG D 3136 31.58 -2.17 -70.37
N GLY E 101 30.47 -0.90 27.15
CA GLY E 101 29.11 -1.44 27.03
C GLY E 101 28.46 -1.09 25.70
N PRO E 102 27.26 -1.60 25.41
CA PRO E 102 26.53 -1.36 24.15
C PRO E 102 25.87 0.03 24.07
N GLY E 103 25.64 0.71 25.20
CA GLY E 103 25.05 2.06 25.24
C GLY E 103 25.89 3.16 24.58
N GLU E 104 27.17 2.91 24.37
CA GLU E 104 28.05 3.79 23.58
C GLU E 104 27.56 3.95 22.13
N ALA E 105 27.00 2.88 21.53
CA ALA E 105 26.42 2.96 20.19
C ALA E 105 25.19 3.90 20.16
N LEU E 106 24.36 3.88 21.21
CA LEU E 106 23.24 4.81 21.37
C LEU E 106 23.74 6.27 21.49
N ALA E 107 24.77 6.52 22.29
CA ALA E 107 25.36 7.86 22.41
C ALA E 107 25.90 8.37 21.07
N LEU E 108 26.66 7.54 20.35
CA LEU E 108 27.23 7.89 19.05
C LEU E 108 26.15 8.10 17.98
N THR E 109 25.09 7.30 17.91
CA THR E 109 24.01 7.52 16.94
C THR E 109 23.16 8.76 17.27
N GLU E 110 22.88 9.03 18.55
CA GLU E 110 22.19 10.27 18.96
C GLU E 110 23.06 11.52 18.68
N ALA E 111 24.39 11.43 18.88
CA ALA E 111 25.32 12.48 18.46
C ALA E 111 25.31 12.68 16.94
N ALA E 112 25.31 11.61 16.16
CA ALA E 112 25.25 11.69 14.71
C ALA E 112 23.94 12.31 14.22
N ARG E 113 22.81 11.99 14.84
CA ARG E 113 21.53 12.62 14.53
C ARG E 113 21.54 14.12 14.82
N LEU E 114 22.20 14.57 15.88
CA LEU E 114 22.43 16.00 16.12
C LEU E 114 23.28 16.64 15.01
N PHE E 115 24.43 16.08 14.64
CA PHE E 115 25.24 16.61 13.53
C PHE E 115 24.50 16.58 12.19
N LEU E 116 23.76 15.53 11.87
CA LEU E 116 22.96 15.48 10.66
C LEU E 116 21.80 16.47 10.68
N ARG E 117 21.17 16.75 11.82
CA ARG E 117 20.23 17.87 11.94
C ARG E 117 20.91 19.22 11.71
N GLN E 118 22.13 19.43 12.19
CA GLN E 118 22.89 20.65 11.88
C GLN E 118 23.20 20.77 10.38
N GLU E 119 23.60 19.69 9.71
CA GLU E 119 23.88 19.71 8.27
C GLU E 119 22.60 19.92 7.45
N ARG E 120 21.49 19.26 7.81
CA ARG E 120 20.19 19.50 7.20
C ARG E 120 19.71 20.93 7.43
N ASP E 121 19.87 21.51 8.61
CA ASP E 121 19.58 22.94 8.84
C ASP E 121 20.38 23.83 7.88
N ALA E 122 21.69 23.66 7.78
CA ALA E 122 22.53 24.48 6.90
C ALA E 122 22.27 24.25 5.39
N ARG E 123 22.27 23.00 4.92
CA ARG E 123 22.22 22.67 3.49
C ARG E 123 20.82 22.62 2.91
N GLN E 124 19.81 22.15 3.66
CA GLN E 124 18.44 21.99 3.16
C GLN E 124 17.49 23.08 3.65
N ARG E 125 17.49 23.38 4.96
CA ARG E 125 16.54 24.31 5.56
C ARG E 125 16.91 25.75 5.25
N LEU E 126 18.14 26.17 5.50
CA LEU E 126 18.65 27.52 5.23
C LEU E 126 19.25 27.66 3.82
N VAL E 127 19.70 26.57 3.22
CA VAL E 127 20.41 26.55 1.91
C VAL E 127 21.59 27.54 1.90
N CYS E 128 22.42 27.52 2.93
CA CYS E 128 23.57 28.41 3.05
C CYS E 128 24.62 28.11 1.97
N PRO E 129 25.03 29.10 1.15
CA PRO E 129 26.16 28.94 0.22
C PRO E 129 27.51 28.83 0.95
N ALA E 130 27.59 29.30 2.20
CA ALA E 130 28.79 29.26 3.03
C ALA E 130 29.04 27.91 3.73
N ALA E 131 28.24 26.87 3.49
CA ALA E 131 28.43 25.54 4.09
C ALA E 131 29.61 24.79 3.44
N TYR E 132 30.44 24.10 4.24
CA TYR E 132 31.58 23.28 3.75
C TYR E 132 31.65 21.85 4.31
N GLY E 133 30.64 21.39 5.05
CA GLY E 133 30.47 19.98 5.42
C GLY E 133 31.08 19.55 6.76
N GLU E 134 31.55 20.46 7.62
CA GLU E 134 32.11 20.08 8.92
C GLU E 134 31.16 19.24 9.82
N PRO E 135 29.86 19.53 9.94
CA PRO E 135 28.92 18.66 10.63
C PRO E 135 28.80 17.26 10.00
N LEU E 136 28.91 17.13 8.67
CA LEU E 136 28.84 15.85 7.98
C LEU E 136 30.09 14.99 8.19
N GLN E 137 31.29 15.60 8.24
CA GLN E 137 32.51 14.91 8.66
C GLN E 137 32.38 14.33 10.07
N ALA E 138 31.74 15.06 10.98
CA ALA E 138 31.49 14.61 12.34
C ALA E 138 30.45 13.47 12.37
N ALA E 139 29.35 13.59 11.62
CA ALA E 139 28.34 12.54 11.50
C ALA E 139 28.95 11.23 10.96
N ALA E 140 29.72 11.29 9.87
CA ALA E 140 30.35 10.13 9.28
C ALA E 140 31.36 9.45 10.23
N SER E 141 32.03 10.24 11.07
CA SER E 141 32.96 9.73 12.09
C SER E 141 32.24 9.05 13.27
N ALA E 142 31.18 9.64 13.81
CA ALA E 142 30.41 9.05 14.91
C ALA E 142 29.65 7.78 14.45
N LEU E 143 29.01 7.80 13.27
CA LEU E 143 28.38 6.60 12.70
C LEU E 143 29.43 5.54 12.30
N GLY E 144 30.60 5.93 11.79
CA GLY E 144 31.70 5.01 11.56
C GLY E 144 32.13 4.27 12.83
N ALA E 145 32.31 5.00 13.94
CA ALA E 145 32.63 4.40 15.24
C ALA E 145 31.52 3.45 15.72
N ALA E 146 30.25 3.86 15.64
CA ALA E 146 29.14 3.01 16.05
C ALA E 146 28.97 1.77 15.15
N VAL E 147 29.24 1.86 13.84
CA VAL E 147 29.30 0.72 12.90
C VAL E 147 30.36 -0.28 13.33
N ARG E 148 31.61 0.16 13.54
CA ARG E 148 32.69 -0.70 14.03
C ARG E 148 32.40 -1.30 15.41
N LEU E 149 31.77 -0.54 16.31
CA LEU E 149 31.36 -1.02 17.61
C LEU E 149 30.31 -2.13 17.51
N HIS E 150 29.24 -1.92 16.74
CA HIS E 150 28.28 -2.98 16.45
C HIS E 150 28.93 -4.21 15.81
N LEU E 151 29.90 -4.06 14.92
CA LEU E 151 30.61 -5.20 14.34
C LEU E 151 31.47 -5.96 15.36
N GLU E 152 32.19 -5.32 16.27
CA GLU E 152 32.93 -6.04 17.33
C GLU E 152 32.01 -6.61 18.43
N LEU E 153 30.80 -6.09 18.58
CA LEU E 153 29.71 -6.72 19.36
C LEU E 153 29.01 -7.86 18.59
N GLY E 154 29.31 -8.07 17.31
CA GLY E 154 28.68 -9.11 16.49
C GLY E 154 27.22 -8.82 16.12
N GLN E 155 26.86 -7.54 15.98
CA GLN E 155 25.53 -7.03 15.61
C GLN E 155 25.54 -6.41 14.20
N PRO E 156 25.80 -7.14 13.11
CA PRO E 156 25.92 -6.55 11.78
C PRO E 156 24.61 -5.97 11.25
N ALA E 157 23.46 -6.46 11.71
CA ALA E 157 22.15 -5.89 11.40
C ALA E 157 21.96 -4.50 12.01
N ALA E 158 22.54 -4.24 13.20
CA ALA E 158 22.56 -2.91 13.80
C ALA E 158 23.57 -1.98 13.11
N ALA E 159 24.75 -2.49 12.74
CA ALA E 159 25.70 -1.73 11.91
C ALA E 159 25.09 -1.31 10.56
N ALA E 160 24.33 -2.19 9.92
CA ALA E 160 23.68 -1.88 8.65
C ALA E 160 22.65 -0.76 8.77
N ALA E 161 21.90 -0.67 9.87
CA ALA E 161 20.96 0.43 10.10
C ALA E 161 21.68 1.80 10.12
N LEU E 162 22.87 1.86 10.72
CA LEU E 162 23.67 3.09 10.73
C LEU E 162 24.27 3.43 9.35
N CYS E 163 24.63 2.42 8.57
CA CYS E 163 25.00 2.62 7.17
C CYS E 163 23.84 3.19 6.35
N LEU E 164 22.60 2.73 6.57
CA LEU E 164 21.42 3.23 5.87
C LEU E 164 21.12 4.68 6.23
N GLU E 165 21.25 5.07 7.50
CA GLU E 165 21.05 6.45 7.94
C GLU E 165 22.03 7.44 7.27
N LEU E 166 23.32 7.11 7.21
CA LEU E 166 24.32 7.91 6.53
C LEU E 166 24.11 7.95 5.02
N ALA E 167 23.78 6.83 4.40
CA ALA E 167 23.47 6.77 2.98
C ALA E 167 22.26 7.63 2.63
N ALA E 168 21.20 7.57 3.44
CA ALA E 168 20.02 8.41 3.26
C ALA E 168 20.37 9.88 3.44
N ALA E 169 21.16 10.24 4.46
CA ALA E 169 21.62 11.60 4.64
C ALA E 169 22.44 12.09 3.43
N LEU E 170 23.40 11.32 2.95
CA LEU E 170 24.20 11.68 1.77
C LEU E 170 23.34 11.87 0.53
N ARG E 171 22.36 11.00 0.27
CA ARG E 171 21.43 11.12 -0.85
C ARG E 171 20.59 12.39 -0.73
N ASP E 172 19.97 12.63 0.42
CA ASP E 172 19.16 13.83 0.69
C ASP E 172 19.99 15.13 0.58
N LEU E 173 21.27 15.10 0.94
CA LEU E 173 22.22 16.22 0.87
C LEU E 173 22.90 16.37 -0.51
N GLY E 174 22.45 15.67 -1.55
CA GLY E 174 22.93 15.84 -2.92
C GLY E 174 24.24 15.12 -3.26
N GLN E 175 24.60 14.05 -2.56
CA GLN E 175 25.80 13.23 -2.83
C GLN E 175 25.43 11.77 -3.14
N PRO E 176 24.80 11.47 -4.30
CA PRO E 176 24.24 10.15 -4.59
C PRO E 176 25.31 9.08 -4.87
N ALA E 177 26.42 9.45 -5.52
CA ALA E 177 27.54 8.53 -5.76
C ALA E 177 28.17 8.02 -4.47
N ALA E 178 28.21 8.82 -3.40
CA ALA E 178 28.66 8.43 -2.08
C ALA E 178 27.63 7.55 -1.35
N ALA E 179 26.34 7.93 -1.40
CA ALA E 179 25.26 7.18 -0.78
C ALA E 179 25.13 5.75 -1.33
N ALA E 180 25.33 5.56 -2.63
CA ALA E 180 25.32 4.23 -3.25
C ALA E 180 26.34 3.27 -2.61
N GLY E 181 27.51 3.76 -2.20
CA GLY E 181 28.52 2.96 -1.54
C GLY E 181 28.07 2.47 -0.15
N HIS E 182 27.52 3.34 0.68
CA HIS E 182 27.00 2.97 2.00
C HIS E 182 25.71 2.12 1.94
N PHE E 183 24.84 2.33 0.95
CA PHE E 183 23.73 1.41 0.71
C PHE E 183 24.24 0.00 0.36
N GLN E 184 25.29 -0.14 -0.44
CA GLN E 184 25.90 -1.44 -0.72
C GLN E 184 26.63 -2.03 0.48
N ARG E 185 27.27 -1.22 1.33
CA ARG E 185 27.79 -1.68 2.63
C ARG E 185 26.67 -2.26 3.50
N ALA E 186 25.54 -1.57 3.60
CA ALA E 186 24.39 -2.05 4.35
C ALA E 186 23.88 -3.40 3.81
N ALA E 187 23.70 -3.52 2.49
CA ALA E 187 23.27 -4.76 1.84
C ALA E 187 24.23 -5.92 2.14
N GLN E 188 25.53 -5.72 2.03
CA GLN E 188 26.55 -6.71 2.35
C GLN E 188 26.51 -7.15 3.81
N LEU E 189 26.33 -6.23 4.77
CA LEU E 189 26.18 -6.57 6.18
C LEU E 189 24.87 -7.32 6.50
N GLN E 190 23.79 -7.07 5.78
CA GLN E 190 22.49 -7.74 6.00
C GLN E 190 22.37 -9.12 5.31
N LEU E 191 22.96 -9.31 4.14
CA LEU E 191 22.63 -10.41 3.22
C LEU E 191 22.61 -11.84 3.81
N PRO E 192 23.57 -12.29 4.64
CA PRO E 192 23.52 -13.65 5.19
C PRO E 192 22.41 -13.89 6.22
N GLN E 193 21.77 -12.84 6.75
CA GLN E 193 20.81 -12.94 7.85
C GLN E 193 19.43 -12.33 7.54
N LEU E 194 19.33 -11.41 6.57
CA LEU E 194 18.10 -10.71 6.19
C LEU E 194 18.07 -10.42 4.68
N PRO E 195 17.89 -11.44 3.81
CA PRO E 195 17.96 -11.25 2.36
C PRO E 195 17.02 -10.19 1.79
N LEU E 196 15.80 -10.01 2.32
CA LEU E 196 14.88 -9.01 1.79
C LEU E 196 15.30 -7.58 2.18
N ALA E 197 15.82 -7.37 3.39
CA ALA E 197 16.44 -6.10 3.78
C ALA E 197 17.64 -5.72 2.89
N ALA E 198 18.47 -6.70 2.53
CA ALA E 198 19.55 -6.50 1.58
C ALA E 198 19.03 -6.06 0.20
N LEU E 199 17.97 -6.65 -0.32
CA LEU E 199 17.31 -6.22 -1.56
C LEU E 199 16.75 -4.79 -1.47
N GLN E 200 16.21 -4.37 -0.33
CA GLN E 200 15.81 -2.97 -0.11
C GLN E 200 17.01 -2.02 -0.22
N ALA E 201 18.12 -2.34 0.44
CA ALA E 201 19.33 -1.54 0.39
C ALA E 201 19.97 -1.50 -1.00
N LEU E 202 20.02 -2.61 -1.74
CA LEU E 202 20.47 -2.60 -3.14
C LEU E 202 19.56 -1.78 -4.04
N GLY E 203 18.24 -1.78 -3.81
CA GLY E 203 17.34 -0.92 -4.55
C GLY E 203 17.64 0.58 -4.39
N GLU E 204 18.00 1.01 -3.18
CA GLU E 204 18.44 2.38 -2.91
C GLU E 204 19.81 2.69 -3.50
N ALA E 205 20.73 1.74 -3.53
CA ALA E 205 21.98 1.87 -4.25
C ALA E 205 21.75 2.09 -5.76
N ALA E 206 20.86 1.31 -6.39
CA ALA E 206 20.58 1.46 -7.80
C ALA E 206 19.95 2.82 -8.11
N SER E 207 19.00 3.27 -7.29
CA SER E 207 18.42 4.62 -7.41
C SER E 207 19.48 5.71 -7.30
N CYS E 208 20.40 5.58 -6.35
CA CYS E 208 21.53 6.50 -6.20
C CYS E 208 22.48 6.47 -7.39
N GLN E 209 22.80 5.32 -7.97
CA GLN E 209 23.61 5.24 -9.18
C GLN E 209 22.94 5.93 -10.35
N LEU E 210 21.64 5.78 -10.55
CA LEU E 210 20.89 6.50 -11.57
C LEU E 210 20.91 8.02 -11.36
N LEU E 211 20.80 8.51 -10.12
CA LEU E 211 21.01 9.94 -9.82
C LEU E 211 22.42 10.41 -10.17
N ALA E 212 23.44 9.62 -9.82
CA ALA E 212 24.84 9.86 -10.16
C ALA E 212 25.20 9.62 -11.65
N ARG E 213 24.24 9.35 -12.55
CA ARG E 213 24.42 8.93 -13.95
C ARG E 213 25.34 7.69 -14.18
N ASP E 214 25.51 6.84 -13.16
CA ASP E 214 26.36 5.65 -13.17
C ASP E 214 25.63 4.40 -13.69
N TYR E 215 25.18 4.45 -14.94
CA TYR E 215 24.24 3.49 -15.51
C TYR E 215 24.75 2.04 -15.53
N THR E 216 26.04 1.84 -15.79
CA THR E 216 26.65 0.50 -15.74
C THR E 216 26.74 -0.05 -14.32
N GLY E 217 26.88 0.81 -13.31
CA GLY E 217 26.81 0.42 -11.92
C GLY E 217 25.41 0.00 -11.51
N ALA E 218 24.41 0.78 -11.93
CA ALA E 218 23.01 0.46 -11.76
C ALA E 218 22.62 -0.87 -12.41
N LEU E 219 23.04 -1.09 -13.67
CA LEU E 219 22.83 -2.35 -14.38
C LEU E 219 23.40 -3.56 -13.61
N ALA E 220 24.61 -3.45 -13.05
CA ALA E 220 25.20 -4.51 -12.25
C ALA E 220 24.41 -4.77 -10.95
N VAL E 221 24.04 -3.72 -10.21
CA VAL E 221 23.25 -3.87 -8.97
C VAL E 221 21.89 -4.48 -9.23
N PHE E 222 21.13 -4.02 -10.23
CA PHE E 222 19.84 -4.66 -10.53
C PHE E 222 20.00 -6.14 -10.92
N THR E 223 21.09 -6.51 -11.59
CA THR E 223 21.36 -7.90 -11.96
C THR E 223 21.63 -8.75 -10.72
N ARG E 224 22.37 -8.21 -9.75
CA ARG E 224 22.60 -8.83 -8.45
C ARG E 224 21.30 -9.01 -7.69
N MET E 225 20.42 -8.00 -7.71
CA MET E 225 19.09 -8.08 -7.10
C MET E 225 18.25 -9.19 -7.73
N GLN E 226 18.19 -9.28 -9.05
CA GLN E 226 17.38 -10.28 -9.74
C GLN E 226 17.89 -11.70 -9.49
N ARG E 227 19.20 -11.88 -9.37
CA ARG E 227 19.82 -13.14 -8.95
C ARG E 227 19.47 -13.51 -7.51
N LEU E 228 19.68 -12.61 -6.55
CA LEU E 228 19.37 -12.87 -5.15
C LEU E 228 17.88 -13.12 -4.89
N ALA E 229 16.99 -12.39 -5.56
CA ALA E 229 15.55 -12.56 -5.37
C ALA E 229 15.04 -13.92 -5.89
N ARG E 230 15.60 -14.44 -6.99
CA ARG E 230 15.35 -15.82 -7.44
C ARG E 230 15.94 -16.85 -6.47
N GLU E 231 17.13 -16.62 -5.95
CA GLU E 231 17.81 -17.54 -5.01
C GLU E 231 17.10 -17.66 -3.66
N HIS E 232 16.68 -16.56 -3.05
CA HIS E 232 16.10 -16.53 -1.71
C HIS E 232 14.57 -16.47 -1.65
N GLY E 233 13.87 -16.23 -2.76
CA GLY E 233 12.46 -15.90 -2.76
C GLY E 233 11.61 -16.52 -3.85
N SER E 234 12.15 -17.44 -4.65
CA SER E 234 11.47 -18.03 -5.79
C SER E 234 11.64 -19.54 -5.83
N HIS E 235 11.06 -20.22 -4.83
CA HIS E 235 11.18 -21.67 -4.63
C HIS E 235 9.83 -22.32 -4.22
N PRO E 236 9.68 -23.64 -4.39
CA PRO E 236 8.51 -24.39 -3.91
C PRO E 236 8.46 -24.57 -2.38
N VAL E 237 9.59 -24.43 -1.69
CA VAL E 237 9.78 -24.89 -0.30
C VAL E 237 9.14 -23.94 0.71
N PRO E 274 10.23 -22.03 -10.58
CA PRO E 274 9.12 -21.84 -9.65
C PRO E 274 8.77 -20.38 -9.42
N ALA E 275 7.51 -20.09 -9.11
CA ALA E 275 7.00 -18.72 -8.91
C ALA E 275 7.54 -18.08 -7.63
N ALA E 276 7.69 -16.74 -7.64
CA ALA E 276 8.21 -15.98 -6.51
C ALA E 276 7.15 -15.72 -5.43
N LEU E 277 7.59 -15.62 -4.17
CA LEU E 277 6.76 -15.12 -3.08
C LEU E 277 6.50 -13.61 -3.25
N GLY E 278 5.36 -13.11 -2.78
CA GLY E 278 4.88 -11.75 -3.06
C GLY E 278 5.90 -10.61 -2.85
N ALA E 279 6.60 -10.57 -1.72
CA ALA E 279 7.60 -9.52 -1.47
C ALA E 279 8.76 -9.53 -2.48
N PHE E 280 9.28 -10.72 -2.78
CA PHE E 280 10.32 -10.91 -3.79
C PHE E 280 9.83 -10.71 -5.22
N SER E 281 8.57 -11.03 -5.51
CA SER E 281 7.98 -10.84 -6.82
C SER E 281 7.95 -9.36 -7.22
N ASP E 282 7.71 -8.45 -6.27
CA ASP E 282 7.77 -7.01 -6.52
C ASP E 282 9.19 -6.52 -6.85
N VAL E 283 10.22 -7.06 -6.20
CA VAL E 283 11.63 -6.80 -6.54
C VAL E 283 11.96 -7.32 -7.95
N LEU E 284 11.52 -8.54 -8.28
CA LEU E 284 11.78 -9.11 -9.59
C LEU E 284 11.18 -8.27 -10.72
N VAL E 285 9.94 -7.80 -10.59
CA VAL E 285 9.32 -6.88 -11.56
C VAL E 285 10.12 -5.58 -11.70
N ARG E 286 10.56 -4.97 -10.59
CA ARG E 286 11.39 -3.75 -10.65
C ARG E 286 12.67 -3.98 -11.45
N CYS E 287 13.41 -5.04 -11.15
CA CYS E 287 14.70 -5.32 -11.78
C CYS E 287 14.55 -5.58 -13.26
N GLU E 288 13.58 -6.38 -13.65
CA GLU E 288 13.37 -6.78 -15.02
C GLU E 288 13.14 -5.57 -15.93
N VAL E 289 12.18 -4.71 -15.58
CA VAL E 289 11.86 -3.50 -16.34
C VAL E 289 13.06 -2.56 -16.40
N SER E 290 13.74 -2.35 -15.28
CA SER E 290 14.88 -1.44 -15.19
C SER E 290 16.07 -1.94 -16.00
N ARG E 291 16.39 -3.24 -15.90
CA ARG E 291 17.47 -3.88 -16.66
C ARG E 291 17.20 -3.82 -18.13
N VAL E 292 15.99 -4.08 -18.58
CA VAL E 292 15.64 -3.97 -20.00
C VAL E 292 15.87 -2.53 -20.49
N LEU E 293 15.44 -1.51 -19.76
CA LEU E 293 15.67 -0.12 -20.15
C LEU E 293 17.17 0.24 -20.11
N LEU E 294 17.92 -0.18 -19.09
CA LEU E 294 19.36 0.02 -19.02
C LEU E 294 20.12 -0.69 -20.14
N LEU E 295 19.74 -1.91 -20.51
CA LEU E 295 20.33 -2.61 -21.64
C LEU E 295 20.00 -1.93 -22.95
N LEU E 296 18.79 -1.40 -23.13
CA LEU E 296 18.47 -0.58 -24.29
C LEU E 296 19.22 0.76 -24.32
N LEU E 297 19.55 1.33 -23.16
CA LEU E 297 20.37 2.53 -23.05
C LEU E 297 21.85 2.27 -23.36
N LEU E 298 22.42 1.22 -22.80
CA LEU E 298 23.85 0.94 -22.83
C LEU E 298 24.29 0.09 -24.02
N GLN E 299 23.45 -0.84 -24.48
CA GLN E 299 23.70 -1.76 -25.58
C GLN E 299 25.09 -2.46 -25.55
N PRO E 300 25.42 -3.27 -24.52
CA PRO E 300 26.75 -3.86 -24.37
C PRO E 300 27.21 -4.74 -25.54
N PRO E 301 28.51 -4.72 -25.90
CA PRO E 301 29.07 -5.60 -26.94
C PRO E 301 29.17 -7.06 -26.43
N PRO E 302 29.49 -8.04 -27.28
CA PRO E 302 29.85 -9.39 -26.84
C PRO E 302 30.82 -9.44 -25.65
N ALA E 303 30.70 -10.45 -24.80
CA ALA E 303 31.44 -10.67 -23.55
C ALA E 303 31.18 -9.68 -22.39
N LYS E 304 30.91 -8.39 -22.66
CA LYS E 304 30.18 -7.51 -21.73
C LYS E 304 28.72 -7.92 -21.63
N LEU E 305 28.13 -8.37 -22.74
CA LEU E 305 26.79 -8.96 -22.80
C LEU E 305 26.81 -10.35 -22.14
N LEU E 306 26.60 -10.35 -20.83
CA LEU E 306 26.56 -11.55 -20.00
C LEU E 306 25.46 -12.52 -20.43
N PRO E 307 25.55 -13.81 -20.06
CA PRO E 307 24.45 -14.76 -20.20
C PRO E 307 23.15 -14.26 -19.56
N GLU E 308 23.21 -13.66 -18.38
CA GLU E 308 22.05 -13.03 -17.72
C GLU E 308 21.38 -11.92 -18.56
N HIS E 309 22.12 -11.17 -19.37
CA HIS E 309 21.56 -10.12 -20.24
C HIS E 309 20.98 -10.68 -21.52
N ALA E 310 21.72 -11.58 -22.18
CA ALA E 310 21.28 -12.27 -23.39
C ALA E 310 19.97 -13.01 -23.13
N GLN E 311 19.90 -13.73 -22.01
CA GLN E 311 18.72 -14.47 -21.58
C GLN E 311 17.52 -13.55 -21.28
N THR E 312 17.72 -12.41 -20.62
CA THR E 312 16.65 -11.42 -20.45
C THR E 312 16.17 -10.87 -21.78
N LEU E 313 17.08 -10.47 -22.68
CA LEU E 313 16.72 -9.86 -23.95
C LEU E 313 16.08 -10.86 -24.93
N GLU E 314 16.34 -12.16 -24.80
CA GLU E 314 15.67 -13.21 -25.60
C GLU E 314 14.15 -13.20 -25.39
N LYS E 315 13.68 -13.06 -24.13
CA LYS E 315 12.25 -12.99 -23.78
C LYS E 315 11.49 -11.87 -24.50
N TYR E 316 12.15 -10.75 -24.81
CA TYR E 316 11.56 -9.59 -25.47
C TYR E 316 11.68 -9.69 -26.99
N SER E 317 11.30 -10.86 -27.50
CA SER E 317 11.01 -11.16 -28.89
C SER E 317 9.82 -12.14 -28.98
N TRP E 318 9.23 -12.34 -30.15
CA TRP E 318 8.21 -13.37 -30.38
C TRP E 318 8.39 -14.07 -31.74
N GLU E 319 8.00 -15.35 -31.83
CA GLU E 319 8.26 -16.18 -33.01
C GLU E 319 7.21 -17.28 -33.27
N ALA E 320 6.74 -17.99 -32.23
CA ALA E 320 6.13 -19.33 -32.42
C ALA E 320 5.22 -19.83 -31.28
N PHE E 321 4.68 -18.98 -30.41
CA PHE E 321 4.02 -19.42 -29.16
C PHE E 321 2.83 -18.53 -28.74
N ASP E 322 1.63 -18.92 -29.16
CA ASP E 322 0.37 -18.21 -28.88
C ASP E 322 -0.70 -19.14 -28.27
N SER E 323 -1.10 -20.22 -28.95
CA SER E 323 -2.04 -21.22 -28.42
C SER E 323 -1.43 -21.99 -27.24
N GLU E 327 1.23 -15.72 -20.94
CA GLU E 327 1.90 -16.69 -20.08
C GLU E 327 3.43 -16.56 -20.20
N SER E 328 3.91 -16.10 -21.35
CA SER E 328 5.29 -15.64 -21.57
C SER E 328 5.63 -14.34 -20.81
N SER E 329 4.62 -13.65 -20.26
CA SER E 329 4.75 -12.43 -19.46
C SER E 329 5.51 -12.62 -18.13
N GLY E 330 5.58 -13.85 -17.61
CA GLY E 330 6.31 -14.16 -16.38
C GLY E 330 5.77 -13.41 -15.17
N GLN E 331 6.63 -12.70 -14.44
CA GLN E 331 6.24 -11.91 -13.27
C GLN E 331 5.49 -10.63 -13.64
N LEU E 332 5.65 -10.12 -14.86
CA LEU E 332 5.14 -8.82 -15.27
C LEU E 332 3.64 -8.85 -15.59
N PRO E 333 2.92 -7.75 -15.31
CA PRO E 333 1.63 -7.47 -15.90
C PRO E 333 1.70 -7.55 -17.43
N GLU E 334 0.69 -8.14 -18.04
CA GLU E 334 0.69 -8.45 -19.46
C GLU E 334 0.69 -7.20 -20.37
N GLU E 335 0.00 -6.13 -19.98
CA GLU E 335 0.03 -4.85 -20.71
C GLU E 335 1.44 -4.25 -20.74
N LEU E 336 2.13 -4.23 -19.61
CA LEU E 336 3.50 -3.73 -19.54
C LEU E 336 4.47 -4.58 -20.35
N PHE E 337 4.31 -5.91 -20.30
CA PHE E 337 5.12 -6.84 -21.07
C PHE E 337 5.02 -6.62 -22.58
N LEU E 338 3.81 -6.46 -23.12
CA LEU E 338 3.63 -6.17 -24.55
C LEU E 338 4.23 -4.83 -24.98
N LEU E 339 4.21 -3.81 -24.13
CA LEU E 339 4.84 -2.54 -24.44
C LEU E 339 6.37 -2.63 -24.32
N LEU E 340 6.93 -3.34 -23.33
CA LEU E 340 8.37 -3.60 -23.26
C LEU E 340 8.88 -4.46 -24.43
N GLN E 341 8.13 -5.48 -24.85
CA GLN E 341 8.41 -6.25 -26.07
C GLN E 341 8.49 -5.31 -27.27
N SER E 342 7.48 -4.46 -27.44
CA SER E 342 7.41 -3.49 -28.53
C SER E 342 8.56 -2.49 -28.50
N LEU E 343 9.01 -2.05 -27.33
CA LEU E 343 10.11 -1.12 -27.18
C LEU E 343 11.47 -1.73 -27.55
N VAL E 344 11.77 -2.94 -27.04
CA VAL E 344 12.96 -3.71 -27.40
C VAL E 344 13.01 -4.02 -28.90
N MET E 345 11.87 -4.14 -29.58
CA MET E 345 11.81 -4.29 -31.03
C MET E 345 11.93 -2.95 -31.78
N ALA E 346 11.23 -1.90 -31.36
CA ALA E 346 11.32 -0.58 -31.97
C ALA E 346 12.74 0.00 -31.86
N THR E 347 13.47 -0.21 -30.78
CA THR E 347 14.86 0.24 -30.64
C THR E 347 15.85 -0.50 -31.56
N HIS E 348 15.70 -1.80 -31.81
CA HIS E 348 16.53 -2.52 -32.81
C HIS E 348 16.27 -2.00 -34.23
N GLU E 349 15.02 -1.84 -34.60
CA GLU E 349 14.60 -1.24 -35.87
C GLU E 349 14.88 0.28 -35.96
N LYS E 350 15.34 0.93 -34.88
CA LYS E 350 15.43 2.39 -34.74
C LYS E 350 14.13 3.14 -35.11
N ASP E 351 12.99 2.49 -34.88
CA ASP E 351 11.66 2.99 -35.23
C ASP E 351 11.22 4.10 -34.29
N THR E 352 11.70 5.31 -34.55
CA THR E 352 11.68 6.41 -33.58
C THR E 352 10.26 6.87 -33.24
N GLU E 353 9.35 6.85 -34.22
CA GLU E 353 7.95 7.22 -34.04
C GLU E 353 7.16 6.19 -33.22
N ALA E 354 7.53 4.91 -33.31
CA ALA E 354 7.04 3.89 -32.40
C ALA E 354 7.56 4.09 -30.96
N ILE E 355 8.82 4.47 -30.76
CA ILE E 355 9.36 4.72 -29.41
C ILE E 355 8.68 5.94 -28.77
N LYS E 356 8.45 7.03 -29.53
CA LYS E 356 7.66 8.18 -29.07
C LYS E 356 6.24 7.77 -28.66
N SER E 357 5.57 6.96 -29.48
CA SER E 357 4.24 6.43 -29.17
C SER E 357 4.23 5.57 -27.91
N LEU E 358 5.15 4.62 -27.77
CA LEU E 358 5.28 3.76 -26.61
C LEU E 358 5.64 4.54 -25.34
N GLN E 359 6.41 5.63 -25.44
CA GLN E 359 6.82 6.39 -24.26
C GLN E 359 5.64 7.06 -23.56
N VAL E 360 4.69 7.63 -24.31
CA VAL E 360 3.47 8.20 -23.72
C VAL E 360 2.50 7.12 -23.25
N GLU E 361 2.39 6.00 -23.96
CA GLU E 361 1.55 4.88 -23.49
C GLU E 361 2.09 4.25 -22.21
N MET E 362 3.41 4.11 -22.04
CA MET E 362 4.01 3.51 -20.85
C MET E 362 4.08 4.46 -19.65
N TRP E 363 3.95 5.77 -19.86
CA TRP E 363 4.11 6.78 -18.81
C TRP E 363 3.29 6.49 -17.54
N PRO E 364 1.99 6.12 -17.60
CA PRO E 364 1.21 5.83 -16.41
C PRO E 364 1.63 4.52 -15.71
N LEU E 365 2.19 3.56 -16.45
CA LEU E 365 2.50 2.20 -15.97
C LEU E 365 3.83 2.12 -15.22
N LEU E 366 4.79 2.98 -15.53
CA LEU E 366 6.14 2.99 -14.96
C LEU E 366 6.23 3.82 -13.67
N THR E 367 7.26 3.58 -12.87
CA THR E 367 7.69 4.53 -11.84
C THR E 367 8.38 5.75 -12.46
N ALA E 368 8.54 6.83 -11.69
CA ALA E 368 9.20 8.04 -12.18
C ALA E 368 10.66 7.79 -12.60
N GLU E 369 11.40 6.99 -11.81
CA GLU E 369 12.73 6.48 -12.14
C GLU E 369 12.75 5.74 -13.49
N GLN E 370 11.75 4.89 -13.75
CA GLN E 370 11.64 4.15 -15.00
C GLN E 370 11.21 5.03 -16.16
N ASN E 371 10.38 6.04 -15.95
CA ASN E 371 10.08 7.05 -16.96
C ASN E 371 11.31 7.89 -17.32
N HIS E 372 12.17 8.17 -16.36
CA HIS E 372 13.48 8.79 -16.62
C HIS E 372 14.36 7.88 -17.49
N LEU E 373 14.50 6.60 -17.14
CA LEU E 373 15.19 5.64 -17.98
C LEU E 373 14.63 5.58 -19.41
N LEU E 374 13.31 5.52 -19.59
CA LEU E 374 12.72 5.48 -20.91
C LEU E 374 12.97 6.79 -21.69
N HIS E 375 12.95 7.95 -21.04
CA HIS E 375 13.38 9.22 -21.63
C HIS E 375 14.83 9.15 -22.09
N LEU E 376 15.75 8.64 -21.27
CA LEU E 376 17.14 8.46 -21.68
C LEU E 376 17.31 7.55 -22.90
N VAL E 377 16.52 6.48 -23.02
CA VAL E 377 16.54 5.60 -24.20
C VAL E 377 16.09 6.35 -25.46
N LEU E 378 15.01 7.13 -25.39
CA LEU E 378 14.52 7.92 -26.53
C LEU E 378 15.49 9.06 -26.91
N GLN E 379 16.05 9.74 -25.91
CA GLN E 379 17.07 10.78 -26.05
C GLN E 379 18.33 10.24 -26.75
N GLU E 380 18.89 9.12 -26.28
CA GLU E 380 20.08 8.52 -26.87
C GLU E 380 19.84 8.01 -28.29
N THR E 381 18.59 7.65 -28.63
CA THR E 381 18.22 7.19 -29.97
C THR E 381 18.15 8.35 -30.97
N ILE E 382 17.62 9.49 -30.58
CA ILE E 382 17.50 10.67 -31.45
C ILE E 382 18.82 11.46 -31.51
N SER E 383 19.59 11.53 -30.44
CA SER E 383 20.85 12.27 -30.36
C SER E 383 21.89 11.55 -29.46
N PRO E 384 22.68 10.61 -30.01
CA PRO E 384 23.74 9.88 -29.30
C PRO E 384 24.79 10.70 -28.55
N SER E 385 25.31 10.12 -27.48
CA SER E 385 26.46 10.57 -26.70
C SER E 385 27.80 10.10 -27.30
N GLY E 386 28.93 10.65 -26.83
CA GLY E 386 30.26 10.30 -27.32
C GLY E 386 30.67 10.95 -28.65
N GLN E 387 29.76 11.61 -29.37
CA GLN E 387 30.03 12.28 -30.63
C GLN E 387 30.60 13.70 -30.43
N GLY E 388 30.34 14.35 -29.29
CA GLY E 388 30.88 15.67 -28.92
C GLY E 388 30.26 16.87 -29.65
N VAL E 389 29.50 16.64 -30.72
CA VAL E 389 28.98 17.64 -31.67
C VAL E 389 27.56 17.32 -32.09
#